data_8FRS
#
_entry.id   8FRS
#
_cell.length_a   1.00
_cell.length_b   1.00
_cell.length_c   1.00
_cell.angle_alpha   90.00
_cell.angle_beta   90.00
_cell.angle_gamma   90.00
#
_symmetry.space_group_name_H-M   'P 1'
#
loop_
_entity.id
_entity.type
_entity.pdbx_description
1 polymer 'Major structural protein'
2 polymer 'Structural protein gp24'
#
loop_
_entity_poly.entity_id
_entity_poly.type
_entity_poly.pdbx_seq_one_letter_code
_entity_poly.pdbx_strand_id
1 'polypeptide(L)'
;NFTAPVTTPSIPTPIQFLQTWLPGFVKVMTAARKIDEIIGIDTVGSWEDQEIVQGIVEPAGTAVEYGDHTNIPLTSWNAN
FERRTIVRGELGMMVGTLEEGRASAIRLNSAETKRQQAAIGLETFRNAIGFYGWQSGLGNRTYGFLNDPNLPAFQTPPSQ
GWSTADWAGIIGDIREAVRQLRIQSQDQIDPKAEKITLALATSKVDYLSVTTPYGISVSDWIEQTYPKMRIVSAPELSGV
QMKNQEPEDALVLFVEDVNAAVDGSTDGGSVFSQLVQSKFITLGVEKRAKSYVEDFSNGTAGALCKRPWAVVRYLGI
;
B,A,C,D,E,F,H,G,I,J,K
2 'polypeptide(L)'
;MFQKQVYRQYTPGFPGDLIEDGPKRARPGRIMSLSAVNPAATATGPNRASRAFGYAGDVSALGEGQPKTIAARASEVVIG
GANFFGVLGHPKHYALFGSAGDSLAPSYDLPDGAEGEFFDMATGLVVEIFNGAAAALDLDYGDLVAYVPNNLATADDALG
LPAGALVGFKTGSMPTGLVQIPNARIVNAISLPAQSAGNLVAGVTIVQLTQ
;
f,g,h
#
# COMPACT_ATOMS: atom_id res chain seq x y z
N ASN A 1 -34.34 -9.68 -26.90
CA ASN A 1 -33.93 -8.75 -27.94
C ASN A 1 -32.51 -8.25 -27.72
N PHE A 2 -32.08 -8.26 -26.46
CA PHE A 2 -30.79 -7.71 -26.06
C PHE A 2 -29.73 -8.80 -25.91
N THR A 3 -30.06 -10.05 -26.25
CA THR A 3 -29.17 -11.21 -26.14
C THR A 3 -28.85 -11.50 -24.67
N ALA A 4 -28.49 -12.75 -24.37
CA ALA A 4 -28.24 -13.17 -23.00
C ALA A 4 -26.75 -13.42 -22.80
N PRO A 5 -26.15 -12.89 -21.74
CA PRO A 5 -24.74 -13.16 -21.48
C PRO A 5 -24.51 -14.60 -21.07
N VAL A 6 -23.28 -15.08 -21.32
CA VAL A 6 -22.91 -16.44 -20.95
C VAL A 6 -22.23 -16.52 -19.59
N THR A 7 -21.94 -15.38 -18.96
CA THR A 7 -21.31 -15.34 -17.65
C THR A 7 -22.14 -14.50 -16.70
N THR A 8 -22.05 -14.82 -15.42
CA THR A 8 -22.81 -14.11 -14.40
C THR A 8 -22.20 -12.72 -14.19
N PRO A 9 -23.01 -11.66 -14.20
CA PRO A 9 -22.47 -10.33 -13.90
C PRO A 9 -21.85 -10.28 -12.51
N SER A 10 -20.71 -9.59 -12.41
CA SER A 10 -19.98 -9.53 -11.16
C SER A 10 -18.99 -8.37 -11.21
N ILE A 11 -18.52 -7.98 -10.04
CA ILE A 11 -17.44 -6.99 -9.93
C ILE A 11 -16.12 -7.66 -10.30
N PRO A 12 -15.32 -7.08 -11.19
CA PRO A 12 -14.17 -7.84 -11.72
C PRO A 12 -13.04 -8.04 -10.74
N THR A 13 -12.68 -7.03 -9.95
CA THR A 13 -11.44 -7.08 -9.18
C THR A 13 -11.67 -7.75 -7.83
N PRO A 14 -11.02 -8.87 -7.54
CA PRO A 14 -11.15 -9.47 -6.20
C PRO A 14 -10.38 -8.66 -5.16
N ILE A 15 -10.82 -8.79 -3.90
CA ILE A 15 -10.22 -8.05 -2.80
C ILE A 15 -8.90 -8.65 -2.33
N GLN A 16 -8.52 -9.83 -2.83
CA GLN A 16 -7.23 -10.39 -2.43
C GLN A 16 -6.08 -9.58 -3.00
N PHE A 17 -6.28 -8.93 -4.15
CA PHE A 17 -5.37 -7.90 -4.63
C PHE A 17 -5.76 -6.58 -3.96
N LEU A 18 -5.20 -5.48 -4.45
CA LEU A 18 -5.52 -4.14 -3.94
C LEU A 18 -5.19 -4.00 -2.46
N GLN A 19 -4.29 -4.85 -1.96
CA GLN A 19 -3.92 -4.86 -0.55
C GLN A 19 -2.42 -4.62 -0.42
N THR A 20 -2.06 -3.80 0.57
CA THR A 20 -0.66 -3.53 0.88
C THR A 20 -0.34 -4.09 2.25
N TRP A 21 0.66 -4.95 2.31
CA TRP A 21 1.08 -5.58 3.56
C TRP A 21 2.32 -4.87 4.07
N LEU A 22 2.26 -4.37 5.30
CA LEU A 22 3.40 -3.66 5.88
C LEU A 22 4.57 -4.63 6.04
N PRO A 23 5.79 -4.19 5.76
CA PRO A 23 6.93 -5.12 5.73
C PRO A 23 7.23 -5.78 7.07
N GLY A 24 6.89 -5.12 8.18
CA GLY A 24 7.31 -5.60 9.49
C GLY A 24 6.32 -6.57 10.13
N PHE A 25 6.75 -7.10 11.28
CA PHE A 25 5.94 -7.96 12.12
C PHE A 25 6.09 -7.51 13.57
N VAL A 26 4.97 -7.40 14.27
CA VAL A 26 4.96 -7.01 15.68
C VAL A 26 5.07 -8.27 16.54
N LYS A 27 5.97 -8.23 17.51
CA LYS A 27 6.26 -9.38 18.36
C LYS A 27 5.83 -9.09 19.79
N VAL A 28 5.27 -10.12 20.45
CA VAL A 28 4.88 -9.98 21.85
C VAL A 28 6.14 -9.73 22.68
N MET A 29 5.99 -8.92 23.73
CA MET A 29 7.11 -8.33 24.45
C MET A 29 7.45 -9.01 25.77
N THR A 30 6.44 -9.41 26.55
CA THR A 30 6.53 -10.02 27.88
C THR A 30 7.40 -9.20 28.83
N ALA A 31 7.65 -9.72 30.03
CA ALA A 31 8.32 -8.95 31.08
C ALA A 31 9.82 -8.87 30.82
N ALA A 32 10.55 -8.28 31.75
CA ALA A 32 11.98 -8.03 31.62
C ALA A 32 12.76 -8.82 32.68
N ARG A 33 14.05 -9.01 32.42
CA ARG A 33 14.95 -9.73 33.30
C ARG A 33 16.03 -8.77 33.78
N LYS A 34 16.11 -8.57 35.10
CA LYS A 34 16.99 -7.53 35.64
C LYS A 34 17.82 -8.01 36.83
N ILE A 35 18.09 -9.31 36.95
CA ILE A 35 18.87 -9.79 38.09
C ILE A 35 20.32 -9.33 37.99
N ASP A 36 20.86 -9.25 36.76
CA ASP A 36 22.24 -8.82 36.57
C ASP A 36 22.45 -7.38 37.01
N GLU A 37 21.50 -6.50 36.70
CA GLU A 37 21.62 -5.11 37.15
C GLU A 37 21.50 -4.99 38.65
N ILE A 38 20.94 -5.99 39.32
CA ILE A 38 20.78 -5.93 40.78
C ILE A 38 22.03 -6.45 41.48
N ILE A 39 22.50 -7.64 41.12
CA ILE A 39 23.60 -8.28 41.84
C ILE A 39 24.81 -8.56 40.97
N GLY A 40 24.80 -8.17 39.70
CA GLY A 40 25.93 -8.42 38.84
C GLY A 40 25.99 -9.86 38.38
N ILE A 41 27.03 -10.15 37.59
CA ILE A 41 27.26 -11.48 37.06
C ILE A 41 28.74 -11.82 37.18
N ASP A 42 29.03 -13.07 37.55
CA ASP A 42 30.39 -13.54 37.69
C ASP A 42 30.47 -14.97 37.17
N THR A 43 31.52 -15.27 36.41
CA THR A 43 31.77 -16.61 35.90
C THR A 43 32.81 -17.28 36.79
N VAL A 44 32.44 -18.40 37.40
CA VAL A 44 33.31 -19.07 38.36
C VAL A 44 33.68 -20.46 37.86
N GLY A 45 32.68 -21.32 37.68
CA GLY A 45 32.90 -22.71 37.32
C GLY A 45 32.86 -22.95 35.84
N SER A 46 32.52 -24.18 35.47
CA SER A 46 32.42 -24.58 34.08
C SER A 46 31.26 -25.56 33.92
N TRP A 47 30.80 -25.70 32.69
CA TRP A 47 29.72 -26.64 32.39
C TRP A 47 30.17 -28.06 32.71
N GLU A 48 29.21 -28.88 33.17
CA GLU A 48 29.46 -30.24 33.63
C GLU A 48 30.32 -30.28 34.90
N ASP A 49 30.18 -29.27 35.75
CA ASP A 49 30.78 -29.28 37.09
C ASP A 49 29.68 -29.56 38.11
N GLN A 50 30.06 -29.65 39.38
CA GLN A 50 29.12 -30.07 40.41
C GLN A 50 28.87 -29.02 41.49
N GLU A 51 29.92 -28.48 42.11
CA GLU A 51 29.73 -27.70 43.33
C GLU A 51 30.75 -26.57 43.42
N ILE A 52 30.46 -25.63 44.32
CA ILE A 52 31.32 -24.50 44.64
C ILE A 52 31.39 -24.36 46.15
N VAL A 53 32.59 -24.12 46.69
CA VAL A 53 32.85 -24.24 48.12
C VAL A 53 33.40 -22.94 48.66
N GLN A 54 32.97 -22.58 49.87
CA GLN A 54 33.47 -21.44 50.63
C GLN A 54 33.66 -21.85 52.08
N GLY A 55 34.60 -21.20 52.77
CA GLY A 55 34.95 -21.58 54.12
C GLY A 55 34.82 -20.44 55.11
N ILE A 56 34.76 -20.81 56.39
CA ILE A 56 34.62 -19.88 57.51
C ILE A 56 35.67 -20.24 58.55
N VAL A 57 36.05 -19.27 59.37
CA VAL A 57 37.15 -19.40 60.33
C VAL A 57 36.64 -19.61 61.75
N GLU A 58 35.87 -18.63 62.28
CA GLU A 58 35.27 -18.70 63.61
C GLU A 58 36.29 -18.97 64.72
N PRO A 59 37.08 -17.98 65.12
CA PRO A 59 37.96 -18.15 66.28
C PRO A 59 37.17 -18.13 67.58
N ALA A 60 37.88 -18.43 68.67
CA ALA A 60 37.26 -18.46 69.99
C ALA A 60 38.31 -18.27 71.08
N GLY A 61 37.86 -17.87 72.25
CA GLY A 61 38.74 -17.69 73.39
C GLY A 61 38.21 -16.65 74.35
N THR A 62 38.60 -16.79 75.61
CA THR A 62 38.19 -15.86 76.65
C THR A 62 39.28 -15.80 77.71
N ALA A 63 39.28 -14.71 78.48
CA ALA A 63 40.34 -14.40 79.43
C ALA A 63 39.83 -14.48 80.86
N VAL A 64 40.78 -14.64 81.79
CA VAL A 64 40.53 -14.68 83.22
C VAL A 64 41.51 -13.74 83.92
N GLU A 65 41.33 -13.59 85.24
CA GLU A 65 42.22 -12.75 86.02
C GLU A 65 43.58 -13.41 86.18
N TYR A 66 44.60 -12.58 86.39
CA TYR A 66 45.98 -13.05 86.47
C TYR A 66 46.27 -13.69 87.82
N GLY A 67 47.18 -14.66 87.80
CA GLY A 67 47.67 -15.28 89.02
C GLY A 67 49.01 -15.92 88.78
N ASP A 68 49.82 -15.99 89.84
CA ASP A 68 51.17 -16.52 89.72
C ASP A 68 51.15 -18.01 89.39
N HIS A 69 50.39 -18.80 90.15
CA HIS A 69 50.35 -20.24 89.98
C HIS A 69 49.04 -20.74 89.38
N THR A 70 48.19 -19.83 88.91
CA THR A 70 46.90 -20.22 88.35
C THR A 70 47.08 -20.86 86.97
N ASN A 71 46.10 -21.68 86.60
CA ASN A 71 46.12 -22.34 85.30
C ASN A 71 45.98 -21.33 84.17
N ILE A 72 46.64 -21.62 83.05
CA ILE A 72 46.65 -20.72 81.90
C ILE A 72 45.49 -21.05 80.97
N PRO A 73 44.64 -20.08 80.64
CA PRO A 73 43.57 -20.33 79.66
C PRO A 73 44.13 -20.46 78.25
N LEU A 74 43.33 -21.07 77.37
CA LEU A 74 43.76 -21.36 76.02
C LEU A 74 42.68 -20.93 75.03
N THR A 75 43.08 -20.78 73.77
CA THR A 75 42.19 -20.38 72.68
C THR A 75 42.15 -21.50 71.64
N SER A 76 41.20 -21.37 70.72
CA SER A 76 40.99 -22.38 69.69
C SER A 76 40.21 -21.76 68.53
N TRP A 77 39.81 -22.59 67.58
CA TRP A 77 39.02 -22.15 66.43
C TRP A 77 38.31 -23.37 65.85
N ASN A 78 37.40 -23.10 64.90
CA ASN A 78 36.59 -24.17 64.31
C ASN A 78 36.10 -23.70 62.95
N ALA A 79 36.49 -24.41 61.89
CA ALA A 79 36.19 -24.04 60.52
C ALA A 79 35.01 -24.83 59.98
N ASN A 80 34.31 -24.23 59.01
CA ASN A 80 33.17 -24.85 58.36
C ASN A 80 33.23 -24.55 56.87
N PHE A 81 32.45 -25.30 56.09
CA PHE A 81 32.38 -25.13 54.64
C PHE A 81 30.93 -25.11 54.18
N GLU A 82 30.65 -24.26 53.19
CA GLU A 82 29.33 -24.15 52.60
C GLU A 82 29.43 -24.39 51.09
N ARG A 83 28.40 -25.03 50.53
CA ARG A 83 28.44 -25.50 49.15
C ARG A 83 27.18 -25.08 48.39
N ARG A 84 27.32 -24.96 47.07
CA ARG A 84 26.22 -24.64 46.17
C ARG A 84 26.27 -25.60 44.98
N THR A 85 25.13 -25.75 44.30
CA THR A 85 24.97 -26.72 43.24
C THR A 85 24.66 -26.02 41.91
N ILE A 86 25.29 -26.52 40.84
CA ILE A 86 25.07 -26.03 39.48
C ILE A 86 23.90 -26.78 38.86
N VAL A 87 23.02 -26.04 38.19
CA VAL A 87 21.83 -26.58 37.53
C VAL A 87 21.89 -26.23 36.06
N ARG A 88 21.62 -27.22 35.20
CA ARG A 88 21.67 -27.05 33.76
C ARG A 88 20.27 -27.25 33.16
N GLY A 89 19.97 -26.49 32.12
CA GLY A 89 18.71 -26.64 31.42
C GLY A 89 18.95 -26.80 29.93
N GLU A 90 17.87 -27.08 29.20
CA GLU A 90 17.95 -27.29 27.76
C GLU A 90 16.63 -26.90 27.10
N LEU A 91 16.73 -26.60 25.81
CA LEU A 91 15.58 -26.26 24.99
C LEU A 91 15.97 -26.43 23.52
N GLY A 92 15.03 -26.92 22.70
CA GLY A 92 15.34 -27.25 21.33
C GLY A 92 14.28 -26.73 20.37
N MET A 93 14.43 -27.16 19.12
CA MET A 93 13.53 -26.73 18.04
C MET A 93 13.52 -27.81 16.96
N MET A 94 12.50 -27.77 16.12
CA MET A 94 12.35 -28.76 15.06
C MET A 94 11.44 -28.19 13.98
N VAL A 95 11.90 -28.23 12.73
CA VAL A 95 11.20 -27.61 11.61
C VAL A 95 11.06 -28.62 10.48
N GLY A 96 9.86 -28.68 9.88
CA GLY A 96 9.61 -29.52 8.74
C GLY A 96 9.83 -28.80 7.42
N THR A 97 9.52 -29.50 6.33
CA THR A 97 9.74 -28.97 5.00
C THR A 97 8.55 -28.14 4.52
N LEU A 98 7.37 -28.76 4.51
CA LEU A 98 6.16 -28.04 4.09
C LEU A 98 5.87 -26.88 5.04
N GLU A 99 6.08 -27.09 6.33
CA GLU A 99 5.90 -26.01 7.30
C GLU A 99 6.82 -24.83 6.98
N GLU A 100 8.09 -25.12 6.67
CA GLU A 100 9.03 -24.06 6.32
C GLU A 100 8.60 -23.33 5.06
N GLY A 101 8.15 -24.07 4.04
CA GLY A 101 7.70 -23.43 2.82
C GLY A 101 6.50 -22.53 3.04
N ARG A 102 5.50 -23.03 3.78
CA ARG A 102 4.32 -22.22 4.06
C ARG A 102 4.66 -21.00 4.88
N ALA A 103 5.57 -21.14 5.85
CA ALA A 103 5.99 -19.98 6.65
C ALA A 103 6.71 -18.95 5.80
N SER A 104 7.60 -19.40 4.91
CA SER A 104 8.31 -18.47 4.04
C SER A 104 7.38 -17.85 2.99
N ALA A 105 6.24 -18.48 2.71
CA ALA A 105 5.30 -17.89 1.76
C ALA A 105 4.78 -16.54 2.23
N ILE A 106 4.71 -16.32 3.54
CA ILE A 106 4.26 -15.04 4.08
C ILE A 106 5.42 -14.18 4.57
N ARG A 107 6.63 -14.40 4.02
CA ARG A 107 7.82 -13.64 4.36
C ARG A 107 8.13 -13.73 5.85
N LEU A 108 8.33 -14.97 6.31
CA LEU A 108 8.66 -15.23 7.70
C LEU A 108 9.55 -16.45 7.79
N ASN A 109 10.64 -16.36 8.56
CA ASN A 109 11.58 -17.45 8.74
C ASN A 109 11.25 -18.16 10.04
N SER A 110 10.79 -19.41 9.94
CA SER A 110 10.38 -20.15 11.13
C SER A 110 11.58 -20.57 11.98
N ALA A 111 12.66 -21.00 11.33
CA ALA A 111 13.81 -21.51 12.06
C ALA A 111 14.44 -20.43 12.94
N GLU A 112 14.60 -19.22 12.39
CA GLU A 112 15.18 -18.13 13.17
C GLU A 112 14.30 -17.77 14.36
N THR A 113 12.98 -17.74 14.13
CA THR A 113 12.06 -17.44 15.23
C THR A 113 12.16 -18.49 16.33
N LYS A 114 12.21 -19.77 15.95
CA LYS A 114 12.31 -20.82 16.95
C LYS A 114 13.64 -20.77 17.71
N ARG A 115 14.74 -20.47 17.00
CA ARG A 115 16.03 -20.36 17.66
C ARG A 115 16.05 -19.20 18.66
N GLN A 116 15.50 -18.04 18.25
CA GLN A 116 15.43 -16.91 19.15
C GLN A 116 14.55 -17.21 20.35
N GLN A 117 13.44 -17.92 20.13
CA GLN A 117 12.58 -18.30 21.25
C GLN A 117 13.29 -19.24 22.20
N ALA A 118 14.10 -20.17 21.68
CA ALA A 118 14.87 -21.04 22.54
C ALA A 118 15.86 -20.26 23.40
N ALA A 119 16.55 -19.30 22.78
CA ALA A 119 17.50 -18.48 23.53
C ALA A 119 16.78 -17.66 24.60
N ILE A 120 15.63 -17.09 24.26
CA ILE A 120 14.88 -16.28 25.23
C ILE A 120 14.37 -17.16 26.37
N GLY A 121 13.93 -18.38 26.06
CA GLY A 121 13.50 -19.29 27.12
C GLY A 121 14.62 -19.66 28.06
N LEU A 122 15.81 -19.91 27.51
CA LEU A 122 16.96 -20.21 28.37
C LEU A 122 17.30 -19.01 29.25
N GLU A 123 17.24 -17.79 28.68
CA GLU A 123 17.50 -16.60 29.49
C GLU A 123 16.46 -16.45 30.60
N THR A 124 15.19 -16.71 30.28
CA THR A 124 14.14 -16.62 31.29
C THR A 124 14.36 -17.65 32.39
N PHE A 125 14.76 -18.87 32.04
CA PHE A 125 15.06 -19.87 33.05
C PHE A 125 16.21 -19.44 33.94
N ARG A 126 17.26 -18.87 33.35
CA ARG A 126 18.39 -18.40 34.15
C ARG A 126 17.97 -17.28 35.10
N ASN A 127 17.16 -16.35 34.61
CA ASN A 127 16.70 -15.25 35.46
C ASN A 127 15.81 -15.77 36.60
N ALA A 128 14.93 -16.71 36.29
CA ALA A 128 14.07 -17.27 37.33
C ALA A 128 14.88 -18.00 38.39
N ILE A 129 15.91 -18.74 37.99
CA ILE A 129 16.78 -19.39 38.96
C ILE A 129 17.53 -18.34 39.77
N GLY A 130 17.93 -17.23 39.13
CA GLY A 130 18.61 -16.18 39.85
C GLY A 130 17.75 -15.54 40.93
N PHE A 131 16.47 -15.31 40.62
CA PHE A 131 15.59 -14.68 41.61
C PHE A 131 15.11 -15.68 42.65
N TYR A 132 14.69 -16.86 42.22
CA TYR A 132 14.19 -17.90 43.12
C TYR A 132 15.04 -19.15 42.97
N GLY A 133 15.38 -19.76 44.10
CA GLY A 133 16.18 -20.97 44.08
C GLY A 133 15.44 -22.13 43.44
N TRP A 134 16.20 -23.18 43.11
CA TRP A 134 15.68 -24.34 42.42
C TRP A 134 15.55 -25.50 43.41
N GLN A 135 14.31 -25.87 43.72
CA GLN A 135 14.01 -27.03 44.56
C GLN A 135 14.74 -26.97 45.89
N SER A 136 14.74 -25.78 46.52
CA SER A 136 15.39 -25.64 47.81
C SER A 136 14.67 -26.43 48.90
N GLY A 137 13.35 -26.56 48.79
CA GLY A 137 12.61 -27.33 49.78
C GLY A 137 12.94 -28.81 49.75
N LEU A 138 13.18 -29.34 48.56
CA LEU A 138 13.51 -30.77 48.43
C LEU A 138 14.82 -31.09 49.13
N GLY A 139 15.81 -30.21 49.02
CA GLY A 139 17.11 -30.45 49.63
C GLY A 139 18.25 -29.92 48.78
N ASN A 140 17.97 -29.57 47.53
CA ASN A 140 18.98 -29.01 46.66
C ASN A 140 19.41 -27.64 47.18
N ARG A 141 20.72 -27.39 47.15
CA ARG A 141 21.30 -26.16 47.68
C ARG A 141 21.62 -25.23 46.52
N THR A 142 20.61 -24.50 46.06
CA THR A 142 20.78 -23.49 45.02
C THR A 142 20.49 -22.09 45.55
N TYR A 143 19.29 -21.88 46.12
CA TYR A 143 18.91 -20.62 46.76
C TYR A 143 18.84 -19.46 45.78
N GLY A 144 18.25 -18.34 46.20
CA GLY A 144 18.07 -17.20 45.33
C GLY A 144 18.08 -15.90 46.11
N PHE A 145 17.87 -14.81 45.38
CA PHE A 145 17.90 -13.48 45.99
C PHE A 145 16.79 -13.32 47.00
N LEU A 146 15.59 -13.81 46.70
CA LEU A 146 14.43 -13.66 47.57
C LEU A 146 14.04 -14.96 48.26
N ASN A 147 14.82 -16.03 48.09
CA ASN A 147 14.46 -17.33 48.65
C ASN A 147 15.63 -18.02 49.31
N ASP A 148 16.46 -17.27 50.03
CA ASP A 148 17.60 -17.85 50.74
C ASP A 148 17.18 -18.16 52.18
N PRO A 149 17.28 -19.41 52.63
CA PRO A 149 16.81 -19.74 53.99
C PRO A 149 17.50 -18.96 55.10
N ASN A 150 18.78 -18.65 54.95
CA ASN A 150 19.51 -17.89 55.98
C ASN A 150 19.52 -16.42 55.59
N LEU A 151 18.37 -15.77 55.77
CA LEU A 151 18.20 -14.36 55.48
C LEU A 151 17.41 -13.72 56.61
N PRO A 152 17.57 -12.42 56.85
CA PRO A 152 17.01 -11.80 58.06
C PRO A 152 15.49 -11.72 58.09
N ALA A 153 14.79 -12.20 57.06
CA ALA A 153 13.33 -12.21 57.01
C ALA A 153 12.75 -10.80 56.90
N PHE A 154 11.52 -10.70 56.40
CA PHE A 154 10.91 -9.41 56.13
C PHE A 154 10.50 -8.70 57.42
N GLN A 155 10.35 -7.38 57.31
CA GLN A 155 9.88 -6.54 58.40
C GLN A 155 8.80 -5.59 57.87
N THR A 156 8.27 -4.76 58.76
CA THR A 156 7.24 -3.81 58.39
C THR A 156 7.75 -2.39 58.53
N PRO A 157 7.44 -1.50 57.58
CA PRO A 157 7.93 -0.13 57.65
C PRO A 157 7.17 0.68 58.69
N PRO A 158 7.73 1.80 59.15
CA PRO A 158 6.96 2.67 60.05
C PRO A 158 5.71 3.23 59.41
N SER A 159 5.83 3.86 58.24
CA SER A 159 4.67 4.34 57.52
C SER A 159 3.83 3.16 57.02
N GLN A 160 2.51 3.33 57.04
CA GLN A 160 1.61 2.26 56.64
C GLN A 160 1.80 1.91 55.16
N GLY A 161 1.87 2.93 54.30
CA GLY A 161 2.05 2.69 52.88
C GLY A 161 2.48 3.95 52.18
N TRP A 162 3.21 3.78 51.08
CA TRP A 162 3.65 4.94 50.31
C TRP A 162 2.48 5.63 49.63
N SER A 163 1.49 4.87 49.18
CA SER A 163 0.27 5.46 48.67
C SER A 163 -0.44 6.21 49.79
N THR A 164 -0.92 7.41 49.48
CA THR A 164 -1.48 8.32 50.48
C THR A 164 -0.46 8.59 51.58
N ALA A 165 0.71 9.07 51.17
CA ALA A 165 1.78 9.42 52.09
C ALA A 165 2.60 10.54 51.48
N ASP A 166 3.17 11.38 52.33
CA ASP A 166 3.85 12.58 51.90
C ASP A 166 5.37 12.36 51.81
N TRP A 167 6.09 13.46 51.62
CA TRP A 167 7.54 13.44 51.51
C TRP A 167 8.19 12.85 52.76
N ALA A 168 7.69 13.24 53.93
CA ALA A 168 8.32 12.85 55.19
C ALA A 168 8.31 11.34 55.38
N GLY A 169 7.18 10.69 55.11
CA GLY A 169 7.11 9.25 55.30
C GLY A 169 8.00 8.48 54.34
N ILE A 170 8.04 8.92 53.09
CA ILE A 170 8.89 8.26 52.09
C ILE A 170 10.35 8.38 52.50
N ILE A 171 10.76 9.54 53.00
CA ILE A 171 12.14 9.67 53.48
C ILE A 171 12.35 8.83 54.73
N GLY A 172 11.35 8.78 55.61
CA GLY A 172 11.50 8.08 56.87
C GLY A 172 11.67 6.58 56.70
N ASP A 173 11.02 6.00 55.70
CA ASP A 173 11.20 4.56 55.46
C ASP A 173 12.66 4.25 55.11
N ILE A 174 13.26 5.06 54.23
CA ILE A 174 14.65 4.84 53.85
C ILE A 174 15.59 5.14 55.02
N ARG A 175 15.26 6.15 55.82
CA ARG A 175 16.06 6.44 57.00
C ARG A 175 16.03 5.28 57.98
N GLU A 176 14.85 4.67 58.17
CA GLU A 176 14.74 3.51 59.04
C GLU A 176 15.54 2.34 58.48
N ALA A 177 15.52 2.14 57.15
CA ALA A 177 16.31 1.07 56.56
C ALA A 177 17.80 1.28 56.79
N VAL A 178 18.27 2.52 56.62
CA VAL A 178 19.69 2.83 56.85
C VAL A 178 20.05 2.63 58.32
N ARG A 179 19.16 3.06 59.22
CA ARG A 179 19.40 2.85 60.64
C ARG A 179 19.46 1.37 60.98
N GLN A 180 18.58 0.56 60.39
CA GLN A 180 18.62 -0.88 60.61
C GLN A 180 19.92 -1.49 60.11
N LEU A 181 20.40 -1.03 58.95
CA LEU A 181 21.70 -1.51 58.47
C LEU A 181 22.81 -1.15 59.44
N ARG A 182 22.81 0.07 59.96
CA ARG A 182 23.85 0.47 60.90
C ARG A 182 23.73 -0.23 62.25
N ILE A 183 22.53 -0.70 62.61
CA ILE A 183 22.33 -1.40 63.87
C ILE A 183 22.70 -2.88 63.76
N GLN A 184 22.38 -3.52 62.63
CA GLN A 184 22.62 -4.95 62.49
C GLN A 184 24.09 -5.28 62.67
N SER A 185 24.97 -4.53 62.00
CA SER A 185 26.39 -4.58 62.32
C SER A 185 26.66 -3.65 63.49
N GLN A 186 27.38 -4.14 64.50
CA GLN A 186 27.53 -3.39 65.73
C GLN A 186 28.45 -2.20 65.55
N ASP A 187 27.97 -1.19 64.80
CA ASP A 187 28.71 0.05 64.55
C ASP A 187 30.06 -0.21 63.90
N GLN A 188 30.14 -1.25 63.08
CA GLN A 188 31.39 -1.56 62.38
C GLN A 188 31.51 -0.79 61.07
N ILE A 189 30.39 -0.43 60.45
CA ILE A 189 30.38 0.27 59.17
C ILE A 189 29.51 1.52 59.29
N ASP A 190 29.79 2.47 58.40
CA ASP A 190 28.97 3.67 58.26
C ASP A 190 28.35 3.72 56.87
N PRO A 191 27.02 3.85 56.75
CA PRO A 191 26.39 3.74 55.44
C PRO A 191 26.79 4.81 54.45
N LYS A 192 27.37 5.92 54.91
CA LYS A 192 27.66 7.04 54.01
C LYS A 192 28.75 6.70 52.99
N ALA A 193 29.63 5.75 53.29
CA ALA A 193 30.79 5.46 52.44
C ALA A 193 30.95 3.97 52.24
N GLU A 194 29.87 3.27 51.86
CA GLU A 194 29.94 1.84 51.69
C GLU A 194 29.30 1.29 50.42
N LYS A 195 28.87 2.15 49.49
CA LYS A 195 28.32 1.72 48.20
C LYS A 195 27.14 0.77 48.38
N ILE A 196 26.07 1.32 48.96
CA ILE A 196 24.88 0.56 49.29
C ILE A 196 23.93 0.56 48.10
N THR A 197 23.29 -0.57 47.85
CA THR A 197 22.36 -0.74 46.73
C THR A 197 20.93 -0.86 47.25
N LEU A 198 20.01 -0.14 46.60
CA LEU A 198 18.59 -0.17 46.94
C LEU A 198 17.83 -0.90 45.84
N ALA A 199 17.01 -1.87 46.23
CA ALA A 199 16.33 -2.74 45.26
C ALA A 199 14.97 -2.20 44.84
N LEU A 200 14.11 -1.86 45.80
CA LEU A 200 12.81 -1.25 45.54
C LEU A 200 11.95 -2.14 44.62
N ALA A 201 10.88 -1.57 44.07
CA ALA A 201 9.98 -2.31 43.20
C ALA A 201 9.57 -1.42 42.03
N THR A 202 9.07 -2.07 40.97
CA THR A 202 8.70 -1.32 39.77
C THR A 202 7.41 -0.55 39.95
N SER A 203 6.55 -0.96 40.88
CA SER A 203 5.28 -0.30 41.11
C SER A 203 5.36 0.81 42.15
N LYS A 204 6.53 1.00 42.77
CA LYS A 204 6.71 2.05 43.77
C LYS A 204 7.91 2.95 43.49
N VAL A 205 8.65 2.70 42.42
CA VAL A 205 9.83 3.51 42.12
C VAL A 205 9.43 4.93 41.71
N ASP A 206 8.25 5.09 41.11
CA ASP A 206 7.84 6.42 40.64
C ASP A 206 7.53 7.35 41.80
N TYR A 207 7.37 6.81 43.02
CA TYR A 207 7.13 7.65 44.19
C TYR A 207 8.37 8.41 44.62
N LEU A 208 9.53 8.12 44.03
CA LEU A 208 10.76 8.84 44.34
C LEU A 208 10.80 10.25 43.73
N SER A 209 9.77 10.63 42.98
CA SER A 209 9.70 11.94 42.36
C SER A 209 8.79 12.90 43.10
N VAL A 210 8.35 12.53 44.31
CA VAL A 210 7.50 13.42 45.09
C VAL A 210 8.31 14.61 45.55
N THR A 211 7.78 15.81 45.31
CA THR A 211 8.50 17.05 45.56
C THR A 211 7.73 17.92 46.55
N THR A 212 8.48 18.63 47.38
CA THR A 212 7.91 19.64 48.25
C THR A 212 7.61 20.91 47.47
N PRO A 213 6.74 21.77 47.99
CA PRO A 213 6.46 23.03 47.27
C PRO A 213 7.70 23.88 47.03
N TYR A 214 8.71 23.79 47.89
CA TYR A 214 9.94 24.55 47.67
C TYR A 214 10.76 23.98 46.52
N GLY A 215 10.63 22.68 46.25
CA GLY A 215 11.32 22.07 45.13
C GLY A 215 12.36 21.04 45.49
N ILE A 216 12.15 20.31 46.59
CA ILE A 216 13.05 19.26 47.03
C ILE A 216 12.34 17.91 46.88
N SER A 217 13.02 16.96 46.26
CA SER A 217 12.47 15.64 46.00
C SER A 217 13.18 14.58 46.83
N VAL A 218 12.55 13.41 46.93
CA VAL A 218 13.16 12.29 47.64
C VAL A 218 14.44 11.84 46.93
N SER A 219 14.43 11.85 45.59
CA SER A 219 15.60 11.45 44.83
C SER A 219 16.78 12.37 45.10
N ASP A 220 16.51 13.69 45.18
CA ASP A 220 17.58 14.63 45.49
C ASP A 220 18.16 14.38 46.88
N TRP A 221 17.30 14.13 47.86
CA TRP A 221 17.77 13.84 49.21
C TRP A 221 18.63 12.59 49.24
N ILE A 222 18.19 11.53 48.54
CA ILE A 222 18.97 10.30 48.51
C ILE A 222 20.31 10.52 47.82
N GLU A 223 20.31 11.24 46.70
CA GLU A 223 21.54 11.39 45.92
C GLU A 223 22.53 12.34 46.59
N GLN A 224 22.04 13.26 47.41
CA GLN A 224 22.95 14.20 48.06
C GLN A 224 23.43 13.71 49.43
N THR A 225 22.56 13.05 50.19
CA THR A 225 22.98 12.52 51.49
C THR A 225 23.82 11.25 51.35
N TYR A 226 23.54 10.44 50.33
CA TYR A 226 24.24 9.18 50.11
C TYR A 226 24.73 9.12 48.67
N PRO A 227 25.87 9.76 48.38
CA PRO A 227 26.38 9.74 47.01
C PRO A 227 26.74 8.35 46.51
N LYS A 228 27.03 7.40 47.40
CA LYS A 228 27.41 6.05 47.00
C LYS A 228 26.21 5.16 46.72
N MET A 229 24.99 5.59 47.06
CA MET A 229 23.82 4.75 46.89
C MET A 229 23.44 4.62 45.41
N ARG A 230 22.90 3.46 45.06
CA ARG A 230 22.42 3.19 43.72
C ARG A 230 20.98 2.68 43.79
N ILE A 231 20.14 3.18 42.88
CA ILE A 231 18.72 2.86 42.87
C ILE A 231 18.44 1.96 41.67
N VAL A 232 17.76 0.84 41.92
CA VAL A 232 17.39 -0.14 40.90
C VAL A 232 15.90 -0.40 41.05
N SER A 233 15.30 -0.95 40.00
CA SER A 233 13.89 -1.34 40.04
C SER A 233 13.72 -2.66 39.30
N ALA A 234 12.96 -3.57 39.89
CA ALA A 234 12.71 -4.87 39.29
C ALA A 234 11.24 -5.23 39.39
N PRO A 235 10.71 -5.98 38.40
CA PRO A 235 9.29 -6.36 38.45
C PRO A 235 8.99 -7.57 39.31
N GLU A 236 10.00 -8.34 39.70
CA GLU A 236 9.76 -9.54 40.50
C GLU A 236 9.42 -9.24 41.95
N LEU A 237 9.63 -8.01 42.41
CA LEU A 237 9.33 -7.63 43.78
C LEU A 237 7.95 -7.01 43.95
N SER A 238 7.16 -6.96 42.88
CA SER A 238 5.82 -6.37 42.97
C SER A 238 4.90 -7.22 43.83
N GLY A 239 4.93 -8.54 43.65
CA GLY A 239 4.18 -9.45 44.47
C GLY A 239 5.06 -10.48 45.13
N VAL A 240 5.17 -10.43 46.46
CA VAL A 240 6.11 -11.26 47.20
C VAL A 240 5.40 -12.25 48.11
N GLN A 241 4.64 -11.77 49.08
CA GLN A 241 4.05 -12.64 50.09
C GLN A 241 2.54 -12.81 49.98
N MET A 242 1.85 -11.96 49.20
CA MET A 242 0.46 -12.19 48.83
C MET A 242 -0.45 -12.30 50.06
N LYS A 243 -0.62 -11.16 50.73
CA LYS A 243 -1.53 -11.08 51.85
C LYS A 243 -2.96 -11.40 51.39
N ASN A 244 -3.89 -11.42 52.36
CA ASN A 244 -5.26 -11.90 52.14
C ASN A 244 -5.83 -11.51 50.78
N GLN A 245 -5.69 -10.24 50.39
CA GLN A 245 -6.13 -9.80 49.08
C GLN A 245 -5.17 -8.85 48.37
N GLU A 246 -4.05 -8.48 48.99
CA GLU A 246 -3.15 -7.51 48.41
C GLU A 246 -1.73 -8.03 48.37
N PRO A 247 -1.08 -8.04 47.21
CA PRO A 247 0.34 -8.38 47.16
C PRO A 247 1.18 -7.28 47.77
N GLU A 248 2.40 -7.64 48.18
CA GLU A 248 3.33 -6.72 48.83
C GLU A 248 4.42 -6.32 47.86
N ASP A 249 4.68 -5.02 47.75
CA ASP A 249 5.87 -4.51 47.09
C ASP A 249 7.02 -4.50 48.09
N ALA A 250 8.15 -5.07 47.69
CA ALA A 250 9.26 -5.28 48.62
C ALA A 250 10.36 -4.25 48.40
N LEU A 251 11.13 -4.03 49.47
CA LEU A 251 12.29 -3.15 49.45
C LEU A 251 13.46 -3.89 50.09
N VAL A 252 14.59 -3.94 49.38
CA VAL A 252 15.78 -4.63 49.86
C VAL A 252 16.95 -3.65 49.82
N LEU A 253 17.68 -3.56 50.93
CA LEU A 253 18.84 -2.68 51.04
C LEU A 253 20.01 -3.50 51.58
N PHE A 254 21.13 -3.48 50.86
CA PHE A 254 22.28 -4.27 51.25
C PHE A 254 23.56 -3.58 50.80
N VAL A 255 24.65 -3.92 51.49
CA VAL A 255 25.97 -3.38 51.16
C VAL A 255 26.57 -4.20 50.03
N GLU A 256 27.17 -3.51 49.05
CA GLU A 256 27.74 -4.21 47.90
C GLU A 256 28.99 -4.99 48.31
N ASP A 257 29.89 -4.36 49.06
CA ASP A 257 31.12 -5.02 49.47
C ASP A 257 31.56 -4.47 50.82
N VAL A 258 32.35 -5.27 51.53
CA VAL A 258 32.85 -4.92 52.85
C VAL A 258 34.37 -4.86 52.80
N ASN A 259 34.94 -3.76 53.28
CA ASN A 259 36.39 -3.59 53.26
C ASN A 259 37.07 -4.61 54.15
N ALA A 260 38.29 -4.97 53.77
CA ALA A 260 39.07 -5.94 54.54
C ALA A 260 39.59 -5.35 55.85
N ALA A 261 39.49 -4.04 56.05
CA ALA A 261 39.88 -3.46 57.33
C ALA A 261 38.84 -3.71 58.42
N VAL A 262 37.56 -3.86 58.03
CA VAL A 262 36.51 -4.06 59.02
C VAL A 262 36.66 -5.41 59.70
N ASP A 263 36.90 -6.47 58.92
CA ASP A 263 37.05 -7.81 59.45
C ASP A 263 38.26 -8.48 58.80
N GLY A 264 38.83 -9.45 59.51
CA GLY A 264 40.05 -10.10 59.05
C GLY A 264 39.85 -11.10 57.92
N SER A 265 38.77 -10.96 57.17
CA SER A 265 38.51 -11.87 56.05
C SER A 265 39.56 -11.66 54.97
N THR A 266 40.07 -12.78 54.44
CA THR A 266 41.10 -12.71 53.42
C THR A 266 40.53 -12.33 52.06
N ASP A 267 39.34 -12.83 51.73
CA ASP A 267 38.73 -12.52 50.44
C ASP A 267 38.07 -11.14 50.47
N GLY A 268 37.44 -10.77 49.37
CA GLY A 268 36.74 -9.52 49.28
C GLY A 268 35.39 -9.57 49.99
N GLY A 269 34.70 -8.44 49.96
CA GLY A 269 33.38 -8.37 50.57
C GLY A 269 32.38 -9.27 49.89
N SER A 270 31.99 -8.91 48.67
CA SER A 270 31.12 -9.73 47.81
C SER A 270 29.93 -10.28 48.58
N VAL A 271 29.11 -9.38 49.10
CA VAL A 271 27.94 -9.78 49.88
C VAL A 271 26.98 -10.59 49.02
N PHE A 272 26.71 -10.11 47.81
CA PHE A 272 25.87 -10.81 46.85
C PHE A 272 26.62 -11.03 45.55
N SER A 273 26.46 -12.22 44.99
CA SER A 273 27.10 -12.57 43.72
C SER A 273 26.27 -13.63 43.02
N GLN A 274 26.34 -13.62 41.69
CA GLN A 274 25.62 -14.58 40.85
C GLN A 274 26.64 -15.50 40.19
N LEU A 275 26.48 -16.81 40.41
CA LEU A 275 27.41 -17.80 39.90
C LEU A 275 26.85 -18.35 38.59
N VAL A 276 27.41 -17.91 37.48
CA VAL A 276 26.98 -18.33 36.15
C VAL A 276 28.14 -19.05 35.47
N GLN A 277 27.85 -20.25 34.94
CA GLN A 277 28.87 -21.03 34.26
C GLN A 277 28.88 -20.77 32.76
N SER A 278 27.71 -20.70 32.13
CA SER A 278 27.61 -20.42 30.71
C SER A 278 26.25 -19.80 30.42
N LYS A 279 26.20 -19.03 29.33
CA LYS A 279 24.98 -18.37 28.91
C LYS A 279 24.28 -19.08 27.75
N PHE A 280 25.04 -19.65 26.83
CA PHE A 280 24.46 -20.27 25.63
C PHE A 280 25.44 -21.29 25.08
N ILE A 281 25.00 -22.54 24.98
CA ILE A 281 25.81 -23.63 24.45
C ILE A 281 25.01 -24.36 23.38
N THR A 282 25.61 -24.57 22.22
CA THR A 282 24.99 -25.34 21.15
C THR A 282 25.40 -26.80 21.29
N LEU A 283 24.40 -27.69 21.35
CA LEU A 283 24.69 -29.10 21.59
C LEU A 283 25.00 -29.83 20.29
N GLY A 284 24.14 -29.66 19.29
CA GLY A 284 24.36 -30.32 18.02
C GLY A 284 23.14 -30.20 17.12
N VAL A 285 23.30 -30.67 15.90
CA VAL A 285 22.26 -30.63 14.88
C VAL A 285 22.07 -32.03 14.32
N GLU A 286 20.81 -32.44 14.19
CA GLU A 286 20.45 -33.73 13.61
C GLU A 286 19.50 -33.49 12.45
N LYS A 287 19.80 -34.11 11.31
CA LYS A 287 19.02 -33.93 10.08
C LYS A 287 18.32 -35.24 9.74
N ARG A 288 17.02 -35.16 9.51
CA ARG A 288 16.20 -36.30 9.12
C ARG A 288 15.86 -36.21 7.64
N ALA A 289 15.04 -37.15 7.18
CA ALA A 289 14.62 -37.16 5.77
C ALA A 289 13.78 -35.94 5.44
N LYS A 290 12.84 -35.57 6.33
CA LYS A 290 11.92 -34.48 6.06
C LYS A 290 11.98 -33.35 7.09
N SER A 291 12.91 -33.41 8.04
CA SER A 291 12.99 -32.39 9.08
C SER A 291 14.40 -32.40 9.66
N TYR A 292 14.64 -31.53 10.63
CA TYR A 292 15.90 -31.50 11.35
C TYR A 292 15.67 -30.89 12.72
N VAL A 293 16.54 -31.25 13.67
CA VAL A 293 16.38 -30.89 15.07
C VAL A 293 17.68 -30.25 15.57
N GLU A 294 17.53 -29.20 16.38
CA GLU A 294 18.65 -28.53 17.02
C GLU A 294 18.38 -28.39 18.51
N ASP A 295 19.44 -28.32 19.30
CA ASP A 295 19.34 -28.26 20.75
C ASP A 295 20.32 -27.24 21.31
N PHE A 296 19.96 -26.66 22.45
CA PHE A 296 20.79 -25.67 23.13
C PHE A 296 20.66 -25.88 24.64
N SER A 297 21.63 -25.35 25.38
CA SER A 297 21.69 -25.56 26.81
C SER A 297 22.47 -24.42 27.47
N ASN A 298 22.34 -24.34 28.79
CA ASN A 298 23.06 -23.36 29.59
C ASN A 298 23.26 -23.91 30.99
N GLY A 299 23.96 -23.14 31.82
CA GLY A 299 24.22 -23.55 33.19
C GLY A 299 24.27 -22.38 34.12
N THR A 300 23.90 -22.61 35.38
CA THR A 300 23.90 -21.58 36.40
C THR A 300 23.94 -22.25 37.77
N ALA A 301 24.20 -21.44 38.80
CA ALA A 301 24.27 -21.96 40.16
C ALA A 301 23.56 -21.07 41.17
N GLY A 302 22.59 -20.27 40.74
CA GLY A 302 21.86 -19.42 41.66
C GLY A 302 22.69 -18.26 42.16
N ALA A 303 22.31 -17.75 43.33
CA ALA A 303 22.95 -16.61 43.95
C ALA A 303 23.54 -17.02 45.30
N LEU A 304 24.66 -16.39 45.65
CA LEU A 304 25.38 -16.68 46.89
C LEU A 304 25.41 -15.43 47.76
N CYS A 305 25.11 -15.61 49.05
CA CYS A 305 25.13 -14.52 50.02
C CYS A 305 26.09 -14.90 51.14
N LYS A 306 27.30 -14.34 51.11
CA LYS A 306 28.30 -14.69 52.11
C LYS A 306 27.99 -14.06 53.46
N ARG A 307 27.57 -12.80 53.48
CA ARG A 307 27.31 -12.07 54.71
C ARG A 307 25.84 -11.69 54.79
N PRO A 308 25.03 -12.45 55.52
CA PRO A 308 23.60 -12.12 55.64
C PRO A 308 23.28 -11.07 56.69
N TRP A 309 24.27 -10.56 57.42
CA TRP A 309 24.03 -9.54 58.42
C TRP A 309 24.07 -8.12 57.85
N ALA A 310 24.34 -7.98 56.56
CA ALA A 310 24.38 -6.68 55.90
C ALA A 310 23.21 -6.48 54.96
N VAL A 311 22.10 -7.19 55.20
CA VAL A 311 20.92 -7.13 54.35
C VAL A 311 19.71 -6.82 55.23
N VAL A 312 18.89 -5.87 54.79
CA VAL A 312 17.61 -5.59 55.42
C VAL A 312 16.54 -5.62 54.34
N ARG A 313 15.39 -6.22 54.68
CA ARG A 313 14.30 -6.37 53.74
C ARG A 313 13.00 -6.03 54.44
N TYR A 314 12.17 -5.22 53.78
CA TYR A 314 10.88 -4.81 54.31
C TYR A 314 9.77 -5.36 53.43
N LEU A 315 8.78 -5.98 54.05
CA LEU A 315 7.69 -6.59 53.29
C LEU A 315 6.72 -5.53 52.77
N GLY A 316 6.10 -4.78 53.68
CA GLY A 316 5.25 -3.69 53.25
C GLY A 316 6.05 -2.58 52.60
N ILE A 317 5.60 -2.19 51.40
CA ILE A 317 6.24 -1.13 50.63
C ILE A 317 7.73 -1.41 50.41
N ASN B 1 24.26 -66.18 34.24
CA ASN B 1 24.59 -66.36 32.84
C ASN B 1 25.57 -65.30 32.37
N PHE B 2 25.94 -64.41 33.28
CA PHE B 2 26.90 -63.35 33.02
C PHE B 2 28.21 -63.62 33.76
N THR B 3 29.32 -63.37 33.08
CA THR B 3 30.62 -63.49 33.73
C THR B 3 30.72 -62.48 34.87
N ALA B 4 31.20 -62.94 36.02
CA ALA B 4 31.27 -62.08 37.20
C ALA B 4 32.35 -61.03 37.00
N PRO B 5 32.02 -59.74 37.12
CA PRO B 5 33.04 -58.71 36.97
C PRO B 5 34.04 -58.72 38.11
N VAL B 6 35.26 -58.28 37.80
CA VAL B 6 36.32 -58.29 38.81
C VAL B 6 36.20 -57.07 39.72
N THR B 7 35.44 -56.07 39.32
CA THR B 7 35.28 -54.84 40.09
C THR B 7 33.82 -54.61 40.43
N THR B 8 33.57 -54.04 41.59
CA THR B 8 32.20 -53.74 42.01
C THR B 8 31.67 -52.54 41.25
N PRO B 9 30.50 -52.65 40.61
CA PRO B 9 29.97 -51.49 39.88
C PRO B 9 29.67 -50.32 40.80
N SER B 10 29.95 -49.12 40.30
CA SER B 10 29.75 -47.89 41.06
C SER B 10 29.80 -46.71 40.12
N ILE B 11 29.46 -45.54 40.65
CA ILE B 11 29.58 -44.30 39.87
C ILE B 11 31.05 -43.96 39.68
N PRO B 12 31.50 -43.70 38.45
CA PRO B 12 32.95 -43.60 38.20
C PRO B 12 33.62 -42.36 38.79
N THR B 13 33.03 -41.18 38.64
CA THR B 13 33.72 -39.94 38.93
C THR B 13 33.48 -39.52 40.38
N PRO B 14 34.51 -39.45 41.21
CA PRO B 14 34.32 -38.94 42.57
C PRO B 14 33.99 -37.45 42.57
N ILE B 15 33.25 -37.02 43.60
CA ILE B 15 32.93 -35.60 43.77
C ILE B 15 34.11 -34.79 44.29
N GLN B 16 35.24 -35.44 44.57
CA GLN B 16 36.43 -34.70 44.99
C GLN B 16 36.89 -33.76 43.89
N PHE B 17 36.88 -34.21 42.65
CA PHE B 17 37.07 -33.33 41.51
C PHE B 17 35.73 -32.67 41.16
N LEU B 18 35.67 -31.99 40.02
CA LEU B 18 34.46 -31.29 39.57
C LEU B 18 34.01 -30.23 40.57
N GLN B 19 34.93 -29.71 41.38
CA GLN B 19 34.63 -28.72 42.40
C GLN B 19 35.47 -27.47 42.18
N THR B 20 34.86 -26.32 42.37
CA THR B 20 35.54 -25.04 42.25
C THR B 20 35.59 -24.40 43.63
N TRP B 21 36.78 -24.05 44.09
CA TRP B 21 36.99 -23.50 45.42
C TRP B 21 37.24 -22.01 45.32
N LEU B 22 36.44 -21.23 46.05
CA LEU B 22 36.64 -19.79 46.12
C LEU B 22 37.90 -19.49 46.92
N PRO B 23 38.57 -18.37 46.62
CA PRO B 23 39.93 -18.15 47.13
C PRO B 23 40.06 -18.07 48.65
N GLY B 24 39.32 -17.17 49.30
CA GLY B 24 39.59 -16.78 50.65
C GLY B 24 38.69 -17.44 51.69
N PHE B 25 38.88 -17.00 52.93
CA PHE B 25 38.13 -17.46 54.08
C PHE B 25 37.34 -16.31 54.68
N VAL B 26 36.10 -16.59 55.09
CA VAL B 26 35.26 -15.60 55.76
C VAL B 26 35.46 -15.74 57.26
N LYS B 27 35.63 -14.61 57.93
CA LYS B 27 35.92 -14.58 59.36
C LYS B 27 34.80 -13.88 60.11
N VAL B 28 34.47 -14.39 61.30
CA VAL B 28 33.43 -13.79 62.11
C VAL B 28 33.85 -12.38 62.52
N MET B 29 32.91 -11.45 62.46
CA MET B 29 33.21 -10.02 62.54
C MET B 29 33.20 -9.49 63.98
N THR B 30 32.20 -9.90 64.77
CA THR B 30 31.96 -9.54 66.18
C THR B 30 31.82 -8.03 66.37
N ALA B 31 31.41 -7.61 67.56
CA ALA B 31 31.09 -6.21 67.82
C ALA B 31 32.35 -5.35 67.78
N ALA B 32 32.14 -4.03 67.73
CA ALA B 32 33.21 -3.07 67.66
C ALA B 32 33.53 -2.49 69.03
N ARG B 33 34.78 -2.09 69.22
CA ARG B 33 35.27 -1.51 70.46
C ARG B 33 35.62 -0.05 70.21
N LYS B 34 34.95 0.86 70.94
CA LYS B 34 35.13 2.29 70.70
C LYS B 34 35.23 3.08 72.01
N ILE B 35 35.86 2.50 73.04
CA ILE B 35 35.98 3.21 74.31
C ILE B 35 36.98 4.36 74.20
N ASP B 36 38.08 4.15 73.47
CA ASP B 36 39.13 5.15 73.43
C ASP B 36 38.75 6.38 72.60
N GLU B 37 37.76 6.27 71.72
CA GLU B 37 37.34 7.44 70.96
C GLU B 37 36.62 8.45 71.86
N ILE B 38 35.85 7.96 72.84
CA ILE B 38 35.04 8.85 73.66
C ILE B 38 35.90 9.63 74.63
N ILE B 39 36.78 8.95 75.36
CA ILE B 39 37.51 9.56 76.47
C ILE B 39 39.02 9.53 76.30
N GLY B 40 39.54 8.85 75.28
CA GLY B 40 40.97 8.75 75.09
C GLY B 40 41.61 7.72 76.00
N ILE B 41 42.92 7.57 75.83
CA ILE B 41 43.71 6.61 76.59
C ILE B 41 44.89 7.34 77.22
N ASP B 42 45.18 7.03 78.47
CA ASP B 42 46.29 7.65 79.21
C ASP B 42 46.98 6.58 80.04
N THR B 43 48.28 6.40 79.79
CA THR B 43 49.09 5.48 80.58
C THR B 43 49.77 6.28 81.68
N VAL B 44 49.26 6.16 82.91
CA VAL B 44 49.76 6.94 84.04
C VAL B 44 50.43 6.06 85.08
N GLY B 45 49.98 4.82 85.23
CA GLY B 45 50.52 3.91 86.21
C GLY B 45 51.54 2.95 85.62
N SER B 46 51.65 1.78 86.25
CA SER B 46 52.53 0.73 85.78
C SER B 46 51.99 -0.60 86.28
N TRP B 47 52.49 -1.68 85.68
CA TRP B 47 52.03 -3.01 86.05
C TRP B 47 52.45 -3.29 87.50
N GLU B 48 51.88 -4.37 88.05
CA GLU B 48 52.04 -4.82 89.43
C GLU B 48 51.81 -3.73 90.47
N ASP B 49 51.17 -2.63 90.10
CA ASP B 49 50.80 -1.59 91.06
C ASP B 49 49.43 -1.88 91.66
N GLN B 50 48.96 -0.99 92.52
CA GLN B 50 47.71 -1.27 93.22
C GLN B 50 46.68 -0.16 93.15
N GLU B 51 47.09 1.11 93.22
CA GLU B 51 46.12 2.17 93.40
C GLU B 51 46.56 3.45 92.69
N ILE B 52 45.59 4.34 92.48
CA ILE B 52 45.79 5.66 91.89
C ILE B 52 44.98 6.65 92.70
N VAL B 53 45.58 7.81 93.02
CA VAL B 53 45.00 8.74 93.97
C VAL B 53 44.88 10.13 93.35
N GLN B 54 43.88 10.89 93.81
CA GLN B 54 43.66 12.27 93.41
C GLN B 54 43.17 13.06 94.63
N GLY B 55 43.37 14.37 94.62
CA GLY B 55 43.09 15.20 95.77
C GLY B 55 42.23 16.40 95.43
N ILE B 56 41.68 17.01 96.49
CA ILE B 56 40.79 18.16 96.40
C ILE B 56 41.32 19.21 97.38
N VAL B 57 40.89 20.46 97.20
CA VAL B 57 41.37 21.60 97.99
C VAL B 57 40.27 22.22 98.82
N GLU B 58 39.17 22.63 98.17
CA GLU B 58 37.97 23.16 98.84
C GLU B 58 38.27 24.30 99.81
N PRO B 59 38.51 25.51 99.32
CA PRO B 59 38.67 26.66 100.22
C PRO B 59 37.33 27.10 100.79
N ALA B 60 37.40 28.04 101.74
CA ALA B 60 36.19 28.56 102.39
C ALA B 60 36.50 29.91 103.02
N GLY B 61 35.46 30.73 103.14
CA GLY B 61 35.59 32.04 103.76
C GLY B 61 34.42 32.96 103.51
N THR B 62 34.17 33.89 104.44
CA THR B 62 33.07 34.85 104.33
C THR B 62 33.48 36.15 105.00
N ALA B 63 33.06 37.27 104.41
CA ALA B 63 33.44 38.59 104.87
C ALA B 63 32.29 39.25 105.66
N VAL B 64 32.66 40.24 106.48
CA VAL B 64 31.72 41.00 107.29
C VAL B 64 32.03 42.48 107.11
N GLU B 65 31.17 43.32 107.69
CA GLU B 65 31.36 44.76 107.63
C GLU B 65 32.54 45.19 108.52
N TYR B 66 33.07 46.37 108.22
CA TYR B 66 34.28 46.86 108.86
C TYR B 66 33.97 47.55 110.18
N GLY B 67 34.89 47.42 111.12
CA GLY B 67 34.79 48.10 112.40
C GLY B 67 36.14 48.21 113.04
N ASP B 68 36.38 49.34 113.70
CA ASP B 68 37.69 49.58 114.31
C ASP B 68 37.98 48.59 115.44
N HIS B 69 36.99 48.32 116.28
CA HIS B 69 37.16 47.46 117.44
C HIS B 69 36.46 46.11 117.29
N THR B 70 35.95 45.79 116.10
CA THR B 70 35.25 44.53 115.90
C THR B 70 36.24 43.40 115.64
N ASN B 71 35.73 42.17 115.75
CA ASN B 71 36.54 40.99 115.53
C ASN B 71 36.85 40.82 114.05
N ILE B 72 37.86 40.01 113.78
CA ILE B 72 38.36 39.77 112.42
C ILE B 72 37.90 38.38 111.98
N PRO B 73 37.12 38.26 110.91
CA PRO B 73 36.78 36.93 110.39
C PRO B 73 37.99 36.25 109.76
N LEU B 74 37.90 34.92 109.67
CA LEU B 74 39.01 34.10 109.21
C LEU B 74 38.54 33.13 108.13
N THR B 75 39.50 32.57 107.41
CA THR B 75 39.26 31.61 106.33
C THR B 75 39.96 30.30 106.66
N SER B 76 39.64 29.26 105.87
CA SER B 76 40.19 27.93 106.09
C SER B 76 40.05 27.13 104.80
N TRP B 77 40.42 25.85 104.88
CA TRP B 77 40.35 24.94 103.74
C TRP B 77 40.30 23.51 104.27
N ASN B 78 39.92 22.59 103.38
CA ASN B 78 39.73 21.18 103.76
C ASN B 78 39.92 20.30 102.54
N ALA B 79 40.82 19.33 102.64
CA ALA B 79 41.22 18.49 101.53
C ALA B 79 40.65 17.08 101.66
N ASN B 80 40.44 16.43 100.52
CA ASN B 80 39.95 15.06 100.46
C ASN B 80 40.73 14.29 99.40
N PHE B 81 40.57 12.97 99.40
CA PHE B 81 41.28 12.10 98.47
C PHE B 81 40.34 11.01 97.94
N GLU B 82 40.69 10.48 96.78
CA GLU B 82 39.94 9.41 96.13
C GLU B 82 40.91 8.36 95.61
N ARG B 83 40.52 7.10 95.71
CA ARG B 83 41.39 5.98 95.35
C ARG B 83 40.67 5.02 94.41
N ARG B 84 41.45 4.38 93.54
CA ARG B 84 40.94 3.41 92.57
C ARG B 84 41.85 2.18 92.55
N THR B 85 41.33 1.09 92.02
CA THR B 85 41.99 -0.21 92.05
C THR B 85 42.36 -0.65 90.64
N ILE B 86 43.45 -1.43 90.54
CA ILE B 86 44.01 -1.89 89.28
C ILE B 86 43.69 -3.38 89.11
N VAL B 87 43.27 -3.75 87.90
CA VAL B 87 42.88 -5.12 87.59
C VAL B 87 43.76 -5.64 86.46
N ARG B 88 44.19 -6.90 86.56
CA ARG B 88 45.02 -7.54 85.55
C ARG B 88 44.30 -8.75 84.97
N GLY B 89 44.62 -9.07 83.71
CA GLY B 89 44.07 -10.23 83.05
C GLY B 89 45.13 -10.97 82.27
N GLU B 90 44.80 -12.20 81.87
CA GLU B 90 45.75 -13.03 81.14
C GLU B 90 45.00 -13.97 80.22
N LEU B 91 45.72 -14.47 79.21
CA LEU B 91 45.18 -15.42 78.24
C LEU B 91 46.33 -16.04 77.47
N GLY B 92 46.24 -17.34 77.18
CA GLY B 92 47.32 -18.04 76.51
C GLY B 92 46.89 -18.90 75.34
N MET B 93 47.81 -19.70 74.83
CA MET B 93 47.57 -20.50 73.63
C MET B 93 48.55 -21.66 73.59
N MET B 94 48.19 -22.70 72.83
CA MET B 94 48.99 -23.91 72.75
C MET B 94 48.80 -24.57 71.40
N VAL B 95 49.89 -25.05 70.82
CA VAL B 95 49.88 -25.69 69.50
C VAL B 95 50.60 -27.04 69.59
N GLY B 96 50.04 -28.05 68.92
CA GLY B 96 50.66 -29.35 68.82
C GLY B 96 51.41 -29.53 67.51
N THR B 97 52.32 -30.52 67.51
CA THR B 97 53.16 -30.75 66.35
C THR B 97 52.35 -31.23 65.14
N LEU B 98 51.51 -32.26 65.34
CA LEU B 98 50.72 -32.77 64.23
C LEU B 98 49.62 -31.81 63.84
N GLU B 99 49.09 -31.04 64.78
CA GLU B 99 48.03 -30.07 64.47
C GLU B 99 48.54 -29.00 63.51
N GLU B 100 49.77 -28.52 63.71
CA GLU B 100 50.31 -27.48 62.85
C GLU B 100 50.45 -27.96 61.41
N GLY B 101 50.94 -29.19 61.22
CA GLY B 101 51.09 -29.72 59.88
C GLY B 101 49.77 -29.94 59.17
N ARG B 102 48.78 -30.48 59.89
CA ARG B 102 47.47 -30.73 59.28
C ARG B 102 46.78 -29.43 58.90
N ALA B 103 46.89 -28.41 59.74
CA ALA B 103 46.19 -27.15 59.48
C ALA B 103 46.74 -26.45 58.25
N SER B 104 48.01 -26.67 57.91
CA SER B 104 48.59 -26.05 56.73
C SER B 104 48.10 -26.65 55.44
N ALA B 105 47.42 -27.81 55.49
CA ALA B 105 46.90 -28.42 54.27
C ALA B 105 45.79 -27.59 53.65
N ILE B 106 45.07 -26.80 54.46
CA ILE B 106 43.99 -25.97 53.96
C ILE B 106 44.40 -24.51 53.90
N ARG B 107 45.70 -24.23 53.78
CA ARG B 107 46.23 -22.87 53.65
C ARG B 107 45.84 -22.01 54.85
N LEU B 108 46.15 -22.51 56.04
CA LEU B 108 45.82 -21.82 57.28
C LEU B 108 46.95 -22.02 58.28
N ASN B 109 47.28 -20.95 59.00
CA ASN B 109 48.33 -20.97 60.02
C ASN B 109 47.66 -21.03 61.39
N SER B 110 47.72 -22.20 62.03
CA SER B 110 47.08 -22.36 63.33
C SER B 110 47.78 -21.53 64.41
N ALA B 111 49.11 -21.46 64.37
CA ALA B 111 49.84 -20.73 65.39
C ALA B 111 49.51 -19.24 65.37
N GLU B 112 49.47 -18.65 64.18
CA GLU B 112 49.15 -17.23 64.09
C GLU B 112 47.70 -16.95 64.42
N THR B 113 46.79 -17.86 64.04
CA THR B 113 45.38 -17.65 64.31
C THR B 113 45.10 -17.60 65.80
N LYS B 114 45.74 -18.47 66.58
CA LYS B 114 45.54 -18.46 68.03
C LYS B 114 46.21 -17.25 68.66
N ARG B 115 47.33 -16.78 68.11
CA ARG B 115 48.04 -15.64 68.69
C ARG B 115 47.22 -14.36 68.59
N GLN B 116 46.57 -14.13 67.45
CA GLN B 116 45.78 -12.92 67.28
C GLN B 116 44.57 -12.91 68.20
N GLN B 117 43.95 -14.07 68.42
CA GLN B 117 42.79 -14.14 69.30
C GLN B 117 43.14 -13.82 70.74
N ALA B 118 44.36 -14.17 71.17
CA ALA B 118 44.78 -13.84 72.52
C ALA B 118 44.82 -12.33 72.75
N ALA B 119 45.34 -11.59 71.77
CA ALA B 119 45.34 -10.13 71.87
C ALA B 119 43.93 -9.56 71.79
N ILE B 120 43.09 -10.11 70.92
CA ILE B 120 41.72 -9.63 70.77
C ILE B 120 40.93 -9.88 72.05
N GLY B 121 41.10 -11.06 72.65
CA GLY B 121 40.39 -11.37 73.88
C GLY B 121 40.74 -10.43 75.01
N LEU B 122 42.02 -10.05 75.11
CA LEU B 122 42.42 -9.10 76.13
C LEU B 122 41.86 -7.71 75.84
N GLU B 123 41.80 -7.32 74.56
CA GLU B 123 41.25 -6.02 74.20
C GLU B 123 39.77 -5.93 74.55
N THR B 124 39.03 -7.01 74.33
CA THR B 124 37.62 -7.03 74.72
C THR B 124 37.47 -6.90 76.23
N PHE B 125 38.39 -7.51 76.99
CA PHE B 125 38.37 -7.36 78.44
C PHE B 125 38.59 -5.92 78.86
N ARG B 126 39.53 -5.23 78.20
CA ARG B 126 39.82 -3.85 78.56
C ARG B 126 38.65 -2.93 78.23
N ASN B 127 37.98 -3.15 77.10
CA ASN B 127 36.84 -2.34 76.73
C ASN B 127 35.70 -2.49 77.74
N ALA B 128 35.43 -3.72 78.18
CA ALA B 128 34.33 -3.96 79.11
C ALA B 128 34.56 -3.24 80.43
N ILE B 129 35.81 -3.24 80.91
CA ILE B 129 36.12 -2.56 82.16
C ILE B 129 35.95 -1.05 82.01
N GLY B 130 36.29 -0.50 80.84
CA GLY B 130 36.14 0.92 80.63
C GLY B 130 34.70 1.39 80.70
N PHE B 131 33.79 0.63 80.09
CA PHE B 131 32.38 1.03 80.08
C PHE B 131 31.68 0.65 81.38
N TYR B 132 31.86 -0.59 81.83
CA TYR B 132 31.24 -1.08 83.06
C TYR B 132 32.33 -1.42 84.08
N GLY B 133 32.06 -1.08 85.33
CA GLY B 133 33.02 -1.36 86.38
C GLY B 133 33.20 -2.86 86.62
N TRP B 134 34.34 -3.20 87.22
CA TRP B 134 34.70 -4.59 87.51
C TRP B 134 34.42 -4.86 88.98
N GLN B 135 33.43 -5.71 89.25
CA GLN B 135 33.09 -6.13 90.61
C GLN B 135 32.82 -4.94 91.52
N SER B 136 32.08 -3.96 91.01
CA SER B 136 31.73 -2.79 91.82
C SER B 136 30.83 -3.16 92.98
N GLY B 137 29.88 -4.08 92.76
CA GLY B 137 28.96 -4.45 93.81
C GLY B 137 29.63 -5.18 94.96
N LEU B 138 30.61 -6.04 94.65
CA LEU B 138 31.28 -6.81 95.69
C LEU B 138 32.04 -5.89 96.64
N GLY B 139 32.66 -4.84 96.12
CA GLY B 139 33.42 -3.92 96.95
C GLY B 139 34.65 -3.38 96.27
N ASN B 140 35.01 -3.95 95.12
CA ASN B 140 36.15 -3.45 94.37
C ASN B 140 35.84 -2.07 93.82
N ARG B 141 36.81 -1.16 93.92
CA ARG B 141 36.62 0.22 93.48
C ARG B 141 37.31 0.41 92.13
N THR B 142 36.60 0.02 91.07
CA THR B 142 37.07 0.20 89.70
C THR B 142 36.19 1.16 88.92
N TYR B 143 34.89 0.88 88.85
CA TYR B 143 33.91 1.74 88.20
C TYR B 143 34.17 1.90 86.71
N GLY B 144 33.26 2.56 85.99
CA GLY B 144 33.37 2.70 84.57
C GLY B 144 32.69 3.97 84.08
N PHE B 145 32.64 4.10 82.75
CA PHE B 145 32.07 5.30 82.14
C PHE B 145 30.58 5.42 82.46
N LEU B 146 29.85 4.31 82.45
CA LEU B 146 28.42 4.31 82.69
C LEU B 146 28.05 3.90 84.11
N ASN B 147 29.02 3.77 85.01
CA ASN B 147 28.77 3.26 86.35
C ASN B 147 29.47 4.04 87.44
N ASP B 148 30.04 5.20 87.14
CA ASP B 148 30.74 5.97 88.16
C ASP B 148 29.73 6.47 89.19
N PRO B 149 30.00 6.28 90.49
CA PRO B 149 29.04 6.73 91.51
C PRO B 149 28.86 8.24 91.54
N ASN B 150 29.83 9.01 91.09
CA ASN B 150 29.75 10.47 91.09
C ASN B 150 29.27 10.96 89.74
N LEU B 151 28.02 10.63 89.43
CA LEU B 151 27.42 11.01 88.17
C LEU B 151 26.08 11.70 88.40
N PRO B 152 25.68 12.59 87.49
CA PRO B 152 24.48 13.40 87.74
C PRO B 152 23.18 12.62 87.74
N ALA B 153 23.19 11.35 87.34
CA ALA B 153 22.01 10.49 87.24
C ALA B 153 21.14 10.90 86.05
N PHE B 154 20.56 9.91 85.39
CA PHE B 154 19.88 10.14 84.13
C PHE B 154 18.63 11.00 84.32
N GLN B 155 18.23 11.68 83.24
CA GLN B 155 17.07 12.56 83.24
C GLN B 155 16.17 12.23 82.07
N THR B 156 14.91 12.64 82.19
CA THR B 156 13.94 12.41 81.12
C THR B 156 13.98 13.56 80.13
N PRO B 157 14.13 13.28 78.83
CA PRO B 157 14.21 14.36 77.83
C PRO B 157 12.86 15.03 77.66
N PRO B 158 12.84 16.26 77.12
CA PRO B 158 11.54 16.90 76.86
C PRO B 158 10.68 16.13 75.88
N SER B 159 11.22 15.81 74.69
CA SER B 159 10.52 14.94 73.75
C SER B 159 10.61 13.50 74.25
N GLN B 160 9.48 12.80 74.24
CA GLN B 160 9.45 11.44 74.76
C GLN B 160 10.35 10.51 73.95
N GLY B 161 10.33 10.65 72.64
CA GLY B 161 11.17 9.81 71.78
C GLY B 161 11.52 10.53 70.50
N TRP B 162 12.72 10.23 69.99
CA TRP B 162 13.13 10.81 68.72
C TRP B 162 12.40 10.17 67.55
N SER B 163 11.96 8.92 67.71
CA SER B 163 11.04 8.34 66.73
C SER B 163 9.71 9.07 66.77
N THR B 164 9.11 9.25 65.59
CA THR B 164 7.88 10.04 65.44
C THR B 164 8.07 11.46 65.99
N ALA B 165 9.22 12.06 65.68
CA ALA B 165 9.52 13.43 66.07
C ALA B 165 10.00 14.20 64.85
N ASP B 166 9.64 15.48 64.78
CA ASP B 166 9.94 16.30 63.62
C ASP B 166 11.29 17.00 63.79
N TRP B 167 11.60 17.93 62.89
CA TRP B 167 12.86 18.66 62.96
C TRP B 167 12.94 19.50 64.22
N ALA B 168 11.84 20.15 64.61
CA ALA B 168 11.85 20.99 65.80
C ALA B 168 12.09 20.16 67.06
N GLY B 169 11.51 18.96 67.12
CA GLY B 169 11.66 18.14 68.31
C GLY B 169 13.10 17.73 68.58
N ILE B 170 13.82 17.35 67.52
CA ILE B 170 15.21 16.95 67.69
C ILE B 170 16.06 18.12 68.15
N ILE B 171 15.82 19.30 67.59
CA ILE B 171 16.59 20.48 67.97
C ILE B 171 16.31 20.86 69.41
N GLY B 172 15.06 20.69 69.86
CA GLY B 172 14.72 21.09 71.23
C GLY B 172 15.46 20.29 72.27
N ASP B 173 15.60 18.98 72.05
CA ASP B 173 16.33 18.14 73.02
C ASP B 173 17.79 18.54 73.11
N ILE B 174 18.43 18.79 71.97
CA ILE B 174 19.83 19.20 71.98
C ILE B 174 20.00 20.56 72.65
N ARG B 175 19.11 21.51 72.34
CA ARG B 175 19.19 22.83 72.96
C ARG B 175 18.97 22.74 74.47
N GLU B 176 18.04 21.89 74.91
CA GLU B 176 17.79 21.73 76.34
C GLU B 176 19.01 21.19 77.07
N ALA B 177 19.70 20.22 76.47
CA ALA B 177 20.89 19.66 77.09
C ALA B 177 22.00 20.71 77.19
N VAL B 178 22.19 21.49 76.13
CA VAL B 178 23.21 22.54 76.16
C VAL B 178 22.83 23.62 77.18
N ARG B 179 21.54 23.90 77.30
CA ARG B 179 21.08 24.86 78.30
C ARG B 179 21.41 24.40 79.72
N GLN B 180 21.38 23.09 79.96
CA GLN B 180 21.69 22.58 81.30
C GLN B 180 23.14 22.84 81.67
N LEU B 181 24.06 22.72 80.72
CA LEU B 181 25.47 22.95 81.02
C LEU B 181 25.71 24.38 81.48
N ARG B 182 25.09 25.35 80.79
CA ARG B 182 25.25 26.75 81.18
C ARG B 182 24.54 27.08 82.48
N ILE B 183 23.66 26.20 82.95
CA ILE B 183 22.97 26.40 84.22
C ILE B 183 23.64 25.62 85.35
N GLN B 184 24.10 24.40 85.06
CA GLN B 184 24.79 23.61 86.09
C GLN B 184 26.03 24.34 86.58
N SER B 185 26.82 24.89 85.66
CA SER B 185 27.81 25.87 86.02
C SER B 185 27.17 27.26 86.00
N GLN B 186 27.71 28.17 86.82
CA GLN B 186 27.14 29.51 86.94
C GLN B 186 27.68 30.41 85.83
N ASP B 187 27.33 30.05 84.60
CA ASP B 187 27.73 30.79 83.40
C ASP B 187 29.25 30.92 83.29
N GLN B 188 29.98 29.96 83.84
CA GLN B 188 31.44 30.00 83.76
C GLN B 188 31.95 29.59 82.39
N ILE B 189 31.24 28.70 81.70
CA ILE B 189 31.66 28.21 80.39
C ILE B 189 30.56 28.54 79.38
N ASP B 190 30.97 29.10 78.24
CA ASP B 190 30.04 29.35 77.14
C ASP B 190 30.19 28.25 76.11
N PRO B 191 29.15 27.44 75.85
CA PRO B 191 29.33 26.23 75.04
C PRO B 191 29.79 26.50 73.62
N LYS B 192 29.64 27.74 73.13
CA LYS B 192 30.03 28.03 71.75
C LYS B 192 31.53 27.91 71.52
N ALA B 193 32.34 28.00 72.57
CA ALA B 193 33.80 27.99 72.43
C ALA B 193 34.45 27.16 73.54
N GLU B 194 33.93 25.96 73.79
CA GLU B 194 34.49 25.09 74.82
C GLU B 194 34.90 23.70 74.33
N LYS B 195 34.60 23.34 73.09
CA LYS B 195 34.99 22.05 72.52
C LYS B 195 34.44 20.89 73.33
N ILE B 196 33.11 20.81 73.34
CA ILE B 196 32.40 19.79 74.09
C ILE B 196 32.12 18.60 73.19
N THR B 197 31.80 17.46 73.80
CA THR B 197 31.65 16.20 73.09
C THR B 197 30.27 15.61 73.36
N LEU B 198 29.65 15.08 72.29
CA LEU B 198 28.36 14.42 72.37
C LEU B 198 28.56 12.92 72.19
N ALA B 199 28.02 12.13 73.12
CA ALA B 199 28.21 10.69 73.11
C ALA B 199 27.20 9.98 72.23
N LEU B 200 25.91 10.21 72.48
CA LEU B 200 24.82 9.66 71.67
C LEU B 200 24.89 8.14 71.62
N ALA B 201 24.12 7.52 70.73
CA ALA B 201 24.08 6.06 70.63
C ALA B 201 24.04 5.66 69.17
N THR B 202 24.43 4.41 68.90
CA THR B 202 24.45 3.92 67.52
C THR B 202 23.05 3.88 66.92
N SER B 203 22.06 3.43 67.70
CA SER B 203 20.70 3.29 67.18
C SER B 203 20.01 4.64 67.01
N LYS B 204 20.59 5.72 67.50
CA LYS B 204 19.99 7.05 67.40
C LYS B 204 20.87 8.04 66.66
N VAL B 205 22.01 7.60 66.11
CA VAL B 205 22.90 8.51 65.42
C VAL B 205 22.40 8.85 64.02
N ASP B 206 21.53 8.04 63.44
CA ASP B 206 21.00 8.30 62.11
C ASP B 206 19.80 9.23 62.12
N TYR B 207 19.35 9.68 63.29
CA TYR B 207 18.26 10.65 63.39
C TYR B 207 18.75 12.09 63.24
N LEU B 208 20.05 12.29 63.02
CA LEU B 208 20.60 13.62 62.81
C LEU B 208 20.44 14.10 61.37
N SER B 209 19.84 13.29 60.50
CA SER B 209 19.65 13.65 59.10
C SER B 209 18.22 14.08 58.81
N VAL B 210 17.40 14.32 59.83
CA VAL B 210 16.04 14.80 59.61
C VAL B 210 16.09 16.19 58.99
N THR B 211 15.32 16.38 57.92
CA THR B 211 15.36 17.61 57.14
C THR B 211 13.99 18.27 57.10
N THR B 212 14.01 19.58 56.93
CA THR B 212 12.81 20.37 56.72
C THR B 212 12.42 20.33 55.24
N PRO B 213 11.19 20.73 54.90
CA PRO B 213 10.81 20.79 53.49
C PRO B 213 11.67 21.74 52.66
N TYR B 214 12.39 22.66 53.29
CA TYR B 214 13.28 23.58 52.59
C TYR B 214 14.72 23.08 52.49
N GLY B 215 15.00 21.87 52.97
CA GLY B 215 16.31 21.27 52.83
C GLY B 215 17.26 21.47 54.00
N ILE B 216 16.80 22.09 55.09
CA ILE B 216 17.67 22.30 56.25
C ILE B 216 17.61 21.09 57.14
N SER B 217 18.77 20.55 57.49
CA SER B 217 18.89 19.34 58.29
C SER B 217 19.37 19.66 59.70
N VAL B 218 19.30 18.65 60.56
CA VAL B 218 19.74 18.81 61.95
C VAL B 218 21.25 19.03 62.01
N SER B 219 22.00 18.34 61.14
CA SER B 219 23.45 18.47 61.15
C SER B 219 23.90 19.87 60.79
N ASP B 220 23.17 20.55 59.90
CA ASP B 220 23.51 21.92 59.55
C ASP B 220 23.36 22.86 60.73
N TRP B 221 22.29 22.67 61.52
CA TRP B 221 22.07 23.53 62.67
C TRP B 221 23.17 23.36 63.72
N ILE B 222 23.60 22.12 63.95
CA ILE B 222 24.62 21.86 64.96
C ILE B 222 25.95 22.49 64.55
N GLU B 223 26.34 22.34 63.29
CA GLU B 223 27.66 22.80 62.85
C GLU B 223 27.78 24.32 62.96
N GLN B 224 26.74 25.05 62.56
CA GLN B 224 26.82 26.51 62.57
C GLN B 224 26.77 27.06 63.99
N THR B 225 25.86 26.55 64.82
CA THR B 225 25.71 27.08 66.17
C THR B 225 26.82 26.61 67.10
N TYR B 226 27.28 25.36 66.95
CA TYR B 226 28.31 24.78 67.81
C TYR B 226 29.41 24.21 66.91
N PRO B 227 30.30 25.06 66.39
CA PRO B 227 31.37 24.56 65.51
C PRO B 227 32.30 23.58 66.19
N LYS B 228 32.53 23.73 67.49
CA LYS B 228 33.48 22.89 68.22
C LYS B 228 32.88 21.57 68.70
N MET B 229 31.59 21.34 68.44
CA MET B 229 30.96 20.09 68.85
C MET B 229 31.56 18.92 68.09
N ARG B 230 31.75 17.80 68.81
CA ARG B 230 32.24 16.56 68.22
C ARG B 230 31.23 15.46 68.52
N ILE B 231 30.88 14.69 67.48
CA ILE B 231 29.85 13.66 67.57
C ILE B 231 30.51 12.29 67.51
N VAL B 232 30.19 11.45 68.49
CA VAL B 232 30.69 10.07 68.55
C VAL B 232 29.46 9.16 68.64
N SER B 233 29.69 7.87 68.45
CA SER B 233 28.64 6.88 68.62
C SER B 233 29.26 5.57 69.09
N ALA B 234 28.59 4.91 70.03
CA ALA B 234 29.06 3.64 70.57
C ALA B 234 27.88 2.70 70.76
N PRO B 235 28.06 1.41 70.46
CA PRO B 235 26.97 0.45 70.65
C PRO B 235 26.62 0.18 72.10
N GLU B 236 27.52 0.47 73.04
CA GLU B 236 27.27 0.16 74.44
C GLU B 236 26.16 1.01 75.04
N LEU B 237 25.82 2.14 74.41
CA LEU B 237 24.78 3.02 74.92
C LEU B 237 23.40 2.70 74.39
N SER B 238 23.27 1.66 73.55
CA SER B 238 21.95 1.26 73.07
C SER B 238 21.12 0.68 74.20
N GLY B 239 21.68 -0.23 74.99
CA GLY B 239 21.01 -0.75 76.16
C GLY B 239 21.74 -0.37 77.43
N VAL B 240 21.15 0.50 78.23
CA VAL B 240 21.83 1.03 79.41
C VAL B 240 21.11 0.60 80.67
N GLN B 241 19.82 0.92 80.79
CA GLN B 241 19.06 0.63 81.98
C GLN B 241 17.83 -0.25 81.75
N MET B 242 17.31 -0.30 80.52
CA MET B 242 16.19 -1.16 80.15
C MET B 242 14.89 -0.71 80.81
N LYS B 243 13.76 -0.98 80.15
CA LYS B 243 12.43 -0.65 80.63
C LYS B 243 11.68 -1.96 80.86
N ASN B 244 10.37 -1.85 81.08
CA ASN B 244 9.55 -3.03 81.39
C ASN B 244 9.79 -4.16 80.39
N GLN B 245 9.78 -3.84 79.09
CA GLN B 245 10.09 -4.84 78.08
C GLN B 245 10.95 -4.31 76.95
N GLU B 246 11.47 -3.09 77.03
CA GLU B 246 12.25 -2.52 75.94
C GLU B 246 13.50 -1.85 76.48
N PRO B 247 14.59 -1.88 75.70
CA PRO B 247 15.77 -1.10 76.08
C PRO B 247 15.59 0.37 75.76
N GLU B 248 16.47 1.20 76.33
CA GLU B 248 16.44 2.63 76.11
C GLU B 248 17.84 3.14 75.79
N ASP B 249 17.92 4.07 74.85
CA ASP B 249 19.18 4.62 74.38
C ASP B 249 19.54 5.85 75.22
N ALA B 250 20.83 6.01 75.48
CA ALA B 250 21.32 7.08 76.35
C ALA B 250 22.07 8.13 75.54
N LEU B 251 21.94 9.38 75.99
CA LEU B 251 22.66 10.52 75.41
C LEU B 251 23.47 11.19 76.51
N VAL B 252 24.77 11.39 76.26
CA VAL B 252 25.68 12.00 77.23
C VAL B 252 26.41 13.15 76.56
N LEU B 253 26.40 14.31 77.21
CA LEU B 253 27.11 15.49 76.73
C LEU B 253 28.01 16.01 77.84
N PHE B 254 29.27 16.25 77.52
CA PHE B 254 30.24 16.69 78.52
C PHE B 254 31.31 17.55 77.86
N VAL B 255 32.02 18.29 78.70
CA VAL B 255 33.09 19.18 78.25
C VAL B 255 34.40 18.42 78.23
N GLU B 256 35.17 18.59 77.15
CA GLU B 256 36.43 17.88 77.01
C GLU B 256 37.43 18.31 78.08
N ASP B 257 37.66 19.61 78.23
CA ASP B 257 38.67 20.12 79.15
C ASP B 257 38.18 21.43 79.76
N VAL B 258 38.70 21.75 80.93
CA VAL B 258 38.38 22.98 81.64
C VAL B 258 39.66 23.80 81.75
N ASN B 259 39.59 25.06 81.30
CA ASN B 259 40.75 25.93 81.33
C ASN B 259 41.14 26.25 82.77
N ALA B 260 42.45 26.34 83.01
CA ALA B 260 42.95 26.65 84.34
C ALA B 260 42.67 28.09 84.75
N ALA B 261 42.29 28.95 83.80
CA ALA B 261 41.95 30.33 84.14
C ALA B 261 40.67 30.38 84.98
N VAL B 262 39.69 29.55 84.65
CA VAL B 262 38.40 29.60 85.33
C VAL B 262 38.55 29.18 86.80
N ASP B 263 39.23 28.05 87.03
CA ASP B 263 39.44 27.55 88.38
C ASP B 263 40.92 27.31 88.61
N GLY B 264 41.39 27.68 89.79
CA GLY B 264 42.81 27.65 90.10
C GLY B 264 43.44 26.27 90.23
N SER B 265 42.73 25.24 89.78
CA SER B 265 43.25 23.88 89.89
C SER B 265 44.56 23.74 89.12
N THR B 266 45.54 23.11 89.75
CA THR B 266 46.87 23.00 89.15
C THR B 266 46.91 22.00 88.00
N ASP B 267 46.17 20.90 88.09
CA ASP B 267 46.16 19.91 87.04
C ASP B 267 45.37 20.42 85.84
N GLY B 268 45.41 19.65 84.75
CA GLY B 268 44.66 19.96 83.57
C GLY B 268 43.17 19.72 83.77
N GLY B 269 42.40 20.00 82.71
CA GLY B 269 40.97 19.82 82.79
C GLY B 269 40.58 18.38 83.05
N SER B 270 40.80 17.52 82.06
CA SER B 270 40.62 16.08 82.18
C SER B 270 39.32 15.72 82.89
N VAL B 271 38.20 16.10 82.28
CA VAL B 271 36.91 15.76 82.86
C VAL B 271 36.72 14.25 82.88
N PHE B 272 37.07 13.58 81.79
CA PHE B 272 37.06 12.13 81.70
C PHE B 272 38.43 11.64 81.27
N SER B 273 38.88 10.54 81.87
CA SER B 273 40.17 9.95 81.53
C SER B 273 40.10 8.45 81.77
N GLN B 274 40.89 7.71 81.00
CA GLN B 274 40.98 6.27 81.10
C GLN B 274 42.37 5.89 81.58
N LEU B 275 42.44 5.06 82.62
CA LEU B 275 43.70 4.69 83.25
C LEU B 275 44.08 3.28 82.81
N VAL B 276 45.10 3.16 81.96
CA VAL B 276 45.57 1.88 81.45
C VAL B 276 47.05 1.76 81.78
N GLN B 277 47.40 0.73 82.53
CA GLN B 277 48.81 0.52 82.89
C GLN B 277 49.60 -0.04 81.70
N SER B 278 49.02 -0.99 80.97
CA SER B 278 49.68 -1.57 79.82
C SER B 278 48.64 -2.24 78.94
N LYS B 279 48.94 -2.34 77.64
CA LYS B 279 48.04 -2.92 76.67
C LYS B 279 48.39 -4.35 76.29
N PHE B 280 49.68 -4.70 76.29
CA PHE B 280 50.10 -6.03 75.85
C PHE B 280 51.45 -6.35 76.47
N ILE B 281 51.51 -7.45 77.23
CA ILE B 281 52.74 -7.93 77.84
C ILE B 281 52.90 -9.41 77.54
N THR B 282 54.12 -9.81 77.20
CA THR B 282 54.44 -11.20 76.93
C THR B 282 55.12 -11.78 78.17
N LEU B 283 54.40 -12.64 78.88
CA LEU B 283 54.92 -13.19 80.13
C LEU B 283 56.08 -14.14 79.87
N GLY B 284 55.92 -15.07 78.95
CA GLY B 284 56.97 -16.03 78.65
C GLY B 284 56.49 -17.10 77.72
N VAL B 285 57.43 -17.93 77.28
CA VAL B 285 57.17 -19.03 76.37
C VAL B 285 57.79 -20.29 76.95
N GLU B 286 57.00 -21.37 77.00
CA GLU B 286 57.47 -22.67 77.46
C GLU B 286 57.33 -23.68 76.34
N LYS B 287 58.38 -24.47 76.12
CA LYS B 287 58.42 -25.44 75.03
C LYS B 287 58.59 -26.84 75.60
N ARG B 288 57.83 -27.79 75.04
CA ARG B 288 57.86 -29.18 75.45
C ARG B 288 58.31 -30.05 74.28
N ALA B 289 58.23 -31.37 74.46
CA ALA B 289 58.70 -32.29 73.44
C ALA B 289 57.88 -32.18 72.16
N LYS B 290 56.55 -32.08 72.28
CA LYS B 290 55.67 -32.06 71.13
C LYS B 290 54.79 -30.81 71.05
N SER B 291 54.86 -29.92 72.02
CA SER B 291 54.00 -28.74 72.03
C SER B 291 54.70 -27.62 72.77
N TYR B 292 54.16 -26.40 72.61
CA TYR B 292 54.67 -25.24 73.32
C TYR B 292 53.50 -24.37 73.75
N VAL B 293 53.72 -23.59 74.80
CA VAL B 293 52.70 -22.74 75.40
C VAL B 293 53.22 -21.32 75.50
N GLU B 294 52.36 -20.35 75.21
CA GLU B 294 52.68 -18.94 75.35
C GLU B 294 51.62 -18.27 76.21
N ASP B 295 52.00 -17.17 76.85
CA ASP B 295 51.11 -16.45 77.74
C ASP B 295 51.23 -14.94 77.51
N PHE B 296 50.13 -14.24 77.78
CA PHE B 296 50.07 -12.79 77.60
C PHE B 296 49.26 -12.20 78.75
N SER B 297 49.42 -10.89 78.95
CA SER B 297 48.75 -10.21 80.05
C SER B 297 48.58 -8.74 79.71
N ASN B 298 47.73 -8.07 80.50
CA ASN B 298 47.47 -6.64 80.35
C ASN B 298 46.92 -6.12 81.67
N GLY B 299 46.81 -4.81 81.77
CA GLY B 299 46.33 -4.18 82.99
C GLY B 299 45.59 -2.91 82.70
N THR B 300 44.62 -2.60 83.55
CA THR B 300 43.82 -1.39 83.42
C THR B 300 43.20 -1.07 84.78
N ALA B 301 42.71 0.16 84.91
CA ALA B 301 42.12 0.62 86.16
C ALA B 301 40.74 1.23 86.01
N GLY B 302 40.26 1.44 84.79
CA GLY B 302 38.92 1.98 84.60
C GLY B 302 38.91 3.44 84.17
N ALA B 303 37.81 4.14 84.48
CA ALA B 303 37.63 5.53 84.10
C ALA B 303 37.41 6.39 85.34
N LEU B 304 37.83 7.64 85.25
CA LEU B 304 37.74 8.59 86.34
C LEU B 304 37.01 9.84 85.89
N CYS B 305 36.13 10.36 86.74
CA CYS B 305 35.37 11.57 86.48
C CYS B 305 35.80 12.62 87.50
N LYS B 306 36.70 13.51 87.08
CA LYS B 306 37.23 14.53 88.00
C LYS B 306 36.21 15.63 88.28
N ARG B 307 35.48 16.06 87.24
CA ARG B 307 34.54 17.18 87.35
C ARG B 307 33.15 16.69 86.96
N PRO B 308 32.34 16.26 87.93
CA PRO B 308 31.00 15.74 87.61
C PRO B 308 29.96 16.80 87.32
N TRP B 309 30.28 18.09 87.47
CA TRP B 309 29.32 19.15 87.21
C TRP B 309 29.28 19.58 85.75
N ALA B 310 30.14 19.00 84.90
CA ALA B 310 30.18 19.31 83.48
C ALA B 310 29.68 18.15 82.64
N VAL B 311 28.78 17.33 83.19
CA VAL B 311 28.25 16.15 82.52
C VAL B 311 26.73 16.19 82.62
N VAL B 312 26.06 15.94 81.50
CA VAL B 312 24.61 15.84 81.44
C VAL B 312 24.24 14.54 80.74
N ARG B 313 23.30 13.79 81.32
CA ARG B 313 22.89 12.50 80.80
C ARG B 313 21.38 12.43 80.70
N TYR B 314 20.90 11.65 79.73
CA TYR B 314 19.46 11.44 79.53
C TYR B 314 19.22 9.96 79.32
N LEU B 315 18.38 9.37 80.18
CA LEU B 315 18.08 7.94 80.07
C LEU B 315 17.38 7.62 78.75
N GLY B 316 16.42 8.43 78.36
CA GLY B 316 15.81 8.28 77.06
C GLY B 316 16.67 8.86 75.97
N ILE B 317 16.22 8.67 74.73
CA ILE B 317 16.89 9.22 73.55
C ILE B 317 18.30 8.67 73.41
N ASN C 1 56.47 -29.97 116.43
CA ASN C 1 57.31 -30.69 115.49
C ASN C 1 57.56 -29.84 114.24
N PHE C 2 57.34 -28.54 114.36
CA PHE C 2 57.50 -27.62 113.25
C PHE C 2 58.21 -26.33 113.66
N THR C 3 58.92 -26.35 114.79
CA THR C 3 59.68 -25.21 115.30
C THR C 3 58.71 -24.05 115.57
N ALA C 4 59.22 -22.87 115.91
CA ALA C 4 58.38 -21.71 116.18
C ALA C 4 59.01 -20.49 115.52
N PRO C 5 58.30 -19.80 114.62
CA PRO C 5 58.86 -18.60 114.00
C PRO C 5 59.03 -17.48 115.01
N VAL C 6 60.03 -16.64 114.79
CA VAL C 6 60.28 -15.51 115.68
C VAL C 6 59.43 -14.30 115.31
N THR C 7 58.83 -14.28 114.12
CA THR C 7 57.98 -13.19 113.68
C THR C 7 56.62 -13.73 113.25
N THR C 8 55.59 -12.94 113.50
CA THR C 8 54.24 -13.35 113.10
C THR C 8 54.10 -13.26 111.59
N PRO C 9 53.56 -14.29 110.94
CA PRO C 9 53.37 -14.23 109.48
C PRO C 9 52.44 -13.10 109.09
N SER C 10 52.78 -12.44 107.98
CA SER C 10 51.99 -11.33 107.47
C SER C 10 52.33 -11.08 106.01
N ILE C 11 51.47 -10.34 105.34
CA ILE C 11 51.75 -9.95 103.95
C ILE C 11 52.92 -8.96 103.94
N PRO C 12 53.97 -9.20 103.16
CA PRO C 12 55.19 -8.40 103.28
C PRO C 12 55.04 -6.95 102.84
N THR C 13 54.52 -6.71 101.64
CA THR C 13 54.57 -5.38 101.05
C THR C 13 53.45 -4.51 101.61
N PRO C 14 53.76 -3.38 102.25
CA PRO C 14 52.70 -2.49 102.73
C PRO C 14 52.02 -1.76 101.59
N ILE C 15 50.78 -1.33 101.86
CA ILE C 15 50.01 -0.58 100.87
C ILE C 15 50.48 0.86 100.74
N GLN C 16 51.39 1.31 101.60
CA GLN C 16 51.92 2.66 101.49
C GLN C 16 52.61 2.87 100.15
N PHE C 17 53.41 1.90 99.72
CA PHE C 17 53.98 1.89 98.38
C PHE C 17 52.97 1.26 97.42
N LEU C 18 53.42 0.97 96.20
CA LEU C 18 52.56 0.43 95.14
C LEU C 18 51.39 1.36 94.85
N GLN C 19 51.59 2.66 95.03
CA GLN C 19 50.58 3.67 94.77
C GLN C 19 51.15 4.75 93.85
N THR C 20 50.34 5.18 92.89
CA THR C 20 50.71 6.25 91.98
C THR C 20 49.79 7.44 92.23
N TRP C 21 50.38 8.61 92.44
CA TRP C 21 49.63 9.83 92.76
C TRP C 21 49.59 10.74 91.55
N LEU C 22 48.39 11.19 91.20
CA LEU C 22 48.23 12.12 90.10
C LEU C 22 48.84 13.47 90.46
N PRO C 23 49.35 14.22 89.47
CA PRO C 23 50.18 15.39 89.78
C PRO C 23 49.49 16.51 90.55
N GLY C 24 48.38 17.03 90.04
CA GLY C 24 47.79 18.26 90.53
C GLY C 24 46.60 18.04 91.45
N PHE C 25 46.10 19.15 91.97
CA PHE C 25 44.92 19.20 92.81
C PHE C 25 43.73 19.75 92.03
N VAL C 26 42.54 19.55 92.57
CA VAL C 26 41.30 20.06 91.99
C VAL C 26 40.67 21.02 92.99
N LYS C 27 40.29 22.20 92.51
CA LYS C 27 39.75 23.26 93.34
C LYS C 27 38.31 23.56 92.93
N VAL C 28 37.48 23.88 93.94
CA VAL C 28 36.10 24.24 93.67
C VAL C 28 36.04 25.52 92.85
N MET C 29 35.03 25.61 91.98
CA MET C 29 34.94 26.67 90.99
C MET C 29 34.03 27.82 91.40
N THR C 30 32.94 27.53 92.13
CA THR C 30 31.90 28.46 92.58
C THR C 30 31.37 29.32 91.43
N ALA C 31 30.59 30.34 91.74
CA ALA C 31 29.90 31.12 90.74
C ALA C 31 30.83 32.14 90.07
N ALA C 32 30.31 32.80 89.06
CA ALA C 32 31.04 33.81 88.30
C ALA C 32 30.57 35.21 88.67
N ARG C 33 31.43 36.19 88.43
CA ARG C 33 31.17 37.59 88.76
C ARG C 33 31.33 38.41 87.48
N LYS C 34 30.22 38.98 86.99
CA LYS C 34 30.23 39.70 85.72
C LYS C 34 29.63 41.10 85.85
N ILE C 35 29.68 41.70 87.05
CA ILE C 35 29.16 43.06 87.21
C ILE C 35 30.04 44.06 86.47
N ASP C 36 31.35 43.83 86.42
CA ASP C 36 32.24 44.76 85.75
C ASP C 36 32.01 44.79 84.25
N GLU C 37 31.66 43.64 83.66
CA GLU C 37 31.47 43.58 82.21
C GLU C 37 30.22 44.34 81.79
N ILE C 38 29.14 44.26 82.57
CA ILE C 38 27.87 44.82 82.14
C ILE C 38 27.92 46.35 82.09
N ILE C 39 28.43 46.97 83.16
CA ILE C 39 28.35 48.42 83.28
C ILE C 39 29.71 49.09 83.42
N GLY C 40 30.77 48.36 83.78
CA GLY C 40 32.07 48.98 83.97
C GLY C 40 32.30 49.40 85.40
N ILE C 41 33.48 49.99 85.63
CA ILE C 41 33.92 50.40 86.96
C ILE C 41 34.76 51.66 86.83
N ASP C 42 34.61 52.56 87.80
CA ASP C 42 35.44 53.75 87.88
C ASP C 42 35.56 54.18 89.33
N THR C 43 36.72 54.72 89.69
CA THR C 43 36.99 55.15 91.06
C THR C 43 36.69 56.64 91.18
N VAL C 44 35.89 57.00 92.18
CA VAL C 44 35.48 58.39 92.36
C VAL C 44 35.96 58.91 93.71
N GLY C 45 35.50 58.29 94.78
CA GLY C 45 35.79 58.73 96.13
C GLY C 45 37.04 58.11 96.71
N SER C 46 37.11 58.12 98.04
CA SER C 46 38.23 57.56 98.77
C SER C 46 37.71 56.79 99.96
N TRP C 47 38.56 55.93 100.52
CA TRP C 47 38.19 55.16 101.68
C TRP C 47 37.95 56.08 102.87
N GLU C 48 37.01 55.68 103.74
CA GLU C 48 36.56 56.51 104.86
C GLU C 48 35.89 57.79 104.37
N ASP C 49 35.08 57.69 103.33
CA ASP C 49 34.20 58.76 102.88
C ASP C 49 32.75 58.34 103.08
N GLN C 50 31.83 59.28 102.86
CA GLN C 50 30.43 59.04 103.21
C GLN C 50 29.49 59.11 102.00
N GLU C 51 29.53 60.20 101.23
CA GLU C 51 28.45 60.49 100.27
C GLU C 51 29.02 60.87 98.91
N ILE C 52 28.16 60.76 97.90
CA ILE C 52 28.46 61.17 96.53
C ILE C 52 27.23 61.90 95.99
N VAL C 53 27.44 63.03 95.32
CA VAL C 53 26.36 63.94 94.97
C VAL C 53 26.37 64.20 93.46
N GLN C 54 25.17 64.44 92.92
CA GLN C 54 24.96 64.77 91.51
C GLN C 54 23.70 65.61 91.40
N GLY C 55 23.64 66.47 90.38
CA GLY C 55 22.55 67.42 90.25
C GLY C 55 22.15 67.66 88.80
N ILE C 56 21.02 68.36 88.64
CA ILE C 56 20.46 68.72 87.35
C ILE C 56 20.09 70.20 87.36
N VAL C 57 19.73 70.73 86.17
CA VAL C 57 19.66 72.18 86.00
C VAL C 57 18.27 72.67 85.59
N GLU C 58 17.50 71.84 84.88
CA GLU C 58 16.11 72.12 84.50
C GLU C 58 15.86 73.54 83.98
N PRO C 59 16.25 73.87 82.75
CA PRO C 59 15.94 75.21 82.21
C PRO C 59 14.45 75.35 81.91
N ALA C 60 14.03 76.60 81.66
CA ALA C 60 12.64 76.90 81.38
C ALA C 60 12.54 78.26 80.68
N GLY C 61 11.40 78.50 80.06
CA GLY C 61 11.12 79.75 79.38
C GLY C 61 10.24 79.55 78.16
N THR C 62 9.53 80.61 77.79
CA THR C 62 8.65 80.59 76.63
C THR C 62 8.60 81.98 76.01
N ALA C 63 8.23 82.02 74.73
CA ALA C 63 8.27 83.24 73.93
C ALA C 63 6.86 83.79 73.70
N VAL C 64 6.81 84.96 73.06
CA VAL C 64 5.57 85.67 72.77
C VAL C 64 5.78 86.48 71.50
N GLU C 65 4.69 86.96 70.91
CA GLU C 65 4.75 87.75 69.69
C GLU C 65 5.37 89.12 69.95
N TYR C 66 5.94 89.71 68.90
CA TYR C 66 6.70 90.94 69.01
C TYR C 66 5.80 92.17 68.95
N GLY C 67 6.21 93.20 69.66
CA GLY C 67 5.54 94.49 69.60
C GLY C 67 6.49 95.59 70.03
N ASP C 68 6.28 96.79 69.47
CA ASP C 68 7.18 97.90 69.77
C ASP C 68 7.09 98.31 71.23
N HIS C 69 5.88 98.41 71.78
CA HIS C 69 5.68 98.87 73.14
C HIS C 69 5.18 97.77 74.07
N THR C 70 5.29 96.51 73.66
CA THR C 70 4.82 95.41 74.49
C THR C 70 5.88 95.04 75.53
N ASN C 71 5.47 94.21 76.49
CA ASN C 71 6.34 93.78 77.57
C ASN C 71 7.33 92.72 77.08
N ILE C 72 8.33 92.46 77.89
CA ILE C 72 9.43 91.56 77.56
C ILE C 72 9.32 90.31 78.44
N PRO C 73 9.19 89.12 77.87
CA PRO C 73 9.18 87.90 78.68
C PRO C 73 10.58 87.53 79.15
N LEU C 74 10.63 86.67 80.17
CA LEU C 74 11.86 86.30 80.83
C LEU C 74 11.97 84.78 80.95
N THR C 75 13.15 84.32 81.35
CA THR C 75 13.45 82.90 81.50
C THR C 75 14.14 82.66 82.84
N SER C 76 14.12 81.41 83.28
CA SER C 76 14.69 81.05 84.59
C SER C 76 15.11 79.58 84.56
N TRP C 77 15.46 79.05 85.72
CA TRP C 77 15.92 77.67 85.86
C TRP C 77 15.78 77.25 87.32
N ASN C 78 15.98 75.95 87.56
CA ASN C 78 15.82 75.39 88.90
C ASN C 78 16.64 74.11 89.03
N ALA C 79 17.36 73.97 90.14
CA ALA C 79 18.29 72.87 90.32
C ALA C 79 17.82 71.92 91.43
N ASN C 80 18.40 70.72 91.43
CA ASN C 80 18.10 69.70 92.42
C ASN C 80 19.34 68.82 92.56
N PHE C 81 19.38 68.04 93.65
CA PHE C 81 20.55 67.22 93.96
C PHE C 81 20.10 65.86 94.49
N GLU C 82 21.03 64.90 94.44
CA GLU C 82 20.80 63.54 94.93
C GLU C 82 22.10 63.03 95.53
N ARG C 83 21.98 62.12 96.51
CA ARG C 83 23.13 61.61 97.25
C ARG C 83 23.05 60.10 97.39
N ARG C 84 24.22 59.49 97.62
CA ARG C 84 24.35 58.05 97.84
C ARG C 84 25.24 57.80 99.05
N THR C 85 25.52 56.53 99.31
CA THR C 85 26.22 56.12 100.52
C THR C 85 27.31 55.09 100.18
N ILE C 86 28.34 55.04 101.03
CA ILE C 86 29.51 54.19 100.83
C ILE C 86 29.50 53.09 101.88
N VAL C 87 29.82 51.87 101.44
CA VAL C 87 29.85 50.69 102.32
C VAL C 87 31.26 50.11 102.33
N ARG C 88 31.64 49.51 103.45
CA ARG C 88 32.95 48.91 103.62
C ARG C 88 32.82 47.51 104.21
N GLY C 89 33.81 46.67 103.93
CA GLY C 89 33.84 45.32 104.45
C GLY C 89 35.26 44.89 104.75
N GLU C 90 35.40 43.82 105.52
CA GLU C 90 36.71 43.33 105.93
C GLU C 90 36.69 41.81 106.04
N LEU C 91 37.90 41.24 105.99
CA LEU C 91 38.10 39.80 106.08
C LEU C 91 39.58 39.54 106.35
N GLY C 92 39.86 38.55 107.19
CA GLY C 92 41.24 38.29 107.60
C GLY C 92 41.67 36.84 107.52
N MET C 93 42.82 36.53 108.11
CA MET C 93 43.42 35.21 108.02
C MET C 93 44.35 34.99 109.20
N MET C 94 44.63 33.73 109.49
CA MET C 94 45.49 33.35 110.60
C MET C 94 46.16 32.01 110.28
N VAL C 95 47.45 31.90 110.57
CA VAL C 95 48.23 30.70 110.34
C VAL C 95 48.99 30.33 111.61
N GLY C 96 48.95 29.06 111.98
CA GLY C 96 49.71 28.55 113.11
C GLY C 96 51.08 28.04 112.69
N THR C 97 51.95 27.86 113.69
CA THR C 97 53.33 27.46 113.40
C THR C 97 53.39 26.02 112.91
N LEU C 98 52.74 25.10 113.61
CA LEU C 98 52.78 23.69 113.23
C LEU C 98 51.91 23.40 112.02
N GLU C 99 50.86 24.19 111.82
CA GLU C 99 49.99 23.99 110.66
C GLU C 99 50.73 24.19 109.36
N GLU C 100 51.61 25.20 109.30
CA GLU C 100 52.37 25.47 108.08
C GLU C 100 53.28 24.30 107.72
N GLY C 101 53.94 23.72 108.72
CA GLY C 101 54.85 22.61 108.45
C GLY C 101 54.13 21.38 107.92
N ARG C 102 52.99 21.05 108.52
CA ARG C 102 52.22 19.89 108.06
C ARG C 102 51.61 20.13 106.69
N ALA C 103 51.24 21.37 106.38
CA ALA C 103 50.64 21.66 105.08
C ALA C 103 51.61 21.42 103.94
N SER C 104 52.89 21.77 104.13
CA SER C 104 53.89 21.56 103.09
C SER C 104 54.17 20.09 102.83
N ALA C 105 53.76 19.19 103.72
CA ALA C 105 53.98 17.77 103.49
C ALA C 105 53.19 17.28 102.28
N ILE C 106 52.05 17.90 101.99
CA ILE C 106 51.25 17.53 100.83
C ILE C 106 51.42 18.54 99.69
N ARG C 107 52.54 19.27 99.68
CA ARG C 107 52.85 20.23 98.62
C ARG C 107 51.75 21.28 98.47
N LEU C 108 51.26 21.78 99.60
CA LEU C 108 50.23 22.82 99.63
C LEU C 108 50.72 23.96 100.50
N ASN C 109 50.51 25.19 100.04
CA ASN C 109 50.92 26.39 100.78
C ASN C 109 49.71 26.90 101.57
N SER C 110 49.71 26.66 102.87
CA SER C 110 48.58 27.08 103.70
C SER C 110 48.45 28.59 103.76
N ALA C 111 49.57 29.30 103.88
CA ALA C 111 49.51 30.76 103.99
C ALA C 111 48.99 31.39 102.70
N GLU C 112 49.42 30.89 101.55
CA GLU C 112 48.98 31.46 100.29
C GLU C 112 47.52 31.13 99.99
N THR C 113 47.09 29.93 100.34
CA THR C 113 45.71 29.53 100.08
C THR C 113 44.72 30.40 100.85
N LYS C 114 45.01 30.67 102.12
CA LYS C 114 44.12 31.51 102.92
C LYS C 114 44.15 32.95 102.44
N ARG C 115 45.31 33.44 102.00
CA ARG C 115 45.41 34.83 101.55
C ARG C 115 44.59 35.06 100.29
N GLN C 116 44.58 34.10 99.36
CA GLN C 116 43.81 34.26 98.14
C GLN C 116 42.31 34.31 98.44
N GLN C 117 41.85 33.50 99.40
CA GLN C 117 40.43 33.48 99.74
C GLN C 117 39.95 34.82 100.26
N ALA C 118 40.83 35.57 100.95
CA ALA C 118 40.45 36.89 101.43
C ALA C 118 40.15 37.83 100.27
N ALA C 119 40.98 37.79 99.22
CA ALA C 119 40.73 38.64 98.06
C ALA C 119 39.46 38.21 97.33
N ILE C 120 39.24 36.90 97.18
CA ILE C 120 38.04 36.42 96.49
C ILE C 120 36.79 36.71 97.31
N GLY C 121 36.88 36.59 98.64
CA GLY C 121 35.73 36.87 99.48
C GLY C 121 35.26 38.30 99.38
N LEU C 122 36.20 39.25 99.33
CA LEU C 122 35.83 40.64 99.15
C LEU C 122 35.28 40.91 97.76
N GLU C 123 35.79 40.19 96.75
CA GLU C 123 35.27 40.34 95.40
C GLU C 123 33.82 39.91 95.32
N THR C 124 33.46 38.82 95.99
CA THR C 124 32.07 38.39 96.02
C THR C 124 31.18 39.43 96.69
N PHE C 125 31.66 40.03 97.77
CA PHE C 125 30.88 41.06 98.46
C PHE C 125 30.64 42.26 97.56
N ARG C 126 31.66 42.69 96.82
CA ARG C 126 31.50 43.83 95.91
C ARG C 126 30.53 43.51 94.79
N ASN C 127 30.59 42.29 94.24
CA ASN C 127 29.67 41.93 93.16
C ASN C 127 28.22 41.93 93.63
N ALA C 128 27.97 41.39 94.82
CA ALA C 128 26.60 41.32 95.33
C ALA C 128 26.01 42.71 95.53
N ILE C 129 26.83 43.66 96.00
CA ILE C 129 26.36 45.03 96.19
C ILE C 129 26.03 45.68 94.85
N GLY C 130 26.81 45.37 93.81
CA GLY C 130 26.56 45.96 92.50
C GLY C 130 25.19 45.59 91.94
N PHE C 131 24.78 44.34 92.10
CA PHE C 131 23.47 43.92 91.60
C PHE C 131 22.37 44.28 92.58
N TYR C 132 22.52 43.90 93.85
CA TYR C 132 21.52 44.12 94.88
C TYR C 132 22.04 45.15 95.86
N GLY C 133 21.21 46.14 96.19
CA GLY C 133 21.62 47.16 97.14
C GLY C 133 21.84 46.59 98.52
N TRP C 134 22.64 47.31 99.30
CA TRP C 134 23.00 46.89 100.65
C TRP C 134 22.02 47.51 101.64
N GLN C 135 21.15 46.68 102.20
CA GLN C 135 20.19 47.09 103.24
C GLN C 135 19.33 48.26 102.77
N SER C 136 18.88 48.20 101.52
CA SER C 136 18.02 49.25 100.98
C SER C 136 16.69 49.30 101.71
N GLY C 137 16.15 48.13 102.09
CA GLY C 137 14.88 48.11 102.78
C GLY C 137 14.93 48.76 104.15
N LEU C 138 16.06 48.62 104.85
CA LEU C 138 16.20 49.20 106.19
C LEU C 138 16.34 50.72 106.16
N GLY C 139 16.58 51.32 105.00
CA GLY C 139 16.72 52.76 104.89
C GLY C 139 18.08 53.24 104.44
N ASN C 140 19.04 52.36 104.14
CA ASN C 140 20.34 52.79 103.65
C ASN C 140 20.26 53.05 102.15
N ARG C 141 20.81 54.19 101.73
CA ARG C 141 20.72 54.62 100.34
C ARG C 141 21.98 54.19 99.59
N THR C 142 22.02 52.91 99.24
CA THR C 142 23.11 52.37 98.43
C THR C 142 22.61 51.91 97.06
N TYR C 143 21.61 51.01 97.02
CA TYR C 143 20.96 50.57 95.79
C TYR C 143 21.90 49.84 94.85
N GLY C 144 21.35 49.25 93.79
CA GLY C 144 22.15 48.48 92.86
C GLY C 144 21.64 48.51 91.43
N PHE C 145 22.06 47.54 90.62
CA PHE C 145 21.66 47.52 89.23
C PHE C 145 20.18 47.20 89.06
N LEU C 146 19.57 46.54 90.05
CA LEU C 146 18.17 46.15 89.96
C LEU C 146 17.28 46.85 90.98
N ASN C 147 17.84 47.53 91.97
CA ASN C 147 17.07 48.15 93.03
C ASN C 147 17.08 49.67 92.97
N ASP C 148 17.55 50.25 91.88
CA ASP C 148 17.59 51.70 91.77
C ASP C 148 16.17 52.25 91.74
N PRO C 149 15.85 53.23 92.60
CA PRO C 149 14.46 53.72 92.65
C PRO C 149 14.03 54.47 91.40
N ASN C 150 14.95 55.17 90.73
CA ASN C 150 14.59 55.97 89.55
C ASN C 150 14.78 55.12 88.29
N LEU C 151 13.89 54.15 88.15
CA LEU C 151 13.88 53.25 87.00
C LEU C 151 12.47 53.14 86.44
N PRO C 152 12.34 52.86 85.15
CA PRO C 152 11.00 52.84 84.53
C PRO C 152 10.10 51.70 85.00
N ALA C 153 10.56 50.86 85.93
CA ALA C 153 9.78 49.78 86.53
C ALA C 153 9.54 48.64 85.55
N PHE C 154 9.58 47.40 86.06
CA PHE C 154 9.42 46.24 85.20
C PHE C 154 8.01 46.19 84.60
N GLN C 155 7.94 45.70 83.36
CA GLN C 155 6.67 45.53 82.67
C GLN C 155 6.68 44.20 81.93
N THR C 156 5.48 43.65 81.71
CA THR C 156 5.38 42.35 81.07
C THR C 156 5.67 42.47 79.57
N PRO C 157 6.32 41.47 78.98
CA PRO C 157 6.59 41.49 77.54
C PRO C 157 5.33 41.18 76.75
N PRO C 158 5.29 41.53 75.46
CA PRO C 158 4.12 41.20 74.64
C PRO C 158 3.87 39.70 74.57
N SER C 159 4.88 38.95 74.16
CA SER C 159 4.81 37.49 74.24
C SER C 159 4.90 37.08 75.71
N GLN C 160 4.02 36.17 76.13
CA GLN C 160 3.94 35.82 77.54
C GLN C 160 5.23 35.19 78.04
N GLY C 161 5.84 34.33 77.24
CA GLY C 161 7.10 33.71 77.63
C GLY C 161 7.89 33.19 76.45
N TRP C 162 9.21 33.33 76.50
CA TRP C 162 10.05 32.82 75.42
C TRP C 162 9.98 31.30 75.33
N SER C 163 9.80 30.63 76.46
CA SER C 163 9.49 29.19 76.42
C SER C 163 8.14 28.97 75.75
N THR C 164 8.07 27.91 74.94
CA THR C 164 6.89 27.62 74.13
C THR C 164 6.51 28.79 73.24
N ALA C 165 7.52 29.45 72.67
CA ALA C 165 7.31 30.56 71.75
C ALA C 165 8.16 30.35 70.50
N ASP C 166 7.64 30.84 69.38
CA ASP C 166 8.29 30.63 68.09
C ASP C 166 9.25 31.78 67.78
N TRP C 167 9.85 31.73 66.59
CA TRP C 167 10.81 32.74 66.18
C TRP C 167 10.17 34.12 66.09
N ALA C 168 8.96 34.20 65.52
CA ALA C 168 8.30 35.48 65.35
C ALA C 168 8.01 36.13 66.70
N GLY C 169 7.57 35.34 67.69
CA GLY C 169 7.26 35.90 68.99
C GLY C 169 8.47 36.48 69.70
N ILE C 170 9.61 35.78 69.64
CA ILE C 170 10.81 36.26 70.30
C ILE C 170 11.32 37.54 69.65
N ILE C 171 11.33 37.58 68.32
CA ILE C 171 11.82 38.75 67.61
C ILE C 171 11.00 39.99 67.93
N GLY C 172 9.69 39.83 68.10
CA GLY C 172 8.85 40.97 68.42
C GLY C 172 9.21 41.65 69.73
N ASP C 173 9.70 40.88 70.70
CA ASP C 173 10.06 41.45 71.99
C ASP C 173 11.20 42.45 71.86
N ILE C 174 12.23 42.10 71.09
CA ILE C 174 13.34 43.03 70.87
C ILE C 174 12.86 44.25 70.09
N ARG C 175 12.04 44.04 69.06
CA ARG C 175 11.53 45.16 68.29
C ARG C 175 10.67 46.08 69.15
N GLU C 176 9.84 45.50 70.02
CA GLU C 176 9.05 46.32 70.93
C GLU C 176 9.94 47.10 71.90
N ALA C 177 10.99 46.46 72.41
CA ALA C 177 11.88 47.14 73.34
C ALA C 177 12.64 48.27 72.66
N VAL C 178 13.11 48.04 71.43
CA VAL C 178 13.82 49.09 70.70
C VAL C 178 12.89 50.24 70.37
N ARG C 179 11.63 49.94 70.06
CA ARG C 179 10.67 50.98 69.71
C ARG C 179 10.44 51.94 70.89
N GLN C 180 10.34 51.40 72.10
CA GLN C 180 10.08 52.25 73.26
C GLN C 180 11.25 53.18 73.57
N LEU C 181 12.47 52.81 73.19
CA LEU C 181 13.60 53.72 73.34
C LEU C 181 13.43 54.96 72.49
N ARG C 182 12.94 54.80 71.26
CA ARG C 182 12.72 55.94 70.39
C ARG C 182 11.49 56.74 70.81
N ILE C 183 10.52 56.09 71.44
CA ILE C 183 9.37 56.82 71.97
C ILE C 183 9.76 57.65 73.18
N GLN C 184 10.55 57.07 74.08
CA GLN C 184 10.94 57.77 75.30
C GLN C 184 11.79 59.00 74.99
N SER C 185 12.73 58.87 74.07
CA SER C 185 13.54 59.99 73.59
C SER C 185 13.06 60.33 72.18
N GLN C 186 12.33 61.43 72.05
CA GLN C 186 11.57 61.72 70.83
C GLN C 186 12.53 62.08 69.71
N ASP C 187 13.02 61.04 69.03
CA ASP C 187 13.92 61.15 67.89
C ASP C 187 15.23 61.84 68.24
N GLN C 188 15.56 61.93 69.52
CA GLN C 188 16.85 62.48 69.91
C GLN C 188 17.98 61.52 69.56
N ILE C 189 17.74 60.22 69.69
CA ILE C 189 18.71 59.19 69.35
C ILE C 189 18.05 58.17 68.43
N ASP C 190 18.80 57.70 67.44
CA ASP C 190 18.34 56.62 66.58
C ASP C 190 19.02 55.34 66.99
N PRO C 191 18.29 54.32 67.44
CA PRO C 191 18.93 53.12 67.99
C PRO C 191 19.75 52.33 66.98
N LYS C 192 19.77 52.77 65.73
CA LYS C 192 20.54 52.07 64.71
C LYS C 192 22.03 52.09 65.03
N ALA C 193 22.55 53.25 65.44
CA ALA C 193 23.96 53.39 65.83
C ALA C 193 24.05 54.12 67.17
N GLU C 194 23.90 53.36 68.26
CA GLU C 194 24.03 53.90 69.61
C GLU C 194 24.85 53.03 70.56
N LYS C 195 25.32 51.86 70.12
CA LYS C 195 26.05 50.93 70.98
C LYS C 195 25.19 50.52 72.18
N ILE C 196 24.07 49.87 71.88
CA ILE C 196 23.12 49.46 72.91
C ILE C 196 23.58 48.13 73.51
N THR C 197 23.41 48.00 74.82
CA THR C 197 23.80 46.81 75.56
C THR C 197 22.55 46.09 76.05
N LEU C 198 22.49 44.78 75.84
CA LEU C 198 21.37 43.95 76.22
C LEU C 198 21.81 43.00 77.33
N ALA C 199 21.08 42.98 78.44
CA ALA C 199 21.51 42.28 79.64
C ALA C 199 21.09 40.81 79.66
N LEU C 200 19.81 40.52 79.39
CA LEU C 200 19.30 39.16 79.29
C LEU C 200 19.55 38.37 80.57
N ALA C 201 19.40 37.05 80.51
CA ALA C 201 19.64 36.18 81.66
C ALA C 201 20.37 34.93 81.20
N THR C 202 20.98 34.24 82.17
CA THR C 202 21.78 33.07 81.82
C THR C 202 20.91 31.89 81.41
N SER C 203 19.69 31.80 81.95
CA SER C 203 18.81 30.69 81.59
C SER C 203 18.15 30.90 80.23
N LYS C 204 17.87 32.14 79.86
CA LYS C 204 17.16 32.45 78.63
C LYS C 204 18.08 32.85 77.48
N VAL C 205 19.39 32.82 77.69
CA VAL C 205 20.30 33.21 76.62
C VAL C 205 20.33 32.18 75.50
N ASP C 206 20.08 30.91 75.84
CA ASP C 206 20.12 29.85 74.84
C ASP C 206 18.92 29.83 73.92
N TYR C 207 17.88 30.62 74.22
CA TYR C 207 16.73 30.71 73.33
C TYR C 207 16.98 31.59 72.12
N LEU C 208 18.15 32.23 72.05
CA LEU C 208 18.50 33.03 70.87
C LEU C 208 18.82 32.17 69.66
N SER C 209 18.86 30.86 69.80
CA SER C 209 19.12 29.94 68.71
C SER C 209 17.85 29.36 68.11
N VAL C 210 16.69 29.87 68.49
CA VAL C 210 15.44 29.41 67.89
C VAL C 210 15.43 29.80 66.42
N THR C 211 15.14 28.81 65.56
CA THR C 211 15.32 28.97 64.12
C THR C 211 14.02 28.65 63.39
N THR C 212 13.75 29.42 62.34
CA THR C 212 12.64 29.13 61.46
C THR C 212 12.97 27.90 60.61
N PRO C 213 11.93 27.26 60.02
CA PRO C 213 12.22 26.12 59.12
C PRO C 213 13.09 26.50 57.94
N TYR C 214 13.08 27.75 57.50
CA TYR C 214 13.93 28.14 56.38
C TYR C 214 15.39 28.25 56.80
N GLY C 215 15.67 28.70 58.02
CA GLY C 215 17.04 28.74 58.50
C GLY C 215 17.48 30.03 59.15
N ILE C 216 16.54 30.93 59.45
CA ILE C 216 16.86 32.19 60.11
C ILE C 216 16.62 32.05 61.61
N SER C 217 17.61 32.42 62.41
CA SER C 217 17.55 32.36 63.86
C SER C 217 17.41 33.76 64.45
N VAL C 218 17.13 33.80 65.75
CA VAL C 218 16.99 35.07 66.44
C VAL C 218 18.33 35.83 66.45
N SER C 219 19.42 35.11 66.70
CA SER C 219 20.73 35.76 66.76
C SER C 219 21.11 36.36 65.42
N ASP C 220 20.78 35.69 64.32
CA ASP C 220 21.10 36.22 62.99
C ASP C 220 20.38 37.54 62.74
N TRP C 221 19.11 37.63 63.14
CA TRP C 221 18.34 38.85 62.92
C TRP C 221 18.94 40.03 63.68
N ILE C 222 19.34 39.80 64.93
CA ILE C 222 19.87 40.89 65.76
C ILE C 222 21.23 41.35 65.26
N GLU C 223 22.12 40.41 64.94
CA GLU C 223 23.49 40.77 64.61
C GLU C 223 23.60 41.47 63.25
N GLN C 224 22.56 41.38 62.43
CA GLN C 224 22.61 42.03 61.12
C GLN C 224 21.78 43.30 61.07
N THR C 225 20.64 43.33 61.75
CA THR C 225 19.84 44.54 61.79
C THR C 225 20.43 45.57 62.76
N TYR C 226 21.06 45.11 63.83
CA TYR C 226 21.68 45.97 64.84
C TYR C 226 23.13 45.52 65.02
N PRO C 227 24.02 45.90 64.11
CA PRO C 227 25.41 45.42 64.18
C PRO C 227 26.16 45.88 65.42
N LYS C 228 25.72 46.96 66.07
CA LYS C 228 26.43 47.51 67.22
C LYS C 228 25.84 47.09 68.56
N MET C 229 24.79 46.26 68.55
CA MET C 229 24.25 45.77 69.80
C MET C 229 25.19 44.74 70.43
N ARG C 230 25.24 44.74 71.75
CA ARG C 230 26.09 43.83 72.50
C ARG C 230 25.22 42.98 73.42
N ILE C 231 25.53 41.68 73.48
CA ILE C 231 24.75 40.71 74.23
C ILE C 231 25.59 40.18 75.39
N VAL C 232 25.02 40.20 76.58
CA VAL C 232 25.68 39.76 77.81
C VAL C 232 24.73 38.79 78.50
N SER C 233 25.29 37.96 79.38
CA SER C 233 24.50 37.07 80.22
C SER C 233 25.03 37.15 81.66
N ALA C 234 24.10 37.08 82.61
CA ALA C 234 24.46 37.19 84.03
C ALA C 234 23.61 36.25 84.87
N PRO C 235 24.21 35.42 85.72
CA PRO C 235 23.41 34.52 86.56
C PRO C 235 22.53 35.23 87.57
N GLU C 236 22.84 36.48 87.94
CA GLU C 236 22.07 37.18 88.95
C GLU C 236 20.70 37.64 88.44
N LEU C 237 20.43 37.52 87.14
CA LEU C 237 19.18 37.97 86.56
C LEU C 237 18.21 36.82 86.33
N SER C 238 18.46 35.64 86.91
CA SER C 238 17.56 34.50 86.72
C SER C 238 16.31 34.66 87.56
N GLY C 239 16.46 34.71 88.89
CA GLY C 239 15.33 34.88 89.78
C GLY C 239 15.34 36.22 90.47
N VAL C 240 14.37 37.07 90.15
CA VAL C 240 14.31 38.43 90.69
C VAL C 240 13.09 38.65 91.57
N GLN C 241 11.94 38.06 91.22
CA GLN C 241 10.70 38.28 91.95
C GLN C 241 10.02 37.00 92.42
N MET C 242 10.30 35.86 91.79
CA MET C 242 9.81 34.55 92.22
C MET C 242 8.31 34.41 91.95
N LYS C 243 7.66 35.49 91.52
CA LYS C 243 6.24 35.48 91.20
C LYS C 243 5.43 34.88 92.34
N ASN C 244 4.79 33.75 92.08
CA ASN C 244 4.07 33.00 93.11
C ASN C 244 4.79 31.70 93.49
N GLN C 245 5.19 30.91 92.50
CA GLN C 245 5.88 29.66 92.74
C GLN C 245 7.11 29.43 91.88
N GLU C 246 7.32 30.20 90.82
CA GLU C 246 8.46 30.00 89.94
C GLU C 246 9.19 31.31 89.70
N PRO C 247 10.51 31.27 89.57
CA PRO C 247 11.27 32.50 89.33
C PRO C 247 10.99 33.09 87.95
N GLU C 248 11.17 34.40 87.86
CA GLU C 248 10.96 35.13 86.61
C GLU C 248 12.28 35.71 86.12
N ASP C 249 12.64 35.38 84.89
CA ASP C 249 13.85 35.93 84.28
C ASP C 249 13.57 37.35 83.79
N ALA C 250 14.63 38.14 83.65
CA ALA C 250 14.53 39.55 83.31
C ALA C 250 15.40 39.89 82.11
N LEU C 251 14.96 40.91 81.36
CA LEU C 251 15.70 41.43 80.22
C LEU C 251 15.81 42.94 80.37
N VAL C 252 17.03 43.46 80.24
CA VAL C 252 17.30 44.88 80.42
C VAL C 252 17.99 45.41 79.17
N LEU C 253 17.49 46.52 78.65
CA LEU C 253 18.06 47.19 77.49
C LEU C 253 18.36 48.64 77.85
N PHE C 254 19.58 49.10 77.54
CA PHE C 254 19.96 50.46 77.86
C PHE C 254 21.06 50.92 76.91
N VAL C 255 21.20 52.23 76.79
CA VAL C 255 22.23 52.86 75.96
C VAL C 255 23.47 53.08 76.80
N GLU C 256 24.64 52.80 76.21
CA GLU C 256 25.89 52.91 76.96
C GLU C 256 26.19 54.34 77.37
N ASP C 257 26.12 55.27 76.41
CA ASP C 257 26.44 56.66 76.70
C ASP C 257 25.73 57.55 75.69
N VAL C 258 25.58 58.82 76.07
CA VAL C 258 24.91 59.82 75.25
C VAL C 258 25.89 60.95 74.98
N ASN C 259 26.03 61.33 73.72
CA ASN C 259 26.92 62.42 73.34
C ASN C 259 26.39 63.74 73.86
N ALA C 260 27.32 64.68 74.10
CA ALA C 260 26.94 66.00 74.59
C ALA C 260 26.25 66.85 73.53
N ALA C 261 26.25 66.41 72.26
CA ALA C 261 25.51 67.15 71.24
C ALA C 261 24.01 67.05 71.46
N VAL C 262 23.53 65.87 71.86
CA VAL C 262 22.09 65.67 72.05
C VAL C 262 21.58 66.53 73.20
N ASP C 263 22.26 66.47 74.33
CA ASP C 263 21.91 67.26 75.51
C ASP C 263 23.14 67.99 76.00
N GLY C 264 22.99 69.26 76.35
CA GLY C 264 24.12 70.07 76.75
C GLY C 264 24.64 69.77 78.14
N SER C 265 24.83 68.49 78.45
CA SER C 265 25.33 68.08 79.76
C SER C 265 26.84 68.26 79.79
N THR C 266 27.33 68.93 80.84
CA THR C 266 28.77 69.16 80.96
C THR C 266 29.52 67.85 81.14
N ASP C 267 28.97 66.92 81.92
CA ASP C 267 29.59 65.63 82.11
C ASP C 267 29.32 64.73 80.90
N GLY C 268 29.90 63.53 80.94
CA GLY C 268 29.68 62.56 79.90
C GLY C 268 28.32 61.92 80.00
N GLY C 269 28.05 61.01 79.06
CA GLY C 269 26.78 60.31 79.06
C GLY C 269 26.56 59.50 80.32
N SER C 270 27.33 58.42 80.47
CA SER C 270 27.36 57.61 81.68
C SER C 270 25.96 57.31 82.21
N VAL C 271 25.20 56.57 81.41
CA VAL C 271 23.84 56.19 81.80
C VAL C 271 23.88 55.34 83.08
N PHE C 272 24.80 54.38 83.12
CA PHE C 272 25.03 53.55 84.30
C PHE C 272 26.49 53.64 84.70
N SER C 273 26.74 53.61 86.00
CA SER C 273 28.10 53.68 86.53
C SER C 273 28.16 53.01 87.89
N GLN C 274 29.27 52.33 88.16
CA GLN C 274 29.50 51.65 89.42
C GLN C 274 30.57 52.41 90.19
N LEU C 275 30.19 52.98 91.33
CA LEU C 275 31.11 53.78 92.14
C LEU C 275 31.85 52.87 93.11
N VAL C 276 33.15 52.73 92.91
CA VAL C 276 34.01 51.87 93.72
C VAL C 276 35.13 52.72 94.31
N GLN C 277 35.34 52.60 95.61
CA GLN C 277 36.35 53.40 96.31
C GLN C 277 37.74 52.74 96.24
N SER C 278 37.84 51.48 96.66
CA SER C 278 39.11 50.78 96.64
C SER C 278 38.86 49.28 96.56
N LYS C 279 39.59 48.61 95.67
CA LYS C 279 39.42 47.17 95.49
C LYS C 279 40.07 46.37 96.62
N PHE C 280 41.24 46.82 97.09
CA PHE C 280 42.01 46.03 98.05
C PHE C 280 42.88 46.94 98.89
N ILE C 281 42.75 46.82 100.22
CA ILE C 281 43.58 47.57 101.16
C ILE C 281 44.10 46.60 102.21
N THR C 282 45.36 46.78 102.60
CA THR C 282 45.97 45.97 103.65
C THR C 282 45.97 46.77 104.94
N LEU C 283 45.12 46.37 105.89
CA LEU C 283 44.99 47.11 107.14
C LEU C 283 46.25 47.02 107.99
N GLY C 284 46.81 45.82 108.12
CA GLY C 284 48.00 45.65 108.92
C GLY C 284 48.22 44.19 109.25
N VAL C 285 49.35 43.94 109.92
CA VAL C 285 49.76 42.59 110.30
C VAL C 285 50.12 42.59 111.79
N GLU C 286 49.62 41.60 112.52
CA GLU C 286 49.96 41.38 113.91
C GLU C 286 50.64 40.03 114.05
N LYS C 287 51.73 40.00 114.83
CA LYS C 287 52.54 38.79 115.00
C LYS C 287 52.52 38.39 116.46
N ARG C 288 52.34 37.09 116.70
CA ARG C 288 52.28 36.53 118.05
C ARG C 288 53.43 35.55 118.23
N ALA C 289 53.42 34.85 119.37
CA ALA C 289 54.49 33.91 119.69
C ALA C 289 54.49 32.72 118.73
N LYS C 290 53.31 32.18 118.41
CA LYS C 290 53.21 30.98 117.58
C LYS C 290 52.31 31.18 116.38
N SER C 291 51.90 32.41 116.07
CA SER C 291 50.99 32.66 114.96
C SER C 291 51.05 34.14 114.60
N TYR C 292 50.38 34.48 113.49
CA TYR C 292 50.25 35.87 113.08
C TYR C 292 48.94 36.04 112.33
N VAL C 293 48.47 37.28 112.29
CA VAL C 293 47.15 37.61 111.76
C VAL C 293 47.29 38.77 110.77
N GLU C 294 46.59 38.67 109.64
CA GLU C 294 46.54 39.73 108.65
C GLU C 294 45.10 40.10 108.37
N ASP C 295 44.90 41.32 107.88
CA ASP C 295 43.56 41.84 107.62
C ASP C 295 43.54 42.57 106.29
N PHE C 296 42.37 42.57 105.66
CA PHE C 296 42.17 43.24 104.38
C PHE C 296 40.77 43.87 104.36
N SER C 297 40.60 44.85 103.48
CA SER C 297 39.34 45.58 103.41
C SER C 297 39.18 46.19 102.03
N ASN C 298 37.96 46.61 101.73
CA ASN C 298 37.64 47.28 100.48
C ASN C 298 36.41 48.17 100.70
N GLY C 299 36.04 48.92 99.67
CA GLY C 299 34.91 49.82 99.77
C GLY C 299 34.21 49.98 98.43
N THR C 300 32.90 50.23 98.49
CA THR C 300 32.10 50.43 97.30
C THR C 300 30.88 51.26 97.66
N ALA C 301 30.22 51.80 96.63
CA ALA C 301 29.07 52.67 96.83
C ALA C 301 27.81 52.22 96.10
N GLY C 302 27.91 51.33 95.12
CA GLY C 302 26.76 50.85 94.40
C GLY C 302 26.71 51.32 92.96
N ALA C 303 25.50 51.38 92.42
CA ALA C 303 25.27 51.78 91.04
C ALA C 303 24.36 53.00 90.98
N LEU C 304 24.56 53.82 89.96
CA LEU C 304 23.80 55.05 89.77
C LEU C 304 23.27 55.12 88.35
N CYS C 305 22.04 55.58 88.20
CA CYS C 305 21.38 55.74 86.90
C CYS C 305 21.04 57.20 86.72
N LYS C 306 21.84 57.90 85.90
CA LYS C 306 21.64 59.33 85.70
C LYS C 306 20.47 59.63 84.77
N ARG C 307 20.26 58.80 83.75
CA ARG C 307 19.24 59.05 82.73
C ARG C 307 18.27 57.86 82.68
N PRO C 308 17.16 57.92 83.42
CA PRO C 308 16.20 56.81 83.41
C PRO C 308 15.36 56.72 82.14
N TRP C 309 15.54 57.61 81.18
CA TRP C 309 14.75 57.59 79.96
C TRP C 309 15.38 56.74 78.86
N ALA C 310 16.52 56.10 79.12
CA ALA C 310 17.20 55.27 78.14
C ALA C 310 17.29 53.81 78.58
N VAL C 311 16.41 53.38 79.48
CA VAL C 311 16.42 52.02 80.02
C VAL C 311 15.06 51.39 79.81
N VAL C 312 15.04 50.16 79.31
CA VAL C 312 13.82 49.38 79.15
C VAL C 312 14.02 48.03 79.82
N ARG C 313 13.09 47.66 80.70
CA ARG C 313 13.17 46.42 81.46
C ARG C 313 11.88 45.64 81.31
N TYR C 314 12.00 44.31 81.21
CA TYR C 314 10.86 43.42 81.09
C TYR C 314 10.84 42.48 82.29
N LEU C 315 9.71 42.45 83.01
CA LEU C 315 9.59 41.58 84.17
C LEU C 315 9.63 40.11 83.77
N GLY C 316 8.80 39.74 82.79
CA GLY C 316 8.84 38.38 82.27
C GLY C 316 9.98 38.21 81.28
N ILE C 317 10.59 37.03 81.31
CA ILE C 317 11.69 36.68 80.40
C ILE C 317 12.86 37.64 80.55
N ASN D 1 30.07 62.25 139.80
CA ASN D 1 31.45 61.95 140.12
C ASN D 1 32.35 62.12 138.90
N PHE D 2 31.77 61.90 137.72
CA PHE D 2 32.54 62.05 136.49
C PHE D 2 32.94 63.49 136.24
N THR D 3 32.17 64.44 136.79
CA THR D 3 32.32 65.89 136.65
C THR D 3 31.61 66.32 135.37
N ALA D 4 31.19 67.57 135.29
CA ALA D 4 30.38 68.04 134.17
C ALA D 4 31.27 68.54 133.06
N PRO D 5 31.20 67.97 131.85
CA PRO D 5 31.98 68.49 130.73
C PRO D 5 31.52 69.89 130.33
N VAL D 6 32.46 70.68 129.84
CA VAL D 6 32.14 72.03 129.40
C VAL D 6 31.29 72.01 128.13
N THR D 7 31.65 71.14 127.19
CA THR D 7 30.96 71.03 125.91
C THR D 7 30.08 69.79 125.90
N THR D 8 28.88 69.93 125.34
CA THR D 8 27.96 68.81 125.25
C THR D 8 28.52 67.76 124.29
N PRO D 9 28.51 66.47 124.68
CA PRO D 9 29.03 65.43 123.79
C PRO D 9 28.22 65.34 122.49
N SER D 10 28.93 65.07 121.40
CA SER D 10 28.30 64.94 120.09
C SER D 10 29.30 64.28 119.14
N ILE D 11 28.78 63.88 117.99
CA ILE D 11 29.65 63.33 116.93
C ILE D 11 30.48 64.46 116.34
N PRO D 12 31.81 64.34 116.30
CA PRO D 12 32.64 65.51 115.96
C PRO D 12 32.60 65.90 114.49
N THR D 13 32.65 64.94 113.58
CA THR D 13 32.87 65.31 112.18
C THR D 13 31.57 65.75 111.52
N PRO D 14 31.51 66.96 110.96
CA PRO D 14 30.32 67.37 110.22
C PRO D 14 30.20 66.63 108.90
N ILE D 15 28.96 66.58 108.39
CA ILE D 15 28.67 65.87 107.15
C ILE D 15 28.90 66.72 105.92
N GLN D 16 29.13 68.03 106.07
CA GLN D 16 29.39 68.86 104.89
C GLN D 16 30.73 68.52 104.26
N PHE D 17 31.69 68.04 105.06
CA PHE D 17 32.91 67.45 104.53
C PHE D 17 32.64 65.97 104.26
N LEU D 18 33.68 65.21 103.96
CA LEU D 18 33.58 63.78 103.67
C LEU D 18 32.65 63.49 102.49
N GLN D 19 32.46 64.47 101.61
CA GLN D 19 31.55 64.35 100.48
C GLN D 19 32.33 64.56 99.18
N THR D 20 32.01 63.74 98.18
CA THR D 20 32.59 63.85 96.86
C THR D 20 31.50 64.20 95.86
N TRP D 21 31.71 65.28 95.11
CA TRP D 21 30.71 65.79 94.17
C TRP D 21 31.14 65.44 92.74
N LEU D 22 30.21 64.87 91.99
CA LEU D 22 30.49 64.56 90.59
C LEU D 22 30.66 65.85 89.80
N PRO D 23 31.63 65.88 88.89
CA PRO D 23 32.01 67.16 88.25
C PRO D 23 30.90 67.84 87.47
N GLY D 24 30.02 67.09 86.82
CA GLY D 24 29.15 67.63 85.80
C GLY D 24 27.73 67.88 86.27
N PHE D 25 26.91 68.30 85.30
CA PHE D 25 25.49 68.56 85.48
C PHE D 25 24.70 67.90 84.36
N VAL D 26 23.44 67.58 84.65
CA VAL D 26 22.56 66.93 83.68
C VAL D 26 21.45 67.91 83.30
N LYS D 27 21.14 67.96 82.01
CA LYS D 27 20.15 68.88 81.48
C LYS D 27 18.88 68.14 81.07
N VAL D 28 17.79 68.90 81.00
CA VAL D 28 16.53 68.38 80.46
C VAL D 28 16.62 68.36 78.94
N MET D 29 16.26 67.22 78.34
CA MET D 29 16.54 66.96 76.94
C MET D 29 15.49 67.49 75.98
N THR D 30 14.23 67.63 76.44
CA THR D 30 13.06 68.05 75.66
C THR D 30 12.93 67.30 74.34
N ALA D 31 12.09 67.78 73.44
CA ALA D 31 11.82 67.09 72.19
C ALA D 31 12.66 67.64 71.05
N ALA D 32 12.78 66.84 69.99
CA ALA D 32 13.57 67.22 68.83
C ALA D 32 12.72 67.98 67.82
N ARG D 33 13.40 68.79 67.00
CA ARG D 33 12.78 69.58 65.96
C ARG D 33 13.33 69.13 64.61
N LYS D 34 12.45 68.76 63.69
CA LYS D 34 12.84 68.20 62.41
C LYS D 34 12.03 68.81 61.27
N ILE D 35 11.68 70.10 61.39
CA ILE D 35 10.96 70.75 60.31
C ILE D 35 11.88 71.00 59.12
N ASP D 36 13.15 71.32 59.37
CA ASP D 36 14.07 71.62 58.27
C ASP D 36 14.48 70.37 57.52
N GLU D 37 14.47 69.20 58.18
CA GLU D 37 14.89 67.99 57.52
C GLU D 37 13.84 67.48 56.53
N ILE D 38 12.61 67.96 56.63
CA ILE D 38 11.54 67.47 55.77
C ILE D 38 11.41 68.32 54.51
N ILE D 39 11.13 69.61 54.68
CA ILE D 39 10.85 70.50 53.56
C ILE D 39 11.98 71.48 53.28
N GLY D 40 13.06 71.44 54.06
CA GLY D 40 14.19 72.32 53.82
C GLY D 40 13.99 73.70 54.41
N ILE D 41 14.98 74.56 54.18
CA ILE D 41 14.99 75.92 54.68
C ILE D 41 15.27 76.87 53.53
N ASP D 42 14.43 77.91 53.41
CA ASP D 42 14.59 78.95 52.40
C ASP D 42 14.55 80.31 53.06
N THR D 43 15.42 81.21 52.59
CA THR D 43 15.41 82.62 53.00
C THR D 43 14.92 83.43 51.81
N VAL D 44 13.72 84.00 51.93
CA VAL D 44 13.06 84.64 50.80
C VAL D 44 12.89 86.14 50.99
N GLY D 45 12.71 86.62 52.22
CA GLY D 45 12.45 88.03 52.45
C GLY D 45 13.23 88.53 53.65
N SER D 46 13.14 89.84 53.87
CA SER D 46 13.77 90.51 54.98
C SER D 46 12.79 90.68 56.13
N TRP D 47 13.31 91.10 57.27
CA TRP D 47 12.48 91.33 58.45
C TRP D 47 11.58 92.55 58.18
N GLU D 48 10.66 92.82 59.12
CA GLU D 48 9.71 93.92 59.07
C GLU D 48 8.92 93.96 57.75
N ASP D 49 8.87 92.85 57.02
CA ASP D 49 8.09 92.77 55.80
C ASP D 49 6.68 92.29 56.12
N GLN D 50 5.83 92.25 55.10
CA GLN D 50 4.42 91.93 55.31
C GLN D 50 3.95 90.68 54.56
N GLU D 51 4.22 90.57 53.27
CA GLU D 51 3.59 89.52 52.48
C GLU D 51 4.53 89.00 51.40
N ILE D 52 4.21 87.81 50.90
CA ILE D 52 4.89 87.19 49.77
C ILE D 52 3.83 86.74 48.77
N VAL D 53 4.12 86.93 47.48
CA VAL D 53 3.12 86.78 46.42
C VAL D 53 3.60 85.75 45.40
N GLN D 54 2.67 84.95 44.90
CA GLN D 54 2.91 83.97 43.84
C GLN D 54 1.80 84.10 42.80
N GLY D 55 2.13 83.75 41.55
CA GLY D 55 1.21 83.91 40.45
C GLY D 55 0.82 82.63 39.72
N ILE D 56 -0.32 82.67 39.02
CA ILE D 56 -0.85 81.53 38.28
C ILE D 56 -1.18 82.00 36.87
N VAL D 57 -1.23 81.04 35.93
CA VAL D 57 -1.37 81.33 34.51
C VAL D 57 -2.77 81.00 34.00
N GLU D 58 -3.19 79.73 34.14
CA GLU D 58 -4.52 79.27 33.73
C GLU D 58 -4.84 79.59 32.28
N PRO D 59 -4.25 78.89 31.31
CA PRO D 59 -4.60 79.15 29.90
C PRO D 59 -5.96 78.56 29.54
N ALA D 60 -6.38 78.81 28.31
CA ALA D 60 -7.67 78.34 27.82
C ALA D 60 -7.68 78.34 26.31
N GLY D 61 -8.53 77.48 25.73
CA GLY D 61 -8.67 77.39 24.29
C GLY D 61 -9.20 76.05 23.81
N THR D 62 -9.92 76.05 22.68
CA THR D 62 -10.46 74.83 22.12
C THR D 62 -10.43 74.93 20.60
N ALA D 63 -10.41 73.77 19.95
CA ALA D 63 -10.25 73.68 18.50
C ALA D 63 -11.56 73.28 17.84
N VAL D 64 -11.70 73.66 16.56
CA VAL D 64 -12.85 73.33 15.74
C VAL D 64 -12.35 72.76 14.42
N GLU D 65 -13.29 72.28 13.60
CA GLU D 65 -12.95 71.71 12.31
C GLU D 65 -12.53 72.81 11.34
N TYR D 66 -11.78 72.40 10.32
CA TYR D 66 -11.21 73.35 9.36
C TYR D 66 -12.24 73.75 8.31
N GLY D 67 -12.11 74.99 7.84
CA GLY D 67 -12.94 75.50 6.76
C GLY D 67 -12.28 76.66 6.05
N ASP D 68 -12.38 76.71 4.72
CA ASP D 68 -11.72 77.76 3.96
C ASP D 68 -12.29 79.13 4.28
N HIS D 69 -13.62 79.24 4.38
CA HIS D 69 -14.28 80.52 4.59
C HIS D 69 -14.93 80.65 5.96
N THR D 70 -14.67 79.70 6.86
CA THR D 70 -15.30 79.73 8.18
C THR D 70 -14.53 80.65 9.11
N ASN D 71 -15.11 80.87 10.30
CA ASN D 71 -14.49 81.73 11.29
C ASN D 71 -13.30 81.03 11.96
N ILE D 72 -12.49 81.83 12.65
CA ILE D 72 -11.27 81.36 13.29
C ILE D 72 -11.48 81.42 14.80
N PRO D 73 -11.40 80.29 15.50
CA PRO D 73 -11.47 80.33 16.97
C PRO D 73 -10.19 80.91 17.56
N LEU D 74 -10.30 81.38 18.80
CA LEU D 74 -9.21 82.07 19.47
C LEU D 74 -8.98 81.47 20.86
N THR D 75 -7.85 81.83 21.46
CA THR D 75 -7.45 81.37 22.78
C THR D 75 -7.34 82.56 23.72
N SER D 76 -7.13 82.26 25.01
CA SER D 76 -7.06 83.29 26.03
C SER D 76 -6.34 82.74 27.25
N TRP D 77 -6.22 83.58 28.28
CA TRP D 77 -5.60 83.21 29.54
C TRP D 77 -6.12 84.13 30.63
N ASN D 78 -5.91 83.73 31.88
CA ASN D 78 -6.43 84.48 33.03
C ASN D 78 -5.57 84.18 34.25
N ALA D 79 -4.92 85.21 34.79
CA ALA D 79 -3.97 85.06 35.87
C ALA D 79 -4.61 85.29 37.24
N ASN D 80 -3.93 84.81 38.28
CA ASN D 80 -4.37 84.97 39.65
C ASN D 80 -3.16 85.00 40.57
N PHE D 81 -3.36 85.49 41.79
CA PHE D 81 -2.28 85.65 42.74
C PHE D 81 -2.70 85.16 44.12
N GLU D 82 -1.72 84.74 44.92
CA GLU D 82 -1.92 84.28 46.28
C GLU D 82 -0.87 84.90 47.19
N ARG D 83 -1.22 85.03 48.48
CA ARG D 83 -0.40 85.75 49.43
C ARG D 83 -0.24 84.97 50.73
N ARG D 84 0.85 85.26 51.44
CA ARG D 84 1.12 84.70 52.76
C ARG D 84 1.60 85.82 53.68
N THR D 85 1.46 85.59 54.98
CA THR D 85 1.72 86.61 55.99
C THR D 85 2.92 86.22 56.85
N ILE D 86 3.75 87.21 57.20
CA ILE D 86 4.94 87.00 58.00
C ILE D 86 4.61 87.25 59.47
N VAL D 87 5.21 86.44 60.35
CA VAL D 87 4.99 86.52 61.79
C VAL D 87 6.33 86.64 62.48
N ARG D 88 6.39 87.49 63.52
CA ARG D 88 7.60 87.71 64.30
C ARG D 88 7.33 87.45 65.78
N GLY D 89 8.37 87.02 66.49
CA GLY D 89 8.28 86.79 67.92
C GLY D 89 9.46 87.40 68.65
N GLU D 90 9.40 87.35 69.97
CA GLU D 90 10.45 87.92 70.80
C GLU D 90 10.54 87.17 72.13
N LEU D 91 11.70 87.27 72.76
CA LEU D 91 11.96 86.65 74.05
C LEU D 91 13.19 87.30 74.66
N GLY D 92 13.13 87.55 75.97
CA GLY D 92 14.21 88.23 76.65
C GLY D 92 14.68 87.57 77.93
N MET D 93 15.45 88.30 78.74
CA MET D 93 16.03 87.75 79.96
C MET D 93 16.37 88.89 80.91
N MET D 94 16.55 88.54 82.18
CA MET D 94 16.89 89.50 83.22
C MET D 94 17.81 88.83 84.23
N VAL D 95 18.85 89.55 84.65
CA VAL D 95 19.83 89.05 85.62
C VAL D 95 20.00 90.08 86.72
N GLY D 96 19.92 89.63 87.97
CA GLY D 96 20.11 90.49 89.12
C GLY D 96 21.55 90.48 89.62
N THR D 97 21.85 91.45 90.48
CA THR D 97 23.21 91.60 91.01
C THR D 97 23.52 90.50 92.02
N LEU D 98 22.61 90.25 92.96
CA LEU D 98 22.88 89.27 94.01
C LEU D 98 22.78 87.85 93.48
N GLU D 99 21.81 87.59 92.61
CA GLU D 99 21.62 86.23 92.11
C GLU D 99 22.78 85.78 91.23
N GLU D 100 23.45 86.71 90.56
CA GLU D 100 24.61 86.36 89.75
C GLU D 100 25.75 85.83 90.62
N GLY D 101 25.99 86.49 91.76
CA GLY D 101 27.05 86.04 92.65
C GLY D 101 26.75 84.68 93.27
N ARG D 102 25.51 84.48 93.71
CA ARG D 102 25.14 83.20 94.32
C ARG D 102 25.14 82.07 93.30
N ALA D 103 24.88 82.38 92.03
CA ALA D 103 24.89 81.35 90.99
C ALA D 103 26.29 80.79 90.81
N SER D 104 27.32 81.62 90.93
CA SER D 104 28.69 81.16 90.78
C SER D 104 29.14 80.25 91.91
N ALA D 105 28.39 80.21 93.02
CA ALA D 105 28.75 79.32 94.12
C ALA D 105 28.67 77.86 93.70
N ILE D 106 27.70 77.52 92.85
CA ILE D 106 27.54 76.17 92.35
C ILE D 106 28.16 76.01 90.96
N ARG D 107 29.07 76.91 90.58
CA ARG D 107 29.79 76.83 89.30
C ARG D 107 28.82 76.86 88.12
N LEU D 108 27.78 77.68 88.22
CA LEU D 108 26.80 77.85 87.17
C LEU D 108 26.71 79.32 86.79
N ASN D 109 26.77 79.60 85.49
CA ASN D 109 26.67 80.96 84.98
C ASN D 109 25.20 81.25 84.68
N SER D 110 24.56 82.04 85.55
CA SER D 110 23.14 82.33 85.37
C SER D 110 22.89 83.14 84.11
N ALA D 111 23.75 84.11 83.81
CA ALA D 111 23.53 84.94 82.63
C ALA D 111 23.62 84.12 81.34
N GLU D 112 24.61 83.22 81.25
CA GLU D 112 24.76 82.42 80.06
C GLU D 112 23.60 81.43 79.88
N THR D 113 23.13 80.85 80.99
CA THR D 113 22.04 79.89 80.91
C THR D 113 20.76 80.54 80.39
N LYS D 114 20.44 81.74 80.89
CA LYS D 114 19.25 82.44 80.42
C LYS D 114 19.38 82.86 78.97
N ARG D 115 20.59 83.24 78.53
CA ARG D 115 20.79 83.64 77.14
C ARG D 115 20.58 82.46 76.20
N GLN D 116 21.07 81.28 76.57
CA GLN D 116 20.91 80.11 75.71
C GLN D 116 19.44 79.72 75.56
N GLN D 117 18.68 79.79 76.65
CA GLN D 117 17.27 79.42 76.58
C GLN D 117 16.48 80.32 75.65
N ALA D 118 16.85 81.61 75.58
CA ALA D 118 16.13 82.54 74.71
C ALA D 118 16.27 82.12 73.25
N ALA D 119 17.46 81.72 72.83
CA ALA D 119 17.65 81.24 71.46
C ALA D 119 16.87 79.96 71.22
N ILE D 120 16.86 79.04 72.19
CA ILE D 120 16.13 77.78 72.03
C ILE D 120 14.63 78.05 71.98
N GLY D 121 14.14 78.95 72.81
CA GLY D 121 12.71 79.25 72.81
C GLY D 121 12.23 79.83 71.49
N LEU D 122 13.06 80.65 70.84
CA LEU D 122 12.70 81.15 69.52
C LEU D 122 12.67 80.04 68.48
N GLU D 123 13.60 79.09 68.57
CA GLU D 123 13.63 77.97 67.64
C GLU D 123 12.38 77.10 67.77
N THR D 124 11.93 76.87 69.01
CA THR D 124 10.69 76.12 69.21
C THR D 124 9.51 76.85 68.61
N PHE D 125 9.46 78.18 68.75
CA PHE D 125 8.38 78.95 68.16
C PHE D 125 8.40 78.85 66.64
N ARG D 126 9.58 78.94 66.04
CA ARG D 126 9.67 78.85 64.58
C ARG D 126 9.31 77.45 64.10
N ASN D 127 9.75 76.42 64.82
CA ASN D 127 9.45 75.04 64.42
C ASN D 127 7.95 74.77 64.48
N ALA D 128 7.26 75.29 65.50
CA ALA D 128 5.82 75.06 65.64
C ALA D 128 5.06 75.67 64.48
N ILE D 129 5.47 76.86 64.02
CA ILE D 129 4.78 77.50 62.91
C ILE D 129 4.96 76.69 61.63
N GLY D 130 6.12 76.06 61.45
CA GLY D 130 6.34 75.26 60.27
C GLY D 130 5.38 74.09 60.16
N PHE D 131 5.01 73.49 61.29
CA PHE D 131 4.09 72.37 61.27
C PHE D 131 2.64 72.84 61.25
N TYR D 132 2.25 73.67 62.22
CA TYR D 132 0.89 74.18 62.31
C TYR D 132 0.87 75.67 62.00
N GLY D 133 -0.13 76.10 61.25
CA GLY D 133 -0.26 77.51 60.93
C GLY D 133 -0.54 78.36 62.14
N TRP D 134 -0.25 79.66 62.00
CA TRP D 134 -0.42 80.61 63.08
C TRP D 134 -1.76 81.33 62.90
N GLN D 135 -2.71 81.01 63.77
CA GLN D 135 -4.03 81.65 63.77
C GLN D 135 -4.71 81.56 62.41
N SER D 136 -4.65 80.37 61.80
CA SER D 136 -5.29 80.17 60.50
C SER D 136 -6.81 80.30 60.61
N GLY D 137 -7.39 79.80 61.71
CA GLY D 137 -8.83 79.87 61.87
C GLY D 137 -9.36 81.29 61.98
N LEU D 138 -8.57 82.19 62.58
CA LEU D 138 -9.02 83.57 62.75
C LEU D 138 -9.10 84.31 61.41
N GLY D 139 -8.27 83.94 60.45
CA GLY D 139 -8.27 84.60 59.16
C GLY D 139 -6.88 84.89 58.65
N ASN D 140 -5.86 84.60 59.45
CA ASN D 140 -4.49 84.83 59.03
C ASN D 140 -4.11 83.86 57.92
N ARG D 141 -3.07 84.22 57.18
CA ARG D 141 -2.65 83.47 56.00
C ARG D 141 -1.22 82.96 56.16
N THR D 142 -0.91 82.39 57.32
CA THR D 142 0.40 81.81 57.57
C THR D 142 0.47 80.35 57.12
N TYR D 143 -0.44 79.52 57.63
CA TYR D 143 -0.58 78.12 57.24
C TYR D 143 0.65 77.30 57.60
N GLY D 144 0.55 75.98 57.46
CA GLY D 144 1.63 75.12 57.86
C GLY D 144 1.61 73.80 57.13
N PHE D 145 2.51 72.91 57.56
CA PHE D 145 2.65 71.61 56.90
C PHE D 145 1.40 70.75 57.07
N LEU D 146 0.71 70.90 58.21
CA LEU D 146 -0.43 70.06 58.53
C LEU D 146 -1.74 70.83 58.65
N ASN D 147 -1.74 72.14 58.39
CA ASN D 147 -2.93 72.95 58.58
C ASN D 147 -3.26 73.80 57.37
N ASP D 148 -2.74 73.45 56.20
CA ASP D 148 -3.05 74.20 54.98
C ASP D 148 -4.50 73.93 54.57
N PRO D 149 -5.34 74.96 54.44
CA PRO D 149 -6.75 74.71 54.11
C PRO D 149 -6.96 74.03 52.76
N ASN D 150 -6.09 74.26 51.79
CA ASN D 150 -6.22 73.65 50.47
C ASN D 150 -5.38 72.38 50.40
N LEU D 151 -5.84 71.37 51.14
CA LEU D 151 -5.18 70.07 51.20
C LEU D 151 -6.20 68.97 50.97
N PRO D 152 -5.77 67.81 50.45
CA PRO D 152 -6.74 66.77 50.07
C PRO D 152 -7.42 66.10 51.23
N ALA D 153 -7.09 66.46 52.48
CA ALA D 153 -7.70 65.92 53.70
C ALA D 153 -7.30 64.47 53.94
N PHE D 154 -7.39 64.04 55.20
CA PHE D 154 -6.94 62.71 55.59
C PHE D 154 -7.93 61.64 55.14
N GLN D 155 -7.41 60.48 54.79
CA GLN D 155 -8.21 59.34 54.36
C GLN D 155 -7.83 58.12 55.18
N THR D 156 -8.81 57.24 55.37
CA THR D 156 -8.57 56.00 56.13
C THR D 156 -7.78 55.01 55.29
N PRO D 157 -6.72 54.43 55.84
CA PRO D 157 -5.94 53.44 55.10
C PRO D 157 -6.70 52.13 54.94
N PRO D 158 -6.34 51.33 53.94
CA PRO D 158 -7.03 50.03 53.78
C PRO D 158 -6.90 49.13 54.99
N SER D 159 -5.76 49.17 55.68
CA SER D 159 -5.56 48.39 56.90
C SER D 159 -5.92 49.27 58.10
N GLN D 160 -6.66 48.69 59.04
CA GLN D 160 -7.13 49.47 60.19
C GLN D 160 -5.98 50.00 61.03
N GLY D 161 -4.96 49.17 61.25
CA GLY D 161 -3.81 49.59 62.02
C GLY D 161 -2.56 48.81 61.70
N TRP D 162 -1.41 49.50 61.67
CA TRP D 162 -0.15 48.80 61.44
C TRP D 162 0.17 47.85 62.59
N SER D 163 -0.13 48.25 63.82
CA SER D 163 -0.03 47.33 64.95
C SER D 163 -1.02 46.19 64.77
N THR D 164 -0.62 45.01 65.22
CA THR D 164 -1.40 43.78 65.07
C THR D 164 -1.72 43.52 63.59
N ALA D 165 -0.75 43.78 62.73
CA ALA D 165 -0.87 43.53 61.30
C ALA D 165 0.37 42.81 60.80
N ASP D 166 0.18 41.96 59.79
CA ASP D 166 1.25 41.12 59.28
C ASP D 166 2.10 41.92 58.28
N TRP D 167 3.04 41.23 57.64
CA TRP D 167 3.93 41.88 56.68
C TRP D 167 3.17 42.43 55.48
N ALA D 168 2.18 41.66 54.99
CA ALA D 168 1.43 42.09 53.83
C ALA D 168 0.58 43.32 54.13
N GLY D 169 0.04 43.41 55.35
CA GLY D 169 -0.80 44.53 55.70
C GLY D 169 -0.08 45.86 55.66
N ILE D 170 1.15 45.90 56.18
CA ILE D 170 1.93 47.13 56.17
C ILE D 170 2.27 47.53 54.74
N ILE D 171 2.63 46.56 53.90
CA ILE D 171 2.97 46.85 52.51
C ILE D 171 1.77 47.43 51.77
N GLY D 172 0.57 46.92 52.07
CA GLY D 172 -0.62 47.37 51.34
C GLY D 172 -0.89 48.86 51.52
N ASP D 173 -0.72 49.36 52.75
CA ASP D 173 -0.98 50.77 53.00
C ASP D 173 -0.04 51.67 52.22
N ILE D 174 1.24 51.31 52.15
CA ILE D 174 2.20 52.11 51.39
C ILE D 174 1.86 52.06 49.90
N ARG D 175 1.50 50.89 49.39
CA ARG D 175 1.16 50.77 47.97
C ARG D 175 -0.08 51.59 47.63
N GLU D 176 -1.07 51.59 48.53
CA GLU D 176 -2.28 52.37 48.29
C GLU D 176 -1.97 53.87 48.20
N ALA D 177 -1.09 54.35 49.06
CA ALA D 177 -0.72 55.76 49.02
C ALA D 177 -0.03 56.12 47.70
N VAL D 178 0.86 55.25 47.22
CA VAL D 178 1.54 55.51 45.96
C VAL D 178 0.55 55.45 44.80
N ARG D 179 -0.42 54.54 44.87
CA ARG D 179 -1.43 54.44 43.82
C ARG D 179 -2.23 55.73 43.70
N GLN D 180 -2.48 56.43 44.81
CA GLN D 180 -3.23 57.67 44.76
C GLN D 180 -2.46 58.77 44.03
N LEU D 181 -1.13 58.78 44.13
CA LEU D 181 -0.34 59.79 43.44
C LEU D 181 -0.49 59.68 41.93
N ARG D 182 -0.49 58.46 41.40
CA ARG D 182 -0.66 58.28 39.96
C ARG D 182 -2.09 58.52 39.50
N ILE D 183 -3.04 58.63 40.43
CA ILE D 183 -4.42 58.94 40.07
C ILE D 183 -4.71 60.43 40.21
N GLN D 184 -4.18 61.06 41.26
CA GLN D 184 -4.39 62.50 41.44
C GLN D 184 -3.82 63.29 40.28
N SER D 185 -2.62 62.91 39.82
CA SER D 185 -2.06 63.45 38.59
C SER D 185 -2.25 62.41 37.50
N GLN D 186 -2.87 62.81 36.39
CA GLN D 186 -3.30 61.86 35.36
C GLN D 186 -2.08 61.39 34.57
N ASP D 187 -1.32 60.48 35.20
CA ASP D 187 -0.16 59.84 34.59
C ASP D 187 0.92 60.83 34.20
N GLN D 188 0.92 62.03 34.79
CA GLN D 188 1.91 63.03 34.43
C GLN D 188 3.26 62.77 35.11
N ILE D 189 3.26 62.05 36.23
CA ILE D 189 4.48 61.73 36.96
C ILE D 189 4.56 60.22 37.15
N ASP D 190 5.77 59.68 37.08
CA ASP D 190 6.00 58.27 37.31
C ASP D 190 6.58 58.08 38.70
N PRO D 191 5.83 57.50 39.65
CA PRO D 191 6.37 57.36 41.01
C PRO D 191 7.61 56.48 41.11
N LYS D 192 7.90 55.67 40.10
CA LYS D 192 9.07 54.79 40.17
C LYS D 192 10.36 55.60 40.30
N ALA D 193 10.50 56.67 39.50
CA ALA D 193 11.66 57.56 39.57
C ALA D 193 11.15 59.00 39.61
N GLU D 194 10.82 59.48 40.81
CA GLU D 194 10.35 60.86 40.96
C GLU D 194 10.87 61.54 42.22
N LYS D 195 11.74 60.89 43.00
CA LYS D 195 12.27 61.45 44.24
C LYS D 195 11.16 61.83 45.21
N ILE D 196 10.42 60.80 45.65
CA ILE D 196 9.29 60.98 46.54
C ILE D 196 9.78 60.92 47.99
N THR D 197 9.10 61.66 48.86
CA THR D 197 9.45 61.71 50.28
C THR D 197 8.29 61.18 51.11
N LEU D 198 8.58 60.27 52.04
CA LEU D 198 7.59 59.71 52.94
C LEU D 198 7.80 60.27 54.34
N ALA D 199 6.74 60.80 54.94
CA ALA D 199 6.84 61.46 56.23
C ALA D 199 6.82 60.49 57.40
N LEU D 200 5.78 59.66 57.50
CA LEU D 200 5.66 58.63 58.52
C LEU D 200 5.64 59.26 59.91
N ALA D 201 5.67 58.42 60.96
CA ALA D 201 5.63 58.92 62.34
C ALA D 201 6.73 58.23 63.14
N THR D 202 7.16 58.91 64.20
CA THR D 202 8.27 58.38 65.00
C THR D 202 7.90 57.10 65.73
N SER D 203 6.62 56.91 66.06
CA SER D 203 6.20 55.69 66.75
C SER D 203 6.11 54.51 65.79
N LYS D 204 5.75 54.75 64.54
CA LYS D 204 5.54 53.69 63.56
C LYS D 204 6.76 53.44 62.68
N VAL D 205 7.86 54.18 62.88
CA VAL D 205 9.02 54.01 62.02
C VAL D 205 9.68 52.66 62.26
N ASP D 206 9.55 52.11 63.46
CA ASP D 206 10.15 50.81 63.76
C ASP D 206 9.36 49.65 63.18
N TYR D 207 8.14 49.89 62.67
CA TYR D 207 7.38 48.84 62.02
C TYR D 207 7.93 48.48 60.65
N LEU D 208 8.88 49.26 60.13
CA LEU D 208 9.52 48.95 58.85
C LEU D 208 10.43 47.75 58.93
N SER D 209 10.72 47.24 60.13
CA SER D 209 11.61 46.12 60.32
C SER D 209 10.88 44.80 60.49
N VAL D 210 9.58 44.75 60.22
CA VAL D 210 8.83 43.51 60.29
C VAL D 210 9.34 42.57 59.21
N THR D 211 9.67 41.34 59.60
CA THR D 211 10.34 40.38 58.74
C THR D 211 9.52 39.11 58.60
N THR D 212 9.41 38.61 57.37
CA THR D 212 8.76 37.35 57.09
C THR D 212 9.65 36.19 57.56
N PRO D 213 9.05 35.01 57.76
CA PRO D 213 9.86 33.85 58.17
C PRO D 213 10.98 33.49 57.21
N TYR D 214 10.93 33.97 55.97
CA TYR D 214 11.97 33.68 54.98
C TYR D 214 13.06 34.75 54.94
N GLY D 215 13.01 35.74 55.83
CA GLY D 215 14.04 36.75 55.90
C GLY D 215 13.79 38.01 55.10
N ILE D 216 12.62 38.17 54.51
CA ILE D 216 12.29 39.36 53.74
C ILE D 216 11.56 40.35 54.64
N SER D 217 12.01 41.60 54.63
CA SER D 217 11.46 42.64 55.48
C SER D 217 10.78 43.72 54.63
N VAL D 218 10.11 44.63 55.32
CA VAL D 218 9.42 45.73 54.63
C VAL D 218 10.43 46.64 53.95
N SER D 219 11.58 46.87 54.57
CA SER D 219 12.58 47.77 54.01
C SER D 219 13.09 47.29 52.66
N ASP D 220 13.28 45.97 52.51
CA ASP D 220 13.75 45.44 51.24
C ASP D 220 12.77 45.70 50.12
N TRP D 221 11.47 45.59 50.42
CA TRP D 221 10.45 45.86 49.40
C TRP D 221 10.49 47.30 48.95
N ILE D 222 10.69 48.24 49.87
CA ILE D 222 10.67 49.66 49.52
C ILE D 222 11.86 50.02 48.65
N GLU D 223 13.06 49.58 49.03
CA GLU D 223 14.26 49.97 48.29
C GLU D 223 14.29 49.36 46.90
N GLN D 224 13.57 48.25 46.68
CA GLN D 224 13.58 47.62 45.36
C GLN D 224 12.51 48.20 44.45
N THR D 225 11.28 48.33 44.96
CA THR D 225 10.19 48.84 44.13
C THR D 225 10.39 50.32 43.81
N TYR D 226 10.70 51.13 44.82
CA TYR D 226 10.88 52.57 44.66
C TYR D 226 12.25 52.95 45.21
N PRO D 227 13.29 52.89 44.38
CA PRO D 227 14.64 53.17 44.89
C PRO D 227 14.85 54.61 45.36
N LYS D 228 14.02 55.54 44.92
CA LYS D 228 14.26 56.96 45.14
C LYS D 228 13.48 57.55 46.31
N MET D 229 12.75 56.72 47.06
CA MET D 229 12.05 57.25 48.22
C MET D 229 13.02 57.59 49.35
N ARG D 230 12.67 58.62 50.10
CA ARG D 230 13.40 59.04 51.29
C ARG D 230 12.47 58.98 52.48
N ILE D 231 12.91 58.33 53.56
CA ILE D 231 12.08 58.09 54.74
C ILE D 231 12.59 58.97 55.87
N VAL D 232 11.68 59.72 56.49
CA VAL D 232 12.00 60.56 57.64
C VAL D 232 11.03 60.22 58.76
N SER D 233 11.22 60.88 59.90
CA SER D 233 10.34 60.71 61.04
C SER D 233 10.23 62.03 61.79
N ALA D 234 9.08 62.25 62.43
CA ALA D 234 8.83 63.48 63.15
C ALA D 234 7.96 63.19 64.37
N PRO D 235 8.35 63.66 65.56
CA PRO D 235 7.50 63.45 66.74
C PRO D 235 6.17 64.19 66.69
N GLU D 236 6.05 65.21 65.83
CA GLU D 236 4.82 65.98 65.77
C GLU D 236 3.70 65.24 65.05
N LEU D 237 4.01 64.13 64.39
CA LEU D 237 3.02 63.38 63.63
C LEU D 237 2.44 62.20 64.39
N SER D 238 2.75 62.07 65.68
CA SER D 238 2.24 60.93 66.45
C SER D 238 0.78 61.15 66.84
N GLY D 239 0.52 62.17 67.64
CA GLY D 239 -0.85 62.50 68.02
C GLY D 239 -1.40 63.65 67.22
N VAL D 240 -2.31 63.37 66.29
CA VAL D 240 -2.78 64.37 65.32
C VAL D 240 -4.21 64.81 65.64
N GLN D 241 -5.19 63.89 65.54
CA GLN D 241 -6.59 64.27 65.63
C GLN D 241 -7.39 63.57 66.72
N MET D 242 -6.75 62.78 67.59
CA MET D 242 -7.39 62.40 68.85
C MET D 242 -8.67 61.61 68.68
N LYS D 243 -8.57 60.31 68.32
CA LYS D 243 -9.75 59.46 68.22
C LYS D 243 -10.40 59.35 69.61
N ASN D 244 -11.48 58.57 69.74
CA ASN D 244 -12.39 58.71 70.88
C ASN D 244 -11.64 58.72 72.20
N GLN D 245 -10.68 57.82 72.38
CA GLN D 245 -9.83 57.86 73.55
C GLN D 245 -8.36 57.61 73.27
N GLU D 246 -7.96 57.49 72.01
CA GLU D 246 -6.58 57.18 71.66
C GLU D 246 -6.11 58.09 70.53
N PRO D 247 -4.82 58.43 70.50
CA PRO D 247 -4.29 59.21 69.39
C PRO D 247 -4.12 58.38 68.14
N GLU D 248 -4.05 59.06 66.99
CA GLU D 248 -3.86 58.43 65.70
C GLU D 248 -2.62 58.99 65.04
N ASP D 249 -1.75 58.11 64.54
CA ASP D 249 -0.56 58.53 63.84
C ASP D 249 -0.91 58.93 62.40
N ALA D 250 0.02 59.61 61.75
CA ALA D 250 -0.21 60.16 60.42
C ALA D 250 0.88 59.73 59.46
N LEU D 251 0.53 59.70 58.17
CA LEU D 251 1.46 59.36 57.10
C LEU D 251 1.22 60.30 55.93
N VAL D 252 2.27 61.00 55.51
CA VAL D 252 2.18 61.97 54.43
C VAL D 252 3.18 61.59 53.34
N LEU D 253 2.71 61.52 52.11
CA LEU D 253 3.55 61.20 50.96
C LEU D 253 3.40 62.29 49.91
N PHE D 254 4.52 62.82 49.44
CA PHE D 254 4.49 63.91 48.47
C PHE D 254 5.72 63.86 47.60
N VAL D 255 5.62 64.51 46.45
CA VAL D 255 6.72 64.61 45.48
C VAL D 255 7.59 65.80 45.86
N GLU D 256 8.91 65.64 45.73
CA GLU D 256 9.82 66.72 46.11
C GLU D 256 9.78 67.86 45.10
N ASP D 257 10.12 67.58 43.84
CA ASP D 257 10.18 68.59 42.80
C ASP D 257 9.48 68.08 41.55
N VAL D 258 8.98 69.02 40.75
CA VAL D 258 8.28 68.72 39.50
C VAL D 258 9.09 69.32 38.35
N ASN D 259 9.41 68.49 37.36
CA ASN D 259 10.21 68.94 36.24
C ASN D 259 9.46 69.96 35.40
N ALA D 260 10.22 70.84 34.74
CA ALA D 260 9.65 71.85 33.87
C ALA D 260 9.17 71.28 32.54
N ALA D 261 9.49 70.03 32.24
CA ALA D 261 8.98 69.41 31.02
C ALA D 261 7.52 68.98 31.16
N VAL D 262 7.09 68.64 32.38
CA VAL D 262 5.73 68.19 32.61
C VAL D 262 4.73 69.30 32.32
N ASP D 263 5.01 70.50 32.82
CA ASP D 263 4.13 71.64 32.64
C ASP D 263 4.96 72.89 32.34
N GLY D 264 4.31 73.87 31.71
CA GLY D 264 5.00 75.07 31.27
C GLY D 264 5.29 76.07 32.37
N SER D 265 5.38 75.60 33.61
CA SER D 265 5.69 76.48 34.73
C SER D 265 7.12 77.02 34.59
N THR D 266 7.30 78.31 34.85
CA THR D 266 8.60 78.93 34.70
C THR D 266 9.45 78.78 35.97
N ASP D 267 8.82 78.71 37.14
CA ASP D 267 9.56 78.52 38.37
C ASP D 267 9.88 77.04 38.57
N GLY D 268 10.64 76.76 39.64
CA GLY D 268 10.99 75.39 39.95
C GLY D 268 9.80 74.60 40.46
N GLY D 269 10.03 73.30 40.65
CA GLY D 269 8.98 72.44 41.15
C GLY D 269 8.48 72.88 42.52
N SER D 270 9.32 72.72 43.54
CA SER D 270 9.10 73.26 44.88
C SER D 270 7.66 73.01 45.36
N VAL D 271 7.32 71.72 45.50
CA VAL D 271 6.00 71.37 46.02
C VAL D 271 5.82 71.90 47.43
N PHE D 272 6.84 71.74 48.27
CA PHE D 272 6.83 72.27 49.63
C PHE D 272 8.09 73.09 49.87
N SER D 273 7.94 74.17 50.63
CA SER D 273 9.08 75.00 50.99
C SER D 273 8.75 75.75 52.27
N GLN D 274 9.78 76.10 53.03
CA GLN D 274 9.63 76.84 54.28
C GLN D 274 10.25 78.22 54.11
N LEU D 275 9.47 79.26 54.40
CA LEU D 275 9.87 80.64 54.19
C LEU D 275 10.25 81.25 55.54
N VAL D 276 11.54 81.55 55.70
CA VAL D 276 12.06 82.11 56.95
C VAL D 276 12.84 83.38 56.62
N GLN D 277 12.55 84.46 57.34
CA GLN D 277 13.18 85.75 57.10
C GLN D 277 14.50 85.89 57.86
N SER D 278 14.49 85.60 59.16
CA SER D 278 15.69 85.71 59.97
C SER D 278 15.58 84.75 61.16
N LYS D 279 16.71 84.17 61.54
CA LYS D 279 16.72 83.18 62.62
C LYS D 279 17.02 83.79 63.97
N PHE D 280 17.89 84.80 64.03
CA PHE D 280 18.28 85.40 65.30
C PHE D 280 18.60 86.87 65.10
N ILE D 281 17.90 87.73 65.84
CA ILE D 281 18.13 89.18 65.81
C ILE D 281 18.21 89.66 67.25
N THR D 282 19.20 90.50 67.54
CA THR D 282 19.38 91.11 68.84
C THR D 282 18.78 92.51 68.81
N LEU D 283 17.88 92.80 69.76
CA LEU D 283 17.20 94.09 69.76
C LEU D 283 18.01 95.15 70.48
N GLY D 284 18.37 94.90 71.74
CA GLY D 284 19.15 95.86 72.49
C GLY D 284 19.31 95.42 73.93
N VAL D 285 20.11 96.19 74.66
CA VAL D 285 20.43 95.92 76.06
C VAL D 285 20.17 97.19 76.86
N GLU D 286 19.45 97.05 77.97
CA GLU D 286 19.16 98.15 78.87
C GLU D 286 19.70 97.81 80.25
N LYS D 287 20.43 98.75 80.84
CA LYS D 287 21.08 98.55 82.14
C LYS D 287 20.39 99.41 83.19
N ARG D 288 20.03 98.78 84.31
CA ARG D 288 19.43 99.46 85.45
C ARG D 288 20.45 99.58 86.57
N ALA D 289 20.01 100.09 87.72
CA ALA D 289 20.91 100.27 88.85
C ALA D 289 21.42 98.94 89.38
N LYS D 290 20.54 97.95 89.51
CA LYS D 290 20.90 96.67 90.09
C LYS D 290 20.61 95.49 89.17
N SER D 291 20.34 95.73 87.89
CA SER D 291 20.04 94.66 86.96
C SER D 291 20.15 95.19 85.54
N TYR D 292 19.98 94.30 84.57
CA TYR D 292 19.97 94.68 83.16
C TYR D 292 19.11 93.69 82.39
N VAL D 293 18.60 94.14 81.24
CA VAL D 293 17.64 93.39 80.45
C VAL D 293 18.16 93.27 79.02
N GLU D 294 17.94 92.10 78.42
CA GLU D 294 18.29 91.85 77.03
C GLU D 294 17.06 91.33 76.29
N ASP D 295 17.08 91.47 74.97
CA ASP D 295 15.96 91.06 74.14
C ASP D 295 16.46 90.44 72.85
N PHE D 296 15.65 89.56 72.27
CA PHE D 296 15.95 88.88 71.02
C PHE D 296 14.67 88.69 70.24
N SER D 297 14.81 88.45 68.93
CA SER D 297 13.65 88.33 68.06
C SER D 297 14.02 87.51 66.83
N ASN D 298 12.98 87.07 66.11
CA ASN D 298 13.14 86.31 64.88
C ASN D 298 11.86 86.45 64.06
N GLY D 299 11.93 86.01 62.82
CA GLY D 299 10.79 86.09 61.93
C GLY D 299 10.69 84.87 61.03
N THR D 300 9.45 84.53 60.67
CA THR D 300 9.18 83.39 59.80
C THR D 300 7.85 83.61 59.10
N ALA D 301 7.61 82.83 58.04
CA ALA D 301 6.41 82.97 57.25
C ALA D 301 5.66 81.66 57.04
N GLY D 302 6.08 80.58 57.70
CA GLY D 302 5.38 79.32 57.57
C GLY D 302 5.81 78.52 56.35
N ALA D 303 4.91 77.63 55.92
CA ALA D 303 5.15 76.74 54.80
C ALA D 303 4.23 77.08 53.64
N LEU D 304 4.73 76.88 52.42
CA LEU D 304 4.00 77.17 51.20
C LEU D 304 3.88 75.91 50.36
N CYS D 305 2.67 75.64 49.86
CA CYS D 305 2.38 74.47 49.02
C CYS D 305 1.85 74.97 47.68
N LYS D 306 2.72 74.96 46.67
CA LYS D 306 2.33 75.45 45.35
C LYS D 306 1.42 74.47 44.64
N ARG D 307 1.71 73.17 44.75
CA ARG D 307 0.96 72.13 44.05
C ARG D 307 0.33 71.19 45.07
N PRO D 308 -0.92 71.43 45.47
CA PRO D 308 -1.57 70.56 46.44
C PRO D 308 -2.06 69.24 45.88
N TRP D 309 -1.91 68.99 44.57
CA TRP D 309 -2.36 67.75 43.96
C TRP D 309 -1.29 66.66 44.00
N ALA D 310 -0.13 66.92 44.60
CA ALA D 310 0.95 65.95 44.70
C ALA D 310 1.21 65.54 46.14
N VAL D 311 0.18 65.62 46.99
CA VAL D 311 0.30 65.29 48.40
C VAL D 311 -0.82 64.32 48.77
N VAL D 312 -0.46 63.27 49.51
CA VAL D 312 -1.43 62.30 50.00
C VAL D 312 -1.26 62.17 51.51
N ARG D 313 -2.37 62.18 52.23
CA ARG D 313 -2.37 62.15 53.69
C ARG D 313 -3.30 61.04 54.19
N TYR D 314 -2.86 60.33 55.23
CA TYR D 314 -3.61 59.23 55.83
C TYR D 314 -3.70 59.45 57.33
N LEU D 315 -4.81 58.99 57.93
CA LEU D 315 -5.09 59.24 59.34
C LEU D 315 -4.98 58.00 60.22
N GLY D 316 -5.07 56.80 59.65
CA GLY D 316 -5.05 55.59 60.43
C GLY D 316 -3.65 55.17 60.83
N ILE D 317 -3.34 53.89 60.66
CA ILE D 317 -2.01 53.32 60.93
C ILE D 317 -1.71 53.32 62.42
N ASN E 1 -9.29 121.30 73.01
CA ASN E 1 -9.13 122.30 71.96
C ASN E 1 -8.08 121.87 70.94
N PHE E 2 -8.43 120.87 70.13
CA PHE E 2 -7.55 120.35 69.10
C PHE E 2 -7.97 120.92 67.75
N THR E 3 -7.08 121.69 67.14
CA THR E 3 -7.37 122.27 65.83
C THR E 3 -7.46 121.18 64.77
N ALA E 4 -8.32 121.41 63.78
CA ALA E 4 -8.54 120.42 62.74
C ALA E 4 -7.28 120.22 61.91
N PRO E 5 -6.83 118.98 61.72
CA PRO E 5 -5.63 118.75 60.91
C PRO E 5 -5.90 119.03 59.43
N VAL E 6 -4.82 119.36 58.71
CA VAL E 6 -4.92 119.60 57.28
C VAL E 6 -5.22 118.31 56.54
N THR E 7 -4.58 117.21 56.95
CA THR E 7 -4.75 115.92 56.31
C THR E 7 -5.44 114.95 57.26
N THR E 8 -6.30 114.10 56.70
CA THR E 8 -7.00 113.11 57.51
C THR E 8 -6.03 112.04 58.00
N PRO E 9 -6.18 111.58 59.24
CA PRO E 9 -5.28 110.54 59.75
C PRO E 9 -5.45 109.23 58.98
N SER E 10 -4.34 108.52 58.79
CA SER E 10 -4.34 107.26 58.08
C SER E 10 -3.05 106.52 58.37
N ILE E 11 -3.04 105.23 58.05
CA ILE E 11 -1.82 104.43 58.15
C ILE E 11 -0.81 104.93 57.12
N PRO E 12 0.44 105.20 57.50
CA PRO E 12 1.36 105.87 56.56
C PRO E 12 1.83 104.97 55.43
N THR E 13 2.18 103.72 55.71
CA THR E 13 2.88 102.88 54.74
C THR E 13 1.89 102.21 53.81
N PRO E 14 1.97 102.42 52.50
CA PRO E 14 1.16 101.66 51.56
C PRO E 14 1.60 100.21 51.49
N ILE E 15 0.67 99.34 51.09
CA ILE E 15 0.95 97.91 51.03
C ILE E 15 1.63 97.49 49.74
N GLN E 16 1.76 98.40 48.76
CA GLN E 16 2.50 98.06 47.54
C GLN E 16 3.95 97.71 47.85
N PHE E 17 4.58 98.48 48.73
CA PHE E 17 5.88 98.11 49.25
C PHE E 17 5.73 97.10 50.38
N LEU E 18 6.86 96.68 50.94
CA LEU E 18 6.92 95.64 51.96
C LEU E 18 6.40 94.30 51.45
N GLN E 19 6.48 94.08 50.14
CA GLN E 19 6.02 92.84 49.52
C GLN E 19 7.17 92.20 48.74
N THR E 20 7.30 90.89 48.88
CA THR E 20 8.30 90.11 48.15
C THR E 20 7.59 89.23 47.14
N TRP E 21 8.03 89.30 45.88
CA TRP E 21 7.42 88.56 44.79
C TRP E 21 8.33 87.43 44.35
N LEU E 22 7.80 86.21 44.36
CA LEU E 22 8.56 85.08 43.88
C LEU E 22 8.72 85.16 42.36
N PRO E 23 9.82 84.61 41.82
CA PRO E 23 10.18 84.91 40.42
C PRO E 23 9.20 84.46 39.37
N GLY E 24 8.88 83.15 39.34
CA GLY E 24 8.18 82.56 38.22
C GLY E 24 6.66 82.52 38.38
N PHE E 25 6.04 81.91 37.38
CA PHE E 25 4.60 81.67 37.35
C PHE E 25 4.32 80.17 37.46
N VAL E 26 3.10 79.86 37.89
CA VAL E 26 2.64 78.48 38.01
C VAL E 26 1.52 78.25 37.01
N LYS E 27 1.66 77.19 36.22
CA LYS E 27 0.73 76.90 35.13
C LYS E 27 -0.02 75.60 35.41
N VAL E 28 -1.29 75.56 35.02
CA VAL E 28 -2.09 74.35 35.17
C VAL E 28 -1.52 73.25 34.29
N MET E 29 -1.65 72.01 34.76
CA MET E 29 -0.94 70.87 34.17
C MET E 29 -1.82 70.05 33.22
N THR E 30 -3.10 69.87 33.56
CA THR E 30 -4.11 69.07 32.86
C THR E 30 -3.64 67.63 32.63
N ALA E 31 -4.47 66.83 31.98
CA ALA E 31 -4.19 65.40 31.83
C ALA E 31 -3.11 65.17 30.78
N ALA E 32 -2.57 63.95 30.79
CA ALA E 32 -1.53 63.54 29.86
C ALA E 32 -2.13 62.86 28.63
N ARG E 33 -1.34 62.82 27.57
CA ARG E 33 -1.74 62.22 26.30
C ARG E 33 -0.72 61.13 25.95
N LYS E 34 -1.16 59.88 25.93
CA LYS E 34 -0.26 58.74 25.77
C LYS E 34 -0.73 57.79 24.67
N ILE E 35 -1.43 58.31 23.66
CA ILE E 35 -1.86 57.46 22.56
C ILE E 35 -0.68 56.98 21.73
N ASP E 36 0.36 57.82 21.59
CA ASP E 36 1.51 57.45 20.77
C ASP E 36 2.27 56.27 21.36
N GLU E 37 2.39 56.23 22.69
CA GLU E 37 3.19 55.17 23.32
C GLU E 37 2.51 53.82 23.24
N ILE E 38 1.20 53.79 22.99
CA ILE E 38 0.48 52.52 22.96
C ILE E 38 0.58 51.85 21.59
N ILE E 39 0.13 52.55 20.55
CA ILE E 39 0.04 51.97 19.21
C ILE E 39 1.02 52.59 18.23
N GLY E 40 1.87 53.52 18.67
CA GLY E 40 2.83 54.14 17.78
C GLY E 40 2.21 55.21 16.91
N ILE E 41 3.03 55.75 16.01
CA ILE E 41 2.62 56.78 15.07
C ILE E 41 3.15 56.42 13.69
N ASP E 42 2.35 56.65 12.66
CA ASP E 42 2.73 56.34 11.30
C ASP E 42 2.15 57.38 10.35
N THR E 43 3.01 57.97 9.53
CA THR E 43 2.57 58.91 8.50
C THR E 43 2.38 58.15 7.19
N VAL E 44 1.17 58.20 6.64
CA VAL E 44 0.85 57.40 5.47
C VAL E 44 0.38 58.29 4.31
N GLY E 45 -0.46 59.27 4.60
CA GLY E 45 -1.05 60.10 3.59
C GLY E 45 -0.48 61.50 3.55
N SER E 46 -1.26 62.40 2.95
CA SER E 46 -0.91 63.82 2.87
C SER E 46 -2.12 64.63 3.30
N TRP E 47 -1.89 65.92 3.57
CA TRP E 47 -2.99 66.79 3.93
C TRP E 47 -3.86 67.00 2.68
N GLU E 48 -5.03 67.61 2.89
CA GLU E 48 -6.10 67.78 1.89
C GLU E 48 -6.47 66.48 1.18
N ASP E 49 -6.13 65.33 1.75
CA ASP E 49 -6.55 64.06 1.18
C ASP E 49 -7.88 63.62 1.79
N GLN E 50 -8.36 62.46 1.38
CA GLN E 50 -9.70 62.08 1.85
C GLN E 50 -9.78 60.71 2.50
N GLU E 51 -9.08 59.71 1.97
CA GLU E 51 -9.33 58.33 2.40
C GLU E 51 -8.07 57.49 2.31
N ILE E 52 -8.12 56.34 3.00
CA ILE E 52 -7.08 55.33 2.97
C ILE E 52 -7.76 53.98 2.79
N VAL E 53 -7.20 53.12 1.94
CA VAL E 53 -7.87 51.90 1.50
C VAL E 53 -7.00 50.68 1.81
N GLN E 54 -7.65 49.58 2.21
CA GLN E 54 -7.01 48.28 2.39
C GLN E 54 -7.97 47.21 1.88
N GLY E 55 -7.40 46.07 1.46
CA GLY E 55 -8.17 45.03 0.84
C GLY E 55 -8.03 43.70 1.55
N ILE E 56 -8.96 42.79 1.23
CA ILE E 56 -9.03 41.44 1.79
C ILE E 56 -9.15 40.45 0.65
N VAL E 57 -8.85 39.18 0.93
CA VAL E 57 -8.75 38.14 -0.09
C VAL E 57 -9.90 37.14 0.00
N GLU E 58 -10.05 36.47 1.15
CA GLU E 58 -11.14 35.54 1.42
C GLU E 58 -11.26 34.44 0.36
N PRO E 59 -10.40 33.44 0.37
CA PRO E 59 -10.57 32.29 -0.53
C PRO E 59 -11.69 31.37 -0.04
N ALA E 60 -12.10 30.46 -0.93
CA ALA E 60 -13.19 29.54 -0.62
C ALA E 60 -13.00 28.24 -1.39
N GLY E 61 -13.58 27.16 -0.87
CA GLY E 61 -13.53 25.87 -1.52
C GLY E 61 -13.68 24.69 -0.58
N THR E 62 -14.22 23.57 -1.09
CA THR E 62 -14.37 22.37 -0.29
C THR E 62 -14.29 21.15 -1.21
N ALA E 63 -13.94 20.01 -0.61
CA ALA E 63 -13.64 18.80 -1.36
C ALA E 63 -14.76 17.77 -1.21
N VAL E 64 -14.77 16.81 -2.13
CA VAL E 64 -15.72 15.70 -2.12
C VAL E 64 -14.95 14.40 -2.35
N GLU E 65 -15.66 13.28 -2.27
CA GLU E 65 -15.05 11.98 -2.52
C GLU E 65 -14.82 11.78 -4.01
N TYR E 66 -13.85 10.94 -4.35
CA TYR E 66 -13.41 10.79 -5.72
C TYR E 66 -14.34 9.85 -6.49
N GLY E 67 -14.49 10.14 -7.77
CA GLY E 67 -15.24 9.27 -8.67
C GLY E 67 -14.77 9.47 -10.10
N ASP E 68 -14.87 8.40 -10.89
CA ASP E 68 -14.37 8.46 -12.27
C ASP E 68 -15.24 9.35 -13.13
N HIS E 69 -16.57 9.20 -13.05
CA HIS E 69 -17.51 9.98 -13.83
C HIS E 69 -18.15 11.10 -13.01
N THR E 70 -17.65 11.35 -11.80
CA THR E 70 -18.21 12.36 -10.92
C THR E 70 -17.86 13.76 -11.41
N ASN E 71 -18.76 14.70 -11.16
CA ASN E 71 -18.52 16.11 -11.48
C ASN E 71 -17.30 16.63 -10.71
N ILE E 72 -16.81 17.78 -11.14
CA ILE E 72 -15.58 18.37 -10.62
C ILE E 72 -15.95 19.56 -9.73
N PRO E 73 -15.62 19.53 -8.45
CA PRO E 73 -15.82 20.71 -7.61
C PRO E 73 -14.83 21.81 -7.95
N LEU E 74 -15.20 23.04 -7.60
CA LEU E 74 -14.43 24.21 -7.96
C LEU E 74 -14.23 25.12 -6.75
N THR E 75 -13.22 25.97 -6.83
CA THR E 75 -12.89 26.92 -5.78
C THR E 75 -12.95 28.35 -6.34
N SER E 76 -13.06 29.31 -5.45
CA SER E 76 -13.19 30.71 -5.85
C SER E 76 -12.66 31.60 -4.72
N TRP E 77 -12.91 32.90 -4.84
CA TRP E 77 -12.47 33.88 -3.86
C TRP E 77 -13.35 35.12 -3.97
N ASN E 78 -13.23 36.01 -2.97
CA ASN E 78 -14.05 37.21 -2.91
C ASN E 78 -13.28 38.31 -2.19
N ALA E 79 -12.94 39.37 -2.90
CA ALA E 79 -12.15 40.46 -2.36
C ALA E 79 -13.03 41.61 -1.91
N ASN E 80 -12.64 42.25 -0.80
CA ASN E 80 -13.35 43.40 -0.25
C ASN E 80 -12.35 44.53 0.01
N PHE E 81 -12.88 45.71 0.31
CA PHE E 81 -12.06 46.89 0.56
C PHE E 81 -12.60 47.65 1.77
N GLU E 82 -11.70 48.31 2.49
CA GLU E 82 -12.05 49.07 3.68
C GLU E 82 -11.51 50.49 3.56
N ARG E 83 -12.21 51.45 4.16
CA ARG E 83 -11.90 52.86 4.02
C ARG E 83 -11.89 53.56 5.37
N ARG E 84 -11.08 54.62 5.46
CA ARG E 84 -11.03 55.48 6.62
C ARG E 84 -11.02 56.93 6.15
N THR E 85 -11.50 57.82 7.01
CA THR E 85 -11.69 59.23 6.66
C THR E 85 -10.72 60.11 7.42
N ILE E 86 -10.23 61.16 6.75
CA ILE E 86 -9.28 62.10 7.33
C ILE E 86 -10.05 63.29 7.90
N VAL E 87 -9.67 63.72 9.09
CA VAL E 87 -10.33 64.82 9.80
C VAL E 87 -9.30 65.91 10.05
N ARG E 88 -9.70 67.16 9.78
CA ARG E 88 -8.83 68.32 9.94
C ARG E 88 -9.38 69.25 11.02
N GLY E 89 -8.47 69.90 11.73
CA GLY E 89 -8.85 70.86 12.75
C GLY E 89 -8.04 72.14 12.61
N GLU E 90 -8.52 73.19 13.26
CA GLU E 90 -7.86 74.48 13.19
C GLU E 90 -8.04 75.22 14.50
N LEU E 91 -7.15 76.19 14.73
CA LEU E 91 -7.19 77.04 15.92
C LEU E 91 -6.32 78.27 15.65
N GLY E 92 -6.75 79.41 16.19
CA GLY E 92 -6.09 80.67 15.94
C GLY E 92 -5.91 81.49 17.20
N MET E 93 -5.42 82.71 17.01
CA MET E 93 -5.13 83.62 18.11
C MET E 93 -5.11 85.06 17.60
N MET E 94 -5.29 86.00 18.52
CA MET E 94 -5.32 87.42 18.19
C MET E 94 -4.89 88.24 19.40
N VAL E 95 -4.01 89.22 19.17
CA VAL E 95 -3.45 90.05 20.22
C VAL E 95 -3.68 91.52 19.87
N GLY E 96 -4.07 92.30 20.88
CA GLY E 96 -4.25 93.73 20.71
C GLY E 96 -3.05 94.54 21.15
N THR E 97 -2.99 95.81 20.75
CA THR E 97 -1.82 96.63 21.04
C THR E 97 -1.74 96.98 22.52
N LEU E 98 -2.85 97.43 23.11
CA LEU E 98 -2.81 97.87 24.50
C LEU E 98 -2.70 96.68 25.45
N GLU E 99 -3.40 95.59 25.17
CA GLU E 99 -3.35 94.43 26.04
C GLU E 99 -1.95 93.81 26.05
N GLU E 100 -1.27 93.83 24.90
CA GLU E 100 0.10 93.32 24.84
C GLU E 100 1.03 94.15 25.71
N GLY E 101 0.90 95.47 25.67
CA GLY E 101 1.74 96.32 26.49
C GLY E 101 1.44 96.18 27.97
N ARG E 102 0.15 96.10 28.33
CA ARG E 102 -0.23 95.95 29.72
C ARG E 102 0.25 94.61 30.28
N ALA E 103 0.14 93.54 29.49
CA ALA E 103 0.56 92.23 29.97
C ALA E 103 2.07 92.16 30.20
N SER E 104 2.84 92.99 29.52
CA SER E 104 4.28 93.01 29.72
C SER E 104 4.67 93.58 31.08
N ALA E 105 3.74 94.26 31.77
CA ALA E 105 4.07 94.82 33.08
C ALA E 105 4.31 93.75 34.12
N ILE E 106 3.71 92.57 33.94
CA ILE E 106 3.88 91.47 34.87
C ILE E 106 4.89 90.43 34.34
N ARG E 107 5.77 90.85 33.42
CA ARG E 107 6.83 89.98 32.88
C ARG E 107 6.24 88.73 32.23
N LEU E 108 5.14 88.90 31.50
CA LEU E 108 4.48 87.80 30.80
C LEU E 108 4.29 88.20 29.35
N ASN E 109 4.66 87.31 28.44
CA ASN E 109 4.52 87.54 27.00
C ASN E 109 3.16 87.00 26.55
N SER E 110 2.23 87.91 26.26
CA SER E 110 0.88 87.50 25.88
C SER E 110 0.89 86.76 24.55
N ALA E 111 1.67 87.25 23.58
CA ALA E 111 1.66 86.65 22.25
C ALA E 111 2.19 85.22 22.28
N GLU E 112 3.30 85.00 22.97
CA GLU E 112 3.87 83.65 23.03
C GLU E 112 2.98 82.70 23.80
N THR E 113 2.37 83.18 24.88
CA THR E 113 1.49 82.32 25.68
C THR E 113 0.31 81.82 24.86
N LYS E 114 -0.30 82.70 24.06
CA LYS E 114 -1.41 82.29 23.21
C LYS E 114 -0.95 81.35 22.11
N ARG E 115 0.27 81.54 21.60
CA ARG E 115 0.77 80.68 20.53
C ARG E 115 0.95 79.24 21.01
N GLN E 116 1.47 79.06 22.22
CA GLN E 116 1.67 77.71 22.74
C GLN E 116 0.35 76.99 22.96
N GLN E 117 -0.67 77.71 23.43
CA GLN E 117 -1.98 77.08 23.65
C GLN E 117 -2.59 76.60 22.35
N ALA E 118 -2.27 77.25 21.24
CA ALA E 118 -2.78 76.81 19.95
C ALA E 118 -2.24 75.42 19.59
N ALA E 119 -0.96 75.17 19.85
CA ALA E 119 -0.38 73.87 19.55
C ALA E 119 -0.88 72.80 20.50
N ILE E 120 -1.04 73.14 21.78
CA ILE E 120 -1.52 72.16 22.76
C ILE E 120 -2.96 71.76 22.47
N GLY E 121 -3.80 72.73 22.07
CA GLY E 121 -5.18 72.40 21.77
C GLY E 121 -5.33 71.46 20.59
N LEU E 122 -4.45 71.60 19.59
CA LEU E 122 -4.49 70.69 18.46
C LEU E 122 -4.06 69.28 18.86
N GLU E 123 -3.07 69.18 19.76
CA GLU E 123 -2.64 67.86 20.21
C GLU E 123 -3.71 67.17 21.05
N THR E 124 -4.48 67.94 21.83
CA THR E 124 -5.60 67.36 22.56
C THR E 124 -6.66 66.83 21.60
N PHE E 125 -6.90 67.56 20.50
CA PHE E 125 -7.85 67.09 19.50
C PHE E 125 -7.39 65.78 18.87
N ARG E 126 -6.13 65.72 18.46
CA ARG E 126 -5.61 64.52 17.82
C ARG E 126 -5.58 63.33 18.79
N ASN E 127 -5.19 63.57 20.04
CA ASN E 127 -5.13 62.48 21.01
C ASN E 127 -6.51 61.90 21.29
N ALA E 128 -7.53 62.74 21.38
CA ALA E 128 -8.89 62.26 21.62
C ALA E 128 -9.41 61.45 20.45
N ILE E 129 -9.05 61.81 19.23
CA ILE E 129 -9.50 61.08 18.05
C ILE E 129 -8.91 59.68 18.04
N GLY E 130 -7.67 59.51 18.50
CA GLY E 130 -7.09 58.18 18.55
C GLY E 130 -7.83 57.25 19.48
N PHE E 131 -8.17 57.74 20.69
CA PHE E 131 -8.86 56.90 21.66
C PHE E 131 -10.33 56.70 21.29
N TYR E 132 -11.02 57.76 20.86
CA TYR E 132 -12.42 57.70 20.52
C TYR E 132 -12.61 58.19 19.09
N GLY E 133 -13.46 57.52 18.33
CA GLY E 133 -13.71 57.90 16.96
C GLY E 133 -14.39 59.26 16.86
N TRP E 134 -14.38 59.79 15.65
CA TRP E 134 -14.94 61.12 15.37
C TRP E 134 -16.24 60.94 14.59
N GLN E 135 -17.36 61.23 15.26
CA GLN E 135 -18.68 61.19 14.64
C GLN E 135 -18.96 59.84 13.98
N SER E 136 -18.57 58.78 14.66
CA SER E 136 -18.85 57.44 14.15
C SER E 136 -20.35 57.13 14.14
N GLY E 137 -21.09 57.70 15.09
CA GLY E 137 -22.53 57.48 15.12
C GLY E 137 -23.24 58.08 13.92
N LEU E 138 -22.77 59.24 13.45
CA LEU E 138 -23.43 59.90 12.32
C LEU E 138 -23.19 59.14 11.02
N GLY E 139 -22.04 58.48 10.88
CA GLY E 139 -21.74 57.75 9.67
C GLY E 139 -20.31 57.94 9.20
N ASN E 140 -19.56 58.80 9.88
CA ASN E 140 -18.17 59.03 9.52
C ASN E 140 -17.32 57.83 9.90
N ARG E 141 -16.47 57.39 8.98
CA ARG E 141 -15.64 56.20 9.19
C ARG E 141 -14.24 56.61 9.63
N THR E 142 -14.14 56.97 10.91
CA THR E 142 -12.86 57.34 11.52
C THR E 142 -12.42 56.32 12.57
N TYR E 143 -13.27 56.02 13.55
CA TYR E 143 -13.04 54.97 14.55
C TYR E 143 -11.88 55.31 15.47
N GLY E 144 -11.77 54.57 16.57
CA GLY E 144 -10.74 54.84 17.56
C GLY E 144 -10.30 53.56 18.24
N PHE E 145 -9.38 53.72 19.21
CA PHE E 145 -8.85 52.57 19.91
C PHE E 145 -9.92 51.86 20.73
N LEU E 146 -10.83 52.61 21.34
CA LEU E 146 -11.86 52.06 22.20
C LEU E 146 -13.27 52.19 21.61
N ASN E 147 -13.38 52.46 20.30
CA ASN E 147 -14.69 52.68 19.71
C ASN E 147 -14.86 52.00 18.35
N ASP E 148 -13.94 51.15 17.94
CA ASP E 148 -14.06 50.48 16.65
C ASP E 148 -15.18 49.46 16.71
N PRO E 149 -16.19 49.54 15.83
CA PRO E 149 -17.32 48.61 15.91
C PRO E 149 -16.94 47.15 15.77
N ASN E 150 -15.93 46.82 14.95
CA ASN E 150 -15.54 45.43 14.74
C ASN E 150 -14.41 45.07 15.70
N LEU E 151 -14.78 44.95 16.97
CA LEU E 151 -13.88 44.59 18.05
C LEU E 151 -14.51 43.51 18.90
N PRO E 152 -13.71 42.71 19.59
CA PRO E 152 -14.24 41.49 20.24
C PRO E 152 -15.23 41.75 21.37
N ALA E 153 -15.39 43.00 21.82
CA ALA E 153 -16.29 43.37 22.91
C ALA E 153 -15.78 42.86 24.25
N PHE E 154 -16.10 43.57 25.32
CA PHE E 154 -15.51 43.30 26.63
C PHE E 154 -16.00 41.99 27.20
N GLN E 155 -15.20 41.44 28.12
CA GLN E 155 -15.52 40.23 28.86
C GLN E 155 -15.35 40.50 30.35
N THR E 156 -15.41 39.43 31.16
CA THR E 156 -15.20 39.56 32.59
C THR E 156 -14.06 38.66 33.06
N PRO E 157 -13.24 39.13 34.00
CA PRO E 157 -12.10 38.33 34.46
C PRO E 157 -12.55 37.24 35.42
N PRO E 158 -11.73 36.20 35.60
CA PRO E 158 -12.09 35.15 36.58
C PRO E 158 -12.24 35.72 37.99
N SER E 159 -11.20 36.36 38.49
CA SER E 159 -11.32 37.09 39.75
C SER E 159 -12.16 38.34 39.53
N GLN E 160 -13.05 38.62 40.49
CA GLN E 160 -13.98 39.73 40.31
C GLN E 160 -13.26 41.07 40.22
N GLY E 161 -12.23 41.26 41.04
CA GLY E 161 -11.47 42.49 41.01
C GLY E 161 -10.08 42.29 41.57
N TRP E 162 -9.11 43.04 41.02
CA TRP E 162 -7.75 42.98 41.54
C TRP E 162 -7.68 43.54 42.96
N SER E 163 -8.56 44.47 43.30
CA SER E 163 -8.67 44.94 44.68
C SER E 163 -9.15 43.80 45.57
N THR E 164 -8.59 43.73 46.78
CA THR E 164 -8.87 42.64 47.72
C THR E 164 -8.60 41.27 47.08
N ALA E 165 -7.50 41.19 46.34
CA ALA E 165 -7.08 39.95 45.71
C ALA E 165 -5.61 39.70 46.02
N ASP E 166 -5.24 38.43 46.09
CA ASP E 166 -3.89 38.03 46.48
C ASP E 166 -3.00 37.93 45.24
N TRP E 167 -1.76 37.48 45.46
CA TRP E 167 -0.80 37.36 44.36
C TRP E 167 -1.25 36.33 43.33
N ALA E 168 -1.77 35.18 43.79
CA ALA E 168 -2.19 34.14 42.86
C ALA E 168 -3.41 34.57 42.06
N GLY E 169 -4.32 35.33 42.68
CA GLY E 169 -5.52 35.75 41.97
C GLY E 169 -5.21 36.68 40.80
N ILE E 170 -4.29 37.63 41.00
CA ILE E 170 -3.93 38.54 39.92
C ILE E 170 -3.21 37.79 38.80
N ILE E 171 -2.36 36.83 39.17
CA ILE E 171 -1.63 36.06 38.17
C ILE E 171 -2.60 35.28 37.28
N GLY E 172 -3.67 34.75 37.87
CA GLY E 172 -4.64 34.00 37.09
C GLY E 172 -5.31 34.82 36.01
N ASP E 173 -5.57 36.10 36.29
CA ASP E 173 -6.19 36.97 35.30
C ASP E 173 -5.29 37.16 34.09
N ILE E 174 -3.99 37.36 34.32
CA ILE E 174 -3.06 37.51 33.21
C ILE E 174 -2.93 36.20 32.43
N ARG E 175 -2.94 35.07 33.14
CA ARG E 175 -2.87 33.78 32.48
C ARG E 175 -4.10 33.55 31.60
N GLU E 176 -5.27 33.93 32.09
CA GLU E 176 -6.50 33.77 31.32
C GLU E 176 -6.46 34.60 30.04
N ALA E 177 -5.95 35.83 30.13
CA ALA E 177 -5.86 36.69 28.95
C ALA E 177 -4.93 36.10 27.90
N VAL E 178 -3.79 35.56 28.33
CA VAL E 178 -2.87 34.93 27.40
C VAL E 178 -3.50 33.66 26.81
N ARG E 179 -4.28 32.94 27.60
CA ARG E 179 -4.93 31.73 27.10
C ARG E 179 -5.92 32.07 25.99
N GLN E 180 -6.63 33.20 26.12
CA GLN E 180 -7.62 33.56 25.11
C GLN E 180 -6.96 33.82 23.76
N LEU E 181 -5.77 34.44 23.76
CA LEU E 181 -5.08 34.68 22.50
C LEU E 181 -4.72 33.37 21.80
N ARG E 182 -4.31 32.36 22.57
CA ARG E 182 -4.01 31.05 21.99
C ARG E 182 -5.26 30.28 21.62
N ILE E 183 -6.43 30.70 22.08
CA ILE E 183 -7.67 30.02 21.75
C ILE E 183 -8.41 30.73 20.62
N GLN E 184 -8.42 32.06 20.62
CA GLN E 184 -9.08 32.80 19.55
C GLN E 184 -8.46 32.48 18.20
N SER E 185 -7.13 32.44 18.15
CA SER E 185 -6.42 31.89 17.00
C SER E 185 -6.18 30.40 17.25
N GLN E 186 -6.56 29.58 16.29
CA GLN E 186 -6.58 28.13 16.51
C GLN E 186 -5.16 27.57 16.56
N ASP E 187 -4.44 27.87 17.65
CA ASP E 187 -3.08 27.36 17.87
C ASP E 187 -2.15 27.72 16.71
N GLN E 188 -2.28 28.95 16.22
CA GLN E 188 -1.44 29.41 15.12
C GLN E 188 -0.32 30.33 15.58
N ILE E 189 -0.48 30.99 16.71
CA ILE E 189 0.54 31.87 17.26
C ILE E 189 0.81 31.47 18.70
N ASP E 190 2.09 31.33 19.04
CA ASP E 190 2.49 31.05 20.42
C ASP E 190 2.84 32.36 21.13
N PRO E 191 2.18 32.68 22.25
CA PRO E 191 2.39 34.00 22.88
C PRO E 191 3.81 34.24 23.35
N LYS E 192 4.62 33.20 23.54
CA LYS E 192 5.95 33.40 24.11
C LYS E 192 6.89 34.14 23.17
N ALA E 193 6.58 34.21 21.88
CA ALA E 193 7.46 34.84 20.90
C ALA E 193 6.66 35.73 19.94
N GLU E 194 5.79 36.58 20.48
CA GLU E 194 4.93 37.40 19.65
C GLU E 194 4.99 38.90 19.97
N LYS E 195 5.72 39.32 21.01
CA LYS E 195 5.82 40.72 21.39
C LYS E 195 4.45 41.33 21.68
N ILE E 196 3.80 40.77 22.70
CA ILE E 196 2.46 41.21 23.08
C ILE E 196 2.56 42.51 23.88
N THR E 197 1.53 43.36 23.75
CA THR E 197 1.46 44.63 24.45
C THR E 197 0.28 44.63 25.38
N LEU E 198 0.50 45.05 26.63
CA LEU E 198 -0.53 45.11 27.66
C LEU E 198 -0.91 46.57 27.88
N ALA E 199 -2.20 46.87 27.77
CA ALA E 199 -2.66 48.25 27.86
C ALA E 199 -2.91 48.66 29.31
N LEU E 200 -3.71 47.89 30.03
CA LEU E 200 -3.95 48.09 31.47
C LEU E 200 -4.57 49.46 31.73
N ALA E 201 -4.77 49.82 32.99
CA ALA E 201 -5.38 51.10 33.36
C ALA E 201 -4.51 51.80 34.39
N THR E 202 -4.66 53.13 34.45
CA THR E 202 -3.85 53.93 35.36
C THR E 202 -4.14 53.59 36.82
N SER E 203 -5.42 53.42 37.16
CA SER E 203 -5.79 53.20 38.55
C SER E 203 -5.45 51.79 39.04
N LYS E 204 -5.07 50.89 38.14
CA LYS E 204 -4.76 49.52 38.51
C LYS E 204 -3.35 49.09 38.16
N VAL E 205 -2.55 49.96 37.52
CA VAL E 205 -1.18 49.60 37.16
C VAL E 205 -0.31 49.39 38.40
N ASP E 206 -0.66 50.02 39.52
CA ASP E 206 0.13 49.90 40.74
C ASP E 206 -0.05 48.56 41.45
N TYR E 207 -1.02 47.75 41.02
CA TYR E 207 -1.24 46.45 41.65
C TYR E 207 -0.24 45.39 41.21
N LEU E 208 0.64 45.71 40.26
CA LEU E 208 1.64 44.75 39.80
C LEU E 208 2.74 44.51 40.82
N SER E 209 2.78 45.28 41.92
CA SER E 209 3.80 45.15 42.94
C SER E 209 3.42 44.19 44.05
N VAL E 210 2.29 43.49 43.93
CA VAL E 210 1.89 42.53 44.96
C VAL E 210 2.93 41.42 45.03
N THR E 211 3.35 41.11 46.25
CA THR E 211 4.45 40.18 46.47
C THR E 211 4.03 39.04 47.39
N THR E 212 4.59 37.87 47.14
CA THR E 212 4.46 36.74 48.05
C THR E 212 5.36 36.92 49.26
N PRO E 213 5.09 36.20 50.36
CA PRO E 213 5.98 36.30 51.52
C PRO E 213 7.41 35.90 51.21
N TYR E 214 7.62 35.02 50.23
CA TYR E 214 8.98 34.65 49.86
C TYR E 214 9.70 35.79 49.13
N GLY E 215 8.97 36.60 48.38
CA GLY E 215 9.57 37.75 47.72
C GLY E 215 9.41 37.77 46.21
N ILE E 216 8.38 37.11 45.71
CA ILE E 216 8.10 37.08 44.27
C ILE E 216 6.94 38.02 43.97
N SER E 217 7.13 38.91 43.00
CA SER E 217 6.14 39.90 42.65
C SER E 217 5.46 39.53 41.33
N VAL E 218 4.33 40.20 41.07
CA VAL E 218 3.60 39.96 39.83
C VAL E 218 4.42 40.41 38.62
N SER E 219 5.10 41.55 38.76
CA SER E 219 5.90 42.06 37.64
C SER E 219 7.07 41.14 37.30
N ASP E 220 7.69 40.53 38.31
CA ASP E 220 8.78 39.60 38.04
C ASP E 220 8.29 38.37 37.27
N TRP E 221 7.10 37.88 37.61
CA TRP E 221 6.54 36.75 36.89
C TRP E 221 6.30 37.09 35.42
N ILE E 222 5.76 38.28 35.15
CA ILE E 222 5.50 38.68 33.77
C ILE E 222 6.80 38.94 33.03
N GLU E 223 7.77 39.60 33.69
CA GLU E 223 8.99 40.01 33.00
C GLU E 223 9.86 38.83 32.62
N GLN E 224 9.72 37.69 33.30
CA GLN E 224 10.59 36.56 33.04
C GLN E 224 9.92 35.48 32.21
N THR E 225 8.62 35.23 32.43
CA THR E 225 7.92 34.23 31.63
C THR E 225 7.68 34.73 30.20
N TYR E 226 7.42 36.03 30.04
CA TYR E 226 7.20 36.64 28.74
C TYR E 226 8.16 37.82 28.60
N PRO E 227 9.41 37.56 28.21
CA PRO E 227 10.37 38.67 28.09
C PRO E 227 9.97 39.71 27.06
N LYS E 228 9.23 39.32 26.02
CA LYS E 228 8.87 40.24 24.95
C LYS E 228 7.63 41.07 25.26
N MET E 229 6.97 40.83 26.39
CA MET E 229 5.80 41.60 26.76
C MET E 229 6.18 43.03 27.11
N ARG E 230 5.32 43.98 26.73
CA ARG E 230 5.50 45.39 27.03
C ARG E 230 4.32 45.88 27.85
N ILE E 231 4.61 46.61 28.93
CA ILE E 231 3.59 47.11 29.84
C ILE E 231 3.51 48.63 29.67
N VAL E 232 2.30 49.12 29.41
CA VAL E 232 2.04 50.54 29.20
C VAL E 232 0.87 50.93 30.09
N SER E 233 0.76 52.22 30.39
CA SER E 233 -0.35 52.75 31.16
C SER E 233 -0.97 53.92 30.39
N ALA E 234 -2.26 54.16 30.64
CA ALA E 234 -2.98 55.23 29.97
C ALA E 234 -4.14 55.68 30.86
N PRO E 235 -4.40 56.98 30.95
CA PRO E 235 -5.50 57.46 31.79
C PRO E 235 -6.87 57.30 31.16
N GLU E 236 -6.97 57.13 29.84
CA GLU E 236 -8.27 57.04 29.20
C GLU E 236 -8.97 55.72 29.47
N LEU E 237 -8.27 54.73 30.01
CA LEU E 237 -8.85 53.42 30.26
C LEU E 237 -9.37 53.27 31.69
N SER E 238 -9.37 54.33 32.49
CA SER E 238 -9.89 54.24 33.84
C SER E 238 -11.41 54.17 33.85
N GLY E 239 -12.07 55.20 33.33
CA GLY E 239 -13.51 55.17 33.19
C GLY E 239 -13.93 54.87 31.76
N VAL E 240 -14.35 53.64 31.50
CA VAL E 240 -14.63 53.16 30.15
C VAL E 240 -16.14 53.04 29.90
N GLN E 241 -16.82 52.24 30.72
CA GLN E 241 -18.23 51.97 30.49
C GLN E 241 -19.16 52.55 31.56
N MET E 242 -18.62 53.05 32.68
CA MET E 242 -19.38 53.83 33.66
C MET E 242 -20.56 53.01 34.19
N LYS E 243 -20.21 51.95 34.92
CA LYS E 243 -21.18 50.97 35.39
C LYS E 243 -22.20 51.61 36.34
N ASN E 244 -23.16 50.81 36.84
CA ASN E 244 -24.34 51.31 37.52
C ASN E 244 -24.10 52.56 38.36
N GLN E 245 -23.08 52.54 39.22
CA GLN E 245 -22.70 53.73 39.97
C GLN E 245 -21.19 53.90 40.12
N GLU E 246 -20.37 53.04 39.51
CA GLU E 246 -18.92 53.18 39.58
C GLU E 246 -18.33 53.02 38.19
N PRO E 247 -17.22 53.70 37.89
CA PRO E 247 -16.50 53.43 36.65
C PRO E 247 -15.79 52.08 36.71
N GLU E 248 -15.55 51.51 35.53
CA GLU E 248 -14.89 50.21 35.41
C GLU E 248 -13.59 50.38 34.65
N ASP E 249 -12.49 49.89 35.24
CA ASP E 249 -11.18 49.97 34.61
C ASP E 249 -11.01 48.84 33.60
N ALA E 250 -10.42 49.15 32.45
CA ALA E 250 -10.30 48.20 31.36
C ALA E 250 -8.87 47.68 31.25
N LEU E 251 -8.75 46.51 30.63
CA LEU E 251 -7.46 45.89 30.34
C LEU E 251 -7.51 45.33 28.93
N VAL E 252 -6.54 45.71 28.10
CA VAL E 252 -6.50 45.31 26.69
C VAL E 252 -5.18 44.63 26.41
N LEU E 253 -5.22 43.46 25.79
CA LEU E 253 -4.04 42.70 25.42
C LEU E 253 -4.12 42.37 23.95
N PHE E 254 -3.05 42.68 23.21
CA PHE E 254 -3.04 42.45 21.77
C PHE E 254 -1.62 42.21 21.29
N VAL E 255 -1.52 41.57 20.12
CA VAL E 255 -0.25 41.24 19.51
C VAL E 255 0.21 42.42 18.67
N GLU E 256 1.52 42.70 18.69
CA GLU E 256 2.05 43.84 17.95
C GLU E 256 2.06 43.56 16.45
N ASP E 257 2.78 42.53 16.02
CA ASP E 257 2.92 42.22 14.60
C ASP E 257 2.70 40.72 14.38
N VAL E 258 2.27 40.39 13.16
CA VAL E 258 2.00 39.02 12.76
C VAL E 258 2.92 38.67 11.60
N ASN E 259 3.62 37.55 11.72
CA ASN E 259 4.59 37.16 10.70
C ASN E 259 3.88 36.68 9.43
N ALA E 260 4.58 36.82 8.31
CA ALA E 260 4.05 36.39 7.03
C ALA E 260 4.02 34.87 6.88
N ALA E 261 4.74 34.14 7.74
CA ALA E 261 4.65 32.69 7.73
C ALA E 261 3.37 32.21 8.41
N VAL E 262 2.87 32.98 9.37
CA VAL E 262 1.65 32.59 10.08
C VAL E 262 0.47 32.57 9.14
N ASP E 263 0.29 33.64 8.37
CA ASP E 263 -0.75 33.72 7.35
C ASP E 263 -0.16 34.34 6.09
N GLY E 264 -0.72 33.98 4.95
CA GLY E 264 -0.17 34.36 3.67
C GLY E 264 -0.43 35.79 3.25
N SER E 265 -0.65 36.68 4.21
CA SER E 265 -0.88 38.09 3.90
C SER E 265 0.38 38.71 3.30
N THR E 266 0.19 39.54 2.29
CA THR E 266 1.33 40.18 1.63
C THR E 266 1.93 41.30 2.46
N ASP E 267 1.08 42.07 3.15
CA ASP E 267 1.57 43.17 3.97
C ASP E 267 2.08 42.65 5.31
N GLY E 268 2.53 43.58 6.15
CA GLY E 268 2.97 43.22 7.48
C GLY E 268 1.81 42.93 8.40
N GLY E 269 2.14 42.54 9.64
CA GLY E 269 1.12 42.25 10.62
C GLY E 269 0.27 43.46 10.93
N SER E 270 0.84 44.44 11.63
CA SER E 270 0.22 45.73 11.90
C SER E 270 -1.21 45.56 12.44
N VAL E 271 -1.30 44.93 13.62
CA VAL E 271 -2.60 44.74 14.25
C VAL E 271 -3.23 46.09 14.57
N PHE E 272 -2.44 47.00 15.13
CA PHE E 272 -2.89 48.35 15.45
C PHE E 272 -1.90 49.36 14.89
N SER E 273 -2.44 50.49 14.43
CA SER E 273 -1.60 51.57 13.92
C SER E 273 -2.40 52.87 14.01
N GLN E 274 -1.68 53.99 13.98
CA GLN E 274 -2.28 55.31 14.01
C GLN E 274 -1.93 56.04 12.72
N LEU E 275 -2.96 56.55 12.04
CA LEU E 275 -2.79 57.24 10.77
C LEU E 275 -2.79 58.74 11.02
N VAL E 276 -1.63 59.37 10.78
CA VAL E 276 -1.46 60.80 11.00
C VAL E 276 -0.90 61.42 9.72
N GLN E 277 -1.56 62.47 9.25
CA GLN E 277 -1.11 63.17 8.04
C GLN E 277 -0.12 64.27 8.37
N SER E 278 -0.47 65.17 9.29
CA SER E 278 0.41 66.24 9.71
C SER E 278 0.11 66.59 11.17
N LYS E 279 1.14 67.09 11.85
CA LYS E 279 1.01 67.43 13.26
C LYS E 279 0.88 68.91 13.53
N PHE E 280 1.41 69.77 12.64
CA PHE E 280 1.37 71.21 12.86
C PHE E 280 1.57 71.91 11.52
N ILE E 281 0.61 72.76 11.16
CA ILE E 281 0.66 73.50 9.90
C ILE E 281 0.34 74.96 10.19
N THR E 282 1.14 75.86 9.62
CA THR E 282 0.94 77.30 9.76
C THR E 282 0.20 77.81 8.53
N LEU E 283 -1.06 78.20 8.70
CA LEU E 283 -1.86 78.65 7.57
C LEU E 283 -1.41 80.01 7.07
N GLY E 284 -1.21 80.95 7.98
CA GLY E 284 -0.77 82.29 7.58
C GLY E 284 -1.04 83.29 8.67
N VAL E 285 -0.53 84.50 8.45
CA VAL E 285 -0.66 85.61 9.39
C VAL E 285 -1.24 86.81 8.65
N GLU E 286 -2.20 87.48 9.26
CA GLU E 286 -2.80 88.69 8.71
C GLU E 286 -2.61 89.84 9.69
N LYS E 287 -2.11 90.96 9.18
CA LYS E 287 -1.80 92.14 10.00
C LYS E 287 -2.88 93.19 9.80
N ARG E 288 -3.40 93.72 10.91
CA ARG E 288 -4.41 94.76 10.89
C ARG E 288 -3.83 96.05 11.47
N ALA E 289 -4.71 97.05 11.59
CA ALA E 289 -4.26 98.37 12.05
C ALA E 289 -3.83 98.34 13.51
N LYS E 290 -4.60 97.66 14.37
CA LYS E 290 -4.32 97.64 15.79
C LYS E 290 -4.23 96.22 16.36
N SER E 291 -4.07 95.22 15.50
CA SER E 291 -4.01 93.82 15.94
C SER E 291 -3.49 92.98 14.79
N TYR E 292 -3.32 91.68 15.04
CA TYR E 292 -2.94 90.73 14.02
C TYR E 292 -3.44 89.35 14.43
N VAL E 293 -3.66 88.50 13.43
CA VAL E 293 -4.27 87.19 13.63
C VAL E 293 -3.37 86.13 13.03
N GLU E 294 -3.28 84.99 13.71
CA GLU E 294 -2.53 83.83 13.23
C GLU E 294 -3.44 82.61 13.24
N ASP E 295 -3.13 81.64 12.39
CA ASP E 295 -3.93 80.43 12.27
C ASP E 295 -3.01 79.22 12.19
N PHE E 296 -3.53 78.07 12.64
CA PHE E 296 -2.79 76.81 12.63
C PHE E 296 -3.76 75.68 12.34
N SER E 297 -3.22 74.56 11.87
CA SER E 297 -4.05 73.43 11.47
C SER E 297 -3.26 72.14 11.59
N ASN E 298 -3.99 71.03 11.58
CA ASN E 298 -3.41 69.69 11.63
C ASN E 298 -4.43 68.71 11.08
N GLY E 299 -3.98 67.47 10.86
CA GLY E 299 -4.86 66.45 10.30
C GLY E 299 -4.53 65.08 10.85
N THR E 300 -5.55 64.24 10.94
CA THR E 300 -5.40 62.88 11.42
C THR E 300 -6.53 62.02 10.87
N ALA E 301 -6.34 60.71 10.93
CA ALA E 301 -7.32 59.77 10.38
C ALA E 301 -7.77 58.70 11.37
N GLY E 302 -7.32 58.75 12.63
CA GLY E 302 -7.75 57.79 13.62
C GLY E 302 -6.86 56.58 13.74
N ALA E 303 -7.45 55.44 14.13
CA ALA E 303 -6.72 54.21 14.34
C ALA E 303 -7.28 53.11 13.44
N LEU E 304 -6.43 52.17 13.06
CA LEU E 304 -6.80 51.07 12.19
C LEU E 304 -6.51 49.74 12.88
N CYS E 305 -7.45 48.81 12.78
CA CYS E 305 -7.34 47.48 13.36
C CYS E 305 -7.51 46.46 12.23
N LYS E 306 -6.39 46.00 11.68
CA LYS E 306 -6.45 45.09 10.53
C LYS E 306 -6.84 43.68 10.96
N ARG E 307 -6.39 43.25 12.14
CA ARG E 307 -6.64 41.89 12.63
C ARG E 307 -7.31 41.96 14.00
N PRO E 308 -8.64 42.03 14.05
CA PRO E 308 -9.34 42.11 15.34
C PRO E 308 -9.41 40.80 16.10
N TRP E 309 -8.92 39.69 15.53
CA TRP E 309 -8.95 38.40 16.22
C TRP E 309 -7.73 38.19 17.11
N ALA E 310 -6.79 39.14 17.13
CA ALA E 310 -5.62 39.06 17.99
C ALA E 310 -5.69 40.04 19.15
N VAL E 311 -6.89 40.51 19.50
CA VAL E 311 -7.11 41.48 20.56
C VAL E 311 -8.09 40.89 21.55
N VAL E 312 -7.77 40.97 22.84
CA VAL E 312 -8.65 40.52 23.91
C VAL E 312 -8.74 41.64 24.94
N ARG E 313 -9.96 41.93 25.38
CA ARG E 313 -10.21 43.05 26.29
C ARG E 313 -11.14 42.60 27.41
N TYR E 314 -10.89 43.13 28.61
CA TYR E 314 -11.68 42.81 29.79
C TYR E 314 -12.21 44.09 30.41
N LEU E 315 -13.52 44.16 30.61
CA LEU E 315 -14.11 45.34 31.25
C LEU E 315 -13.88 45.33 32.75
N GLY E 316 -13.90 44.16 33.36
CA GLY E 316 -13.61 44.06 34.78
C GLY E 316 -12.12 44.17 35.03
N ILE E 317 -11.69 45.29 35.62
CA ILE E 317 -10.29 45.53 35.92
C ILE E 317 -9.42 45.41 34.67
N ASN F 1 -31.48 86.84 -15.62
CA ASN F 1 -31.09 86.72 -17.02
C ASN F 1 -29.71 86.05 -17.15
N PHE F 2 -29.47 85.03 -16.33
CA PHE F 2 -28.21 84.31 -16.36
C PHE F 2 -28.11 83.49 -17.64
N THR F 3 -26.95 83.56 -18.30
CA THR F 3 -26.72 82.77 -19.49
C THR F 3 -26.69 81.29 -19.13
N ALA F 4 -27.31 80.46 -19.96
CA ALA F 4 -27.36 79.03 -19.70
C ALA F 4 -25.97 78.42 -19.80
N PRO F 5 -25.49 77.71 -18.79
CA PRO F 5 -24.16 77.12 -18.86
C PRO F 5 -24.10 75.93 -19.81
N VAL F 6 -22.94 75.78 -20.45
CA VAL F 6 -22.73 74.65 -21.34
C VAL F 6 -22.64 73.35 -20.55
N THR F 7 -21.89 73.36 -19.46
CA THR F 7 -21.66 72.17 -18.65
C THR F 7 -22.49 72.24 -17.37
N THR F 8 -23.07 71.11 -16.99
CA THR F 8 -23.85 71.05 -15.77
C THR F 8 -22.95 71.25 -14.56
N PRO F 9 -23.36 72.07 -13.59
CA PRO F 9 -22.53 72.28 -12.40
C PRO F 9 -22.36 70.99 -11.61
N SER F 10 -21.18 70.82 -11.02
CA SER F 10 -20.86 69.63 -10.26
C SER F 10 -19.63 69.89 -9.41
N ILE F 11 -19.40 69.00 -8.46
CA ILE F 11 -18.16 69.06 -7.66
C ILE F 11 -16.99 68.66 -8.54
N PRO F 12 -15.92 69.46 -8.62
CA PRO F 12 -14.89 69.24 -9.63
C PRO F 12 -14.05 67.99 -9.42
N THR F 13 -13.56 67.76 -8.21
CA THR F 13 -12.53 66.75 -7.99
C THR F 13 -13.17 65.38 -7.78
N PRO F 14 -12.88 64.39 -8.63
CA PRO F 14 -13.36 63.03 -8.38
C PRO F 14 -12.63 62.40 -7.21
N ILE F 15 -13.26 61.38 -6.62
CA ILE F 15 -12.73 60.73 -5.42
C ILE F 15 -11.64 59.72 -5.72
N GLN F 16 -11.43 59.36 -7.00
CA GLN F 16 -10.37 58.41 -7.32
C GLN F 16 -9.01 58.95 -6.92
N PHE F 17 -8.75 60.22 -7.22
CA PHE F 17 -7.60 60.91 -6.66
C PHE F 17 -7.89 61.33 -5.23
N LEU F 18 -6.86 61.87 -4.57
CA LEU F 18 -6.89 62.18 -3.14
C LEU F 18 -7.10 60.94 -2.29
N GLN F 19 -6.70 59.78 -2.79
CA GLN F 19 -6.80 58.53 -2.06
C GLN F 19 -5.41 57.92 -1.88
N THR F 20 -5.24 57.18 -0.79
CA THR F 20 -3.99 56.49 -0.49
C THR F 20 -4.29 55.01 -0.30
N TRP F 21 -3.52 54.17 -0.97
CA TRP F 21 -3.71 52.72 -0.93
C TRP F 21 -2.55 52.08 -0.18
N LEU F 22 -2.88 51.26 0.83
CA LEU F 22 -1.88 50.52 1.56
C LEU F 22 -1.31 49.41 0.68
N PRO F 23 -0.07 48.99 0.95
CA PRO F 23 0.64 48.15 -0.05
C PRO F 23 -0.05 46.83 -0.40
N GLY F 24 -0.31 45.97 0.58
CA GLY F 24 -0.72 44.62 0.25
C GLY F 24 -2.13 44.22 0.64
N PHE F 25 -2.42 42.93 0.54
CA PHE F 25 -3.71 42.37 0.88
C PHE F 25 -3.64 41.61 2.20
N VAL F 26 -4.82 41.35 2.76
CA VAL F 26 -4.97 40.58 3.99
C VAL F 26 -5.81 39.35 3.68
N LYS F 27 -5.33 38.18 4.09
CA LYS F 27 -6.01 36.92 3.82
C LYS F 27 -6.65 36.37 5.08
N VAL F 28 -7.73 35.60 4.90
CA VAL F 28 -8.42 34.99 6.02
C VAL F 28 -7.51 33.95 6.68
N MET F 29 -7.64 33.83 8.01
CA MET F 29 -6.67 33.12 8.83
C MET F 29 -6.84 31.60 8.81
N THR F 30 -8.08 31.12 8.95
CA THR F 30 -8.48 29.72 9.14
C THR F 30 -7.67 29.05 10.25
N ALA F 31 -7.85 27.75 10.43
CA ALA F 31 -7.28 27.04 11.57
C ALA F 31 -5.96 26.37 11.20
N ALA F 32 -5.33 25.78 12.22
CA ALA F 32 -4.06 25.10 12.05
C ALA F 32 -4.24 23.58 12.03
N ARG F 33 -3.32 22.91 11.35
CA ARG F 33 -3.36 21.45 11.19
C ARG F 33 -2.04 20.88 11.73
N LYS F 34 -2.13 20.13 12.82
CA LYS F 34 -0.96 19.61 13.50
C LYS F 34 -1.05 18.11 13.72
N ILE F 35 -1.67 17.40 12.78
CA ILE F 35 -1.70 15.94 12.89
C ILE F 35 -0.32 15.35 12.62
N ASP F 36 0.46 15.97 11.74
CA ASP F 36 1.79 15.45 11.42
C ASP F 36 2.76 15.67 12.58
N GLU F 37 2.56 16.74 13.37
CA GLU F 37 3.48 17.03 14.45
C GLU F 37 3.34 16.05 15.61
N ILE F 38 2.23 15.33 15.69
CA ILE F 38 1.99 14.45 16.82
C ILE F 38 2.51 13.05 16.54
N ILE F 39 2.07 12.44 15.43
CA ILE F 39 2.39 11.06 15.12
C ILE F 39 3.22 10.90 13.86
N GLY F 40 3.51 11.98 13.13
CA GLY F 40 4.27 11.88 11.92
C GLY F 40 3.43 11.38 10.75
N ILE F 41 4.13 11.14 9.64
CA ILE F 41 3.51 10.67 8.41
C ILE F 41 4.34 9.54 7.83
N ASP F 42 3.67 8.49 7.34
CA ASP F 42 4.34 7.33 6.76
C ASP F 42 3.70 7.02 5.42
N THR F 43 4.46 7.19 4.34
CA THR F 43 4.01 6.86 3.00
C THR F 43 4.32 5.39 2.74
N VAL F 44 3.34 4.52 3.00
CA VAL F 44 3.54 3.07 2.92
C VAL F 44 2.67 2.44 1.84
N GLY F 45 1.44 2.92 1.69
CA GLY F 45 0.51 2.34 0.73
C GLY F 45 0.66 2.92 -0.66
N SER F 46 -0.30 2.60 -1.51
CA SER F 46 -0.34 3.09 -2.88
C SER F 46 -1.75 3.57 -3.19
N TRP F 47 -1.84 4.63 -4.00
CA TRP F 47 -3.13 5.07 -4.48
C TRP F 47 -3.74 3.99 -5.36
N GLU F 48 -5.08 3.97 -5.40
CA GLU F 48 -5.84 2.94 -6.11
C GLU F 48 -5.82 1.60 -5.38
N ASP F 49 -5.54 1.63 -4.08
CA ASP F 49 -5.61 0.43 -3.25
C ASP F 49 -6.84 0.50 -2.36
N GLN F 50 -7.01 -0.54 -1.54
CA GLN F 50 -8.19 -0.63 -0.69
C GLN F 50 -7.88 -0.87 0.78
N GLU F 51 -6.87 -1.69 1.10
CA GLU F 51 -6.67 -2.11 2.47
C GLU F 51 -5.18 -2.17 2.81
N ILE F 52 -4.90 -2.14 4.12
CA ILE F 52 -3.55 -2.25 4.65
C ILE F 52 -3.60 -3.26 5.81
N VAL F 53 -2.60 -4.15 5.86
CA VAL F 53 -2.62 -5.26 6.79
C VAL F 53 -1.33 -5.28 7.62
N GLN F 54 -1.46 -5.64 8.90
CA GLN F 54 -0.35 -5.78 9.81
C GLN F 54 -0.51 -7.09 10.59
N GLY F 55 0.61 -7.68 11.03
CA GLY F 55 0.59 -8.99 11.64
C GLY F 55 1.33 -9.02 12.97
N ILE F 56 1.15 -10.14 13.67
CA ILE F 56 1.74 -10.38 14.99
C ILE F 56 2.43 -11.75 14.94
N VAL F 57 3.44 -11.93 15.80
CA VAL F 57 4.30 -13.12 15.78
C VAL F 57 3.95 -14.08 16.91
N GLU F 58 4.00 -13.62 18.16
CA GLU F 58 3.61 -14.40 19.34
C GLU F 58 4.32 -15.74 19.42
N PRO F 59 5.60 -15.77 19.81
CA PRO F 59 6.30 -17.05 19.99
C PRO F 59 5.90 -17.73 21.28
N ALA F 60 6.36 -18.97 21.44
CA ALA F 60 6.05 -19.75 22.63
C ALA F 60 7.11 -20.84 22.81
N GLY F 61 7.30 -21.26 24.07
CA GLY F 61 8.25 -22.30 24.39
C GLY F 61 8.77 -22.26 25.82
N THR F 62 8.99 -23.42 26.42
CA THR F 62 9.49 -23.51 27.78
C THR F 62 10.57 -24.58 27.85
N ALA F 63 11.46 -24.44 28.84
CA ALA F 63 12.64 -25.28 28.96
C ALA F 63 12.51 -26.26 30.13
N VAL F 64 13.31 -27.32 30.07
CA VAL F 64 13.39 -28.32 31.11
C VAL F 64 14.86 -28.52 31.47
N GLU F 65 15.11 -29.46 32.39
CA GLU F 65 16.48 -29.75 32.80
C GLU F 65 17.17 -30.64 31.77
N TYR F 66 18.50 -30.60 31.81
CA TYR F 66 19.32 -31.27 30.81
C TYR F 66 19.53 -32.74 31.17
N GLY F 67 19.66 -33.56 30.13
CA GLY F 67 19.99 -34.96 30.29
C GLY F 67 20.59 -35.51 29.02
N ASP F 68 21.39 -36.56 29.16
CA ASP F 68 22.05 -37.14 28.01
C ASP F 68 21.07 -37.87 27.11
N HIS F 69 20.19 -38.68 27.70
CA HIS F 69 19.26 -39.51 26.94
C HIS F 69 17.80 -39.10 27.15
N THR F 70 17.55 -37.84 27.52
CA THR F 70 16.21 -37.37 27.78
C THR F 70 15.59 -36.75 26.52
N ASN F 71 14.28 -36.57 26.56
CA ASN F 71 13.56 -36.01 25.43
C ASN F 71 13.86 -34.51 25.29
N ILE F 72 13.71 -34.02 24.07
CA ILE F 72 14.06 -32.64 23.72
C ILE F 72 12.77 -31.84 23.59
N PRO F 73 12.57 -30.77 24.37
CA PRO F 73 11.41 -29.91 24.18
C PRO F 73 11.54 -29.05 22.94
N LEU F 74 10.39 -28.57 22.46
CA LEU F 74 10.31 -27.82 21.22
C LEU F 74 9.54 -26.52 21.42
N THR F 75 9.60 -25.65 20.42
CA THR F 75 8.96 -24.34 20.43
C THR F 75 8.07 -24.19 19.20
N SER F 76 7.26 -23.13 19.19
CA SER F 76 6.32 -22.87 18.11
C SER F 76 5.93 -21.40 18.14
N TRP F 77 4.93 -21.04 17.33
CA TRP F 77 4.46 -19.66 17.21
C TRP F 77 3.05 -19.66 16.66
N ASN F 78 2.46 -18.46 16.58
CA ASN F 78 1.07 -18.30 16.16
C ASN F 78 0.82 -16.83 15.79
N ALA F 79 0.24 -16.60 14.62
CA ALA F 79 0.13 -15.26 14.05
C ALA F 79 -1.32 -14.83 13.91
N ASN F 80 -1.52 -13.51 13.76
CA ASN F 80 -2.82 -12.90 13.53
C ASN F 80 -2.63 -11.66 12.67
N PHE F 81 -3.75 -11.12 12.17
CA PHE F 81 -3.71 -10.01 11.23
C PHE F 81 -4.85 -9.03 11.50
N GLU F 82 -4.70 -7.82 10.98
CA GLU F 82 -5.70 -6.76 11.10
C GLU F 82 -5.76 -5.97 9.80
N ARG F 83 -6.88 -5.27 9.58
CA ARG F 83 -7.14 -4.60 8.31
C ARG F 83 -7.68 -3.19 8.54
N ARG F 84 -7.45 -2.33 7.55
CA ARG F 84 -8.00 -0.97 7.53
C ARG F 84 -8.41 -0.63 6.10
N THR F 85 -8.98 0.57 5.93
CA THR F 85 -9.56 0.99 4.66
C THR F 85 -8.98 2.33 4.22
N ILE F 86 -9.00 2.57 2.91
CA ILE F 86 -8.41 3.75 2.28
C ILE F 86 -9.51 4.62 1.72
N VAL F 87 -9.40 5.94 1.93
CA VAL F 87 -10.36 6.92 1.44
C VAL F 87 -9.64 7.90 0.52
N ARG F 88 -10.36 8.39 -0.48
CA ARG F 88 -9.82 9.32 -1.47
C ARG F 88 -10.68 10.58 -1.54
N GLY F 89 -10.03 11.71 -1.85
CA GLY F 89 -10.72 12.97 -2.00
C GLY F 89 -10.39 13.61 -3.34
N GLU F 90 -11.15 14.65 -3.67
CA GLU F 90 -11.00 15.33 -4.96
C GLU F 90 -11.39 16.79 -4.83
N LEU F 91 -10.77 17.62 -5.66
CA LEU F 91 -11.05 19.06 -5.73
C LEU F 91 -10.39 19.62 -6.97
N GLY F 92 -11.07 20.57 -7.61
CA GLY F 92 -10.57 21.14 -8.85
C GLY F 92 -10.74 22.64 -8.98
N MET F 93 -10.47 23.17 -10.16
CA MET F 93 -10.51 24.61 -10.39
C MET F 93 -10.78 24.88 -11.86
N MET F 94 -11.30 26.09 -12.14
CA MET F 94 -11.62 26.51 -13.49
C MET F 94 -11.41 28.02 -13.60
N VAL F 95 -10.82 28.46 -14.70
CA VAL F 95 -10.49 29.87 -14.90
C VAL F 95 -10.82 30.27 -16.33
N GLY F 96 -11.45 31.44 -16.49
CA GLY F 96 -11.73 32.01 -17.78
C GLY F 96 -10.69 33.03 -18.21
N THR F 97 -10.73 33.37 -19.51
CA THR F 97 -9.71 34.25 -20.07
C THR F 97 -9.87 35.69 -19.56
N LEU F 98 -11.08 36.22 -19.60
CA LEU F 98 -11.28 37.62 -19.21
C LEU F 98 -11.17 37.80 -17.70
N GLU F 99 -11.43 36.75 -16.93
CA GLU F 99 -11.32 36.86 -15.47
C GLU F 99 -9.89 37.14 -15.05
N GLU F 100 -8.91 36.50 -15.70
CA GLU F 100 -7.51 36.75 -15.37
C GLU F 100 -7.12 38.19 -15.69
N GLY F 101 -7.58 38.72 -16.82
CA GLY F 101 -7.24 40.09 -17.18
C GLY F 101 -7.78 41.10 -16.19
N ARG F 102 -9.03 40.92 -15.76
CA ARG F 102 -9.61 41.82 -14.78
C ARG F 102 -8.96 41.66 -13.41
N ALA F 103 -8.52 40.44 -13.06
CA ALA F 103 -7.90 40.22 -11.77
C ALA F 103 -6.53 40.87 -11.67
N SER F 104 -5.79 40.91 -12.77
CA SER F 104 -4.45 41.52 -12.75
C SER F 104 -4.50 43.02 -12.54
N ALA F 105 -5.67 43.64 -12.69
CA ALA F 105 -5.79 45.08 -12.45
C ALA F 105 -5.51 45.41 -11.00
N ILE F 106 -5.96 44.57 -10.07
CA ILE F 106 -5.76 44.80 -8.65
C ILE F 106 -4.55 44.03 -8.12
N ARG F 107 -3.64 43.62 -9.03
CA ARG F 107 -2.39 42.97 -8.66
C ARG F 107 -2.64 41.66 -7.90
N LEU F 108 -3.50 40.82 -8.47
CA LEU F 108 -3.82 39.53 -7.87
C LEU F 108 -3.83 38.47 -8.97
N ASN F 109 -3.25 37.31 -8.65
CA ASN F 109 -3.19 36.19 -9.59
C ASN F 109 -4.36 35.25 -9.31
N SER F 110 -5.29 35.17 -10.25
CA SER F 110 -6.49 34.35 -10.04
C SER F 110 -6.16 32.87 -10.10
N ALA F 111 -5.37 32.46 -11.09
CA ALA F 111 -5.07 31.04 -11.26
C ALA F 111 -4.28 30.49 -10.07
N GLU F 112 -3.28 31.25 -9.60
CA GLU F 112 -2.46 30.77 -8.49
C GLU F 112 -3.25 30.71 -7.19
N THR F 113 -4.14 31.68 -6.97
CA THR F 113 -4.94 31.69 -5.75
C THR F 113 -5.85 30.47 -5.69
N LYS F 114 -6.48 30.11 -6.81
CA LYS F 114 -7.36 28.95 -6.84
C LYS F 114 -6.56 27.66 -6.69
N ARG F 115 -5.36 27.60 -7.25
CA ARG F 115 -4.53 26.42 -7.13
C ARG F 115 -4.11 26.18 -5.68
N GLN F 116 -3.77 27.26 -4.96
CA GLN F 116 -3.39 27.13 -3.56
C GLN F 116 -4.55 26.59 -2.72
N GLN F 117 -5.76 27.08 -2.98
CA GLN F 117 -6.91 26.63 -2.21
C GLN F 117 -7.21 25.15 -2.44
N ALA F 118 -6.92 24.64 -3.64
CA ALA F 118 -7.12 23.21 -3.90
C ALA F 118 -6.22 22.36 -3.01
N ALA F 119 -4.96 22.78 -2.84
CA ALA F 119 -4.06 22.06 -1.96
C ALA F 119 -4.49 22.19 -0.50
N ILE F 120 -4.91 23.40 -0.10
CA ILE F 120 -5.33 23.61 1.30
C ILE F 120 -6.59 22.82 1.60
N GLY F 121 -7.56 22.82 0.68
CA GLY F 121 -8.80 22.10 0.91
C GLY F 121 -8.59 20.61 1.08
N LEU F 122 -7.64 20.04 0.32
CA LEU F 122 -7.34 18.63 0.46
C LEU F 122 -6.62 18.33 1.76
N GLU F 123 -5.76 19.25 2.21
CA GLU F 123 -5.06 19.06 3.48
C GLU F 123 -6.03 19.05 4.65
N THR F 124 -7.05 19.91 4.61
CA THR F 124 -8.06 19.92 5.67
C THR F 124 -8.82 18.60 5.69
N PHE F 125 -9.14 18.06 4.52
CA PHE F 125 -9.79 16.74 4.46
C PHE F 125 -8.90 15.66 5.04
N ARG F 126 -7.60 15.69 4.73
CA ARG F 126 -6.68 14.68 5.25
C ARG F 126 -6.46 14.87 6.75
N ASN F 127 -6.34 16.12 7.20
CA ASN F 127 -6.09 16.37 8.62
C ASN F 127 -7.26 15.91 9.49
N ALA F 128 -8.49 16.15 9.03
CA ALA F 128 -9.66 15.74 9.81
C ALA F 128 -9.74 14.23 9.95
N ILE F 129 -9.40 13.49 8.88
CA ILE F 129 -9.41 12.04 8.95
C ILE F 129 -8.35 11.54 9.92
N GLY F 130 -7.23 12.26 10.04
CA GLY F 130 -6.19 11.85 10.97
C GLY F 130 -6.65 11.86 12.41
N PHE F 131 -7.54 12.79 12.76
CA PHE F 131 -8.05 12.90 14.13
C PHE F 131 -9.30 12.06 14.34
N TYR F 132 -10.29 12.20 13.47
CA TYR F 132 -11.53 11.45 13.56
C TYR F 132 -11.65 10.50 12.38
N GLY F 133 -12.23 9.32 12.63
CA GLY F 133 -12.43 8.37 11.57
C GLY F 133 -13.44 8.85 10.55
N TRP F 134 -13.39 8.23 9.37
CA TRP F 134 -14.26 8.56 8.26
C TRP F 134 -15.35 7.50 8.15
N GLN F 135 -16.60 7.90 8.41
CA GLN F 135 -17.76 7.02 8.29
C GLN F 135 -17.61 5.77 9.15
N SER F 136 -17.02 5.93 10.33
CA SER F 136 -16.86 4.79 11.23
C SER F 136 -18.21 4.28 11.73
N GLY F 137 -19.17 5.18 11.94
CA GLY F 137 -20.49 4.75 12.38
C GLY F 137 -21.24 3.95 11.34
N LEU F 138 -21.10 4.34 10.06
CA LEU F 138 -21.82 3.65 9.00
C LEU F 138 -21.28 2.24 8.79
N GLY F 139 -19.98 2.03 8.98
CA GLY F 139 -19.40 0.71 8.82
C GLY F 139 -18.01 0.72 8.22
N ASN F 140 -17.58 1.88 7.72
CA ASN F 140 -16.25 1.99 7.15
C ASN F 140 -15.19 1.82 8.23
N ARG F 141 -14.16 1.03 7.92
CA ARG F 141 -13.09 0.73 8.87
C ARG F 141 -11.89 1.62 8.57
N THR F 142 -12.01 2.88 8.98
CA THR F 142 -10.93 3.85 8.81
C THR F 142 -10.33 4.29 10.15
N TYR F 143 -11.17 4.81 11.05
CA TYR F 143 -10.76 5.17 12.41
C TYR F 143 -9.73 6.29 12.42
N GLY F 144 -9.41 6.79 13.62
CA GLY F 144 -8.47 7.89 13.74
C GLY F 144 -7.70 7.89 15.04
N PHE F 145 -7.11 9.04 15.37
CA PHE F 145 -6.31 9.13 16.60
C PHE F 145 -7.17 8.95 17.84
N LEU F 146 -8.38 9.52 17.84
CA LEU F 146 -9.26 9.48 19.00
C LEU F 146 -10.32 8.38 18.91
N ASN F 147 -10.29 7.56 17.86
CA ASN F 147 -11.35 6.58 17.63
C ASN F 147 -10.87 5.16 17.42
N ASP F 148 -9.59 4.87 17.66
CA ASP F 148 -9.07 3.53 17.42
C ASP F 148 -9.73 2.55 18.39
N PRO F 149 -10.18 1.38 17.91
CA PRO F 149 -10.82 0.43 18.82
C PRO F 149 -9.85 -0.25 19.78
N ASN F 150 -8.59 -0.39 19.40
CA ASN F 150 -7.60 -1.06 20.24
C ASN F 150 -6.83 -0.03 21.05
N LEU F 151 -7.55 0.62 21.95
CA LEU F 151 -6.96 1.63 22.82
C LEU F 151 -7.38 1.40 24.26
N PRO F 152 -6.54 1.80 25.22
CA PRO F 152 -6.85 1.51 26.64
C PRO F 152 -8.11 2.20 27.16
N ALA F 153 -8.77 3.03 26.35
CA ALA F 153 -10.01 3.72 26.71
C ALA F 153 -9.74 4.85 27.70
N PHE F 154 -10.62 5.85 27.70
CA PHE F 154 -10.41 7.05 28.49
C PHE F 154 -10.58 6.78 29.97
N GLN F 155 -9.94 7.62 30.78
CA GLN F 155 -9.98 7.50 32.23
C GLN F 155 -10.16 8.87 32.86
N THR F 156 -10.67 8.89 34.08
CA THR F 156 -10.79 10.13 34.86
C THR F 156 -9.52 10.37 35.66
N PRO F 157 -8.89 11.53 35.52
CA PRO F 157 -7.66 11.80 36.27
C PRO F 157 -7.93 11.93 37.76
N PRO F 158 -6.91 11.72 38.61
CA PRO F 158 -7.10 11.88 40.06
C PRO F 158 -7.68 13.23 40.42
N SER F 159 -7.00 14.30 40.02
CA SER F 159 -7.57 15.63 40.16
C SER F 159 -8.78 15.77 39.24
N GLN F 160 -9.84 16.39 39.76
CA GLN F 160 -11.08 16.50 39.00
C GLN F 160 -10.88 17.35 37.74
N GLY F 161 -10.14 18.45 37.86
CA GLY F 161 -9.86 19.29 36.71
C GLY F 161 -8.70 20.20 37.01
N TRP F 162 -7.94 20.54 35.96
CA TRP F 162 -6.78 21.41 36.13
C TRP F 162 -7.21 22.83 36.48
N SER F 163 -8.37 23.26 36.00
CA SER F 163 -8.93 24.52 36.46
C SER F 163 -9.30 24.41 37.94
N THR F 164 -9.05 25.49 38.68
CA THR F 164 -9.24 25.51 40.14
C THR F 164 -8.45 24.38 40.80
N ALA F 165 -7.23 24.16 40.31
CA ALA F 165 -6.33 23.16 40.87
C ALA F 165 -4.97 23.80 41.12
N ASP F 166 -4.32 23.39 42.20
CA ASP F 166 -3.06 23.99 42.61
C ASP F 166 -1.89 23.30 41.91
N TRP F 167 -0.67 23.66 42.29
CA TRP F 167 0.52 23.04 41.71
C TRP F 167 0.59 21.56 42.05
N ALA F 168 0.23 21.20 43.29
CA ALA F 168 0.29 19.80 43.70
C ALA F 168 -0.69 18.94 42.92
N GLY F 169 -1.88 19.46 42.63
CA GLY F 169 -2.86 18.67 41.89
C GLY F 169 -2.42 18.38 40.46
N ILE F 170 -1.88 19.39 39.77
CA ILE F 170 -1.47 19.21 38.39
C ILE F 170 -0.28 18.26 38.30
N ILE F 171 0.71 18.44 39.16
CA ILE F 171 1.90 17.60 39.13
C ILE F 171 1.56 16.15 39.44
N GLY F 172 0.53 15.92 40.26
CA GLY F 172 0.13 14.57 40.59
C GLY F 172 -0.43 13.81 39.41
N ASP F 173 -1.16 14.50 38.52
CA ASP F 173 -1.78 13.83 37.38
C ASP F 173 -0.74 13.23 36.45
N ILE F 174 0.33 13.97 36.17
CA ILE F 174 1.36 13.48 35.26
C ILE F 174 2.10 12.30 35.89
N ARG F 175 2.33 12.35 37.19
CA ARG F 175 3.03 11.25 37.87
C ARG F 175 2.25 9.96 37.79
N GLU F 176 0.93 10.03 37.96
CA GLU F 176 0.10 8.83 37.87
C GLU F 176 0.12 8.24 36.46
N ALA F 177 0.08 9.09 35.44
CA ALA F 177 0.09 8.61 34.07
C ALA F 177 1.38 7.86 33.75
N VAL F 178 2.52 8.39 34.20
CA VAL F 178 3.79 7.72 33.97
C VAL F 178 3.85 6.42 34.75
N ARG F 179 3.28 6.40 35.96
CA ARG F 179 3.28 5.18 36.76
C ARG F 179 2.48 4.08 36.08
N GLN F 180 1.33 4.42 35.50
CA GLN F 180 0.55 3.43 34.77
C GLN F 180 1.31 2.93 33.55
N LEU F 181 2.02 3.82 32.85
CA LEU F 181 2.83 3.41 31.71
C LEU F 181 3.94 2.47 32.14
N ARG F 182 4.56 2.74 33.29
CA ARG F 182 5.61 1.86 33.79
C ARG F 182 5.05 0.55 34.33
N ILE F 183 3.84 0.58 34.91
CA ILE F 183 3.22 -0.66 35.38
C ILE F 183 2.77 -1.52 34.21
N GLN F 184 2.20 -0.90 33.17
CA GLN F 184 1.66 -1.65 32.04
C GLN F 184 2.75 -2.44 31.34
N SER F 185 3.90 -1.83 31.08
CA SER F 185 5.05 -2.50 30.50
C SER F 185 6.05 -2.78 31.62
N GLN F 186 6.26 -4.06 31.92
CA GLN F 186 6.98 -4.43 33.14
C GLN F 186 8.47 -4.10 33.03
N ASP F 187 8.82 -2.86 33.36
CA ASP F 187 10.20 -2.38 33.34
C ASP F 187 10.85 -2.47 31.97
N GLN F 188 10.04 -2.64 30.92
CA GLN F 188 10.60 -2.72 29.58
C GLN F 188 11.07 -1.35 29.07
N ILE F 189 10.43 -0.28 29.53
CA ILE F 189 10.79 1.08 29.14
C ILE F 189 11.07 1.89 30.39
N ASP F 190 12.10 2.73 30.31
CA ASP F 190 12.44 3.63 31.41
C ASP F 190 12.06 5.05 31.02
N PRO F 191 11.06 5.66 31.69
CA PRO F 191 10.61 7.00 31.28
C PRO F 191 11.69 8.06 31.37
N LYS F 192 12.79 7.81 32.09
CA LYS F 192 13.84 8.81 32.22
C LYS F 192 14.47 9.12 30.87
N ALA F 193 14.71 8.10 30.05
CA ALA F 193 15.43 8.25 28.78
C ALA F 193 14.72 7.49 27.66
N GLU F 194 13.41 7.72 27.52
CA GLU F 194 12.62 6.98 26.55
C GLU F 194 12.02 7.85 25.45
N LYS F 195 12.09 9.18 25.58
CA LYS F 195 11.53 10.11 24.59
C LYS F 195 10.02 9.91 24.44
N ILE F 196 9.31 10.20 25.54
CA ILE F 196 7.86 10.10 25.61
C ILE F 196 7.26 11.42 25.13
N THR F 197 6.08 11.35 24.53
CA THR F 197 5.38 12.51 24.00
C THR F 197 4.08 12.74 24.74
N LEU F 198 3.83 13.98 25.13
CA LEU F 198 2.59 14.40 25.77
C LEU F 198 1.75 15.17 24.78
N ALA F 199 0.49 14.75 24.60
CA ALA F 199 -0.36 15.37 23.58
C ALA F 199 -0.99 16.67 24.08
N LEU F 200 -1.76 16.58 25.17
CA LEU F 200 -2.38 17.74 25.80
C LEU F 200 -3.33 18.45 24.83
N ALA F 201 -3.87 19.60 25.23
CA ALA F 201 -4.81 20.35 24.40
C ALA F 201 -4.45 21.83 24.45
N THR F 202 -4.87 22.55 23.42
CA THR F 202 -4.56 23.97 23.34
C THR F 202 -5.26 24.78 24.43
N SER F 203 -6.38 24.28 24.98
CA SER F 203 -7.06 24.99 26.04
C SER F 203 -6.40 24.77 27.40
N LYS F 204 -5.56 23.74 27.51
CA LYS F 204 -4.91 23.40 28.78
C LYS F 204 -3.39 23.54 28.74
N VAL F 205 -2.82 23.84 27.57
CA VAL F 205 -1.37 23.92 27.47
C VAL F 205 -0.81 25.10 28.26
N ASP F 206 -1.63 26.12 28.53
CA ASP F 206 -1.16 27.28 29.29
C ASP F 206 -1.20 27.05 30.79
N TYR F 207 -1.75 25.93 31.26
CA TYR F 207 -1.76 25.61 32.67
C TYR F 207 -0.43 25.03 33.16
N LEU F 208 0.51 24.79 32.25
CA LEU F 208 1.85 24.32 32.63
C LEU F 208 2.69 25.40 33.29
N SER F 209 2.20 26.64 33.34
CA SER F 209 2.93 27.75 33.94
C SER F 209 2.43 28.07 35.34
N VAL F 210 1.68 27.16 35.96
CA VAL F 210 1.22 27.37 37.34
C VAL F 210 2.41 27.30 38.27
N THR F 211 2.58 28.32 39.11
CA THR F 211 3.75 28.46 39.95
C THR F 211 3.36 28.42 41.43
N THR F 212 4.28 27.88 42.23
CA THR F 212 4.16 27.90 43.68
C THR F 212 4.52 29.29 44.21
N PRO F 213 4.13 29.62 45.44
CA PRO F 213 4.55 30.90 46.02
C PRO F 213 6.06 31.09 46.11
N TYR F 214 6.85 30.05 45.90
CA TYR F 214 8.30 30.14 45.93
C TYR F 214 8.91 30.25 44.55
N GLY F 215 8.10 30.28 43.49
CA GLY F 215 8.59 30.47 42.14
C GLY F 215 8.79 29.21 41.33
N ILE F 216 8.47 28.03 41.87
CA ILE F 216 8.63 26.79 41.14
C ILE F 216 7.38 26.52 40.31
N SER F 217 7.57 26.26 39.02
CA SER F 217 6.48 26.05 38.09
C SER F 217 6.37 24.57 37.72
N VAL F 218 5.28 24.25 37.03
CA VAL F 218 5.08 22.88 36.56
C VAL F 218 6.12 22.51 35.52
N SER F 219 6.42 23.42 34.60
CA SER F 219 7.38 23.13 33.54
C SER F 219 8.78 22.89 34.10
N ASP F 220 9.12 23.51 35.23
CA ASP F 220 10.43 23.27 35.83
C ASP F 220 10.56 21.83 36.30
N TRP F 221 9.50 21.28 36.90
CA TRP F 221 9.54 19.89 37.37
C TRP F 221 9.59 18.91 36.21
N ILE F 222 8.87 19.21 35.12
CA ILE F 222 8.82 18.29 33.99
C ILE F 222 10.19 18.18 33.32
N GLU F 223 10.88 19.31 33.14
CA GLU F 223 12.16 19.30 32.44
C GLU F 223 13.21 18.51 33.22
N GLN F 224 13.24 18.68 34.54
CA GLN F 224 14.26 18.00 35.34
C GLN F 224 13.98 16.51 35.48
N THR F 225 12.71 16.15 35.73
CA THR F 225 12.38 14.74 35.96
C THR F 225 12.35 13.95 34.66
N TYR F 226 11.85 14.55 33.57
CA TYR F 226 11.74 13.88 32.28
C TYR F 226 12.37 14.78 31.22
N PRO F 227 13.71 14.76 31.11
CA PRO F 227 14.39 15.66 30.15
C PRO F 227 14.03 15.40 28.70
N LYS F 228 13.60 14.19 28.34
CA LYS F 228 13.34 13.83 26.96
C LYS F 228 11.87 13.89 26.59
N MET F 229 11.02 14.42 27.45
CA MET F 229 9.60 14.54 27.15
C MET F 229 9.36 15.66 26.15
N ARG F 230 8.45 15.41 25.21
CA ARG F 230 8.08 16.38 24.19
C ARG F 230 6.61 16.76 24.37
N ILE F 231 6.33 18.06 24.34
CA ILE F 231 4.99 18.59 24.61
C ILE F 231 4.47 19.26 23.35
N VAL F 232 3.26 18.90 22.94
CA VAL F 232 2.60 19.46 21.78
C VAL F 232 1.20 19.92 22.19
N SER F 233 0.44 20.38 21.20
CA SER F 233 -0.93 20.80 21.43
C SER F 233 -1.69 20.73 20.11
N ALA F 234 -3.02 20.69 20.21
CA ALA F 234 -3.85 20.61 19.01
C ALA F 234 -5.26 21.09 19.35
N PRO F 235 -5.85 21.94 18.52
CA PRO F 235 -7.23 22.38 18.79
C PRO F 235 -8.26 21.28 18.71
N GLU F 236 -7.96 20.16 18.04
CA GLU F 236 -8.94 19.09 17.88
C GLU F 236 -9.14 18.30 19.16
N LEU F 237 -8.29 18.49 20.16
CA LEU F 237 -8.40 17.77 21.43
C LEU F 237 -9.14 18.56 22.49
N SER F 238 -9.72 19.72 22.15
CA SER F 238 -10.41 20.53 23.14
C SER F 238 -11.83 20.01 23.38
N GLY F 239 -12.67 20.04 22.36
CA GLY F 239 -14.00 19.49 22.47
C GLY F 239 -14.05 18.07 21.96
N VAL F 240 -14.24 17.10 22.86
CA VAL F 240 -14.07 15.69 22.54
C VAL F 240 -15.38 14.91 22.70
N GLN F 241 -15.99 14.95 23.89
CA GLN F 241 -17.15 14.11 24.15
C GLN F 241 -18.39 14.84 24.64
N MET F 242 -18.30 16.12 25.02
CA MET F 242 -19.49 16.91 25.40
C MET F 242 -20.24 16.25 26.55
N LYS F 243 -19.58 16.22 27.71
CA LYS F 243 -20.06 15.42 28.84
C LYS F 243 -21.46 15.78 29.30
N ASN F 244 -21.65 16.96 29.89
CA ASN F 244 -23.00 17.37 30.27
C ASN F 244 -23.50 18.53 29.44
N GLN F 245 -22.81 19.66 29.52
CA GLN F 245 -23.07 20.81 28.66
C GLN F 245 -21.80 21.55 28.26
N GLU F 246 -20.62 21.05 28.66
CA GLU F 246 -19.35 21.71 28.39
C GLU F 246 -18.38 20.73 27.75
N PRO F 247 -17.49 21.22 26.88
CA PRO F 247 -16.51 20.32 26.27
C PRO F 247 -15.52 19.80 27.29
N GLU F 248 -14.99 18.61 27.02
CA GLU F 248 -14.01 17.96 27.89
C GLU F 248 -12.68 17.87 27.18
N ASP F 249 -11.64 18.45 27.78
CA ASP F 249 -10.31 18.43 27.20
C ASP F 249 -9.64 17.08 27.47
N ALA F 250 -8.81 16.65 26.51
CA ALA F 250 -8.20 15.33 26.55
C ALA F 250 -6.69 15.44 26.74
N LEU F 251 -6.10 14.36 27.24
CA LEU F 251 -4.66 14.27 27.45
C LEU F 251 -4.22 12.86 27.08
N VAL F 252 -3.29 12.76 26.13
CA VAL F 252 -2.79 11.47 25.65
C VAL F 252 -1.29 11.42 25.89
N LEU F 253 -0.84 10.35 26.54
CA LEU F 253 0.56 10.11 26.81
C LEU F 253 0.97 8.79 26.17
N PHE F 254 2.02 8.82 25.35
CA PHE F 254 2.44 7.61 24.65
C PHE F 254 3.93 7.71 24.32
N VAL F 255 4.52 6.55 24.05
CA VAL F 255 5.92 6.44 23.67
C VAL F 255 6.03 6.59 22.15
N GLU F 256 7.05 7.32 21.71
CA GLU F 256 7.24 7.54 20.28
C GLU F 256 7.72 6.27 19.58
N ASP F 257 8.69 5.58 20.16
CA ASP F 257 9.32 4.45 19.50
C ASP F 257 9.89 3.50 20.56
N VAL F 258 9.92 2.22 20.23
CA VAL F 258 10.53 1.19 21.07
C VAL F 258 11.70 0.60 20.31
N ASN F 259 12.82 0.42 21.01
CA ASN F 259 14.03 -0.10 20.38
C ASN F 259 13.82 -1.55 19.92
N ALA F 260 14.49 -1.89 18.81
CA ALA F 260 14.37 -3.24 18.26
C ALA F 260 14.94 -4.27 19.22
N ALA F 261 16.06 -3.96 19.86
CA ALA F 261 16.65 -4.90 20.81
C ALA F 261 15.73 -5.15 22.00
N VAL F 262 14.96 -4.12 22.39
CA VAL F 262 14.03 -4.28 23.50
C VAL F 262 12.93 -5.28 23.17
N ASP F 263 12.40 -5.21 21.95
CA ASP F 263 11.26 -6.03 21.54
C ASP F 263 11.69 -7.20 20.65
N GLY F 264 12.41 -6.91 19.56
CA GLY F 264 12.72 -7.92 18.57
C GLY F 264 11.85 -7.87 17.33
N SER F 265 10.97 -6.87 17.21
CA SER F 265 10.09 -6.78 16.06
C SER F 265 10.88 -6.43 14.80
N THR F 266 10.40 -6.93 13.66
CA THR F 266 11.10 -6.68 12.40
C THR F 266 10.88 -5.25 11.91
N ASP F 267 9.76 -4.63 12.28
CA ASP F 267 9.51 -3.24 11.92
C ASP F 267 10.10 -2.30 12.97
N GLY F 268 9.89 -1.01 12.79
CA GLY F 268 10.27 -0.03 13.78
C GLY F 268 9.30 -0.02 14.95
N GLY F 269 9.58 0.85 15.91
CA GLY F 269 8.71 0.97 17.06
C GLY F 269 7.32 1.41 16.66
N SER F 270 7.18 2.67 16.26
CA SER F 270 5.96 3.21 15.65
C SER F 270 4.71 2.80 16.42
N VAL F 271 4.60 3.32 17.65
CA VAL F 271 3.40 3.06 18.45
C VAL F 271 2.17 3.59 17.74
N PHE F 272 2.26 4.80 17.20
CA PHE F 272 1.22 5.37 16.35
C PHE F 272 1.77 5.62 14.96
N SER F 273 0.96 5.33 13.95
CA SER F 273 1.36 5.52 12.56
C SER F 273 0.21 6.15 11.79
N GLN F 274 0.55 7.07 10.90
CA GLN F 274 -0.42 7.69 9.99
C GLN F 274 -0.18 7.13 8.60
N LEU F 275 -1.21 6.51 8.03
CA LEU F 275 -1.10 5.81 6.75
C LEU F 275 -1.60 6.76 5.66
N VAL F 276 -0.65 7.31 4.89
CA VAL F 276 -0.94 8.23 3.81
C VAL F 276 -0.42 7.63 2.51
N GLN F 277 -1.31 7.50 1.52
CA GLN F 277 -0.88 6.99 0.23
C GLN F 277 -0.29 8.09 -0.65
N SER F 278 -0.93 9.25 -0.69
CA SER F 278 -0.43 10.39 -1.43
C SER F 278 -1.02 11.66 -0.84
N LYS F 279 -0.28 12.76 -1.02
CA LYS F 279 -0.71 14.05 -0.50
C LYS F 279 -1.21 15.00 -1.58
N PHE F 280 -0.72 14.88 -2.80
CA PHE F 280 -1.11 15.79 -3.87
C PHE F 280 -0.80 15.14 -5.21
N ILE F 281 -1.83 14.84 -5.99
CA ILE F 281 -1.69 14.24 -7.31
C ILE F 281 -2.48 15.07 -8.31
N THR F 282 -1.84 15.44 -9.42
CA THR F 282 -2.51 16.16 -10.48
C THR F 282 -3.13 15.17 -11.46
N LEU F 283 -4.46 15.18 -11.55
CA LEU F 283 -5.14 14.21 -12.40
C LEU F 283 -4.97 14.54 -13.87
N GLY F 284 -5.09 15.82 -14.23
CA GLY F 284 -4.92 16.22 -15.62
C GLY F 284 -5.42 17.63 -15.83
N VAL F 285 -5.20 18.11 -17.05
CA VAL F 285 -5.60 19.45 -17.46
C VAL F 285 -6.42 19.34 -18.74
N GLU F 286 -7.59 19.97 -18.76
CA GLU F 286 -8.46 19.99 -19.94
C GLU F 286 -8.51 21.40 -20.48
N LYS F 287 -8.13 21.57 -21.74
CA LYS F 287 -8.09 22.88 -22.38
C LYS F 287 -9.30 23.04 -23.29
N ARG F 288 -10.02 24.15 -23.11
CA ARG F 288 -11.19 24.45 -23.91
C ARG F 288 -10.96 25.76 -24.67
N ALA F 289 -12.01 26.23 -25.34
CA ALA F 289 -11.88 27.40 -26.20
C ALA F 289 -11.54 28.65 -25.40
N LYS F 290 -12.23 28.87 -24.28
CA LYS F 290 -12.06 30.08 -23.48
C LYS F 290 -11.76 29.81 -22.02
N SER F 291 -11.44 28.57 -21.65
CA SER F 291 -11.18 28.24 -20.26
C SER F 291 -10.44 26.92 -20.19
N TYR F 292 -9.96 26.60 -18.99
CA TYR F 292 -9.31 25.32 -18.75
C TYR F 292 -9.62 24.87 -17.32
N VAL F 293 -9.59 23.56 -17.11
CA VAL F 293 -9.96 22.95 -15.84
C VAL F 293 -8.85 22.01 -15.40
N GLU F 294 -8.54 22.03 -14.11
CA GLU F 294 -7.52 21.16 -13.53
C GLU F 294 -8.12 20.38 -12.37
N ASP F 295 -7.53 19.22 -12.08
CA ASP F 295 -8.02 18.33 -11.04
C ASP F 295 -6.88 17.88 -10.15
N PHE F 296 -7.20 17.65 -8.87
CA PHE F 296 -6.24 17.17 -7.90
C PHE F 296 -6.92 16.18 -6.97
N SER F 297 -6.12 15.30 -6.37
CA SER F 297 -6.65 14.25 -5.51
C SER F 297 -5.58 13.82 -4.51
N ASN F 298 -6.03 13.10 -3.49
CA ASN F 298 -5.13 12.58 -2.45
C ASN F 298 -5.79 11.37 -1.81
N GLY F 299 -4.99 10.60 -1.09
CA GLY F 299 -5.47 9.39 -0.45
C GLY F 299 -4.89 9.23 0.93
N THR F 300 -5.67 8.59 1.81
CA THR F 300 -5.26 8.35 3.19
C THR F 300 -6.04 7.16 3.74
N ALA F 301 -5.55 6.61 4.83
CA ALA F 301 -6.16 5.45 5.46
C ALA F 301 -6.38 5.63 6.96
N GLY F 302 -6.11 6.81 7.50
CA GLY F 302 -6.31 7.04 8.92
C GLY F 302 -5.08 6.74 9.75
N ALA F 303 -5.32 6.52 11.04
CA ALA F 303 -4.27 6.22 12.00
C ALA F 303 -4.43 4.82 12.55
N LEU F 304 -3.31 4.18 12.85
CA LEU F 304 -3.30 2.80 13.33
C LEU F 304 -2.44 2.72 14.58
N CYS F 305 -2.98 2.12 15.63
CA CYS F 305 -2.27 1.90 16.89
C CYS F 305 -1.79 0.45 16.94
N LYS F 306 -0.47 0.26 17.04
CA LYS F 306 0.12 -1.07 16.99
C LYS F 306 0.50 -1.62 18.35
N ARG F 307 0.76 -0.77 19.33
CA ARG F 307 1.15 -1.19 20.68
C ARG F 307 0.27 -0.49 21.70
N PRO F 308 -0.92 -1.04 21.96
CA PRO F 308 -1.84 -0.38 22.90
C PRO F 308 -1.32 -0.27 24.32
N TRP F 309 -0.35 -1.09 24.71
CA TRP F 309 0.15 -1.08 26.08
C TRP F 309 1.01 0.13 26.39
N ALA F 310 1.37 0.94 25.39
CA ALA F 310 2.23 2.10 25.59
C ALA F 310 1.47 3.42 25.51
N VAL F 311 0.15 3.39 25.74
CA VAL F 311 -0.69 4.58 25.63
C VAL F 311 -1.50 4.75 26.91
N VAL F 312 -1.52 5.97 27.44
CA VAL F 312 -2.35 6.34 28.57
C VAL F 312 -3.11 7.60 28.21
N ARG F 313 -4.41 7.61 28.48
CA ARG F 313 -5.28 8.71 28.07
C ARG F 313 -6.21 9.10 29.21
N TYR F 314 -6.49 10.40 29.33
CA TYR F 314 -7.41 10.94 30.32
C TYR F 314 -8.57 11.62 29.62
N LEU F 315 -9.78 11.42 30.14
CA LEU F 315 -10.97 11.95 29.49
C LEU F 315 -11.26 13.39 29.91
N GLY F 316 -11.36 13.63 31.21
CA GLY F 316 -11.74 14.95 31.69
C GLY F 316 -10.55 15.80 32.08
N ILE F 317 -10.15 16.71 31.20
CA ILE F 317 -9.03 17.61 31.42
C ILE F 317 -7.76 16.82 31.75
N MET G 1 -27.37 32.77 -62.38
CA MET G 1 -26.71 31.85 -61.46
C MET G 1 -25.72 32.58 -60.57
N PHE G 2 -24.84 33.38 -61.19
CA PHE G 2 -23.85 34.13 -60.45
C PHE G 2 -24.50 35.33 -59.75
N GLN G 3 -23.70 36.07 -58.99
CA GLN G 3 -24.23 37.19 -58.23
C GLN G 3 -24.66 38.32 -59.14
N LYS G 4 -25.83 38.90 -58.84
CA LYS G 4 -26.36 40.02 -59.59
C LYS G 4 -26.59 41.27 -58.74
N GLN G 5 -26.60 41.15 -57.42
CA GLN G 5 -26.80 42.29 -56.54
C GLN G 5 -25.95 42.08 -55.29
N VAL G 6 -25.46 43.19 -54.73
CA VAL G 6 -24.61 43.18 -53.56
C VAL G 6 -25.43 43.62 -52.35
N TYR G 7 -25.40 42.82 -51.29
CA TYR G 7 -26.13 43.11 -50.06
C TYR G 7 -25.20 43.67 -49.00
N ARG G 8 -25.81 44.18 -47.92
CA ARG G 8 -25.04 44.86 -46.89
C ARG G 8 -24.24 43.87 -46.05
N GLN G 9 -24.80 42.69 -45.79
CA GLN G 9 -24.13 41.72 -44.94
C GLN G 9 -24.51 40.30 -45.36
N TYR G 10 -23.70 39.35 -44.91
CA TYR G 10 -23.95 37.94 -45.19
C TYR G 10 -25.10 37.40 -44.35
N THR G 11 -25.64 36.27 -44.79
CA THR G 11 -26.70 35.62 -44.03
C THR G 11 -26.12 34.95 -42.79
N PRO G 12 -26.87 34.91 -41.69
CA PRO G 12 -26.36 34.27 -40.47
C PRO G 12 -26.07 32.79 -40.64
N GLY G 13 -26.82 32.08 -41.46
CA GLY G 13 -26.59 30.66 -41.64
C GLY G 13 -27.61 30.06 -42.58
N PHE G 14 -27.44 28.76 -42.82
CA PHE G 14 -28.31 27.99 -43.71
C PHE G 14 -29.10 26.96 -42.92
N PRO G 15 -30.29 26.59 -43.37
CA PRO G 15 -31.11 25.63 -42.63
C PRO G 15 -30.41 24.29 -42.49
N GLY G 16 -30.59 23.65 -41.33
CA GLY G 16 -29.99 22.37 -41.05
C GLY G 16 -28.56 22.42 -40.55
N ASP G 17 -28.05 23.60 -40.21
CA ASP G 17 -26.68 23.77 -39.77
C ASP G 17 -26.63 24.19 -38.31
N LEU G 18 -25.68 23.63 -37.57
CA LEU G 18 -25.47 24.04 -36.19
C LEU G 18 -24.89 25.45 -36.15
N ILE G 19 -25.49 26.30 -35.30
CA ILE G 19 -25.05 27.69 -35.20
C ILE G 19 -24.50 28.02 -33.81
N GLU G 20 -24.75 27.21 -32.79
CA GLU G 20 -24.19 27.41 -31.47
C GLU G 20 -23.52 26.12 -31.02
N ASP G 21 -22.49 26.27 -30.18
CA ASP G 21 -21.70 25.15 -29.69
C ASP G 21 -22.06 24.89 -28.23
N GLY G 22 -22.34 23.63 -27.91
CA GLY G 22 -22.71 23.23 -26.57
C GLY G 22 -23.13 21.78 -26.52
N PRO G 23 -23.82 21.40 -25.45
CA PRO G 23 -24.33 20.03 -25.35
C PRO G 23 -25.28 19.71 -26.50
N LYS G 24 -25.16 18.50 -27.03
CA LYS G 24 -25.98 18.08 -28.15
C LYS G 24 -26.05 16.57 -28.20
N ARG G 25 -27.14 16.07 -28.79
CA ARG G 25 -27.36 14.64 -28.97
C ARG G 25 -27.89 14.39 -30.36
N ALA G 26 -27.39 13.35 -31.02
CA ALA G 26 -27.86 12.98 -32.34
C ALA G 26 -27.73 11.47 -32.53
N ARG G 27 -28.51 10.95 -33.47
CA ARG G 27 -28.50 9.53 -33.77
C ARG G 27 -28.67 9.32 -35.27
N PRO G 28 -28.06 8.28 -35.83
CA PRO G 28 -28.28 7.96 -37.24
C PRO G 28 -29.60 7.23 -37.44
N GLY G 29 -30.01 7.14 -38.70
CA GLY G 29 -31.25 6.46 -39.03
C GLY G 29 -31.40 6.31 -40.52
N ARG G 30 -32.26 5.36 -40.90
CA ARG G 30 -32.57 5.08 -42.29
C ARG G 30 -34.02 5.46 -42.57
N ILE G 31 -34.26 6.00 -43.77
CA ILE G 31 -35.55 6.60 -44.10
C ILE G 31 -36.43 5.59 -44.82
N MET G 32 -37.62 5.37 -44.26
CA MET G 32 -38.66 4.61 -44.95
C MET G 32 -39.26 5.44 -46.08
N SER G 33 -39.69 4.75 -47.13
CA SER G 33 -40.53 5.39 -48.14
C SER G 33 -41.89 5.70 -47.53
N LEU G 34 -42.43 6.87 -47.88
CA LEU G 34 -43.71 7.29 -47.30
C LEU G 34 -44.85 6.38 -47.71
N SER G 35 -44.81 5.84 -48.93
CA SER G 35 -45.87 4.95 -49.39
C SER G 35 -45.92 3.64 -48.62
N ALA G 36 -44.85 3.29 -47.91
CA ALA G 36 -44.83 2.03 -47.16
C ALA G 36 -45.69 2.05 -45.91
N VAL G 37 -46.20 3.22 -45.51
CA VAL G 37 -47.06 3.31 -44.34
C VAL G 37 -48.37 2.58 -44.61
N ASN G 38 -48.79 1.75 -43.63
CA ASN G 38 -49.94 0.88 -43.87
C ASN G 38 -51.24 1.66 -44.00
N PRO G 39 -51.65 2.49 -43.02
CA PRO G 39 -52.95 3.16 -43.13
C PRO G 39 -52.97 4.37 -44.06
N ALA G 40 -51.94 4.53 -44.89
CA ALA G 40 -51.82 5.62 -45.86
C ALA G 40 -51.63 6.96 -45.18
N ALA G 41 -50.94 7.89 -45.84
CA ALA G 41 -50.61 9.18 -45.28
C ALA G 41 -51.51 10.24 -45.90
N THR G 42 -52.21 11.00 -45.05
CA THR G 42 -53.04 12.09 -45.55
C THR G 42 -52.21 13.30 -45.96
N ALA G 43 -51.06 13.50 -45.30
CA ALA G 43 -50.14 14.57 -45.65
C ALA G 43 -48.86 13.97 -46.21
N THR G 44 -48.36 14.55 -47.30
CA THR G 44 -47.21 14.02 -48.00
C THR G 44 -46.17 15.12 -48.20
N GLY G 45 -44.92 14.70 -48.41
CA GLY G 45 -43.83 15.61 -48.66
C GLY G 45 -42.52 14.89 -48.86
N PRO G 46 -41.56 15.55 -49.51
CA PRO G 46 -40.26 14.93 -49.75
C PRO G 46 -39.40 14.91 -48.50
N ASN G 47 -38.40 14.05 -48.52
CA ASN G 47 -37.44 13.93 -47.42
C ASN G 47 -36.47 15.10 -47.52
N ARG G 48 -36.91 16.25 -47.00
CA ARG G 48 -36.14 17.48 -47.05
C ARG G 48 -35.43 17.70 -45.73
N ALA G 49 -34.24 18.31 -45.81
CA ALA G 49 -33.49 18.62 -44.60
C ALA G 49 -34.26 19.64 -43.75
N SER G 50 -33.99 19.60 -42.44
CA SER G 50 -34.64 20.48 -41.45
C SER G 50 -36.14 20.19 -41.31
N ARG G 51 -36.51 18.91 -41.32
CA ARG G 51 -37.87 18.48 -41.06
C ARG G 51 -37.86 17.46 -39.92
N ALA G 52 -38.92 17.48 -39.11
CA ALA G 52 -39.04 16.53 -38.02
C ALA G 52 -39.32 15.14 -38.57
N PHE G 53 -38.74 14.13 -37.92
CA PHE G 53 -38.89 12.75 -38.31
C PHE G 53 -39.37 11.93 -37.12
N GLY G 54 -40.05 10.83 -37.41
CA GLY G 54 -40.62 10.00 -36.37
C GLY G 54 -40.11 8.58 -36.45
N TYR G 55 -40.06 7.93 -35.29
CA TYR G 55 -39.62 6.54 -35.21
C TYR G 55 -40.61 5.63 -35.92
N ALA G 56 -40.08 4.66 -36.65
CA ALA G 56 -40.90 3.73 -37.42
C ALA G 56 -40.78 2.30 -36.93
N GLY G 57 -39.56 1.76 -36.88
CA GLY G 57 -39.38 0.38 -36.43
C GLY G 57 -37.91 0.06 -36.29
N ASP G 58 -37.65 -1.06 -35.62
CA ASP G 58 -36.30 -1.55 -35.42
C ASP G 58 -35.88 -2.36 -36.64
N VAL G 59 -34.68 -2.08 -37.15
CA VAL G 59 -34.18 -2.74 -38.34
C VAL G 59 -32.81 -3.39 -38.09
N SER G 60 -32.52 -3.71 -36.82
CA SER G 60 -31.27 -4.33 -36.46
C SER G 60 -31.26 -5.84 -36.69
N ALA G 61 -32.39 -6.43 -37.08
CA ALA G 61 -32.45 -7.88 -37.26
C ALA G 61 -31.50 -8.35 -38.35
N LEU G 62 -31.56 -7.71 -39.52
CA LEU G 62 -30.67 -7.99 -40.63
C LEU G 62 -30.69 -9.47 -41.01
N GLY G 63 -31.85 -9.92 -41.47
CA GLY G 63 -32.02 -11.29 -41.90
C GLY G 63 -33.44 -11.54 -42.35
N GLU G 64 -33.63 -12.67 -43.04
CA GLU G 64 -34.93 -13.05 -43.55
C GLU G 64 -35.37 -14.44 -43.10
N GLY G 65 -34.53 -15.16 -42.36
CA GLY G 65 -34.88 -16.46 -41.81
C GLY G 65 -35.12 -16.38 -40.32
N GLN G 66 -35.41 -17.55 -39.74
CA GLN G 66 -35.64 -17.61 -38.29
C GLN G 66 -34.40 -17.25 -37.48
N PRO G 67 -33.21 -17.79 -37.75
CA PRO G 67 -32.02 -17.29 -37.04
C PRO G 67 -31.51 -16.02 -37.70
N LYS G 68 -31.21 -15.01 -36.88
CA LYS G 68 -30.75 -13.73 -37.37
C LYS G 68 -29.57 -13.25 -36.53
N THR G 69 -28.76 -12.39 -37.12
CA THR G 69 -27.59 -11.81 -36.46
C THR G 69 -27.83 -10.32 -36.25
N ILE G 70 -27.73 -9.89 -34.99
CA ILE G 70 -27.84 -8.47 -34.65
C ILE G 70 -26.44 -7.90 -34.81
N ALA G 71 -26.13 -7.43 -36.02
CA ALA G 71 -24.79 -6.94 -36.32
C ALA G 71 -24.55 -5.56 -35.72
N ALA G 72 -25.57 -4.71 -35.73
CA ALA G 72 -25.43 -3.35 -35.23
C ALA G 72 -26.78 -2.83 -34.78
N ARG G 73 -26.75 -1.77 -33.98
CA ARG G 73 -27.97 -1.11 -33.52
C ARG G 73 -28.36 -0.05 -34.55
N ALA G 74 -29.49 -0.26 -35.21
CA ALA G 74 -29.98 0.66 -36.22
C ALA G 74 -31.45 0.92 -36.01
N SER G 75 -31.88 2.14 -36.35
CA SER G 75 -33.27 2.55 -36.26
C SER G 75 -33.70 3.11 -37.62
N GLU G 76 -34.99 3.01 -37.89
CA GLU G 76 -35.54 3.41 -39.18
C GLU G 76 -36.70 4.36 -38.94
N VAL G 77 -36.81 5.38 -39.80
CA VAL G 77 -37.68 6.53 -39.54
C VAL G 77 -38.54 6.83 -40.76
N VAL G 78 -39.58 7.64 -40.53
CA VAL G 78 -40.50 8.08 -41.57
C VAL G 78 -40.51 9.61 -41.58
N ILE G 79 -41.08 10.18 -42.64
CA ILE G 79 -40.96 11.61 -42.89
C ILE G 79 -41.70 12.43 -41.84
N GLY G 80 -42.87 11.97 -41.40
CA GLY G 80 -43.64 12.78 -40.48
C GLY G 80 -44.41 12.01 -39.42
N GLY G 81 -43.99 10.79 -39.15
CA GLY G 81 -44.72 9.95 -38.22
C GLY G 81 -44.63 10.44 -36.79
N ALA G 82 -45.50 9.90 -35.95
CA ALA G 82 -45.52 10.23 -34.52
C ALA G 82 -44.31 9.57 -33.86
N ASN G 83 -44.22 9.70 -32.53
CA ASN G 83 -43.09 9.20 -31.76
C ASN G 83 -41.79 9.86 -32.24
N PHE G 84 -41.73 11.17 -32.00
CA PHE G 84 -40.66 12.02 -32.52
C PHE G 84 -39.28 11.41 -32.28
N PHE G 85 -38.48 11.37 -33.34
CA PHE G 85 -37.12 10.83 -33.30
C PHE G 85 -36.06 11.90 -33.37
N GLY G 86 -36.16 12.84 -34.30
CA GLY G 86 -35.17 13.88 -34.42
C GLY G 86 -35.46 14.78 -35.59
N VAL G 87 -34.53 15.70 -35.85
CA VAL G 87 -34.63 16.66 -36.94
C VAL G 87 -33.40 16.48 -37.84
N LEU G 88 -33.63 16.34 -39.14
CA LEU G 88 -32.55 16.16 -40.09
C LEU G 88 -31.66 17.40 -40.13
N GLY G 89 -30.36 17.16 -40.31
CA GLY G 89 -29.41 18.26 -40.31
C GLY G 89 -28.09 17.86 -40.91
N HIS G 90 -27.11 18.77 -40.81
CA HIS G 90 -25.77 18.60 -41.33
C HIS G 90 -25.77 18.35 -42.83
N PRO G 91 -26.13 19.36 -43.64
CA PRO G 91 -26.20 19.14 -45.09
C PRO G 91 -24.89 18.79 -45.75
N LYS G 92 -23.75 19.14 -45.15
CA LYS G 92 -22.45 18.88 -45.77
C LYS G 92 -22.07 17.41 -45.74
N HIS G 93 -22.80 16.58 -45.01
CA HIS G 93 -22.44 15.17 -44.89
C HIS G 93 -22.79 14.36 -46.13
N TYR G 94 -23.82 14.75 -46.87
CA TYR G 94 -24.38 13.93 -47.92
C TYR G 94 -23.84 14.33 -49.29
N ALA G 95 -24.35 13.66 -50.33
CA ALA G 95 -23.97 13.92 -51.70
C ALA G 95 -25.11 14.61 -52.45
N LEU G 96 -24.77 15.21 -53.59
CA LEU G 96 -25.73 16.05 -54.29
C LEU G 96 -26.73 15.24 -55.10
N PHE G 97 -26.23 14.41 -56.03
CA PHE G 97 -27.01 13.64 -56.99
C PHE G 97 -27.73 14.50 -58.01
N GLY G 98 -27.61 15.83 -57.94
CA GLY G 98 -28.31 16.67 -58.89
C GLY G 98 -29.81 16.54 -58.76
N SER G 99 -30.50 16.63 -59.89
CA SER G 99 -31.95 16.48 -59.94
C SER G 99 -32.29 15.39 -60.96
N ALA G 100 -33.59 15.25 -61.24
CA ALA G 100 -34.02 14.25 -62.20
C ALA G 100 -33.52 14.56 -63.60
N GLY G 101 -33.55 15.84 -63.99
CA GLY G 101 -33.11 16.23 -65.31
C GLY G 101 -31.62 16.12 -65.54
N ASP G 102 -30.84 16.95 -64.84
CA ASP G 102 -29.40 16.97 -65.04
C ASP G 102 -28.70 17.10 -63.70
N SER G 103 -27.46 16.63 -63.66
CA SER G 103 -26.63 16.78 -62.47
C SER G 103 -26.19 18.23 -62.33
N LEU G 104 -25.42 18.50 -61.27
CA LEU G 104 -24.91 19.85 -60.98
C LEU G 104 -26.07 20.85 -60.85
N ALA G 105 -27.17 20.41 -60.26
CA ALA G 105 -28.34 21.24 -60.06
C ALA G 105 -28.65 21.33 -58.57
N PRO G 106 -29.16 22.46 -58.10
CA PRO G 106 -29.46 22.60 -56.66
C PRO G 106 -30.50 21.58 -56.21
N SER G 107 -30.14 20.83 -55.17
CA SER G 107 -31.02 19.84 -54.57
C SER G 107 -30.81 19.85 -53.07
N TYR G 108 -31.90 19.74 -52.32
CA TYR G 108 -31.82 19.86 -50.87
C TYR G 108 -32.61 18.77 -50.18
N ASP G 109 -32.95 17.69 -50.89
CA ASP G 109 -33.71 16.57 -50.36
C ASP G 109 -32.83 15.33 -50.30
N LEU G 110 -33.43 14.23 -49.82
CA LEU G 110 -32.74 12.96 -49.73
C LEU G 110 -33.60 11.84 -50.32
N PRO G 111 -33.00 10.85 -50.96
CA PRO G 111 -33.76 9.72 -51.50
C PRO G 111 -34.14 8.73 -50.40
N ASP G 112 -35.05 7.83 -50.75
CA ASP G 112 -35.47 6.78 -49.82
C ASP G 112 -34.33 5.81 -49.57
N GLY G 113 -34.24 5.33 -48.33
CA GLY G 113 -33.19 4.41 -47.94
C GLY G 113 -31.87 5.07 -47.60
N ALA G 114 -31.76 6.39 -47.71
CA ALA G 114 -30.52 7.07 -47.39
C ALA G 114 -30.30 7.14 -45.89
N GLU G 115 -29.05 7.32 -45.50
CA GLU G 115 -28.66 7.44 -44.10
C GLU G 115 -28.56 8.91 -43.74
N GLY G 116 -29.16 9.30 -42.62
CA GLY G 116 -29.22 10.70 -42.23
C GLY G 116 -28.89 10.89 -40.76
N GLU G 117 -28.72 12.15 -40.40
CA GLU G 117 -28.41 12.57 -39.04
C GLU G 117 -29.60 13.29 -38.43
N PHE G 118 -30.04 12.83 -37.27
CA PHE G 118 -31.24 13.36 -36.62
C PHE G 118 -30.89 13.87 -35.24
N PHE G 119 -31.25 15.12 -34.96
CA PHE G 119 -30.89 15.78 -33.72
C PHE G 119 -32.01 15.69 -32.70
N ASP G 120 -31.67 15.25 -31.49
CA ASP G 120 -32.59 15.24 -30.36
C ASP G 120 -32.31 16.35 -29.36
N MET G 121 -31.07 16.79 -29.24
CA MET G 121 -30.68 17.90 -28.39
C MET G 121 -29.69 18.77 -29.14
N ALA G 122 -29.87 20.09 -29.07
CA ALA G 122 -28.98 21.02 -29.76
C ALA G 122 -29.12 22.39 -29.13
N THR G 123 -27.98 23.06 -28.92
CA THR G 123 -28.01 24.41 -28.37
C THR G 123 -28.63 25.39 -29.36
N GLY G 124 -28.32 25.24 -30.64
CA GLY G 124 -28.89 26.09 -31.67
C GLY G 124 -28.87 25.47 -33.03
N LEU G 125 -30.02 25.43 -33.71
CA LEU G 125 -30.15 24.79 -35.01
C LEU G 125 -30.97 25.69 -35.92
N VAL G 126 -30.52 25.85 -37.16
CA VAL G 126 -31.23 26.67 -38.15
C VAL G 126 -32.23 25.78 -38.87
N VAL G 127 -33.52 26.11 -38.74
CA VAL G 127 -34.60 25.34 -39.35
C VAL G 127 -35.57 26.31 -40.02
N GLU G 128 -36.53 25.74 -40.75
CA GLU G 128 -37.59 26.50 -41.40
C GLU G 128 -38.88 26.32 -40.62
N ILE G 129 -39.58 27.43 -40.37
CA ILE G 129 -40.81 27.44 -39.59
C ILE G 129 -41.95 27.92 -40.48
N PHE G 130 -43.06 27.19 -40.45
CA PHE G 130 -44.26 27.56 -41.19
C PHE G 130 -45.28 28.21 -40.26
N ASN G 131 -46.32 28.76 -40.87
CA ASN G 131 -47.42 29.38 -40.13
C ASN G 131 -48.66 28.50 -40.29
N GLY G 132 -49.32 28.19 -39.18
CA GLY G 132 -50.46 27.31 -39.20
C GLY G 132 -51.79 27.98 -38.88
N ALA G 133 -51.84 29.30 -39.03
CA ALA G 133 -53.05 30.05 -38.70
C ALA G 133 -53.56 30.94 -39.82
N ALA G 134 -52.85 31.03 -40.94
CA ALA G 134 -53.24 31.87 -42.08
C ALA G 134 -53.42 33.32 -41.68
N ALA G 135 -52.58 33.81 -40.77
CA ALA G 135 -52.61 35.19 -40.32
C ALA G 135 -51.20 35.64 -39.98
N ALA G 136 -51.02 36.95 -39.92
CA ALA G 136 -49.72 37.50 -39.56
C ALA G 136 -49.33 37.07 -38.16
N LEU G 137 -48.05 36.71 -37.99
CA LEU G 137 -47.57 36.17 -36.73
C LEU G 137 -46.13 36.60 -36.48
N ASP G 138 -45.81 36.83 -35.22
CA ASP G 138 -44.44 37.06 -34.76
C ASP G 138 -44.17 36.12 -33.59
N LEU G 139 -42.99 35.50 -33.59
CA LEU G 139 -42.74 34.35 -32.73
C LEU G 139 -42.07 34.71 -31.40
N ASP G 140 -41.11 35.64 -31.41
CA ASP G 140 -40.42 36.06 -30.20
C ASP G 140 -39.61 34.93 -29.59
N TYR G 141 -39.04 35.18 -28.40
CA TYR G 141 -38.05 34.27 -27.84
C TYR G 141 -38.70 33.04 -27.21
N GLY G 142 -39.89 33.18 -26.63
CA GLY G 142 -40.45 32.15 -25.80
C GLY G 142 -41.48 31.22 -26.41
N ASP G 143 -41.73 31.32 -27.71
CA ASP G 143 -42.77 30.50 -28.32
C ASP G 143 -42.32 29.04 -28.43
N LEU G 144 -43.32 28.15 -28.53
CA LEU G 144 -43.12 26.73 -28.68
C LEU G 144 -43.22 26.34 -30.15
N VAL G 145 -42.75 25.13 -30.46
CA VAL G 145 -42.72 24.64 -31.83
C VAL G 145 -43.37 23.26 -31.89
N ALA G 146 -44.08 23.01 -32.99
CA ALA G 146 -44.72 21.73 -33.24
C ALA G 146 -44.52 21.37 -34.70
N TYR G 147 -44.76 20.10 -35.04
CA TYR G 147 -44.58 19.62 -36.39
C TYR G 147 -45.84 18.90 -36.86
N VAL G 148 -46.08 18.96 -38.17
CA VAL G 148 -47.25 18.34 -38.77
C VAL G 148 -47.13 16.82 -38.66
N PRO G 149 -48.16 16.11 -38.22
CA PRO G 149 -48.09 14.65 -38.16
C PRO G 149 -48.20 14.04 -39.55
N ASN G 150 -47.81 12.76 -39.64
CA ASN G 150 -47.93 12.04 -40.89
C ASN G 150 -49.38 11.86 -41.30
N ASN G 151 -50.25 11.59 -40.34
CA ASN G 151 -51.66 11.28 -40.60
C ASN G 151 -52.58 12.41 -40.16
N LEU G 152 -52.16 13.65 -40.38
CA LEU G 152 -53.00 14.78 -40.04
C LEU G 152 -54.23 14.80 -40.93
N ALA G 153 -55.40 14.93 -40.31
CA ALA G 153 -56.66 14.88 -41.04
C ALA G 153 -56.79 16.05 -42.00
N THR G 154 -57.46 15.82 -43.13
CA THR G 154 -57.69 16.87 -44.10
C THR G 154 -58.56 17.97 -43.53
N ALA G 155 -59.53 17.62 -42.68
CA ALA G 155 -60.35 18.63 -42.04
C ALA G 155 -59.53 19.55 -41.14
N ASP G 156 -58.56 18.97 -40.42
CA ASP G 156 -57.68 19.74 -39.57
C ASP G 156 -56.57 20.45 -40.32
N ASP G 157 -56.39 20.16 -41.61
CA ASP G 157 -55.35 20.77 -42.45
C ASP G 157 -56.02 21.40 -43.66
N ALA G 158 -56.51 22.63 -43.50
CA ALA G 158 -57.05 23.36 -44.63
C ALA G 158 -55.96 23.82 -45.57
N LEU G 159 -54.83 24.24 -45.02
CA LEU G 159 -53.68 24.66 -45.80
C LEU G 159 -52.88 23.45 -46.27
N GLY G 160 -52.03 23.67 -47.27
CA GLY G 160 -51.27 22.58 -47.84
C GLY G 160 -49.90 22.37 -47.19
N LEU G 161 -49.87 22.29 -45.86
CA LEU G 161 -48.61 22.12 -45.17
C LEU G 161 -48.00 20.76 -45.49
N PRO G 162 -46.67 20.68 -45.62
CA PRO G 162 -46.04 19.38 -45.93
C PRO G 162 -46.15 18.38 -44.81
N ALA G 163 -45.58 17.19 -45.02
CA ALA G 163 -45.73 16.10 -44.06
C ALA G 163 -45.06 16.42 -42.73
N GLY G 164 -43.80 16.85 -42.77
CA GLY G 164 -43.05 17.04 -41.54
C GLY G 164 -42.59 18.47 -41.29
N ALA G 165 -43.37 19.44 -41.75
CA ALA G 165 -43.00 20.84 -41.58
C ALA G 165 -43.08 21.26 -40.12
N LEU G 166 -42.14 22.09 -39.70
CA LEU G 166 -42.12 22.63 -38.35
C LEU G 166 -42.98 23.89 -38.27
N VAL G 167 -43.80 23.99 -37.23
CA VAL G 167 -44.73 25.09 -37.05
C VAL G 167 -44.54 25.68 -35.67
N GLY G 168 -44.41 27.01 -35.61
CA GLY G 168 -44.31 27.72 -34.35
C GLY G 168 -45.66 28.26 -33.92
N PHE G 169 -45.84 28.38 -32.61
CA PHE G 169 -47.13 28.80 -32.06
C PHE G 169 -46.92 29.36 -30.66
N LYS G 170 -47.91 30.12 -30.21
CA LYS G 170 -47.86 30.72 -28.87
C LYS G 170 -48.25 29.68 -27.81
N THR G 171 -47.84 29.97 -26.57
CA THR G 171 -48.07 29.01 -25.49
C THR G 171 -49.55 28.81 -25.21
N GLY G 172 -50.40 29.75 -25.61
CA GLY G 172 -51.83 29.63 -25.36
C GLY G 172 -52.58 28.87 -26.43
N SER G 173 -52.48 29.33 -27.68
CA SER G 173 -53.22 28.76 -28.79
C SER G 173 -52.32 27.87 -29.63
N MET G 174 -52.79 26.67 -29.94
CA MET G 174 -52.08 25.72 -30.76
C MET G 174 -53.04 25.12 -31.79
N PRO G 175 -52.58 24.85 -33.01
CA PRO G 175 -53.45 24.19 -33.98
C PRO G 175 -53.92 22.83 -33.49
N THR G 176 -55.13 22.46 -33.92
CA THR G 176 -55.84 21.34 -33.30
C THR G 176 -55.09 20.02 -33.49
N GLY G 177 -54.58 19.78 -34.69
CA GLY G 177 -54.06 18.48 -35.03
C GLY G 177 -52.56 18.28 -34.95
N LEU G 178 -51.79 19.31 -34.61
CA LEU G 178 -50.34 19.18 -34.60
C LEU G 178 -49.88 18.39 -33.37
N VAL G 179 -48.60 18.02 -33.40
CA VAL G 179 -47.96 17.29 -32.31
C VAL G 179 -46.80 18.13 -31.80
N GLN G 180 -46.80 18.40 -30.50
CA GLN G 180 -45.81 19.27 -29.90
C GLN G 180 -44.50 18.52 -29.65
N ILE G 181 -43.39 19.24 -29.81
CA ILE G 181 -42.07 18.73 -29.48
C ILE G 181 -41.71 19.22 -28.08
N PRO G 182 -41.53 18.33 -27.10
CA PRO G 182 -41.34 18.79 -25.72
C PRO G 182 -40.03 19.55 -25.53
N ASN G 183 -40.07 20.53 -24.64
CA ASN G 183 -38.88 21.26 -24.19
C ASN G 183 -38.14 21.92 -25.35
N ALA G 184 -38.88 22.46 -26.31
CA ALA G 184 -38.31 23.12 -27.47
C ALA G 184 -38.75 24.57 -27.50
N ARG G 185 -37.82 25.46 -27.86
CA ARG G 185 -38.07 26.90 -27.82
C ARG G 185 -37.52 27.55 -29.08
N ILE G 186 -38.05 28.74 -29.38
CA ILE G 186 -37.64 29.52 -30.54
C ILE G 186 -36.82 30.71 -30.09
N VAL G 187 -35.50 30.55 -30.04
CA VAL G 187 -34.64 31.56 -29.43
C VAL G 187 -34.63 32.85 -30.27
N ASN G 188 -34.65 32.72 -31.59
CA ASN G 188 -34.64 33.89 -32.45
C ASN G 188 -36.06 34.39 -32.68
N ALA G 189 -36.18 35.66 -33.08
CA ALA G 189 -37.46 36.33 -33.23
C ALA G 189 -37.58 36.88 -34.64
N ILE G 190 -38.66 36.50 -35.34
CA ILE G 190 -38.98 36.97 -36.67
C ILE G 190 -40.48 37.22 -36.76
N SER G 191 -40.93 37.61 -37.95
CA SER G 191 -42.34 37.83 -38.22
C SER G 191 -42.72 37.17 -39.54
N LEU G 192 -43.98 36.74 -39.62
CA LEU G 192 -44.46 36.04 -40.81
C LEU G 192 -45.71 36.71 -41.35
N PRO G 193 -45.85 36.83 -42.66
CA PRO G 193 -47.02 37.48 -43.26
C PRO G 193 -48.22 36.54 -43.27
N ALA G 194 -49.33 37.06 -43.82
CA ALA G 194 -50.55 36.28 -43.94
C ALA G 194 -50.37 35.15 -44.97
N GLN G 195 -51.05 34.04 -44.71
CA GLN G 195 -50.95 32.86 -45.55
C GLN G 195 -52.32 32.48 -46.11
N SER G 196 -52.28 31.70 -47.19
CA SER G 196 -53.49 31.18 -47.82
C SER G 196 -53.15 29.85 -48.48
N ALA G 197 -54.18 29.06 -48.75
CA ALA G 197 -53.99 27.76 -49.38
C ALA G 197 -53.40 27.94 -50.77
N GLY G 198 -52.34 27.18 -51.06
CA GLY G 198 -51.64 27.28 -52.32
C GLY G 198 -50.67 28.45 -52.42
N ASN G 199 -50.55 29.26 -51.39
CA ASN G 199 -49.66 30.42 -51.37
C ASN G 199 -48.89 30.48 -50.06
N LEU G 200 -48.42 29.33 -49.59
CA LEU G 200 -47.72 29.26 -48.32
C LEU G 200 -46.37 29.96 -48.42
N VAL G 201 -46.17 30.97 -47.58
CA VAL G 201 -44.84 31.56 -47.46
C VAL G 201 -43.92 30.57 -46.77
N ALA G 202 -42.70 30.42 -47.31
CA ALA G 202 -41.80 29.39 -46.80
C ALA G 202 -41.46 29.61 -45.33
N GLY G 203 -41.49 30.85 -44.87
CA GLY G 203 -41.15 31.13 -43.49
C GLY G 203 -39.66 31.35 -43.32
N VAL G 204 -39.29 32.51 -42.78
CA VAL G 204 -37.88 32.83 -42.60
C VAL G 204 -37.24 31.81 -41.66
N THR G 205 -36.00 31.44 -41.95
CA THR G 205 -35.29 30.48 -41.13
C THR G 205 -35.08 31.04 -39.73
N ILE G 206 -35.09 30.15 -38.73
CA ILE G 206 -35.01 30.52 -37.34
C ILE G 206 -33.97 29.64 -36.65
N VAL G 207 -33.65 29.99 -35.41
CA VAL G 207 -32.77 29.20 -34.56
C VAL G 207 -33.61 28.52 -33.49
N GLN G 208 -33.33 27.25 -33.24
CA GLN G 208 -34.10 26.44 -32.31
C GLN G 208 -33.21 25.86 -31.22
N LEU G 209 -33.78 25.72 -30.03
CA LEU G 209 -33.15 25.04 -28.90
C LEU G 209 -33.97 23.79 -28.64
N THR G 210 -33.52 22.65 -29.19
CA THR G 210 -34.34 21.46 -29.21
C THR G 210 -34.57 20.91 -27.80
N GLN G 211 -33.50 20.83 -27.00
CA GLN G 211 -33.62 20.34 -25.63
C GLN G 211 -32.57 20.98 -24.72
N MET H 1 -14.35 -21.34 -19.74
CA MET H 1 -15.04 -21.70 -18.50
C MET H 1 -16.47 -21.17 -18.49
N PHE H 2 -17.40 -22.03 -18.08
CA PHE H 2 -18.82 -21.72 -17.87
C PHE H 2 -19.55 -21.37 -19.16
N GLN H 3 -18.88 -21.39 -20.31
CA GLN H 3 -19.52 -21.10 -21.59
C GLN H 3 -20.02 -22.40 -22.20
N LYS H 4 -21.33 -22.63 -22.12
CA LYS H 4 -21.94 -23.83 -22.65
C LYS H 4 -22.70 -23.61 -23.94
N GLN H 5 -22.92 -22.36 -24.34
CA GLN H 5 -23.63 -22.04 -25.56
C GLN H 5 -22.82 -21.03 -26.37
N VAL H 6 -22.95 -21.12 -27.69
CA VAL H 6 -22.32 -20.19 -28.62
C VAL H 6 -23.41 -19.46 -29.39
N TYR H 7 -23.40 -18.13 -29.31
CA TYR H 7 -24.39 -17.29 -29.97
C TYR H 7 -23.77 -16.60 -31.18
N ARG H 8 -24.64 -15.95 -31.97
CA ARG H 8 -24.22 -15.34 -33.21
C ARG H 8 -23.62 -13.96 -33.03
N GLN H 9 -23.76 -13.35 -31.85
CA GLN H 9 -23.28 -11.99 -31.65
C GLN H 9 -23.02 -11.76 -30.17
N TYR H 10 -22.28 -10.69 -29.89
CA TYR H 10 -22.00 -10.28 -28.52
C TYR H 10 -23.16 -9.45 -27.97
N THR H 11 -23.29 -9.46 -26.65
CA THR H 11 -24.28 -8.60 -26.02
C THR H 11 -23.84 -7.14 -26.14
N PRO H 12 -24.77 -6.22 -26.34
CA PRO H 12 -24.38 -4.81 -26.48
C PRO H 12 -23.69 -4.23 -25.26
N GLY H 13 -24.07 -4.67 -24.07
CA GLY H 13 -23.47 -4.14 -22.86
C GLY H 13 -24.06 -4.82 -21.63
N PHE H 14 -23.52 -4.43 -20.48
CA PHE H 14 -23.93 -4.96 -19.19
C PHE H 14 -24.64 -3.90 -18.36
N PRO H 15 -25.54 -4.28 -17.46
CA PRO H 15 -26.22 -3.30 -16.63
C PRO H 15 -25.25 -2.48 -15.80
N GLY H 16 -25.57 -1.20 -15.64
CA GLY H 16 -24.71 -0.29 -14.90
C GLY H 16 -23.56 0.30 -15.68
N ASP H 17 -23.54 0.14 -17.00
CA ASP H 17 -22.47 0.62 -17.83
C ASP H 17 -22.98 1.69 -18.79
N LEU H 18 -22.08 2.60 -19.17
CA LEU H 18 -22.40 3.61 -20.17
C LEU H 18 -22.27 3.03 -21.57
N ILE H 19 -23.33 3.17 -22.37
CA ILE H 19 -23.33 2.63 -23.72
C ILE H 19 -23.11 3.70 -24.79
N GLU H 20 -23.30 4.97 -24.45
CA GLU H 20 -23.09 6.06 -25.39
C GLU H 20 -22.38 7.21 -24.68
N ASP H 21 -21.68 8.02 -25.45
CA ASP H 21 -20.92 9.15 -24.94
C ASP H 21 -21.67 10.44 -25.24
N GLY H 22 -21.76 11.31 -24.23
CA GLY H 22 -22.44 12.58 -24.37
C GLY H 22 -22.53 13.30 -23.04
N PRO H 23 -23.44 14.25 -22.93
CA PRO H 23 -23.66 14.92 -21.64
C PRO H 23 -24.04 13.93 -20.56
N LYS H 24 -23.48 14.13 -19.36
CA LYS H 24 -23.75 13.23 -18.25
C LYS H 24 -23.48 13.96 -16.95
N ARG H 25 -24.09 13.46 -15.88
CA ARG H 25 -23.94 14.01 -14.54
C ARG H 25 -23.93 12.88 -13.54
N ALA H 26 -23.05 12.97 -12.54
CA ALA H 26 -22.96 11.95 -11.51
C ALA H 26 -22.48 12.58 -10.21
N ARG H 27 -22.81 11.90 -9.10
CA ARG H 27 -22.42 12.34 -7.78
C ARG H 27 -22.05 11.12 -6.93
N PRO H 28 -21.15 11.29 -5.96
CA PRO H 28 -20.85 10.19 -5.05
C PRO H 28 -21.81 10.16 -3.86
N GLY H 29 -21.79 9.05 -3.14
CA GLY H 29 -22.64 8.89 -1.98
C GLY H 29 -22.24 7.70 -1.15
N ARG H 30 -22.78 7.64 0.06
CA ARG H 30 -22.52 6.56 0.99
C ARG H 30 -23.84 5.85 1.29
N ILE H 31 -23.82 4.52 1.23
CA ILE H 31 -25.04 3.73 1.36
C ILE H 31 -25.37 3.51 2.83
N MET H 32 -26.62 3.75 3.18
CA MET H 32 -27.12 3.51 4.52
C MET H 32 -27.84 2.16 4.57
N SER H 33 -27.67 1.45 5.68
CA SER H 33 -28.38 0.19 5.88
C SER H 33 -29.88 0.45 5.86
N LEU H 34 -30.61 -0.42 5.16
CA LEU H 34 -32.05 -0.23 5.01
C LEU H 34 -32.78 -0.33 6.34
N SER H 35 -32.21 -1.06 7.30
CA SER H 35 -32.83 -1.20 8.61
C SER H 35 -32.82 0.11 9.41
N ALA H 36 -32.09 1.13 8.97
CA ALA H 36 -32.01 2.37 9.71
C ALA H 36 -33.22 3.27 9.52
N VAL H 37 -34.09 2.96 8.54
CA VAL H 37 -35.26 3.79 8.31
C VAL H 37 -36.24 3.63 9.46
N ASN H 38 -36.85 4.75 9.88
CA ASN H 38 -37.71 4.76 11.05
C ASN H 38 -39.09 4.17 10.79
N PRO H 39 -39.82 4.59 9.73
CA PRO H 39 -41.17 4.03 9.53
C PRO H 39 -41.15 2.62 8.97
N ALA H 40 -39.98 1.98 8.95
CA ALA H 40 -39.77 0.61 8.47
C ALA H 40 -39.99 0.54 6.96
N ALA H 41 -39.36 -0.45 6.31
CA ALA H 41 -39.42 -0.61 4.87
C ALA H 41 -40.39 -1.73 4.52
N THR H 42 -41.44 -1.39 3.77
CA THR H 42 -42.38 -2.40 3.31
C THR H 42 -41.79 -3.24 2.18
N ALA H 43 -40.95 -2.62 1.34
CA ALA H 43 -40.25 -3.32 0.27
C ALA H 43 -38.77 -3.35 0.59
N THR H 44 -38.15 -4.52 0.44
CA THR H 44 -36.76 -4.71 0.81
C THR H 44 -35.99 -5.31 -0.36
N GLY H 45 -34.66 -5.24 -0.25
CA GLY H 45 -33.78 -5.79 -1.26
C GLY H 45 -32.33 -5.42 -1.00
N PRO H 46 -31.42 -5.98 -1.79
CA PRO H 46 -30.00 -5.67 -1.63
C PRO H 46 -29.64 -4.38 -2.37
N ASN H 47 -28.38 -3.97 -2.18
CA ASN H 47 -27.86 -2.77 -2.83
C ASN H 47 -27.30 -3.12 -4.21
N ARG H 48 -28.16 -3.72 -5.03
CA ARG H 48 -27.77 -4.16 -6.35
C ARG H 48 -27.45 -2.97 -7.24
N ALA H 49 -26.51 -3.17 -8.17
CA ALA H 49 -26.18 -2.15 -9.15
C ALA H 49 -27.32 -1.96 -10.14
N SER H 50 -27.33 -0.80 -10.79
CA SER H 50 -28.38 -0.41 -11.75
C SER H 50 -29.75 -0.34 -11.09
N ARG H 51 -29.80 0.07 -9.82
CA ARG H 51 -31.05 0.30 -9.12
C ARG H 51 -31.11 1.74 -8.64
N ALA H 52 -32.31 2.28 -8.57
CA ALA H 52 -32.49 3.66 -8.12
C ALA H 52 -32.18 3.78 -6.63
N PHE H 53 -31.70 4.96 -6.24
CA PHE H 53 -31.38 5.25 -4.85
C PHE H 53 -31.93 6.62 -4.49
N GLY H 54 -32.17 6.81 -3.20
CA GLY H 54 -32.78 8.04 -2.72
C GLY H 54 -31.93 8.73 -1.67
N TYR H 55 -32.10 10.04 -1.59
CA TYR H 55 -31.37 10.84 -0.61
C TYR H 55 -31.86 10.53 0.80
N ALA H 56 -30.93 10.52 1.76
CA ALA H 56 -31.28 10.17 3.13
C ALA H 56 -30.87 11.25 4.12
N GLY H 57 -29.74 11.91 3.88
CA GLY H 57 -29.30 12.95 4.79
C GLY H 57 -27.86 13.35 4.49
N ASP H 58 -27.33 14.20 5.36
CA ASP H 58 -25.97 14.72 5.25
C ASP H 58 -25.12 14.14 6.36
N VAL H 59 -23.91 13.71 6.01
CA VAL H 59 -23.03 13.03 6.95
C VAL H 59 -21.66 13.73 6.96
N SER H 60 -21.65 15.02 6.64
CA SER H 60 -20.43 15.79 6.51
C SER H 60 -19.97 16.43 7.81
N ALA H 61 -20.62 16.15 8.93
CA ALA H 61 -20.27 16.81 10.19
C ALA H 61 -18.85 16.48 10.62
N LEU H 62 -18.53 15.18 10.70
CA LEU H 62 -17.19 14.69 11.01
C LEU H 62 -16.64 15.30 12.31
N GLY H 63 -17.31 14.98 13.40
CA GLY H 63 -16.85 15.44 14.71
C GLY H 63 -17.74 14.90 15.80
N GLU H 64 -17.29 15.10 17.04
CA GLU H 64 -18.04 14.65 18.21
C GLU H 64 -18.19 15.70 19.31
N GLY H 65 -17.31 16.69 19.39
CA GLY H 65 -17.40 17.72 20.42
C GLY H 65 -18.28 18.88 20.00
N GLN H 66 -18.16 19.96 20.77
CA GLN H 66 -18.92 21.18 20.45
C GLN H 66 -18.53 21.77 19.10
N PRO H 67 -17.25 21.96 18.78
CA PRO H 67 -16.90 22.37 17.42
C PRO H 67 -16.66 21.16 16.52
N LYS H 68 -17.14 21.26 15.28
CA LYS H 68 -16.98 20.20 14.30
C LYS H 68 -16.35 20.78 13.04
N THR H 69 -15.58 19.94 12.35
CA THR H 69 -14.86 20.32 11.15
C THR H 69 -15.63 19.82 9.92
N ILE H 70 -16.06 20.74 9.07
CA ILE H 70 -16.75 20.38 7.82
C ILE H 70 -15.66 20.15 6.79
N ALA H 71 -15.10 18.94 6.80
CA ALA H 71 -13.94 18.65 5.95
C ALA H 71 -14.36 18.50 4.49
N ALA H 72 -15.47 17.80 4.24
CA ALA H 72 -15.90 17.50 2.88
C ALA H 72 -17.40 17.73 2.75
N ARG H 73 -17.87 17.63 1.51
CA ARG H 73 -19.29 17.71 1.19
C ARG H 73 -19.72 16.34 0.69
N ALA H 74 -20.39 15.59 1.56
CA ALA H 74 -20.77 14.21 1.26
C ALA H 74 -22.26 14.02 1.46
N SER H 75 -22.81 13.07 0.71
CA SER H 75 -24.23 12.76 0.78
C SER H 75 -24.40 11.29 1.13
N GLU H 76 -25.49 10.98 1.83
CA GLU H 76 -25.78 9.64 2.31
C GLU H 76 -27.12 9.20 1.73
N VAL H 77 -27.15 7.98 1.18
CA VAL H 77 -28.27 7.52 0.37
C VAL H 77 -28.83 6.21 0.93
N VAL H 78 -30.05 5.90 0.50
CA VAL H 78 -30.74 4.67 0.88
C VAL H 78 -31.27 4.03 -0.40
N ILE H 79 -31.57 2.72 -0.30
CA ILE H 79 -31.93 1.95 -1.49
C ILE H 79 -33.20 2.50 -2.13
N GLY H 80 -34.15 2.95 -1.33
CA GLY H 80 -35.36 3.53 -1.87
C GLY H 80 -35.76 4.82 -1.20
N GLY H 81 -35.84 5.91 -1.96
CA GLY H 81 -36.19 7.19 -1.40
C GLY H 81 -37.22 7.91 -2.26
N ALA H 82 -38.07 8.70 -1.58
CA ALA H 82 -39.01 9.54 -2.29
C ALA H 82 -38.27 10.55 -3.16
N ASN H 83 -37.21 11.16 -2.63
CA ASN H 83 -36.37 12.05 -3.41
C ASN H 83 -35.36 11.23 -4.20
N PHE H 84 -35.39 11.39 -5.52
CA PHE H 84 -34.50 10.62 -6.39
C PHE H 84 -33.09 11.20 -6.34
N PHE H 85 -32.10 10.33 -6.20
CA PHE H 85 -30.70 10.74 -6.13
C PHE H 85 -29.86 10.23 -7.29
N GLY H 86 -30.16 9.05 -7.82
CA GLY H 86 -29.40 8.56 -8.96
C GLY H 86 -29.53 7.05 -9.07
N VAL H 87 -28.81 6.51 -10.05
CA VAL H 87 -28.78 5.08 -10.33
C VAL H 87 -27.33 4.62 -10.21
N LEU H 88 -27.12 3.59 -9.40
CA LEU H 88 -25.77 3.05 -9.20
C LEU H 88 -25.25 2.45 -10.50
N GLY H 89 -23.99 2.74 -10.82
CA GLY H 89 -23.41 2.27 -12.05
C GLY H 89 -21.90 2.22 -11.98
N HIS H 90 -21.29 1.97 -13.14
CA HIS H 90 -19.84 1.87 -13.31
C HIS H 90 -19.29 0.78 -12.38
N PRO H 91 -19.56 -0.49 -12.67
CA PRO H 91 -19.13 -1.56 -11.75
C PRO H 91 -17.62 -1.69 -11.60
N LYS H 92 -16.84 -1.15 -12.53
CA LYS H 92 -15.38 -1.28 -12.46
C LYS H 92 -14.78 -0.53 -11.28
N HIS H 93 -15.56 0.32 -10.61
CA HIS H 93 -15.03 1.13 -9.51
C HIS H 93 -14.79 0.30 -8.26
N TYR H 94 -15.61 -0.72 -8.01
CA TYR H 94 -15.67 -1.38 -6.72
C TYR H 94 -14.81 -2.64 -6.70
N ALA H 95 -14.82 -3.32 -5.55
CA ALA H 95 -14.08 -4.55 -5.33
C ALA H 95 -15.04 -5.69 -5.05
N LEU H 96 -14.60 -6.92 -5.38
CA LEU H 96 -15.49 -8.07 -5.34
C LEU H 96 -15.88 -8.44 -3.91
N PHE H 97 -14.89 -8.53 -3.02
CA PHE H 97 -15.11 -8.94 -1.62
C PHE H 97 -15.64 -10.36 -1.50
N GLY H 98 -15.74 -11.08 -2.62
CA GLY H 98 -16.21 -12.45 -2.58
C GLY H 98 -17.65 -12.54 -2.08
N SER H 99 -17.90 -13.53 -1.22
CA SER H 99 -19.22 -13.73 -0.64
C SER H 99 -19.06 -14.37 0.73
N ALA H 100 -20.19 -14.69 1.35
CA ALA H 100 -20.16 -15.29 2.69
C ALA H 100 -19.54 -16.67 2.66
N GLY H 101 -19.91 -17.48 1.67
CA GLY H 101 -19.38 -18.83 1.57
C GLY H 101 -17.89 -18.88 1.29
N ASP H 102 -17.49 -18.42 0.11
CA ASP H 102 -16.09 -18.42 -0.28
C ASP H 102 -15.82 -17.21 -1.16
N SER H 103 -14.54 -16.83 -1.22
CA SER H 103 -14.13 -15.73 -2.09
C SER H 103 -14.18 -16.18 -3.55
N LEU H 104 -13.87 -15.23 -4.44
CA LEU H 104 -13.86 -15.48 -5.89
C LEU H 104 -15.23 -15.93 -6.40
N ALA H 105 -16.29 -15.58 -5.68
CA ALA H 105 -17.64 -15.90 -6.09
C ALA H 105 -18.32 -14.68 -6.70
N PRO H 106 -19.05 -14.87 -7.79
CA PRO H 106 -19.68 -13.72 -8.45
C PRO H 106 -20.68 -13.02 -7.54
N SER H 107 -20.44 -11.73 -7.31
CA SER H 107 -21.34 -10.90 -6.52
C SER H 107 -21.56 -9.60 -7.25
N TYR H 108 -22.76 -9.03 -7.08
CA TYR H 108 -23.14 -7.84 -7.84
C TYR H 108 -23.82 -6.81 -6.95
N ASP H 109 -23.50 -6.82 -5.66
CA ASP H 109 -24.12 -5.92 -4.69
C ASP H 109 -23.03 -5.25 -3.85
N LEU H 110 -23.36 -4.07 -3.31
CA LEU H 110 -22.39 -3.37 -2.49
C LEU H 110 -22.76 -3.45 -1.02
N PRO H 111 -21.77 -3.56 -0.14
CA PRO H 111 -22.06 -3.60 1.30
C PRO H 111 -22.44 -2.22 1.83
N ASP H 112 -23.07 -2.24 3.00
CA ASP H 112 -23.48 -0.99 3.65
C ASP H 112 -22.26 -0.19 4.08
N GLY H 113 -22.37 1.13 3.97
CA GLY H 113 -21.27 2.01 4.32
C GLY H 113 -20.22 2.20 3.25
N ALA H 114 -20.44 1.66 2.05
CA ALA H 114 -19.49 1.76 0.96
C ALA H 114 -19.86 2.92 0.04
N GLU H 115 -18.87 3.37 -0.73
CA GLU H 115 -19.07 4.47 -1.65
C GLU H 115 -19.65 3.97 -2.97
N GLY H 116 -20.13 4.92 -3.78
CA GLY H 116 -20.66 4.58 -5.09
C GLY H 116 -20.88 5.82 -5.91
N GLU H 117 -21.11 5.60 -7.20
CA GLU H 117 -21.40 6.68 -8.14
C GLU H 117 -22.81 6.51 -8.66
N PHE H 118 -23.59 7.59 -8.62
CA PHE H 118 -24.99 7.57 -9.01
C PHE H 118 -25.23 8.58 -10.13
N PHE H 119 -26.00 8.18 -11.13
CA PHE H 119 -26.16 8.94 -12.36
C PHE H 119 -27.50 9.67 -12.36
N ASP H 120 -27.46 10.97 -12.66
CA ASP H 120 -28.66 11.77 -12.87
C ASP H 120 -28.92 12.07 -14.34
N MET H 121 -27.87 12.04 -15.17
CA MET H 121 -28.00 12.30 -16.59
C MET H 121 -27.05 11.38 -17.35
N ALA H 122 -27.55 10.79 -18.43
CA ALA H 122 -26.73 9.88 -19.24
C ALA H 122 -27.38 9.73 -20.59
N THR H 123 -26.59 9.92 -21.66
CA THR H 123 -27.10 9.76 -23.01
C THR H 123 -27.52 8.32 -23.26
N GLY H 124 -26.69 7.37 -22.85
CA GLY H 124 -27.02 5.96 -22.96
C GLY H 124 -26.56 5.17 -21.75
N LEU H 125 -27.48 4.50 -21.07
CA LEU H 125 -27.16 3.73 -19.88
C LEU H 125 -27.90 2.41 -19.92
N VAL H 126 -27.16 1.31 -19.78
CA VAL H 126 -27.74 -0.03 -19.78
C VAL H 126 -28.20 -0.35 -18.37
N VAL H 127 -29.51 -0.60 -18.21
CA VAL H 127 -30.09 -0.98 -16.94
C VAL H 127 -31.06 -2.13 -17.16
N GLU H 128 -31.31 -2.88 -16.10
CA GLU H 128 -32.31 -3.94 -16.15
C GLU H 128 -33.69 -3.35 -15.91
N ILE H 129 -34.68 -3.90 -16.61
CA ILE H 129 -36.04 -3.37 -16.56
C ILE H 129 -36.97 -4.45 -16.03
N PHE H 130 -38.14 -4.01 -15.56
CA PHE H 130 -39.11 -4.90 -14.94
C PHE H 130 -40.50 -4.61 -15.49
N ASN H 131 -41.38 -5.61 -15.38
CA ASN H 131 -42.77 -5.47 -15.76
C ASN H 131 -43.60 -5.38 -14.49
N GLY H 132 -44.38 -4.31 -14.37
CA GLY H 132 -45.17 -4.03 -13.18
C GLY H 132 -46.65 -4.30 -13.29
N ALA H 133 -47.11 -4.99 -14.33
CA ALA H 133 -48.52 -5.23 -14.54
C ALA H 133 -48.90 -6.70 -14.57
N ALA H 134 -47.93 -7.61 -14.39
CA ALA H 134 -48.18 -9.06 -14.38
C ALA H 134 -48.87 -9.52 -15.68
N ALA H 135 -48.47 -8.94 -16.80
CA ALA H 135 -49.01 -9.31 -18.11
C ALA H 135 -47.98 -8.99 -19.18
N ALA H 136 -48.19 -9.56 -20.36
CA ALA H 136 -47.28 -9.32 -21.47
C ALA H 136 -47.30 -7.85 -21.85
N LEU H 137 -46.13 -7.32 -22.23
CA LEU H 137 -45.98 -5.91 -22.51
C LEU H 137 -44.85 -5.68 -23.50
N ASP H 138 -45.11 -4.85 -24.50
CA ASP H 138 -44.09 -4.41 -25.45
C ASP H 138 -43.90 -2.91 -25.27
N LEU H 139 -42.64 -2.50 -25.07
CA LEU H 139 -42.36 -1.12 -24.70
C LEU H 139 -42.31 -0.19 -25.91
N ASP H 140 -41.40 -0.49 -26.85
CA ASP H 140 -41.11 0.33 -28.03
C ASP H 140 -40.21 1.50 -27.66
N TYR H 141 -39.95 2.39 -28.63
CA TYR H 141 -38.87 3.36 -28.51
C TYR H 141 -39.13 4.38 -27.40
N GLY H 142 -40.31 5.01 -27.41
CA GLY H 142 -40.57 6.10 -26.50
C GLY H 142 -41.48 5.75 -25.34
N ASP H 143 -40.94 5.68 -24.13
CA ASP H 143 -41.70 5.29 -22.96
C ASP H 143 -41.22 6.09 -21.75
N LEU H 144 -41.70 5.70 -20.58
CA LEU H 144 -41.33 6.31 -19.31
C LEU H 144 -40.89 5.21 -18.34
N VAL H 145 -40.12 5.59 -17.33
CA VAL H 145 -39.61 4.65 -16.34
C VAL H 145 -40.00 5.13 -14.95
N ALA H 146 -40.05 4.18 -14.02
CA ALA H 146 -40.37 4.48 -12.63
C ALA H 146 -39.65 3.47 -11.74
N TYR H 147 -39.53 3.80 -10.46
CA TYR H 147 -38.85 2.93 -9.51
C TYR H 147 -39.72 2.72 -8.27
N VAL H 148 -39.54 1.56 -7.65
CA VAL H 148 -40.31 1.19 -6.46
C VAL H 148 -39.77 1.92 -5.25
N PRO H 149 -40.62 2.47 -4.37
CA PRO H 149 -40.12 3.00 -3.10
C PRO H 149 -40.12 1.93 -2.01
N ASN H 150 -39.52 2.23 -0.85
CA ASN H 150 -39.66 1.33 0.29
C ASN H 150 -41.05 1.43 0.91
N ASN H 151 -41.63 2.63 0.88
CA ASN H 151 -42.94 2.86 1.49
C ASN H 151 -44.10 2.43 0.59
N LEU H 152 -43.84 1.61 -0.42
CA LEU H 152 -44.90 1.10 -1.27
C LEU H 152 -45.73 0.09 -0.48
N ALA H 153 -47.04 0.29 -0.45
CA ALA H 153 -47.93 -0.58 0.31
C ALA H 153 -47.95 -1.98 -0.32
N THR H 154 -48.09 -2.98 0.55
CA THR H 154 -48.16 -4.36 0.07
C THR H 154 -49.38 -4.59 -0.80
N ALA H 155 -50.46 -3.85 -0.55
CA ALA H 155 -51.65 -3.96 -1.40
C ALA H 155 -51.35 -3.56 -2.84
N ASP H 156 -50.45 -2.62 -3.05
CA ASP H 156 -50.03 -2.22 -4.39
C ASP H 156 -48.81 -2.99 -4.86
N ASP H 157 -48.32 -3.95 -4.08
CA ASP H 157 -47.13 -4.73 -4.39
C ASP H 157 -47.42 -6.22 -4.34
N ALA H 158 -48.50 -6.63 -5.01
CA ALA H 158 -48.84 -8.05 -5.06
C ALA H 158 -47.70 -8.87 -5.66
N LEU H 159 -47.10 -8.37 -6.74
CA LEU H 159 -45.86 -8.96 -7.23
C LEU H 159 -44.71 -8.62 -6.29
N GLY H 160 -43.81 -9.58 -6.09
CA GLY H 160 -42.70 -9.39 -5.18
C GLY H 160 -41.57 -8.56 -5.75
N LEU H 161 -41.88 -7.33 -6.17
CA LEU H 161 -40.87 -6.48 -6.78
C LEU H 161 -39.84 -6.06 -5.73
N PRO H 162 -38.57 -5.90 -6.14
CA PRO H 162 -37.52 -5.53 -5.19
C PRO H 162 -37.67 -4.10 -4.67
N ALA H 163 -36.72 -3.66 -3.84
CA ALA H 163 -36.83 -2.36 -3.21
C ALA H 163 -36.68 -1.23 -4.22
N GLY H 164 -35.67 -1.29 -5.08
CA GLY H 164 -35.40 -0.19 -5.99
C GLY H 164 -35.33 -0.58 -7.45
N ALA H 165 -36.18 -1.51 -7.87
CA ALA H 165 -36.19 -1.93 -9.27
C ALA H 165 -36.78 -0.84 -10.15
N LEU H 166 -36.42 -0.89 -11.43
CA LEU H 166 -36.91 0.04 -12.44
C LEU H 166 -38.02 -0.61 -13.25
N VAL H 167 -39.11 0.11 -13.46
CA VAL H 167 -40.29 -0.40 -14.14
C VAL H 167 -40.62 0.51 -15.32
N GLY H 168 -40.82 -0.10 -16.48
CA GLY H 168 -41.24 0.62 -17.67
C GLY H 168 -42.75 0.55 -17.84
N PHE H 169 -43.30 1.61 -18.43
CA PHE H 169 -44.76 1.71 -18.59
C PHE H 169 -45.06 2.67 -19.73
N LYS H 170 -46.31 2.60 -20.19
CA LYS H 170 -46.78 3.45 -21.28
C LYS H 170 -47.10 4.85 -20.75
N THR H 171 -47.51 5.74 -21.67
CA THR H 171 -47.69 7.13 -21.30
C THR H 171 -48.85 7.33 -20.33
N GLY H 172 -49.89 6.51 -20.43
CA GLY H 172 -51.07 6.71 -19.61
C GLY H 172 -51.49 5.51 -18.78
N SER H 173 -50.61 4.54 -18.63
CA SER H 173 -50.90 3.31 -17.89
C SER H 173 -49.85 3.06 -16.81
N MET H 174 -49.52 4.11 -16.06
CA MET H 174 -48.55 3.97 -15.00
C MET H 174 -49.16 3.20 -13.83
N PRO H 175 -48.38 2.33 -13.17
CA PRO H 175 -48.87 1.66 -11.96
C PRO H 175 -49.17 2.66 -10.85
N THR H 176 -49.94 2.20 -9.87
CA THR H 176 -50.51 3.12 -8.89
C THR H 176 -49.46 3.61 -7.88
N GLY H 177 -48.54 2.75 -7.46
CA GLY H 177 -47.66 3.07 -6.36
C GLY H 177 -46.24 3.45 -6.68
N LEU H 178 -45.89 3.62 -7.95
CA LEU H 178 -44.51 3.89 -8.31
C LEU H 178 -44.25 5.39 -8.35
N VAL H 179 -42.97 5.75 -8.46
CA VAL H 179 -42.53 7.14 -8.55
C VAL H 179 -41.85 7.33 -9.89
N GLN H 180 -42.35 8.28 -10.68
CA GLN H 180 -41.84 8.51 -12.02
C GLN H 180 -40.56 9.32 -12.00
N ILE H 181 -39.66 9.01 -12.93
CA ILE H 181 -38.42 9.76 -13.13
C ILE H 181 -38.64 10.73 -14.29
N PRO H 182 -38.63 12.04 -14.06
CA PRO H 182 -38.94 12.98 -15.15
C PRO H 182 -37.93 12.91 -16.28
N ASN H 183 -38.42 13.11 -17.50
CA ASN H 183 -37.58 13.22 -18.70
C ASN H 183 -36.69 11.99 -18.89
N ALA H 184 -37.28 10.81 -18.71
CA ALA H 184 -36.59 9.55 -18.90
C ALA H 184 -37.27 8.74 -19.99
N ARG H 185 -36.47 8.19 -20.90
CA ARG H 185 -36.99 7.47 -22.05
C ARG H 185 -36.25 6.15 -22.23
N ILE H 186 -36.91 5.19 -22.86
CA ILE H 186 -36.32 3.87 -23.03
C ILE H 186 -35.39 3.84 -24.24
N VAL H 187 -35.71 4.63 -25.27
CA VAL H 187 -34.94 4.80 -26.51
C VAL H 187 -34.43 3.46 -27.06
N ASN H 188 -35.15 2.38 -26.79
CA ASN H 188 -34.81 1.09 -27.36
C ASN H 188 -36.04 0.19 -27.29
N ALA H 189 -36.03 -0.87 -28.11
CA ALA H 189 -37.16 -1.79 -28.20
C ALA H 189 -36.90 -3.04 -27.37
N ILE H 190 -37.96 -3.54 -26.73
CA ILE H 190 -37.85 -4.70 -25.86
C ILE H 190 -39.26 -5.27 -25.66
N SER H 191 -39.32 -6.58 -25.42
CA SER H 191 -40.58 -7.26 -25.15
C SER H 191 -40.44 -8.13 -23.92
N LEU H 192 -41.50 -8.19 -23.11
CA LEU H 192 -41.48 -8.98 -21.88
C LEU H 192 -42.64 -9.96 -21.86
N PRO H 193 -42.44 -11.16 -21.35
CA PRO H 193 -43.50 -12.18 -21.35
C PRO H 193 -44.45 -11.99 -20.16
N ALA H 194 -45.35 -12.95 -20.01
CA ALA H 194 -46.29 -12.92 -18.90
C ALA H 194 -45.56 -13.09 -17.57
N GLN H 195 -46.15 -12.54 -16.52
CA GLN H 195 -45.50 -12.47 -15.23
C GLN H 195 -46.47 -12.90 -14.13
N SER H 196 -45.90 -13.40 -13.03
CA SER H 196 -46.68 -13.83 -11.87
C SER H 196 -45.84 -13.67 -10.62
N ALA H 197 -46.52 -13.59 -9.48
CA ALA H 197 -45.84 -13.47 -8.20
C ALA H 197 -45.03 -14.72 -7.90
N GLY H 198 -43.84 -14.53 -7.33
CA GLY H 198 -42.95 -15.62 -7.03
C GLY H 198 -42.17 -16.16 -8.21
N ASN H 199 -42.67 -15.98 -9.42
CA ASN H 199 -42.00 -16.38 -10.66
C ASN H 199 -41.64 -15.14 -11.47
N LEU H 200 -41.19 -14.09 -10.78
CA LEU H 200 -40.89 -12.82 -11.42
C LEU H 200 -39.78 -12.96 -12.45
N VAL H 201 -40.14 -12.78 -13.73
CA VAL H 201 -39.10 -12.73 -14.77
C VAL H 201 -38.35 -11.42 -14.62
N ALA H 202 -37.02 -11.50 -14.55
CA ALA H 202 -36.20 -10.32 -14.30
C ALA H 202 -36.20 -9.34 -15.46
N GLY H 203 -36.93 -9.61 -16.53
CA GLY H 203 -36.86 -8.77 -17.69
C GLY H 203 -35.53 -8.93 -18.41
N VAL H 204 -35.29 -8.01 -19.32
CA VAL H 204 -34.03 -7.98 -20.07
C VAL H 204 -33.42 -6.59 -19.91
N THR H 205 -32.11 -6.55 -19.77
CA THR H 205 -31.41 -5.28 -19.70
C THR H 205 -31.60 -4.52 -21.01
N ILE H 206 -31.76 -3.20 -20.91
CA ILE H 206 -32.11 -2.39 -22.05
C ILE H 206 -31.45 -1.02 -21.91
N VAL H 207 -31.15 -0.39 -23.05
CA VAL H 207 -30.64 0.97 -23.03
C VAL H 207 -31.72 1.91 -22.48
N GLN H 208 -31.28 3.01 -21.89
CA GLN H 208 -32.21 3.96 -21.30
C GLN H 208 -31.53 5.32 -21.18
N LEU H 209 -32.28 6.38 -21.49
CA LEU H 209 -31.79 7.75 -21.47
C LEU H 209 -32.34 8.43 -20.23
N THR H 210 -31.45 8.82 -19.31
CA THR H 210 -31.89 9.31 -18.01
C THR H 210 -32.46 10.72 -18.12
N GLN H 211 -31.79 11.61 -18.86
CA GLN H 211 -32.26 12.97 -19.02
C GLN H 211 -31.85 13.55 -20.36
N MET I 1 -15.11 43.75 6.35
CA MET I 1 -15.14 44.28 7.70
C MET I 1 -14.11 43.61 8.59
N PHE I 2 -13.13 42.96 7.95
CA PHE I 2 -12.02 42.28 8.60
C PHE I 2 -12.48 41.03 9.36
N GLN I 3 -11.57 40.09 9.56
CA GLN I 3 -11.91 38.80 10.15
C GLN I 3 -11.93 38.92 11.67
N LYS I 4 -13.11 38.78 12.27
CA LYS I 4 -13.26 38.84 13.72
C LYS I 4 -13.38 37.47 14.36
N GLN I 5 -13.27 36.39 13.59
CA GLN I 5 -13.38 35.04 14.15
C GLN I 5 -12.66 34.08 13.22
N VAL I 6 -11.99 33.10 13.82
CA VAL I 6 -11.22 32.09 13.08
C VAL I 6 -12.00 30.79 13.09
N TYR I 7 -12.25 30.24 11.90
CA TYR I 7 -13.00 29.00 11.74
C TYR I 7 -12.07 27.86 11.36
N ARG I 8 -12.60 26.64 11.46
CA ARG I 8 -11.80 25.45 11.14
C ARG I 8 -11.69 25.22 9.63
N GLN I 9 -12.62 25.78 8.84
CA GLN I 9 -12.64 25.53 7.40
C GLN I 9 -13.22 26.74 6.69
N TYR I 10 -12.93 26.83 5.40
CA TYR I 10 -13.43 27.90 4.56
C TYR I 10 -14.86 27.62 4.11
N THR I 11 -15.52 28.66 3.61
CA THR I 11 -16.86 28.50 3.08
C THR I 11 -16.82 27.76 1.76
N PRO I 12 -17.86 26.96 1.47
CA PRO I 12 -17.86 26.20 0.19
C PRO I 12 -17.80 27.08 -1.05
N GLY I 13 -18.44 28.24 -1.03
CA GLY I 13 -18.46 29.08 -2.20
C GLY I 13 -19.30 30.32 -1.97
N PHE I 14 -19.43 31.12 -3.03
CA PHE I 14 -20.17 32.36 -3.00
C PHE I 14 -21.28 32.35 -4.04
N PRO I 15 -22.38 33.07 -3.81
CA PRO I 15 -23.47 33.07 -4.78
C PRO I 15 -23.02 33.64 -6.12
N GLY I 16 -23.56 33.07 -7.19
CA GLY I 16 -23.22 33.46 -8.54
C GLY I 16 -22.03 32.75 -9.14
N ASP I 17 -21.39 31.85 -8.41
CA ASP I 17 -20.23 31.11 -8.88
C ASP I 17 -20.61 29.67 -9.19
N LEU I 18 -20.06 29.15 -10.28
CA LEU I 18 -20.23 27.74 -10.60
C LEU I 18 -19.43 26.89 -9.62
N ILE I 19 -20.08 25.86 -9.08
CA ILE I 19 -19.43 25.00 -8.10
C ILE I 19 -19.13 23.61 -8.63
N GLU I 20 -19.76 23.19 -9.73
CA GLU I 20 -19.46 21.90 -10.36
C GLU I 20 -19.37 22.09 -11.86
N ASP I 21 -18.60 21.20 -12.50
CA ASP I 21 -18.35 21.28 -13.94
C ASP I 21 -19.15 20.20 -14.66
N GLY I 22 -19.83 20.59 -15.73
CA GLY I 22 -20.64 19.69 -16.50
C GLY I 22 -21.30 20.39 -17.68
N PRO I 23 -22.41 19.83 -18.16
CA PRO I 23 -23.16 20.51 -19.23
C PRO I 23 -23.61 21.89 -18.79
N LYS I 24 -23.56 22.85 -19.71
CA LYS I 24 -23.76 24.24 -19.37
C LYS I 24 -24.21 25.03 -20.58
N ARG I 25 -25.12 25.98 -20.37
CA ARG I 25 -25.58 26.87 -21.42
C ARG I 25 -25.74 28.27 -20.84
N ALA I 26 -25.28 29.27 -21.59
CA ALA I 26 -25.39 30.66 -21.16
C ALA I 26 -25.39 31.56 -22.38
N ARG I 27 -26.09 32.69 -22.27
CA ARG I 27 -26.19 33.67 -23.34
C ARG I 27 -25.98 35.07 -22.79
N PRO I 28 -25.43 35.97 -23.60
CA PRO I 28 -25.30 37.37 -23.17
C PRO I 28 -26.58 38.17 -23.41
N GLY I 29 -26.67 39.29 -22.72
CA GLY I 29 -27.83 40.15 -22.84
C GLY I 29 -27.57 41.52 -22.25
N ARG I 30 -28.50 42.44 -22.53
CA ARG I 30 -28.46 43.80 -22.03
C ARG I 30 -29.67 44.05 -21.15
N ILE I 31 -29.53 44.95 -20.19
CA ILE I 31 -30.53 45.13 -19.15
C ILE I 31 -31.41 46.34 -19.47
N MET I 32 -32.73 46.16 -19.32
CA MET I 32 -33.71 47.22 -19.42
C MET I 32 -34.06 47.73 -18.04
N SER I 33 -34.24 49.05 -17.93
CA SER I 33 -34.75 49.63 -16.69
C SER I 33 -36.22 49.29 -16.51
N LEU I 34 -36.64 49.20 -15.24
CA LEU I 34 -38.03 48.86 -14.94
C LEU I 34 -39.00 49.96 -15.38
N SER I 35 -38.52 51.20 -15.46
CA SER I 35 -39.40 52.31 -15.84
C SER I 35 -39.93 52.15 -17.26
N ALA I 36 -39.19 51.45 -18.13
CA ALA I 36 -39.60 51.27 -19.51
C ALA I 36 -40.71 50.25 -19.69
N VAL I 37 -41.06 49.50 -18.65
CA VAL I 37 -42.13 48.51 -18.75
C VAL I 37 -43.46 49.24 -18.88
N ASN I 38 -44.21 48.92 -19.94
CA ASN I 38 -45.42 49.69 -20.25
C ASN I 38 -46.49 49.56 -19.18
N PRO I 39 -46.91 48.36 -18.74
CA PRO I 39 -48.02 48.28 -17.77
C PRO I 39 -47.61 48.59 -16.34
N ALA I 40 -46.38 49.12 -16.17
CA ALA I 40 -45.82 49.46 -14.86
C ALA I 40 -45.56 48.21 -14.03
N ALA I 41 -44.54 48.27 -13.16
CA ALA I 41 -44.13 47.12 -12.37
C ALA I 41 -44.64 47.27 -10.94
N THR I 42 -45.41 46.29 -10.47
CA THR I 42 -45.87 46.30 -9.09
C THR I 42 -44.75 45.89 -8.13
N ALA I 43 -43.88 44.99 -8.55
CA ALA I 43 -42.74 44.55 -7.76
C ALA I 43 -41.48 45.15 -8.37
N THR I 44 -40.63 45.73 -7.52
CA THR I 44 -39.44 46.44 -7.97
C THR I 44 -38.22 45.92 -7.23
N GLY I 45 -37.06 46.12 -7.84
CA GLY I 45 -35.80 45.73 -7.26
C GLY I 45 -34.62 46.09 -8.14
N PRO I 46 -33.42 45.96 -7.61
CA PRO I 46 -32.22 46.27 -8.40
C PRO I 46 -31.82 45.10 -9.28
N ASN I 47 -30.88 45.38 -10.19
CA ASN I 47 -30.34 44.35 -11.09
C ASN I 47 -29.22 43.60 -10.37
N ARG I 48 -29.62 42.86 -9.35
CA ARG I 48 -28.68 42.13 -8.50
C ARG I 48 -28.32 40.79 -9.13
N ALA I 49 -27.09 40.36 -8.90
CA ALA I 49 -26.65 39.06 -9.39
C ALA I 49 -27.38 37.93 -8.67
N SER I 50 -27.33 36.74 -9.27
CA SER I 50 -27.99 35.55 -8.74
C SER I 50 -29.50 35.73 -8.64
N ARG I 51 -30.09 36.40 -9.62
CA ARG I 51 -31.54 36.59 -9.68
C ARG I 51 -32.02 36.37 -11.11
N ALA I 52 -33.27 35.92 -11.23
CA ALA I 52 -33.83 35.59 -12.52
C ALA I 52 -34.03 36.84 -13.36
N PHE I 53 -34.06 36.64 -14.69
CA PHE I 53 -34.30 37.72 -15.64
C PHE I 53 -35.25 37.21 -16.71
N GLY I 54 -35.94 38.16 -17.35
CA GLY I 54 -36.94 37.82 -18.35
C GLY I 54 -36.68 38.52 -19.67
N TYR I 55 -37.08 37.86 -20.74
CA TYR I 55 -36.85 38.39 -22.09
C TYR I 55 -37.71 39.63 -22.33
N ALA I 56 -37.13 40.60 -23.04
CA ALA I 56 -37.81 41.86 -23.33
C ALA I 56 -38.01 42.09 -24.82
N GLY I 57 -36.95 42.00 -25.63
CA GLY I 57 -37.08 42.27 -27.04
C GLY I 57 -35.77 42.06 -27.75
N ASP I 58 -35.79 42.32 -29.05
CA ASP I 58 -34.63 42.16 -29.93
C ASP I 58 -34.12 43.53 -30.36
N VAL I 59 -32.81 43.71 -30.31
CA VAL I 59 -32.19 45.00 -30.61
C VAL I 59 -31.12 44.85 -31.66
N SER I 60 -31.29 43.89 -32.57
CA SER I 60 -30.29 43.58 -33.58
C SER I 60 -30.44 44.40 -34.86
N ALA I 61 -31.45 45.27 -34.95
CA ALA I 61 -31.69 46.00 -36.19
C ALA I 61 -30.53 46.92 -36.53
N LEU I 62 -30.13 47.78 -35.59
CA LEU I 62 -28.98 48.67 -35.73
C LEU I 62 -29.04 49.48 -37.03
N GLY I 63 -30.05 50.32 -37.13
CA GLY I 63 -30.16 51.21 -38.28
C GLY I 63 -31.50 51.91 -38.30
N GLU I 64 -31.59 52.89 -39.20
CA GLU I 64 -32.83 53.64 -39.37
C GLU I 64 -33.22 53.87 -40.83
N GLY I 65 -32.35 53.67 -41.80
CA GLY I 65 -32.69 53.86 -43.19
C GLY I 65 -33.39 52.65 -43.78
N GLN I 66 -33.67 52.73 -45.08
CA GLN I 66 -34.32 51.61 -45.76
C GLN I 66 -33.45 50.36 -45.76
N PRO I 67 -32.15 50.40 -46.12
CA PRO I 67 -31.30 49.21 -45.90
C PRO I 67 -30.71 49.18 -44.51
N LYS I 68 -31.05 48.17 -43.72
CA LYS I 68 -30.50 48.03 -42.38
C LYS I 68 -29.33 47.06 -42.39
N THR I 69 -28.47 47.20 -41.39
CA THR I 69 -27.31 46.33 -41.21
C THR I 69 -27.49 45.51 -39.93
N ILE I 70 -27.67 44.21 -40.10
CA ILE I 70 -27.78 43.28 -38.98
C ILE I 70 -26.41 42.65 -38.81
N ALA I 71 -25.56 43.30 -38.01
CA ALA I 71 -24.19 42.87 -37.83
C ALA I 71 -23.98 41.99 -36.61
N ALA I 72 -25.00 41.80 -35.78
CA ALA I 72 -24.85 41.00 -34.58
C ALA I 72 -26.20 40.48 -34.14
N ARG I 73 -26.18 39.46 -33.28
CA ARG I 73 -27.37 38.90 -32.67
C ARG I 73 -27.37 39.27 -31.19
N ALA I 74 -28.33 40.08 -30.77
CA ALA I 74 -28.36 40.57 -29.40
C ALA I 74 -29.79 40.49 -28.87
N SER I 75 -29.89 40.40 -27.55
CA SER I 75 -31.17 40.39 -26.85
C SER I 75 -31.05 41.22 -25.59
N GLU I 76 -32.20 41.69 -25.10
CA GLU I 76 -32.24 42.54 -23.92
C GLU I 76 -33.29 42.01 -22.96
N VAL I 77 -33.04 42.21 -21.66
CA VAL I 77 -33.79 41.52 -20.60
C VAL I 77 -34.24 42.51 -19.54
N VAL I 78 -35.18 42.05 -18.71
CA VAL I 78 -35.71 42.81 -17.58
C VAL I 78 -35.55 41.97 -16.33
N ILE I 79 -35.46 42.63 -15.18
CA ILE I 79 -35.16 41.94 -13.93
C ILE I 79 -36.29 40.97 -13.55
N GLY I 80 -37.54 41.44 -13.57
CA GLY I 80 -38.63 40.57 -13.18
C GLY I 80 -38.97 39.56 -14.25
N GLY I 81 -39.51 40.02 -15.36
CA GLY I 81 -39.75 39.18 -16.52
C GLY I 81 -40.85 38.15 -16.34
N ALA I 82 -41.46 37.75 -17.47
CA ALA I 82 -42.36 36.61 -17.50
C ALA I 82 -41.92 35.54 -18.49
N ASN I 83 -41.01 35.87 -19.40
CA ASN I 83 -40.41 34.93 -20.34
C ASN I 83 -38.99 34.66 -19.86
N PHE I 84 -38.77 33.51 -19.23
CA PHE I 84 -37.53 33.23 -18.52
C PHE I 84 -36.32 33.33 -19.45
N PHE I 85 -35.29 34.03 -18.99
CA PHE I 85 -34.04 34.22 -19.72
C PHE I 85 -32.85 34.00 -18.79
N GLY I 86 -32.87 32.91 -18.05
CA GLY I 86 -31.72 32.51 -17.27
C GLY I 86 -31.52 33.33 -16.00
N VAL I 87 -30.43 33.02 -15.31
CA VAL I 87 -30.08 33.64 -14.04
C VAL I 87 -28.71 34.28 -14.18
N LEU I 88 -28.58 35.52 -13.72
CA LEU I 88 -27.32 36.23 -13.78
C LEU I 88 -26.29 35.59 -12.86
N GLY I 89 -25.05 35.52 -13.34
CA GLY I 89 -24.00 34.90 -12.55
C GLY I 89 -22.63 35.38 -12.98
N HIS I 90 -21.61 34.67 -12.48
CA HIS I 90 -20.19 34.94 -12.75
C HIS I 90 -19.82 36.37 -12.36
N PRO I 91 -19.77 36.68 -11.07
CA PRO I 91 -19.45 38.07 -10.66
C PRO I 91 -18.06 38.52 -11.06
N LYS I 92 -17.13 37.60 -11.31
CA LYS I 92 -15.78 37.98 -11.68
C LYS I 92 -15.70 38.67 -13.03
N HIS I 93 -16.77 38.61 -13.83
CA HIS I 93 -16.75 39.20 -15.17
C HIS I 93 -16.92 40.71 -15.15
N TYR I 94 -17.66 41.24 -14.17
CA TYR I 94 -18.08 42.62 -14.19
C TYR I 94 -17.20 43.49 -13.29
N ALA I 95 -17.59 44.75 -13.11
CA ALA I 95 -16.87 45.71 -12.29
C ALA I 95 -17.81 46.28 -11.23
N LEU I 96 -17.22 46.95 -10.24
CA LEU I 96 -17.99 47.46 -9.11
C LEU I 96 -18.98 48.53 -9.56
N PHE I 97 -18.54 49.44 -10.43
CA PHE I 97 -19.36 50.51 -10.98
C PHE I 97 -19.73 51.55 -9.92
N GLY I 98 -19.33 51.33 -8.67
CA GLY I 98 -19.60 52.27 -7.61
C GLY I 98 -21.01 52.15 -7.05
N SER I 99 -21.23 52.83 -5.93
CA SER I 99 -22.52 52.86 -5.27
C SER I 99 -22.96 54.31 -5.08
N ALA I 100 -24.23 54.49 -4.73
CA ALA I 100 -24.79 55.84 -4.61
C ALA I 100 -24.11 56.62 -3.50
N GLY I 101 -24.04 56.04 -2.29
CA GLY I 101 -23.42 56.75 -1.18
C GLY I 101 -21.92 56.95 -1.38
N ASP I 102 -21.22 55.90 -1.80
CA ASP I 102 -19.78 55.97 -1.99
C ASP I 102 -19.33 54.77 -2.80
N SER I 103 -18.25 54.96 -3.56
CA SER I 103 -17.67 53.87 -4.33
C SER I 103 -16.88 52.94 -3.41
N LEU I 104 -16.31 51.88 -4.00
CA LEU I 104 -15.52 50.90 -3.27
C LEU I 104 -16.33 50.23 -2.16
N ALA I 105 -17.64 50.06 -2.39
CA ALA I 105 -18.49 49.39 -1.42
C ALA I 105 -18.97 48.05 -1.98
N PRO I 106 -19.14 47.03 -1.14
CA PRO I 106 -19.60 45.73 -1.64
C PRO I 106 -21.04 45.80 -2.12
N SER I 107 -21.27 45.26 -3.32
CA SER I 107 -22.60 45.24 -3.92
C SER I 107 -22.58 44.33 -5.13
N TYR I 108 -23.69 43.64 -5.35
CA TYR I 108 -23.90 42.82 -6.52
C TYR I 108 -24.74 43.50 -7.59
N ASP I 109 -25.12 44.76 -7.38
CA ASP I 109 -25.98 45.46 -8.33
C ASP I 109 -25.22 45.78 -9.61
N LEU I 110 -25.99 45.97 -10.69
CA LEU I 110 -25.43 46.26 -12.00
C LEU I 110 -26.25 47.38 -12.63
N PRO I 111 -25.61 48.38 -13.22
CA PRO I 111 -26.35 49.50 -13.78
C PRO I 111 -27.12 49.11 -15.04
N ASP I 112 -28.13 49.91 -15.35
CA ASP I 112 -28.92 49.68 -16.55
C ASP I 112 -28.07 49.88 -17.80
N GLY I 113 -28.33 49.06 -18.81
CA GLY I 113 -27.56 49.09 -20.04
C GLY I 113 -26.29 48.29 -20.03
N ALA I 114 -25.95 47.66 -18.91
CA ALA I 114 -24.75 46.83 -18.82
C ALA I 114 -25.00 45.47 -19.45
N GLU I 115 -23.92 44.73 -19.67
CA GLU I 115 -23.97 43.42 -20.28
C GLU I 115 -23.62 42.36 -19.25
N GLY I 116 -24.42 41.30 -19.18
CA GLY I 116 -24.19 40.22 -18.24
C GLY I 116 -24.33 38.87 -18.92
N GLU I 117 -24.07 37.83 -18.14
CA GLU I 117 -24.17 36.44 -18.60
C GLU I 117 -25.26 35.75 -17.80
N PHE I 118 -26.23 35.16 -18.50
CA PHE I 118 -27.38 34.52 -17.89
C PHE I 118 -27.34 33.04 -18.21
N PHE I 119 -27.49 32.20 -17.18
CA PHE I 119 -27.32 30.76 -17.30
C PHE I 119 -28.67 30.08 -17.44
N ASP I 120 -28.80 29.24 -18.46
CA ASP I 120 -29.99 28.44 -18.69
C ASP I 120 -29.81 27.01 -18.22
N MET I 121 -28.63 26.42 -18.43
CA MET I 121 -28.29 25.08 -17.96
C MET I 121 -27.01 25.16 -17.16
N ALA I 122 -27.02 24.55 -15.98
CA ALA I 122 -25.85 24.56 -15.10
C ALA I 122 -25.88 23.34 -14.20
N THR I 123 -24.74 22.66 -14.07
CA THR I 123 -24.65 21.50 -13.21
C THR I 123 -24.63 21.89 -11.74
N GLY I 124 -23.92 22.96 -11.40
CA GLY I 124 -23.89 23.45 -10.04
C GLY I 124 -23.77 24.96 -9.98
N LEU I 125 -24.72 25.61 -9.32
CA LEU I 125 -24.75 27.07 -9.24
C LEU I 125 -25.13 27.49 -7.83
N VAL I 126 -24.27 28.26 -7.19
CA VAL I 126 -24.57 28.79 -5.86
C VAL I 126 -25.42 30.04 -6.00
N VAL I 127 -26.58 30.06 -5.35
CA VAL I 127 -27.52 31.16 -5.45
C VAL I 127 -27.98 31.54 -4.05
N GLU I 128 -28.62 32.71 -3.96
CA GLU I 128 -29.26 33.16 -2.74
C GLU I 128 -30.73 32.84 -2.82
N ILE I 129 -31.23 32.06 -1.87
CA ILE I 129 -32.60 31.55 -1.90
C ILE I 129 -33.44 32.28 -0.87
N PHE I 130 -34.73 32.38 -1.13
CA PHE I 130 -35.69 33.04 -0.27
C PHE I 130 -36.74 32.04 0.21
N ASN I 131 -37.63 32.50 1.09
CA ASN I 131 -38.69 31.69 1.65
C ASN I 131 -40.02 32.43 1.54
N GLY I 132 -41.09 31.68 1.35
CA GLY I 132 -42.42 32.23 1.30
C GLY I 132 -43.27 31.84 2.51
N ALA I 133 -44.48 32.38 2.54
CA ALA I 133 -45.53 32.11 3.52
C ALA I 133 -45.17 32.57 4.93
N ALA I 134 -44.01 33.19 5.13
CA ALA I 134 -43.60 33.73 6.43
C ALA I 134 -43.62 32.65 7.53
N ALA I 135 -43.19 31.45 7.18
CA ALA I 135 -43.13 30.34 8.12
C ALA I 135 -41.82 29.60 7.95
N ALA I 136 -41.38 28.94 9.02
CA ALA I 136 -40.17 28.15 8.98
C ALA I 136 -40.29 27.03 7.95
N LEU I 137 -39.26 26.86 7.13
CA LEU I 137 -39.29 25.91 6.03
C LEU I 137 -37.99 25.13 5.97
N ASP I 138 -38.11 23.83 5.72
CA ASP I 138 -36.96 22.95 5.47
C ASP I 138 -37.06 22.44 4.04
N LEU I 139 -35.98 22.60 3.27
CA LEU I 139 -36.03 22.33 1.83
C LEU I 139 -35.66 20.89 1.50
N ASP I 140 -34.54 20.41 2.06
CA ASP I 140 -34.05 19.06 1.80
C ASP I 140 -33.58 18.97 0.35
N TYR I 141 -33.28 17.76 -0.12
CA TYR I 141 -32.55 17.59 -1.37
C TYR I 141 -33.37 18.03 -2.58
N GLY I 142 -34.62 17.59 -2.69
CA GLY I 142 -35.31 17.63 -3.96
C GLY I 142 -36.52 18.54 -4.11
N ASP I 143 -36.48 19.76 -3.59
CA ASP I 143 -37.60 20.66 -3.82
C ASP I 143 -37.41 21.46 -5.11
N LEU I 144 -38.42 22.25 -5.43
CA LEU I 144 -38.46 23.06 -6.65
C LEU I 144 -38.22 24.52 -6.31
N VAL I 145 -38.10 25.35 -7.35
CA VAL I 145 -37.86 26.78 -7.19
C VAL I 145 -38.74 27.58 -8.14
N ALA I 146 -39.00 28.83 -7.75
CA ALA I 146 -39.78 29.76 -8.55
C ALA I 146 -39.23 31.17 -8.31
N TYR I 147 -39.63 32.10 -9.17
CA TYR I 147 -39.15 33.47 -9.08
C TYR I 147 -40.32 34.44 -9.18
N VAL I 148 -40.15 35.61 -8.58
CA VAL I 148 -41.18 36.65 -8.52
C VAL I 148 -41.29 37.35 -9.88
N PRO I 149 -42.49 37.51 -10.42
CA PRO I 149 -42.66 38.29 -11.65
C PRO I 149 -42.63 39.80 -11.37
N ASN I 150 -42.57 40.56 -12.46
CA ASN I 150 -42.74 42.01 -12.35
C ASN I 150 -44.18 42.36 -11.97
N ASN I 151 -45.15 41.69 -12.58
CA ASN I 151 -46.56 42.03 -12.43
C ASN I 151 -47.24 41.26 -11.30
N LEU I 152 -46.49 40.83 -10.29
CA LEU I 152 -47.11 40.15 -9.16
C LEU I 152 -48.04 41.08 -8.42
N ALA I 153 -49.25 40.61 -8.14
CA ALA I 153 -50.24 41.43 -7.45
C ALA I 153 -49.80 41.70 -6.02
N THR I 154 -50.15 42.91 -5.54
CA THR I 154 -49.80 43.28 -4.17
C THR I 154 -50.54 42.44 -3.14
N ALA I 155 -51.64 41.81 -3.52
CA ALA I 155 -52.33 40.90 -2.60
C ALA I 155 -51.50 39.64 -2.36
N ASP I 156 -50.84 39.15 -3.41
CA ASP I 156 -50.01 37.96 -3.31
C ASP I 156 -48.59 38.25 -2.85
N ASP I 157 -48.28 39.52 -2.56
CA ASP I 157 -46.94 39.95 -2.19
C ASP I 157 -46.97 40.68 -0.85
N ALA I 158 -47.63 40.07 0.14
CA ALA I 158 -47.70 40.68 1.46
C ALA I 158 -46.31 40.88 2.06
N LEU I 159 -45.44 39.87 1.93
CA LEU I 159 -44.05 40.02 2.32
C LEU I 159 -43.31 40.75 1.21
N GLY I 160 -42.69 41.88 1.54
CA GLY I 160 -41.95 42.64 0.55
C GLY I 160 -40.82 41.85 -0.07
N LEU I 161 -41.00 41.45 -1.33
CA LEU I 161 -40.01 40.62 -2.00
C LEU I 161 -39.39 41.36 -3.18
N PRO I 162 -38.15 41.07 -3.51
CA PRO I 162 -37.49 41.73 -4.65
C PRO I 162 -38.15 41.36 -5.97
N ALA I 163 -37.72 42.06 -7.02
CA ALA I 163 -38.33 41.88 -8.33
C ALA I 163 -38.09 40.48 -8.89
N GLY I 164 -36.87 39.97 -8.74
CA GLY I 164 -36.54 38.69 -9.34
C GLY I 164 -35.91 37.70 -8.39
N ALA I 165 -36.32 37.72 -7.12
CA ALA I 165 -35.77 36.80 -6.14
C ALA I 165 -36.18 35.37 -6.43
N LEU I 166 -35.32 34.42 -6.05
CA LEU I 166 -35.57 33.00 -6.22
C LEU I 166 -36.14 32.43 -4.93
N VAL I 167 -37.25 31.71 -5.05
CA VAL I 167 -37.96 31.16 -3.90
C VAL I 167 -38.10 29.66 -4.09
N GLY I 168 -37.73 28.90 -3.05
CA GLY I 168 -37.88 27.46 -3.05
C GLY I 168 -39.16 27.05 -2.35
N PHE I 169 -39.76 25.95 -2.82
CA PHE I 169 -41.03 25.49 -2.28
C PHE I 169 -41.11 23.97 -2.42
N LYS I 170 -41.97 23.38 -1.60
CA LYS I 170 -42.20 21.94 -1.66
C LYS I 170 -43.09 21.60 -2.86
N THR I 171 -43.09 20.31 -3.22
CA THR I 171 -43.84 19.89 -4.40
C THR I 171 -45.33 20.12 -4.22
N GLY I 172 -45.87 19.82 -3.04
CA GLY I 172 -47.30 19.95 -2.83
C GLY I 172 -47.79 21.38 -2.86
N SER I 173 -47.08 22.28 -2.19
CA SER I 173 -47.56 23.65 -1.96
C SER I 173 -46.62 24.65 -2.64
N MET I 174 -47.22 25.60 -3.36
CA MET I 174 -46.51 26.70 -3.99
C MET I 174 -47.26 28.00 -3.73
N PRO I 175 -46.54 29.11 -3.56
CA PRO I 175 -47.22 30.40 -3.39
C PRO I 175 -48.06 30.74 -4.62
N THR I 176 -49.14 31.48 -4.37
CA THR I 176 -50.17 31.68 -5.38
C THR I 176 -49.60 32.32 -6.65
N GLY I 177 -48.91 33.44 -6.51
CA GLY I 177 -48.36 34.10 -7.68
C GLY I 177 -46.87 33.96 -7.82
N LEU I 178 -46.43 33.05 -8.69
CA LEU I 178 -45.02 32.82 -8.97
C LEU I 178 -44.91 32.12 -10.32
N VAL I 179 -43.70 32.15 -10.88
CA VAL I 179 -43.37 31.44 -12.11
C VAL I 179 -42.33 30.39 -11.79
N GLN I 180 -42.66 29.13 -12.08
CA GLN I 180 -41.79 28.01 -11.77
C GLN I 180 -40.77 27.82 -12.89
N ILE I 181 -39.50 27.72 -12.52
CA ILE I 181 -38.44 27.40 -13.48
C ILE I 181 -38.49 25.91 -13.75
N PRO I 182 -38.70 25.48 -14.99
CA PRO I 182 -38.86 24.04 -15.26
C PRO I 182 -37.55 23.29 -15.05
N ASN I 183 -37.68 22.09 -14.46
CA ASN I 183 -36.57 21.14 -14.32
C ASN I 183 -35.41 21.73 -13.52
N ALA I 184 -35.73 22.23 -12.32
CA ALA I 184 -34.73 22.75 -11.41
C ALA I 184 -34.91 22.10 -10.05
N ARG I 185 -33.78 21.77 -9.40
CA ARG I 185 -33.81 21.03 -8.14
C ARG I 185 -32.91 21.70 -7.12
N ILE I 186 -33.25 21.49 -5.85
CA ILE I 186 -32.54 22.17 -4.75
C ILE I 186 -31.14 21.61 -4.57
N VAL I 187 -31.00 20.28 -4.62
CA VAL I 187 -29.71 19.59 -4.60
C VAL I 187 -29.05 19.64 -3.22
N ASN I 188 -29.05 20.81 -2.58
CA ASN I 188 -28.38 20.99 -1.29
C ASN I 188 -29.40 21.38 -0.23
N ALA I 189 -29.48 20.58 0.83
CA ALA I 189 -30.44 20.82 1.89
C ALA I 189 -30.12 22.11 2.63
N ILE I 190 -31.18 22.75 3.15
CA ILE I 190 -31.05 24.05 3.80
C ILE I 190 -32.28 24.25 4.69
N SER I 191 -32.11 25.04 5.75
CA SER I 191 -33.19 25.38 6.66
C SER I 191 -33.29 26.90 6.77
N LEU I 192 -34.51 27.41 6.78
CA LEU I 192 -34.74 28.84 6.84
C LEU I 192 -35.68 29.19 7.99
N PRO I 193 -35.41 30.27 8.71
CA PRO I 193 -36.24 30.63 9.86
C PRO I 193 -37.55 31.29 9.41
N ALA I 194 -38.36 31.66 10.40
CA ALA I 194 -39.62 32.34 10.12
C ALA I 194 -39.35 33.77 9.67
N GLN I 195 -40.31 34.32 8.93
CA GLN I 195 -40.17 35.63 8.29
C GLN I 195 -41.30 36.56 8.72
N SER I 196 -41.14 37.83 8.34
CA SER I 196 -42.16 38.85 8.57
C SER I 196 -41.98 39.94 7.53
N ALA I 197 -43.04 40.71 7.33
CA ALA I 197 -43.00 41.79 6.34
C ALA I 197 -42.00 42.86 6.77
N GLY I 198 -41.10 43.22 5.85
CA GLY I 198 -40.06 44.18 6.15
C GLY I 198 -38.86 43.63 6.88
N ASN I 199 -38.92 42.38 7.35
CA ASN I 199 -37.83 41.74 8.06
C ASN I 199 -37.54 40.37 7.46
N LEU I 200 -37.54 40.29 6.14
CA LEU I 200 -37.32 39.01 5.46
C LEU I 200 -35.89 38.54 5.68
N VAL I 201 -35.74 37.29 6.10
CA VAL I 201 -34.41 36.70 6.23
C VAL I 201 -33.85 36.45 4.83
N ALA I 202 -32.60 36.83 4.62
CA ALA I 202 -31.99 36.73 3.30
C ALA I 202 -31.78 35.29 2.86
N GLY I 203 -31.89 34.33 3.77
CA GLY I 203 -31.60 32.95 3.44
C GLY I 203 -30.11 32.66 3.47
N VAL I 204 -29.76 31.46 3.03
CA VAL I 204 -28.38 31.00 3.01
C VAL I 204 -28.05 30.56 1.59
N THR I 205 -26.76 30.70 1.24
CA THR I 205 -26.30 30.25 -0.07
C THR I 205 -26.57 28.76 -0.25
N ILE I 206 -26.87 28.38 -1.49
CA ILE I 206 -27.33 27.02 -1.77
C ILE I 206 -26.94 26.67 -3.19
N VAL I 207 -26.61 25.39 -3.40
CA VAL I 207 -26.28 24.90 -4.73
C VAL I 207 -27.57 24.71 -5.53
N GLN I 208 -27.46 24.80 -6.86
CA GLN I 208 -28.62 24.68 -7.73
C GLN I 208 -28.29 23.84 -8.96
N LEU I 209 -29.32 23.21 -9.50
CA LEU I 209 -29.24 22.45 -10.75
C LEU I 209 -30.29 23.05 -11.68
N THR I 210 -29.88 24.01 -12.50
CA THR I 210 -30.84 24.80 -13.27
C THR I 210 -31.59 23.93 -14.28
N GLN I 211 -30.88 23.05 -14.97
CA GLN I 211 -31.52 22.12 -15.90
C GLN I 211 -30.74 20.80 -15.98
N ASN J 1 -36.10 38.26 -40.88
CA ASN J 1 -34.67 38.39 -40.65
C ASN J 1 -33.88 37.49 -41.60
N PHE J 2 -32.63 37.21 -41.22
CA PHE J 2 -31.73 36.28 -41.91
C PHE J 2 -31.42 36.68 -43.35
N THR J 3 -31.85 37.86 -43.78
CA THR J 3 -31.59 38.36 -45.13
C THR J 3 -31.92 37.35 -46.21
N ALA J 4 -31.09 37.30 -47.26
CA ALA J 4 -31.26 36.36 -48.36
C ALA J 4 -29.93 35.69 -48.64
N PRO J 5 -29.94 34.43 -49.08
CA PRO J 5 -28.69 33.69 -49.31
C PRO J 5 -28.04 33.91 -50.65
N VAL J 6 -28.65 34.69 -51.56
CA VAL J 6 -28.13 34.97 -52.89
C VAL J 6 -28.15 33.70 -53.73
N THR J 7 -27.40 32.69 -53.29
CA THR J 7 -27.38 31.39 -53.96
C THR J 7 -28.40 30.46 -53.33
N THR J 8 -28.93 29.56 -54.13
CA THR J 8 -29.91 28.59 -53.63
C THR J 8 -29.19 27.54 -52.78
N PRO J 9 -29.57 27.37 -51.51
CA PRO J 9 -28.91 26.36 -50.68
C PRO J 9 -29.13 24.96 -51.23
N SER J 10 -28.10 24.13 -51.13
CA SER J 10 -28.14 22.76 -51.65
C SER J 10 -26.98 21.99 -51.06
N ILE J 11 -26.97 20.69 -51.33
CA ILE J 11 -25.85 19.84 -50.90
C ILE J 11 -24.63 20.17 -51.75
N PRO J 12 -23.48 20.46 -51.15
CA PRO J 12 -22.35 21.01 -51.92
C PRO J 12 -21.65 20.02 -52.84
N THR J 13 -21.40 18.80 -52.37
CA THR J 13 -20.52 17.92 -53.13
C THR J 13 -21.32 17.06 -54.11
N PRO J 14 -21.00 17.12 -55.40
CA PRO J 14 -21.70 16.26 -56.37
C PRO J 14 -21.36 14.79 -56.15
N ILE J 15 -22.13 13.93 -56.83
CA ILE J 15 -21.93 12.49 -56.68
C ILE J 15 -20.58 12.07 -57.24
N GLN J 16 -20.14 12.68 -58.34
CA GLN J 16 -18.78 12.45 -58.80
C GLN J 16 -17.80 13.09 -57.81
N PHE J 17 -16.53 12.74 -57.98
CA PHE J 17 -15.45 13.05 -57.04
C PHE J 17 -15.58 12.21 -55.78
N LEU J 18 -16.66 11.44 -55.68
CA LEU J 18 -16.86 10.50 -54.59
C LEU J 18 -16.99 9.07 -55.10
N GLN J 19 -16.60 8.83 -56.35
CA GLN J 19 -16.66 7.52 -56.97
C GLN J 19 -15.25 7.07 -57.35
N THR J 20 -14.91 5.84 -56.99
CA THR J 20 -13.67 5.21 -57.41
C THR J 20 -14.00 4.08 -58.37
N TRP J 21 -13.29 4.02 -59.49
CA TRP J 21 -13.57 3.09 -60.57
C TRP J 21 -12.56 1.96 -60.56
N LEU J 22 -13.05 0.73 -60.62
CA LEU J 22 -12.16 -0.43 -60.56
C LEU J 22 -11.26 -0.45 -61.79
N PRO J 23 -9.98 -0.83 -61.62
CA PRO J 23 -9.03 -0.74 -62.74
C PRO J 23 -9.35 -1.65 -63.91
N GLY J 24 -10.15 -2.69 -63.73
CA GLY J 24 -10.37 -3.65 -64.80
C GLY J 24 -11.75 -3.63 -65.41
N PHE J 25 -11.85 -4.09 -66.65
CA PHE J 25 -13.11 -4.22 -67.37
C PHE J 25 -13.31 -5.69 -67.73
N VAL J 26 -14.39 -6.29 -67.22
CA VAL J 26 -14.64 -7.70 -67.55
C VAL J 26 -15.08 -7.82 -69.00
N LYS J 27 -14.97 -9.04 -69.52
CA LYS J 27 -15.31 -9.33 -70.91
C LYS J 27 -16.18 -10.58 -70.97
N VAL J 28 -16.94 -10.69 -72.07
CA VAL J 28 -17.82 -11.84 -72.27
C VAL J 28 -16.99 -13.07 -72.60
N MET J 29 -17.58 -14.25 -72.40
CA MET J 29 -16.83 -15.51 -72.38
C MET J 29 -16.80 -16.19 -73.74
N THR J 30 -17.97 -16.48 -74.30
CA THR J 30 -18.15 -17.29 -75.51
C THR J 30 -17.72 -18.73 -75.26
N ALA J 31 -17.96 -19.61 -76.23
CA ALA J 31 -17.73 -21.04 -76.04
C ALA J 31 -16.24 -21.36 -75.93
N ALA J 32 -15.96 -22.49 -75.29
CA ALA J 32 -14.59 -22.92 -75.10
C ALA J 32 -13.98 -23.41 -76.41
N ARG J 33 -12.66 -23.27 -76.52
CA ARG J 33 -11.90 -23.70 -77.70
C ARG J 33 -10.94 -24.81 -77.25
N LYS J 34 -11.25 -26.04 -77.63
CA LYS J 34 -10.58 -27.21 -77.07
C LYS J 34 -9.93 -28.09 -78.14
N ILE J 35 -9.75 -27.58 -79.36
CA ILE J 35 -9.13 -28.39 -80.41
C ILE J 35 -7.65 -28.59 -80.12
N ASP J 36 -6.97 -27.55 -79.64
CA ASP J 36 -5.53 -27.65 -79.38
C ASP J 36 -5.24 -28.64 -78.26
N GLU J 37 -6.06 -28.63 -77.20
CA GLU J 37 -5.84 -29.55 -76.09
C GLU J 37 -6.03 -30.99 -76.53
N ILE J 38 -7.07 -31.27 -77.33
CA ILE J 38 -7.35 -32.63 -77.74
C ILE J 38 -6.30 -33.13 -78.73
N ILE J 39 -5.97 -32.33 -79.72
CA ILE J 39 -5.14 -32.77 -80.84
C ILE J 39 -3.72 -32.22 -80.75
N GLY J 40 -3.58 -30.92 -80.52
CA GLY J 40 -2.30 -30.25 -80.63
C GLY J 40 -2.21 -29.40 -81.88
N ILE J 41 -1.12 -28.65 -81.98
CA ILE J 41 -0.91 -27.72 -83.07
C ILE J 41 0.48 -27.95 -83.67
N ASP J 42 0.53 -27.98 -85.00
CA ASP J 42 1.78 -28.13 -85.74
C ASP J 42 1.91 -26.97 -86.72
N THR J 43 3.04 -26.27 -86.66
CA THR J 43 3.35 -25.18 -87.57
C THR J 43 4.40 -25.69 -88.55
N VAL J 44 3.95 -26.07 -89.76
CA VAL J 44 4.81 -26.71 -90.75
C VAL J 44 4.86 -25.91 -92.05
N GLY J 45 3.71 -25.41 -92.50
CA GLY J 45 3.64 -24.71 -93.77
C GLY J 45 4.00 -23.24 -93.66
N SER J 46 3.79 -22.53 -94.76
CA SER J 46 4.00 -21.10 -94.81
C SER J 46 2.79 -20.46 -95.47
N TRP J 47 2.65 -19.14 -95.27
CA TRP J 47 1.53 -18.42 -95.84
C TRP J 47 1.65 -18.42 -97.36
N GLU J 48 0.59 -17.92 -98.02
CA GLU J 48 0.46 -17.83 -99.47
C GLU J 48 0.75 -19.16 -100.18
N ASP J 49 0.74 -20.27 -99.44
CA ASP J 49 0.91 -21.58 -100.04
C ASP J 49 -0.46 -22.12 -100.46
N GLN J 50 -0.49 -23.34 -100.96
CA GLN J 50 -1.76 -23.91 -101.40
C GLN J 50 -2.06 -25.28 -100.82
N GLU J 51 -1.05 -26.15 -100.69
CA GLU J 51 -1.30 -27.54 -100.34
C GLU J 51 -0.24 -28.06 -99.38
N ILE J 52 -0.60 -29.14 -98.68
CA ILE J 52 0.28 -29.84 -97.75
C ILE J 52 0.34 -31.31 -98.17
N VAL J 53 1.54 -31.88 -98.20
CA VAL J 53 1.75 -33.24 -98.68
C VAL J 53 2.40 -34.09 -97.59
N GLN J 54 1.95 -35.33 -97.48
CA GLN J 54 2.50 -36.31 -96.53
C GLN J 54 2.60 -37.66 -97.22
N GLY J 55 3.58 -38.47 -96.80
CA GLY J 55 3.86 -39.72 -97.47
C GLY J 55 3.98 -40.89 -96.51
N ILE J 56 3.92 -42.09 -97.09
CA ILE J 56 4.07 -43.35 -96.38
C ILE J 56 5.08 -44.20 -97.14
N VAL J 57 5.68 -45.17 -96.46
CA VAL J 57 6.83 -45.90 -96.99
C VAL J 57 6.47 -47.33 -97.38
N GLU J 58 5.82 -48.09 -96.47
CA GLU J 58 5.47 -49.50 -96.71
C GLU J 58 6.70 -50.32 -97.11
N PRO J 59 7.57 -50.67 -96.16
CA PRO J 59 8.70 -51.54 -96.46
C PRO J 59 8.28 -52.99 -96.59
N ALA J 60 9.20 -53.82 -97.08
CA ALA J 60 8.94 -55.24 -97.29
C ALA J 60 10.24 -56.01 -97.22
N GLY J 61 10.15 -57.28 -96.78
CA GLY J 61 11.30 -58.15 -96.70
C GLY J 61 11.15 -59.26 -95.67
N THR J 62 11.80 -60.40 -95.90
CA THR J 62 11.73 -61.53 -94.98
C THR J 62 13.02 -62.34 -95.04
N ALA J 63 13.28 -63.09 -93.96
CA ALA J 63 14.49 -63.89 -93.85
C ALA J 63 14.32 -65.22 -94.58
N VAL J 64 15.45 -65.89 -94.83
CA VAL J 64 15.45 -67.11 -95.63
C VAL J 64 16.30 -68.19 -94.95
N GLU J 65 16.94 -67.82 -93.84
CA GLU J 65 17.90 -68.66 -93.11
C GLU J 65 19.23 -68.72 -93.85
N TYR J 66 20.33 -68.85 -93.11
CA TYR J 66 21.67 -68.62 -93.63
C TYR J 66 22.29 -69.89 -94.21
N GLY J 67 23.18 -69.69 -95.17
CA GLY J 67 23.97 -70.76 -95.75
C GLY J 67 24.90 -70.24 -96.83
N ASP J 68 26.10 -70.82 -96.95
CA ASP J 68 27.02 -70.41 -97.99
C ASP J 68 26.54 -70.90 -99.35
N HIS J 69 26.70 -70.04 -100.36
CA HIS J 69 26.27 -70.32 -101.73
C HIS J 69 24.77 -70.58 -101.84
N THR J 70 23.96 -69.98 -100.96
CA THR J 70 22.53 -70.25 -100.93
C THR J 70 21.71 -68.98 -101.21
N ASN J 71 22.19 -68.14 -102.14
CA ASN J 71 21.48 -66.96 -102.60
C ASN J 71 21.30 -65.92 -101.50
N ILE J 72 20.92 -64.70 -101.87
CA ILE J 72 20.73 -63.61 -100.94
C ILE J 72 19.34 -63.00 -101.15
N PRO J 73 18.48 -63.00 -100.15
CA PRO J 73 17.18 -62.31 -100.29
C PRO J 73 17.36 -60.80 -100.25
N LEU J 74 16.37 -60.10 -100.81
CA LEU J 74 16.43 -58.66 -100.96
C LEU J 74 15.16 -58.02 -100.42
N THR J 75 15.26 -56.73 -100.09
CA THR J 75 14.16 -55.94 -99.56
C THR J 75 13.82 -54.81 -100.54
N SER J 76 12.71 -54.13 -100.26
CA SER J 76 12.22 -53.06 -101.14
C SER J 76 11.19 -52.24 -100.37
N TRP J 77 10.52 -51.33 -101.07
CA TRP J 77 9.51 -50.45 -100.47
C TRP J 77 8.65 -49.87 -101.59
N ASN J 78 7.57 -49.20 -101.18
CA ASN J 78 6.60 -48.65 -102.13
C ASN J 78 5.84 -47.51 -101.45
N ALA J 79 6.01 -46.29 -101.95
CA ALA J 79 5.53 -45.09 -101.27
C ALA J 79 4.22 -44.58 -101.88
N ASN J 80 3.47 -43.84 -101.06
CA ASN J 80 2.23 -43.20 -101.47
C ASN J 80 2.17 -41.81 -100.84
N PHE J 81 1.31 -40.95 -101.40
CA PHE J 81 1.22 -39.56 -100.98
C PHE J 81 -0.22 -39.10 -100.82
N GLU J 82 -0.41 -38.05 -100.03
CA GLU J 82 -1.72 -37.47 -99.74
C GLU J 82 -1.59 -35.96 -99.67
N ARG J 83 -2.62 -35.25 -100.13
CA ARG J 83 -2.58 -33.79 -100.21
C ARG J 83 -3.84 -33.18 -99.58
N ARG J 84 -3.68 -31.98 -99.03
CA ARG J 84 -4.77 -31.22 -98.43
C ARG J 84 -4.64 -29.76 -98.83
N THR J 85 -5.70 -28.99 -98.60
CA THR J 85 -5.79 -27.61 -99.05
C THR J 85 -5.69 -26.64 -97.88
N ILE J 86 -5.17 -25.45 -98.16
CA ILE J 86 -4.95 -24.40 -97.16
C ILE J 86 -6.01 -23.33 -97.31
N VAL J 87 -6.58 -22.88 -96.18
CA VAL J 87 -7.59 -21.85 -96.13
C VAL J 87 -7.09 -20.71 -95.25
N ARG J 88 -7.34 -19.48 -95.67
CA ARG J 88 -6.91 -18.30 -94.93
C ARG J 88 -8.06 -17.31 -94.78
N GLY J 89 -8.06 -16.58 -93.66
CA GLY J 89 -9.07 -15.59 -93.40
C GLY J 89 -8.44 -14.30 -92.91
N GLU J 90 -9.23 -13.22 -92.95
CA GLU J 90 -8.75 -11.90 -92.61
C GLU J 90 -9.76 -11.17 -91.73
N LEU J 91 -9.25 -10.19 -90.98
CA LEU J 91 -10.05 -9.35 -90.10
C LEU J 91 -9.28 -8.06 -89.82
N GLY J 92 -9.98 -6.93 -89.87
CA GLY J 92 -9.35 -5.64 -89.73
C GLY J 92 -10.00 -4.79 -88.65
N MET J 93 -9.59 -3.53 -88.61
CA MET J 93 -10.04 -2.58 -87.60
C MET J 93 -9.78 -1.16 -88.07
N MET J 94 -10.66 -0.24 -87.66
CA MET J 94 -10.57 1.17 -88.04
C MET J 94 -10.84 2.03 -86.81
N VAL J 95 -9.97 3.02 -86.58
CA VAL J 95 -10.06 3.90 -85.42
C VAL J 95 -9.93 5.34 -85.87
N GLY J 96 -10.80 6.22 -85.37
CA GLY J 96 -10.72 7.64 -85.62
C GLY J 96 -10.08 8.38 -84.46
N THR J 97 -9.68 9.63 -84.74
CA THR J 97 -8.96 10.43 -83.76
C THR J 97 -9.88 10.83 -82.61
N LEU J 98 -11.06 11.36 -82.92
CA LEU J 98 -11.98 11.79 -81.86
C LEU J 98 -12.43 10.61 -81.02
N GLU J 99 -12.72 9.47 -81.66
CA GLU J 99 -13.10 8.29 -80.91
C GLU J 99 -11.98 7.81 -80.00
N GLU J 100 -10.73 7.85 -80.47
CA GLU J 100 -9.61 7.46 -79.64
C GLU J 100 -9.47 8.39 -78.44
N GLY J 101 -9.60 9.69 -78.67
CA GLY J 101 -9.52 10.64 -77.57
C GLY J 101 -10.63 10.44 -76.55
N ARG J 102 -11.85 10.17 -77.03
CA ARG J 102 -12.96 9.92 -76.11
C ARG J 102 -12.75 8.64 -75.33
N ALA J 103 -12.26 7.58 -75.97
CA ALA J 103 -12.06 6.31 -75.29
C ALA J 103 -10.92 6.37 -74.29
N SER J 104 -9.90 7.19 -74.55
CA SER J 104 -8.80 7.30 -73.61
C SER J 104 -9.24 7.91 -72.27
N ALA J 105 -10.39 8.58 -72.24
CA ALA J 105 -10.85 9.20 -71.00
C ALA J 105 -11.17 8.16 -69.93
N ILE J 106 -11.77 7.04 -70.33
CA ILE J 106 -12.21 6.02 -69.39
C ILE J 106 -11.15 4.94 -69.26
N ARG J 107 -9.91 5.27 -69.65
CA ARG J 107 -8.77 4.36 -69.52
C ARG J 107 -8.98 3.08 -70.33
N LEU J 108 -9.56 3.22 -71.52
CA LEU J 108 -9.79 2.12 -72.43
C LEU J 108 -9.08 2.41 -73.74
N ASN J 109 -8.24 1.48 -74.18
CA ASN J 109 -7.50 1.63 -75.44
C ASN J 109 -8.30 0.92 -76.53
N SER J 110 -8.90 1.71 -77.42
CA SER J 110 -9.75 1.13 -78.46
C SER J 110 -8.95 0.26 -79.42
N ALA J 111 -7.76 0.71 -79.82
CA ALA J 111 -6.97 -0.05 -80.78
C ALA J 111 -6.56 -1.41 -80.22
N GLU J 112 -6.14 -1.44 -78.95
CA GLU J 112 -5.74 -2.70 -78.34
C GLU J 112 -6.91 -3.68 -78.25
N THR J 113 -8.08 -3.18 -77.84
CA THR J 113 -9.25 -4.05 -77.74
C THR J 113 -9.66 -4.58 -79.12
N LYS J 114 -9.62 -3.71 -80.14
CA LYS J 114 -9.98 -4.17 -81.48
C LYS J 114 -8.99 -5.20 -82.00
N ARG J 115 -7.70 -5.00 -81.74
CA ARG J 115 -6.70 -5.99 -82.14
C ARG J 115 -6.91 -7.33 -81.44
N GLN J 116 -7.20 -7.27 -80.14
CA GLN J 116 -7.47 -8.50 -79.40
C GLN J 116 -8.71 -9.21 -79.93
N GLN J 117 -9.75 -8.44 -80.26
CA GLN J 117 -10.96 -9.05 -80.81
C GLN J 117 -10.68 -9.68 -82.17
N ALA J 118 -9.86 -9.04 -83.00
CA ALA J 118 -9.49 -9.62 -84.28
C ALA J 118 -8.76 -10.95 -84.09
N ALA J 119 -7.81 -10.97 -83.15
CA ALA J 119 -7.08 -12.21 -82.87
C ALA J 119 -8.02 -13.30 -82.38
N ILE J 120 -8.95 -12.95 -81.49
CA ILE J 120 -9.89 -13.94 -80.97
C ILE J 120 -10.80 -14.47 -82.07
N GLY J 121 -11.25 -13.59 -82.97
CA GLY J 121 -12.07 -14.03 -84.07
C GLY J 121 -11.33 -14.97 -85.01
N LEU J 122 -10.06 -14.66 -85.29
CA LEU J 122 -9.25 -15.55 -86.11
C LEU J 122 -9.07 -16.90 -85.43
N GLU J 123 -8.86 -16.91 -84.11
CA GLU J 123 -8.73 -18.16 -83.39
C GLU J 123 -10.04 -18.96 -83.44
N THR J 124 -11.18 -18.28 -83.34
CA THR J 124 -12.46 -18.96 -83.44
C THR J 124 -12.65 -19.58 -84.81
N PHE J 125 -12.27 -18.85 -85.86
CA PHE J 125 -12.32 -19.40 -87.22
C PHE J 125 -11.42 -20.63 -87.33
N ARG J 126 -10.22 -20.56 -86.77
CA ARG J 126 -9.30 -21.70 -86.81
C ARG J 126 -9.90 -22.91 -86.09
N ASN J 127 -10.51 -22.69 -84.94
CA ASN J 127 -11.14 -23.79 -84.20
C ASN J 127 -12.27 -24.41 -85.01
N ALA J 128 -13.12 -23.57 -85.60
CA ALA J 128 -14.25 -24.07 -86.37
C ALA J 128 -13.77 -24.90 -87.56
N ILE J 129 -12.69 -24.45 -88.22
CA ILE J 129 -12.10 -25.25 -89.28
C ILE J 129 -11.53 -26.55 -88.72
N GLY J 130 -10.97 -26.49 -87.51
CA GLY J 130 -10.37 -27.67 -86.91
C GLY J 130 -11.37 -28.79 -86.66
N PHE J 131 -12.52 -28.46 -86.07
CA PHE J 131 -13.51 -29.51 -85.85
C PHE J 131 -14.25 -29.90 -87.13
N TYR J 132 -14.76 -28.91 -87.87
CA TYR J 132 -15.50 -29.16 -89.10
C TYR J 132 -14.71 -28.68 -90.29
N GLY J 133 -14.63 -29.51 -91.33
CA GLY J 133 -13.95 -29.11 -92.54
C GLY J 133 -14.61 -27.93 -93.21
N TRP J 134 -13.81 -27.17 -93.95
CA TRP J 134 -14.27 -25.96 -94.61
C TRP J 134 -14.78 -26.31 -96.00
N GLN J 135 -16.12 -26.25 -96.16
CA GLN J 135 -16.76 -26.49 -97.46
C GLN J 135 -16.38 -27.84 -98.04
N SER J 136 -16.36 -28.87 -97.19
CA SER J 136 -16.00 -30.21 -97.66
C SER J 136 -17.04 -30.74 -98.65
N GLY J 137 -18.32 -30.44 -98.41
CA GLY J 137 -19.36 -30.91 -99.32
C GLY J 137 -19.27 -30.31 -100.70
N LEU J 138 -18.87 -29.04 -100.80
CA LEU J 138 -18.77 -28.39 -102.10
C LEU J 138 -17.66 -28.98 -102.95
N GLY J 139 -16.60 -29.49 -102.32
CA GLY J 139 -15.49 -30.07 -103.06
C GLY J 139 -14.14 -29.69 -102.52
N ASN J 140 -14.10 -28.73 -101.60
CA ASN J 140 -12.85 -28.31 -101.00
C ASN J 140 -12.28 -29.44 -100.14
N ARG J 141 -10.97 -29.68 -100.27
CA ARG J 141 -10.30 -30.77 -99.56
C ARG J 141 -9.61 -30.20 -98.33
N THR J 142 -10.40 -29.89 -97.31
CA THR J 142 -9.87 -29.44 -96.03
C THR J 142 -10.13 -30.44 -94.92
N TYR J 143 -11.39 -30.82 -94.69
CA TYR J 143 -11.77 -31.84 -93.71
C TYR J 143 -11.38 -31.46 -92.29
N GLY J 144 -11.84 -32.24 -91.32
CA GLY J 144 -11.59 -31.94 -89.92
C GLY J 144 -11.51 -33.16 -89.03
N PHE J 145 -11.72 -32.95 -87.73
CA PHE J 145 -11.61 -34.04 -86.77
C PHE J 145 -12.74 -35.05 -86.95
N LEU J 146 -13.92 -34.60 -87.35
CA LEU J 146 -15.10 -35.46 -87.39
C LEU J 146 -15.43 -36.01 -88.77
N ASN J 147 -14.91 -35.40 -89.84
CA ASN J 147 -15.28 -35.79 -91.19
C ASN J 147 -14.07 -36.11 -92.05
N ASP J 148 -13.00 -36.62 -91.44
CA ASP J 148 -11.84 -37.02 -92.23
C ASP J 148 -12.19 -38.24 -93.08
N PRO J 149 -11.89 -38.20 -94.38
CA PRO J 149 -12.26 -39.32 -95.26
C PRO J 149 -11.58 -40.63 -94.89
N ASN J 150 -10.34 -40.59 -94.41
CA ASN J 150 -9.60 -41.80 -94.06
C ASN J 150 -9.84 -42.15 -92.59
N LEU J 151 -11.08 -42.52 -92.30
CA LEU J 151 -11.49 -42.91 -90.96
C LEU J 151 -12.37 -44.14 -91.03
N PRO J 152 -12.39 -44.96 -89.98
CA PRO J 152 -13.14 -46.22 -90.03
C PRO J 152 -14.65 -46.06 -90.07
N ALA J 153 -15.16 -44.83 -90.15
CA ALA J 153 -16.59 -44.54 -90.24
C ALA J 153 -17.31 -44.84 -88.93
N PHE J 154 -18.42 -44.15 -88.68
CA PHE J 154 -19.14 -44.29 -87.44
C PHE J 154 -19.82 -45.65 -87.34
N GLN J 155 -20.00 -46.11 -86.11
CA GLN J 155 -20.67 -47.37 -85.83
C GLN J 155 -21.76 -47.14 -84.79
N THR J 156 -22.84 -47.92 -84.90
CA THR J 156 -23.87 -47.84 -83.89
C THR J 156 -23.41 -48.55 -82.61
N PRO J 157 -23.63 -47.95 -81.45
CA PRO J 157 -23.18 -48.57 -80.20
C PRO J 157 -23.99 -49.81 -79.87
N PRO J 158 -23.45 -50.71 -79.05
CA PRO J 158 -24.26 -51.89 -78.65
C PRO J 158 -25.56 -51.51 -77.97
N SER J 159 -25.49 -50.75 -76.89
CA SER J 159 -26.69 -50.13 -76.33
C SER J 159 -27.17 -49.03 -77.25
N GLN J 160 -28.49 -48.96 -77.44
CA GLN J 160 -29.04 -48.02 -78.41
C GLN J 160 -28.78 -46.57 -77.99
N GLY J 161 -28.92 -46.27 -76.70
CA GLY J 161 -28.67 -44.93 -76.22
C GLY J 161 -28.36 -44.87 -74.74
N TRP J 162 -27.43 -44.01 -74.34
CA TRP J 162 -27.11 -43.88 -72.92
C TRP J 162 -28.31 -43.36 -72.14
N SER J 163 -29.11 -42.50 -72.75
CA SER J 163 -30.38 -42.13 -72.15
C SER J 163 -31.28 -43.34 -72.04
N THR J 164 -31.96 -43.46 -70.90
CA THR J 164 -32.78 -44.62 -70.53
C THR J 164 -31.97 -45.90 -70.41
N ALA J 165 -30.64 -45.81 -70.32
CA ALA J 165 -29.78 -46.95 -70.13
C ALA J 165 -29.22 -46.96 -68.72
N ASP J 166 -28.72 -48.11 -68.30
CA ASP J 166 -28.22 -48.29 -66.95
C ASP J 166 -26.69 -48.27 -66.94
N TRP J 167 -26.12 -48.54 -65.77
CA TRP J 167 -24.67 -48.59 -65.61
C TRP J 167 -24.05 -49.71 -66.45
N ALA J 168 -24.71 -50.86 -66.49
CA ALA J 168 -24.16 -52.01 -67.21
C ALA J 168 -24.03 -51.72 -68.70
N GLY J 169 -25.03 -51.08 -69.30
CA GLY J 169 -24.95 -50.77 -70.72
C GLY J 169 -23.81 -49.82 -71.06
N ILE J 170 -23.63 -48.79 -70.24
CA ILE J 170 -22.56 -47.82 -70.48
C ILE J 170 -21.19 -48.49 -70.36
N ILE J 171 -20.99 -49.25 -69.28
CA ILE J 171 -19.69 -49.90 -69.13
C ILE J 171 -19.47 -50.95 -70.22
N GLY J 172 -20.54 -51.60 -70.68
CA GLY J 172 -20.40 -52.54 -71.78
C GLY J 172 -20.01 -51.87 -73.08
N ASP J 173 -20.59 -50.70 -73.36
CA ASP J 173 -20.21 -49.95 -74.55
C ASP J 173 -18.74 -49.55 -74.49
N ILE J 174 -18.31 -49.06 -73.34
CA ILE J 174 -16.91 -48.66 -73.20
C ILE J 174 -15.98 -49.86 -73.35
N ARG J 175 -16.35 -50.99 -72.73
CA ARG J 175 -15.53 -52.19 -72.82
C ARG J 175 -15.44 -52.69 -74.26
N GLU J 176 -16.56 -52.67 -74.98
CA GLU J 176 -16.53 -53.11 -76.38
C GLU J 176 -15.68 -52.19 -77.23
N ALA J 177 -15.75 -50.88 -76.99
CA ALA J 177 -14.90 -49.95 -77.74
C ALA J 177 -13.43 -50.24 -77.48
N VAL J 178 -13.07 -50.46 -76.21
CA VAL J 178 -11.68 -50.73 -75.87
C VAL J 178 -11.22 -52.05 -76.48
N ARG J 179 -12.08 -53.07 -76.45
CA ARG J 179 -11.73 -54.36 -77.02
C ARG J 179 -11.52 -54.25 -78.53
N GLN J 180 -12.39 -53.51 -79.21
CA GLN J 180 -12.24 -53.33 -80.65
C GLN J 180 -10.95 -52.56 -80.97
N LEU J 181 -10.62 -51.56 -80.16
CA LEU J 181 -9.36 -50.85 -80.37
C LEU J 181 -8.16 -51.78 -80.19
N ARG J 182 -8.20 -52.62 -79.15
CA ARG J 182 -7.11 -53.57 -78.94
C ARG J 182 -7.09 -54.69 -79.98
N ILE J 183 -8.18 -54.91 -80.69
CA ILE J 183 -8.18 -55.87 -81.79
C ILE J 183 -7.62 -55.25 -83.07
N GLN J 184 -7.95 -53.99 -83.34
CA GLN J 184 -7.48 -53.34 -84.57
C GLN J 184 -5.96 -53.32 -84.63
N SER J 185 -5.32 -52.59 -83.71
CA SER J 185 -3.89 -52.71 -83.51
C SER J 185 -3.61 -53.99 -82.75
N GLN J 186 -2.55 -54.70 -83.13
CA GLN J 186 -2.34 -56.05 -82.62
C GLN J 186 -2.24 -56.06 -81.10
N ASP J 187 -1.16 -55.49 -80.56
CA ASP J 187 -1.08 -55.26 -79.11
C ASP J 187 -0.39 -53.94 -78.82
N GLN J 188 -0.71 -52.91 -79.60
CA GLN J 188 -0.10 -51.59 -79.44
C GLN J 188 -0.90 -50.68 -78.51
N ILE J 189 -1.55 -51.24 -77.50
CA ILE J 189 -2.42 -50.44 -76.64
C ILE J 189 -1.66 -49.92 -75.43
N ASP J 190 -0.63 -50.67 -74.98
CA ASP J 190 0.22 -50.35 -73.84
C ASP J 190 -0.59 -50.64 -72.58
N PRO J 191 0.00 -51.27 -71.56
CA PRO J 191 -0.76 -51.58 -70.34
C PRO J 191 -1.30 -50.33 -69.67
N LYS J 192 -2.26 -50.55 -68.77
CA LYS J 192 -3.11 -49.49 -68.21
C LYS J 192 -3.82 -48.85 -69.41
N ALA J 193 -3.92 -47.53 -69.48
CA ALA J 193 -4.53 -46.87 -70.63
C ALA J 193 -3.72 -45.63 -71.01
N GLU J 194 -2.40 -45.77 -71.01
CA GLU J 194 -1.53 -44.65 -71.32
C GLU J 194 -1.69 -44.24 -72.79
N LYS J 195 -1.60 -42.93 -73.02
CA LYS J 195 -1.70 -42.36 -74.36
C LYS J 195 -3.03 -42.73 -75.03
N ILE J 196 -4.10 -42.75 -74.25
CA ILE J 196 -5.43 -43.06 -74.75
C ILE J 196 -6.39 -41.98 -74.26
N THR J 197 -7.18 -41.43 -75.18
CA THR J 197 -8.09 -40.33 -74.89
C THR J 197 -9.51 -40.70 -75.28
N LEU J 198 -10.46 -40.29 -74.45
CA LEU J 198 -11.89 -40.46 -74.73
C LEU J 198 -12.50 -39.09 -74.97
N ALA J 199 -13.19 -38.94 -76.10
CA ALA J 199 -13.67 -37.62 -76.53
C ALA J 199 -15.00 -37.24 -75.88
N LEU J 200 -16.03 -38.07 -76.05
CA LEU J 200 -17.35 -37.82 -75.49
C LEU J 200 -17.95 -36.49 -75.94
N ALA J 201 -19.09 -36.12 -75.37
CA ALA J 201 -19.76 -34.87 -75.69
C ALA J 201 -20.11 -34.14 -74.41
N THR J 202 -20.29 -32.82 -74.53
CA THR J 202 -20.59 -32.01 -73.36
C THR J 202 -21.91 -32.40 -72.73
N SER J 203 -22.90 -32.74 -73.56
CA SER J 203 -24.21 -33.13 -73.04
C SER J 203 -24.23 -34.56 -72.51
N LYS J 204 -23.19 -35.35 -72.79
CA LYS J 204 -23.15 -36.75 -72.38
C LYS J 204 -22.10 -37.03 -71.31
N VAL J 205 -21.26 -36.06 -70.96
CA VAL J 205 -20.20 -36.31 -69.99
C VAL J 205 -20.78 -36.54 -68.60
N ASP J 206 -21.92 -35.91 -68.30
CA ASP J 206 -22.52 -36.05 -66.99
C ASP J 206 -23.07 -37.45 -66.73
N TYR J 207 -23.22 -38.26 -67.78
CA TYR J 207 -23.67 -39.64 -67.59
C TYR J 207 -22.59 -40.52 -66.98
N LEU J 208 -21.35 -40.05 -66.90
CA LEU J 208 -20.30 -40.81 -66.25
C LEU J 208 -20.47 -40.88 -64.74
N SER J 209 -21.36 -40.09 -64.18
CA SER J 209 -21.66 -40.13 -62.74
C SER J 209 -22.86 -41.02 -62.42
N VAL J 210 -23.44 -41.68 -63.42
CA VAL J 210 -24.54 -42.60 -63.18
C VAL J 210 -24.02 -43.80 -62.39
N THR J 211 -24.71 -44.15 -61.30
CA THR J 211 -24.26 -45.20 -60.41
C THR J 211 -25.25 -46.35 -60.40
N THR J 212 -24.77 -47.48 -59.90
CA THR J 212 -25.65 -48.58 -59.55
C THR J 212 -26.44 -48.22 -58.31
N PRO J 213 -27.54 -48.92 -58.03
CA PRO J 213 -28.25 -48.71 -56.76
C PRO J 213 -27.39 -49.10 -55.56
N TYR J 214 -26.14 -49.44 -55.81
CA TYR J 214 -25.26 -50.06 -54.83
C TYR J 214 -24.17 -49.13 -54.32
N GLY J 215 -23.73 -48.17 -55.13
CA GLY J 215 -22.78 -47.18 -54.67
C GLY J 215 -21.53 -47.04 -55.51
N ILE J 216 -21.55 -47.56 -56.74
CA ILE J 216 -20.39 -47.53 -57.63
C ILE J 216 -20.78 -46.81 -58.90
N SER J 217 -19.95 -45.84 -59.32
CA SER J 217 -20.20 -45.03 -60.50
C SER J 217 -19.40 -45.55 -61.69
N VAL J 218 -19.67 -44.96 -62.86
CA VAL J 218 -18.93 -45.31 -64.06
C VAL J 218 -17.48 -44.86 -63.95
N SER J 219 -17.25 -43.67 -63.41
CA SER J 219 -15.89 -43.14 -63.28
C SER J 219 -15.05 -44.03 -62.38
N ASP J 220 -15.64 -44.56 -61.30
CA ASP J 220 -14.91 -45.47 -60.43
C ASP J 220 -14.52 -46.74 -61.17
N TRP J 221 -15.41 -47.27 -62.01
CA TRP J 221 -15.09 -48.44 -62.80
C TRP J 221 -13.97 -48.14 -63.79
N ILE J 222 -14.00 -46.97 -64.42
CA ILE J 222 -12.93 -46.59 -65.33
C ILE J 222 -11.60 -46.50 -64.60
N GLU J 223 -11.61 -45.91 -63.40
CA GLU J 223 -10.40 -45.85 -62.59
C GLU J 223 -9.90 -47.25 -62.23
N GLN J 224 -10.82 -48.16 -61.91
CA GLN J 224 -10.43 -49.53 -61.57
C GLN J 224 -9.78 -50.23 -62.76
N THR J 225 -10.36 -50.08 -63.95
CA THR J 225 -9.92 -50.86 -65.09
C THR J 225 -8.85 -50.14 -65.92
N TYR J 226 -9.05 -48.86 -66.22
CA TYR J 226 -8.13 -48.08 -67.06
C TYR J 226 -7.77 -46.80 -66.32
N PRO J 227 -6.91 -46.90 -65.30
CA PRO J 227 -6.64 -45.72 -64.46
C PRO J 227 -6.01 -44.54 -65.19
N LYS J 228 -5.20 -44.80 -66.22
CA LYS J 228 -4.44 -43.75 -66.87
C LYS J 228 -5.14 -43.18 -68.10
N MET J 229 -6.38 -43.58 -68.36
CA MET J 229 -7.12 -43.02 -69.48
C MET J 229 -7.46 -41.56 -69.21
N ARG J 230 -7.39 -40.75 -70.27
CA ARG J 230 -7.71 -39.32 -70.17
C ARG J 230 -9.08 -39.07 -70.81
N ILE J 231 -9.92 -38.34 -70.10
CA ILE J 231 -11.29 -38.05 -70.53
C ILE J 231 -11.43 -36.55 -70.74
N VAL J 232 -11.86 -36.16 -71.94
CA VAL J 232 -12.09 -34.76 -72.26
C VAL J 232 -13.54 -34.59 -72.72
N SER J 233 -13.91 -33.38 -73.10
CA SER J 233 -15.24 -33.12 -73.65
C SER J 233 -15.14 -31.90 -74.56
N ALA J 234 -16.13 -31.79 -75.45
CA ALA J 234 -16.14 -30.69 -76.40
C ALA J 234 -17.56 -30.40 -76.86
N PRO J 235 -18.00 -29.13 -76.89
CA PRO J 235 -19.34 -28.82 -77.37
C PRO J 235 -19.56 -29.17 -78.85
N GLU J 236 -18.49 -29.25 -79.64
CA GLU J 236 -18.64 -29.52 -81.06
C GLU J 236 -19.08 -30.95 -81.34
N LEU J 237 -18.95 -31.85 -80.36
CA LEU J 237 -19.36 -33.24 -80.53
C LEU J 237 -20.79 -33.50 -80.09
N SER J 238 -21.54 -32.45 -79.73
CA SER J 238 -22.91 -32.62 -79.29
C SER J 238 -23.82 -32.94 -80.48
N GLY J 239 -23.91 -32.03 -81.45
CA GLY J 239 -24.69 -32.24 -82.63
C GLY J 239 -23.78 -32.50 -83.83
N VAL J 240 -23.79 -33.74 -84.31
CA VAL J 240 -22.86 -34.18 -85.35
C VAL J 240 -23.57 -34.45 -86.67
N GLN J 241 -24.50 -35.41 -86.69
CA GLN J 241 -25.12 -35.86 -87.92
C GLN J 241 -26.62 -35.66 -87.98
N MET J 242 -27.31 -35.61 -86.84
CA MET J 242 -28.75 -35.38 -86.77
C MET J 242 -29.53 -36.58 -87.29
N LYS J 243 -30.36 -37.17 -86.44
CA LYS J 243 -31.25 -38.26 -86.84
C LYS J 243 -32.46 -37.65 -87.54
N ASN J 244 -33.53 -38.44 -87.73
CA ASN J 244 -34.70 -37.96 -88.47
C ASN J 244 -35.21 -36.63 -87.93
N GLN J 245 -35.29 -36.50 -86.60
CA GLN J 245 -35.75 -35.28 -85.96
C GLN J 245 -34.91 -34.82 -84.78
N GLU J 246 -33.98 -35.64 -84.31
CA GLU J 246 -33.19 -35.32 -83.12
C GLU J 246 -31.70 -35.48 -83.41
N PRO J 247 -30.87 -34.72 -82.71
CA PRO J 247 -29.42 -34.83 -82.93
C PRO J 247 -28.84 -36.07 -82.25
N GLU J 248 -27.58 -36.34 -82.57
CA GLU J 248 -26.85 -37.47 -82.01
C GLU J 248 -25.50 -37.02 -81.51
N ASP J 249 -25.12 -37.48 -80.33
CA ASP J 249 -23.85 -37.15 -79.70
C ASP J 249 -22.81 -38.20 -80.09
N ALA J 250 -21.56 -37.77 -80.21
CA ALA J 250 -20.50 -38.62 -80.71
C ALA J 250 -19.52 -39.01 -79.62
N LEU J 251 -18.94 -40.20 -79.76
CA LEU J 251 -17.89 -40.69 -78.88
C LEU J 251 -16.71 -41.15 -79.74
N VAL J 252 -15.52 -40.66 -79.41
CA VAL J 252 -14.31 -40.99 -80.16
C VAL J 252 -13.25 -41.47 -79.18
N LEU J 253 -12.65 -42.62 -79.46
CA LEU J 253 -11.57 -43.18 -78.66
C LEU J 253 -10.37 -43.42 -79.56
N PHE J 254 -9.23 -42.82 -79.21
CA PHE J 254 -8.06 -42.88 -80.07
C PHE J 254 -6.80 -42.85 -79.22
N VAL J 255 -5.69 -43.24 -79.84
CA VAL J 255 -4.38 -43.25 -79.21
C VAL J 255 -3.68 -41.93 -79.53
N GLU J 256 -3.11 -41.30 -78.49
CA GLU J 256 -2.53 -39.97 -78.67
C GLU J 256 -1.33 -40.02 -79.61
N ASP J 257 -0.40 -40.95 -79.38
CA ASP J 257 0.81 -41.02 -80.18
C ASP J 257 1.38 -42.43 -80.07
N VAL J 258 2.38 -42.70 -80.91
CA VAL J 258 3.05 -43.99 -80.95
C VAL J 258 4.55 -43.76 -80.80
N ASN J 259 5.19 -44.58 -79.96
CA ASN J 259 6.64 -44.54 -79.82
C ASN J 259 7.31 -44.92 -81.13
N ALA J 260 8.34 -44.16 -81.49
CA ALA J 260 9.00 -44.29 -82.78
C ALA J 260 10.11 -45.35 -82.80
N ALA J 261 10.33 -46.05 -81.69
CA ALA J 261 11.37 -47.08 -81.68
C ALA J 261 10.92 -48.36 -82.37
N VAL J 262 9.61 -48.60 -82.47
CA VAL J 262 9.13 -49.85 -83.05
C VAL J 262 9.45 -49.92 -84.54
N ASP J 263 9.35 -48.79 -85.23
CA ASP J 263 9.68 -48.72 -86.65
C ASP J 263 10.35 -47.38 -86.94
N GLY J 264 11.22 -47.37 -87.95
CA GLY J 264 11.98 -46.18 -88.25
C GLY J 264 11.14 -45.10 -88.90
N SER J 265 10.18 -44.56 -88.14
CA SER J 265 9.23 -43.61 -88.70
C SER J 265 9.91 -42.33 -89.18
N THR J 266 10.90 -41.85 -88.43
CA THR J 266 11.52 -40.55 -88.67
C THR J 266 10.45 -39.45 -88.70
N ASP J 267 9.49 -39.58 -87.79
CA ASP J 267 8.36 -38.66 -87.71
C ASP J 267 7.83 -38.70 -86.29
N GLY J 268 7.08 -37.67 -85.92
CA GLY J 268 6.56 -37.58 -84.57
C GLY J 268 5.39 -38.49 -84.25
N GLY J 269 4.78 -39.10 -85.26
CA GLY J 269 3.63 -39.94 -85.04
C GLY J 269 2.39 -39.13 -84.72
N SER J 270 1.93 -39.22 -83.47
CA SER J 270 0.87 -38.39 -82.92
C SER J 270 -0.49 -38.69 -83.54
N VAL J 271 -0.54 -39.61 -84.51
CA VAL J 271 -1.79 -40.05 -85.13
C VAL J 271 -2.51 -38.88 -85.79
N PHE J 272 -2.98 -37.94 -84.98
CA PHE J 272 -3.65 -36.75 -85.47
C PHE J 272 -2.69 -35.56 -85.46
N SER J 273 -2.92 -34.63 -86.38
CA SER J 273 -2.12 -33.41 -86.47
C SER J 273 -2.97 -32.27 -86.99
N GLN J 274 -2.70 -31.07 -86.51
CA GLN J 274 -3.35 -29.86 -86.98
C GLN J 274 -2.33 -29.04 -87.76
N LEU J 275 -2.64 -28.78 -89.03
CA LEU J 275 -1.72 -28.08 -89.93
C LEU J 275 -2.08 -26.60 -89.90
N VAL J 276 -1.29 -25.82 -89.18
CA VAL J 276 -1.50 -24.39 -89.03
C VAL J 276 -0.32 -23.66 -89.66
N GLN J 277 -0.59 -22.87 -90.70
CA GLN J 277 0.47 -22.11 -91.34
C GLN J 277 0.91 -20.93 -90.47
N SER J 278 -0.05 -20.22 -89.88
CA SER J 278 0.26 -19.10 -89.01
C SER J 278 -0.95 -18.79 -88.14
N LYS J 279 -0.68 -18.27 -86.94
CA LYS J 279 -1.73 -17.88 -86.02
C LYS J 279 -2.20 -16.45 -86.23
N PHE J 280 -1.26 -15.52 -86.40
CA PHE J 280 -1.60 -14.10 -86.44
C PHE J 280 -0.48 -13.29 -87.09
N ILE J 281 -0.76 -12.68 -88.23
CA ILE J 281 0.21 -11.83 -88.92
C ILE J 281 -0.49 -10.54 -89.34
N THR J 282 0.30 -9.46 -89.41
CA THR J 282 -0.20 -8.17 -89.88
C THR J 282 0.16 -7.99 -91.34
N LEU J 283 -0.74 -7.38 -92.11
CA LEU J 283 -0.54 -7.21 -93.53
C LEU J 283 0.06 -5.84 -93.87
N GLY J 284 -0.64 -4.78 -93.48
CA GLY J 284 -0.16 -3.44 -93.78
C GLY J 284 -0.92 -2.40 -92.99
N VAL J 285 -0.40 -1.17 -93.05
CA VAL J 285 -0.98 -0.03 -92.34
C VAL J 285 -1.29 1.05 -93.36
N GLU J 286 -2.53 1.56 -93.31
CA GLU J 286 -2.95 2.66 -94.16
C GLU J 286 -3.38 3.82 -93.26
N LYS J 287 -2.76 4.98 -93.47
CA LYS J 287 -3.04 6.16 -92.66
C LYS J 287 -3.72 7.21 -93.52
N ARG J 288 -4.81 7.76 -93.00
CA ARG J 288 -5.60 8.76 -93.72
C ARG J 288 -5.60 10.07 -92.92
N ALA J 289 -6.39 11.04 -93.41
CA ALA J 289 -6.39 12.36 -92.80
C ALA J 289 -6.92 12.33 -91.37
N LYS J 290 -7.98 11.56 -91.12
CA LYS J 290 -8.63 11.55 -89.82
C LYS J 290 -8.73 10.17 -89.19
N SER J 291 -8.13 9.14 -89.80
CA SER J 291 -8.23 7.80 -89.26
C SER J 291 -7.13 6.94 -89.89
N TYR J 292 -7.05 5.70 -89.42
CA TYR J 292 -6.12 4.71 -89.98
C TYR J 292 -6.74 3.33 -89.85
N VAL J 293 -6.27 2.41 -90.69
CA VAL J 293 -6.85 1.08 -90.82
C VAL J 293 -5.75 0.05 -90.66
N GLU J 294 -6.04 -1.00 -89.88
CA GLU J 294 -5.14 -2.13 -89.69
C GLU J 294 -5.77 -3.37 -90.29
N ASP J 295 -4.92 -4.29 -90.77
CA ASP J 295 -5.38 -5.53 -91.38
C ASP J 295 -4.56 -6.69 -90.85
N PHE J 296 -5.24 -7.83 -90.65
CA PHE J 296 -4.60 -9.01 -90.12
C PHE J 296 -5.17 -10.25 -90.81
N SER J 297 -4.42 -11.35 -90.73
CA SER J 297 -4.81 -12.57 -91.41
C SER J 297 -4.15 -13.76 -90.73
N ASN J 298 -4.64 -14.95 -91.07
CA ASN J 298 -4.09 -16.20 -90.55
C ASN J 298 -4.37 -17.30 -91.56
N GLY J 299 -3.70 -18.43 -91.39
CA GLY J 299 -3.85 -19.55 -92.30
C GLY J 299 -3.87 -20.88 -91.57
N THR J 300 -4.62 -21.82 -92.12
CA THR J 300 -4.73 -23.16 -91.55
C THR J 300 -5.14 -24.12 -92.65
N ALA J 301 -4.94 -25.41 -92.38
CA ALA J 301 -5.24 -26.46 -93.35
C ALA J 301 -6.15 -27.56 -92.81
N GLY J 302 -6.55 -27.49 -91.54
CA GLY J 302 -7.44 -28.49 -90.98
C GLY J 302 -6.71 -29.55 -90.19
N ALA J 303 -7.39 -30.68 -90.03
CA ALA J 303 -6.88 -31.82 -89.28
C ALA J 303 -6.57 -32.98 -90.22
N LEU J 304 -5.49 -33.69 -89.93
CA LEU J 304 -5.04 -34.82 -90.75
C LEU J 304 -4.90 -36.06 -89.88
N CYS J 305 -5.47 -37.16 -90.33
CA CYS J 305 -5.36 -38.45 -89.65
C CYS J 305 -4.31 -39.28 -90.37
N LYS J 306 -3.23 -39.62 -89.68
CA LYS J 306 -2.12 -40.34 -90.30
C LYS J 306 -2.13 -41.83 -89.99
N ARG J 307 -2.76 -42.23 -88.89
CA ARG J 307 -2.83 -43.64 -88.49
C ARG J 307 -4.29 -43.98 -88.18
N PRO J 308 -5.11 -44.21 -89.22
CA PRO J 308 -6.54 -44.47 -88.98
C PRO J 308 -6.84 -45.83 -88.38
N TRP J 309 -5.83 -46.64 -88.04
CA TRP J 309 -6.07 -47.93 -87.42
C TRP J 309 -6.20 -47.84 -85.91
N ALA J 310 -6.07 -46.66 -85.32
CA ALA J 310 -6.11 -46.49 -83.88
C ALA J 310 -7.27 -45.58 -83.44
N VAL J 311 -8.36 -45.58 -84.20
CA VAL J 311 -9.51 -44.75 -83.90
C VAL J 311 -10.77 -45.61 -83.90
N VAL J 312 -11.57 -45.48 -82.84
CA VAL J 312 -12.88 -46.11 -82.75
C VAL J 312 -13.90 -45.01 -82.45
N ARG J 313 -14.95 -44.96 -83.25
CA ARG J 313 -15.93 -43.88 -83.18
C ARG J 313 -17.34 -44.44 -83.14
N TYR J 314 -18.22 -43.76 -82.41
CA TYR J 314 -19.63 -44.14 -82.31
C TYR J 314 -20.49 -42.95 -82.71
N LEU J 315 -21.49 -43.19 -83.57
CA LEU J 315 -22.39 -42.13 -83.99
C LEU J 315 -23.48 -41.87 -82.96
N GLY J 316 -24.20 -42.91 -82.56
CA GLY J 316 -25.06 -42.80 -81.41
C GLY J 316 -24.26 -42.70 -80.13
N ILE J 317 -24.88 -42.13 -79.11
CA ILE J 317 -24.23 -41.96 -77.81
C ILE J 317 -22.95 -41.15 -77.92
N ASN K 1 -2.63 -24.39 34.53
CA ASN K 1 -1.30 -24.07 34.00
C ASN K 1 -1.39 -23.49 32.60
N PHE K 2 -0.24 -23.46 31.91
CA PHE K 2 -0.10 -23.04 30.52
C PHE K 2 -0.39 -21.57 30.31
N THR K 3 -0.62 -20.79 31.37
CA THR K 3 -0.87 -19.36 31.29
C THR K 3 -1.94 -19.02 30.26
N ALA K 4 -1.75 -17.93 29.54
CA ALA K 4 -2.68 -17.50 28.50
C ALA K 4 -1.90 -17.19 27.23
N PRO K 5 -2.48 -17.44 26.06
CA PRO K 5 -1.75 -17.24 24.81
C PRO K 5 -1.79 -15.83 24.27
N VAL K 6 -2.48 -14.90 24.93
CA VAL K 6 -2.59 -13.50 24.52
C VAL K 6 -3.36 -13.40 23.21
N THR K 7 -2.84 -14.02 22.16
CA THR K 7 -3.49 -14.05 20.85
C THR K 7 -4.30 -15.32 20.69
N THR K 8 -5.31 -15.26 19.83
CA THR K 8 -6.16 -16.41 19.57
C THR K 8 -5.43 -17.39 18.66
N PRO K 9 -5.22 -18.64 19.07
CA PRO K 9 -4.56 -19.60 18.18
C PRO K 9 -5.39 -19.89 16.95
N SER K 10 -4.71 -20.05 15.82
CA SER K 10 -5.38 -20.32 14.55
C SER K 10 -4.34 -20.80 13.54
N ILE K 11 -4.83 -21.16 12.37
CA ILE K 11 -3.93 -21.55 11.27
C ILE K 11 -3.20 -20.30 10.76
N PRO K 12 -1.87 -20.33 10.68
CA PRO K 12 -1.13 -19.09 10.39
C PRO K 12 -1.25 -18.58 8.96
N THR K 13 -1.17 -19.47 7.99
CA THR K 13 -1.07 -19.02 6.60
C THR K 13 -2.46 -18.84 5.99
N PRO K 14 -2.78 -17.67 5.46
CA PRO K 14 -4.06 -17.49 4.78
C PRO K 14 -4.10 -18.26 3.46
N ILE K 15 -5.30 -18.33 2.89
CA ILE K 15 -5.48 -19.06 1.63
C ILE K 15 -4.68 -18.41 0.51
N GLN K 16 -4.68 -17.08 0.46
CA GLN K 16 -3.83 -16.38 -0.48
C GLN K 16 -2.36 -16.58 -0.09
N PHE K 17 -1.47 -16.19 -1.02
CA PHE K 17 -0.03 -16.45 -0.95
C PHE K 17 0.25 -17.93 -1.22
N LEU K 18 -0.82 -18.72 -1.36
CA LEU K 18 -0.72 -20.13 -1.72
C LEU K 18 -1.46 -20.44 -3.00
N GLN K 19 -1.82 -19.41 -3.76
CA GLN K 19 -2.52 -19.55 -5.03
C GLN K 19 -1.65 -19.01 -6.15
N THR K 20 -1.53 -19.80 -7.21
CA THR K 20 -0.87 -19.37 -8.43
C THR K 20 -1.91 -19.20 -9.53
N TRP K 21 -1.84 -18.07 -10.23
CA TRP K 21 -2.84 -17.70 -11.21
C TRP K 21 -2.28 -17.93 -12.61
N LEU K 22 -3.05 -18.62 -13.45
CA LEU K 22 -2.58 -18.95 -14.79
C LEU K 22 -2.36 -17.68 -15.60
N PRO K 23 -1.26 -17.60 -16.36
CA PRO K 23 -0.92 -16.33 -17.03
C PRO K 23 -1.95 -15.87 -18.05
N GLY K 24 -2.76 -16.77 -18.59
CA GLY K 24 -3.69 -16.45 -19.64
C GLY K 24 -5.12 -16.28 -19.14
N PHE K 25 -5.98 -15.85 -20.07
CA PHE K 25 -7.41 -15.69 -19.83
C PHE K 25 -8.19 -16.39 -20.94
N VAL K 26 -9.41 -16.81 -20.61
CA VAL K 26 -10.29 -17.39 -21.61
C VAL K 26 -11.23 -16.32 -22.13
N LYS K 27 -11.57 -16.40 -23.41
CA LYS K 27 -12.53 -15.51 -24.04
C LYS K 27 -13.61 -16.34 -24.72
N VAL K 28 -14.80 -15.74 -24.84
CA VAL K 28 -15.92 -16.45 -25.46
C VAL K 28 -15.77 -16.41 -26.98
N MET K 29 -16.36 -17.43 -27.63
CA MET K 29 -16.10 -17.70 -29.05
C MET K 29 -16.87 -16.79 -30.00
N THR K 30 -18.21 -16.82 -29.90
CA THR K 30 -19.25 -16.28 -30.79
C THR K 30 -19.18 -16.99 -32.14
N ALA K 31 -20.15 -16.75 -32.99
CA ALA K 31 -20.32 -17.53 -34.21
C ALA K 31 -19.14 -17.31 -35.17
N ALA K 32 -18.95 -18.30 -36.04
CA ALA K 32 -17.85 -18.25 -37.00
C ALA K 32 -18.10 -17.21 -38.08
N ARG K 33 -17.01 -16.66 -38.61
CA ARG K 33 -17.05 -15.66 -39.67
C ARG K 33 -16.35 -16.26 -40.88
N LYS K 34 -17.14 -16.68 -41.88
CA LYS K 34 -16.64 -17.48 -42.99
C LYS K 34 -16.83 -16.80 -44.34
N ILE K 35 -17.15 -15.50 -44.35
CA ILE K 35 -17.35 -14.81 -45.63
C ILE K 35 -16.02 -14.68 -46.37
N ASP K 36 -14.93 -14.45 -45.66
CA ASP K 36 -13.63 -14.26 -46.30
C ASP K 36 -13.15 -15.55 -46.96
N GLU K 37 -13.34 -16.69 -46.29
CA GLU K 37 -12.86 -17.95 -46.84
C GLU K 37 -13.60 -18.31 -48.12
N ILE K 38 -14.92 -18.11 -48.16
CA ILE K 38 -15.71 -18.50 -49.31
C ILE K 38 -15.42 -17.61 -50.51
N ILE K 39 -15.38 -16.29 -50.27
CA ILE K 39 -15.32 -15.32 -51.35
C ILE K 39 -13.95 -14.67 -51.46
N GLY K 40 -13.38 -14.22 -50.34
CA GLY K 40 -12.18 -13.42 -50.36
C GLY K 40 -12.47 -11.96 -50.09
N ILE K 41 -11.40 -11.17 -50.02
CA ILE K 41 -11.48 -9.76 -49.69
C ILE K 41 -10.68 -8.95 -50.70
N ASP K 42 -11.26 -7.85 -51.17
CA ASP K 42 -10.60 -6.95 -52.10
C ASP K 42 -10.64 -5.55 -51.51
N THR K 43 -9.46 -4.93 -51.39
CA THR K 43 -9.34 -3.56 -50.89
C THR K 43 -9.07 -2.66 -52.09
N VAL K 44 -10.12 -2.00 -52.59
CA VAL K 44 -10.06 -1.21 -53.81
C VAL K 44 -10.41 0.26 -53.56
N GLY K 45 -11.43 0.50 -52.74
CA GLY K 45 -11.90 1.85 -52.51
C GLY K 45 -11.13 2.56 -51.43
N SER K 46 -11.61 3.77 -51.11
CA SER K 46 -11.06 4.57 -50.03
C SER K 46 -12.20 5.03 -49.14
N TRP K 47 -11.85 5.46 -47.93
CA TRP K 47 -12.86 5.92 -46.98
C TRP K 47 -13.50 7.21 -47.51
N GLU K 48 -14.53 7.66 -46.81
CA GLU K 48 -15.31 8.85 -47.11
C GLU K 48 -15.78 8.90 -48.57
N ASP K 49 -15.77 7.77 -49.25
CA ASP K 49 -16.28 7.70 -50.62
C ASP K 49 -17.76 7.34 -50.58
N GLN K 50 -18.37 7.17 -51.75
CA GLN K 50 -19.79 6.88 -51.79
C GLN K 50 -20.14 5.66 -52.64
N GLU K 51 -19.46 5.45 -53.76
CA GLU K 51 -19.91 4.44 -54.71
C GLU K 51 -18.71 3.73 -55.34
N ILE K 52 -18.99 2.54 -55.88
CA ILE K 52 -18.01 1.71 -56.58
C ILE K 52 -18.56 1.39 -57.95
N VAL K 53 -17.73 1.50 -58.99
CA VAL K 53 -18.16 1.33 -60.37
C VAL K 53 -17.32 0.24 -61.05
N GLN K 54 -18.00 -0.60 -61.83
CA GLN K 54 -17.36 -1.66 -62.60
C GLN K 54 -18.00 -1.73 -63.98
N GLY K 55 -17.21 -2.13 -64.99
CA GLY K 55 -17.65 -2.09 -66.36
C GLY K 55 -17.40 -3.39 -67.09
N ILE K 56 -18.04 -3.50 -68.27
CA ILE K 56 -17.92 -4.65 -69.17
C ILE K 56 -17.69 -4.08 -70.57
N VAL K 57 -17.13 -4.93 -71.45
CA VAL K 57 -16.64 -4.46 -72.75
C VAL K 57 -17.49 -4.97 -73.91
N GLU K 58 -17.81 -6.27 -73.95
CA GLU K 58 -18.59 -6.87 -75.03
C GLU K 58 -17.97 -6.58 -76.40
N PRO K 59 -16.89 -7.26 -76.77
CA PRO K 59 -16.33 -7.09 -78.12
C PRO K 59 -17.16 -7.82 -79.16
N ALA K 60 -16.90 -7.48 -80.42
CA ALA K 60 -17.62 -8.06 -81.55
C ALA K 60 -16.75 -8.06 -82.79
N GLY K 61 -16.96 -9.05 -83.65
CA GLY K 61 -16.22 -9.15 -84.90
C GLY K 61 -16.16 -10.57 -85.46
N THR K 62 -16.06 -10.70 -86.78
CA THR K 62 -16.01 -12.01 -87.42
C THR K 62 -15.19 -11.94 -88.70
N ALA K 63 -14.66 -13.08 -89.11
CA ALA K 63 -13.81 -13.18 -90.30
C ALA K 63 -14.67 -13.29 -91.56
N VAL K 64 -14.04 -13.03 -92.71
CA VAL K 64 -14.75 -12.98 -93.97
C VAL K 64 -14.00 -13.77 -95.04
N GLU K 65 -12.84 -14.33 -94.67
CA GLU K 65 -11.92 -15.03 -95.57
C GLU K 65 -11.17 -14.03 -96.45
N TYR K 66 -9.93 -14.35 -96.80
CA TYR K 66 -9.00 -13.40 -97.38
C TYR K 66 -9.09 -13.36 -98.90
N GLY K 67 -8.79 -12.19 -99.45
CA GLY K 67 -8.68 -11.99 -100.88
C GLY K 67 -8.26 -10.57 -101.21
N ASP K 68 -7.46 -10.40 -102.27
CA ASP K 68 -7.05 -9.07 -102.67
C ASP K 68 -8.22 -8.32 -103.29
N HIS K 69 -8.32 -7.02 -102.99
CA HIS K 69 -9.37 -6.14 -103.48
C HIS K 69 -10.77 -6.59 -103.04
N THR K 70 -10.88 -7.27 -101.91
CA THR K 70 -12.16 -7.83 -101.46
C THR K 70 -12.56 -7.30 -100.08
N ASN K 71 -12.41 -5.99 -99.87
CA ASN K 71 -12.92 -5.30 -98.69
C ASN K 71 -12.23 -5.74 -97.41
N ILE K 72 -12.43 -4.98 -96.32
CA ILE K 72 -11.83 -5.29 -95.03
C ILE K 72 -12.92 -5.25 -93.97
N PRO K 73 -13.19 -6.35 -93.27
CA PRO K 73 -14.15 -6.31 -92.16
C PRO K 73 -13.57 -5.59 -90.95
N LEU K 74 -14.46 -5.10 -90.09
CA LEU K 74 -14.07 -4.29 -88.96
C LEU K 74 -14.72 -4.82 -87.68
N THR K 75 -14.12 -4.45 -86.55
CA THR K 75 -14.56 -4.87 -85.22
C THR K 75 -14.99 -3.64 -84.41
N SER K 76 -15.60 -3.90 -83.26
CA SER K 76 -16.13 -2.84 -82.41
C SER K 76 -16.38 -3.40 -81.01
N TRP K 77 -17.01 -2.59 -80.15
CA TRP K 77 -17.31 -2.97 -78.78
C TRP K 77 -18.39 -2.05 -78.24
N ASN K 78 -18.90 -2.40 -77.06
CA ASN K 78 -20.01 -1.66 -76.45
C ASN K 78 -20.00 -1.90 -74.95
N ALA K 79 -19.80 -0.84 -74.17
CA ALA K 79 -19.55 -0.94 -72.74
C ALA K 79 -20.80 -0.65 -71.91
N ASN K 80 -20.81 -1.19 -70.69
CA ASN K 80 -21.87 -0.97 -69.72
C ASN K 80 -21.24 -0.81 -68.34
N PHE K 81 -22.01 -0.27 -67.40
CA PHE K 81 -21.49 0.04 -66.08
C PHE K 81 -22.49 -0.35 -64.99
N GLU K 82 -21.97 -0.52 -63.77
CA GLU K 82 -22.75 -0.89 -62.60
C GLU K 82 -22.18 -0.21 -61.37
N ARG K 83 -23.06 0.18 -60.45
CA ARG K 83 -22.67 0.94 -59.27
C ARG K 83 -23.25 0.32 -58.01
N ARG K 84 -22.54 0.54 -56.89
CA ARG K 84 -22.97 0.08 -55.57
C ARG K 84 -22.68 1.17 -54.55
N THR K 85 -23.16 0.96 -53.32
CA THR K 85 -23.08 1.95 -52.27
C THR K 85 -22.17 1.48 -51.14
N ILE K 86 -21.51 2.44 -50.48
CA ILE K 86 -20.56 2.19 -49.41
C ILE K 86 -21.22 2.46 -48.07
N VAL K 87 -21.00 1.56 -47.11
CA VAL K 87 -21.56 1.67 -45.76
C VAL K 87 -20.40 1.65 -44.76
N ARG K 88 -20.47 2.52 -43.76
CA ARG K 88 -19.45 2.62 -42.73
C ARG K 88 -20.07 2.61 -41.35
N GLY K 89 -19.35 2.02 -40.39
CA GLY K 89 -19.79 1.99 -39.02
C GLY K 89 -18.68 2.41 -38.09
N GLU K 90 -19.05 2.69 -36.84
CA GLU K 90 -18.11 3.18 -35.85
C GLU K 90 -18.32 2.49 -34.51
N LEU K 91 -17.26 2.49 -33.71
CA LEU K 91 -17.27 1.92 -32.36
C LEU K 91 -16.11 2.51 -31.57
N GLY K 92 -16.36 2.79 -30.29
CA GLY K 92 -15.34 3.40 -29.46
C GLY K 92 -15.24 2.84 -28.06
N MET K 93 -14.48 3.51 -27.19
CA MET K 93 -14.29 3.04 -25.83
C MET K 93 -14.02 4.23 -24.92
N MET K 94 -14.21 4.02 -23.62
CA MET K 94 -13.94 5.03 -22.61
C MET K 94 -13.26 4.37 -21.41
N VAL K 95 -12.12 4.91 -21.01
CA VAL K 95 -11.32 4.35 -19.92
C VAL K 95 -11.05 5.45 -18.90
N GLY K 96 -11.25 5.15 -17.62
CA GLY K 96 -10.95 6.07 -16.55
C GLY K 96 -9.65 5.73 -15.85
N THR K 97 -9.08 6.74 -15.18
CA THR K 97 -7.78 6.57 -14.53
C THR K 97 -7.87 5.55 -13.40
N LEU K 98 -8.90 5.66 -12.56
CA LEU K 98 -9.06 4.70 -11.46
C LEU K 98 -9.44 3.33 -11.97
N GLU K 99 -10.23 3.26 -13.05
CA GLU K 99 -10.58 1.98 -13.64
C GLU K 99 -9.34 1.27 -14.20
N GLU K 100 -8.43 2.03 -14.80
CA GLU K 100 -7.24 1.43 -15.42
C GLU K 100 -6.36 0.74 -14.39
N GLY K 101 -6.15 1.38 -13.24
CA GLY K 101 -5.28 0.79 -12.23
C GLY K 101 -5.87 -0.46 -11.60
N ARG K 102 -7.19 -0.49 -11.40
CA ARG K 102 -7.83 -1.66 -10.81
C ARG K 102 -7.66 -2.88 -11.72
N ALA K 103 -7.77 -2.69 -13.03
CA ALA K 103 -7.62 -3.80 -13.95
C ALA K 103 -6.19 -4.33 -13.97
N SER K 104 -5.20 -3.44 -13.80
CA SER K 104 -3.80 -3.87 -13.86
C SER K 104 -3.42 -4.78 -12.69
N ALA K 105 -4.21 -4.79 -11.61
CA ALA K 105 -3.91 -5.65 -10.49
C ALA K 105 -4.00 -7.12 -10.87
N ILE K 106 -4.98 -7.47 -11.69
CA ILE K 106 -5.20 -8.86 -12.10
C ILE K 106 -4.54 -9.12 -13.44
N ARG K 107 -3.58 -8.26 -13.81
CA ARG K 107 -2.80 -8.41 -15.03
C ARG K 107 -3.70 -8.35 -16.27
N LEU K 108 -4.69 -7.47 -16.25
CA LEU K 108 -5.59 -7.26 -17.37
C LEU K 108 -5.48 -5.82 -17.82
N ASN K 109 -5.23 -5.62 -19.12
CA ASN K 109 -5.13 -4.28 -19.70
C ASN K 109 -6.52 -3.87 -20.16
N SER K 110 -7.14 -2.96 -19.40
CA SER K 110 -8.51 -2.55 -19.72
C SER K 110 -8.59 -1.85 -21.06
N ALA K 111 -7.62 -1.00 -21.37
CA ALA K 111 -7.64 -0.29 -22.65
C ALA K 111 -7.37 -1.22 -23.82
N GLU K 112 -6.57 -2.26 -23.62
CA GLU K 112 -6.23 -3.16 -24.73
C GLU K 112 -7.41 -4.08 -25.06
N THR K 113 -8.10 -4.59 -24.04
CA THR K 113 -9.23 -5.48 -24.31
C THR K 113 -10.38 -4.74 -24.96
N LYS K 114 -10.62 -3.50 -24.54
CA LYS K 114 -11.68 -2.70 -25.18
C LYS K 114 -11.32 -2.36 -26.62
N ARG K 115 -10.04 -2.18 -26.91
CA ARG K 115 -9.62 -1.95 -28.29
C ARG K 115 -9.82 -3.20 -29.15
N GLN K 116 -9.51 -4.37 -28.59
CA GLN K 116 -9.67 -5.61 -29.35
C GLN K 116 -11.13 -5.88 -29.66
N GLN K 117 -12.02 -5.60 -28.71
CA GLN K 117 -13.46 -5.84 -28.94
C GLN K 117 -13.99 -4.95 -30.05
N ALA K 118 -13.52 -3.69 -30.11
CA ALA K 118 -13.97 -2.79 -31.17
C ALA K 118 -13.61 -3.32 -32.55
N ALA K 119 -12.39 -3.87 -32.69
CA ALA K 119 -12.01 -4.46 -33.96
C ALA K 119 -12.86 -5.69 -34.28
N ILE K 120 -13.11 -6.54 -33.27
CA ILE K 120 -13.93 -7.72 -33.50
C ILE K 120 -15.38 -7.33 -33.78
N GLY K 121 -15.90 -6.35 -33.05
CA GLY K 121 -17.27 -5.93 -33.28
C GLY K 121 -17.50 -5.37 -34.66
N LEU K 122 -16.49 -4.72 -35.24
CA LEU K 122 -16.62 -4.21 -36.60
C LEU K 122 -16.56 -5.33 -37.63
N GLU K 123 -15.80 -6.40 -37.34
CA GLU K 123 -15.74 -7.53 -38.27
C GLU K 123 -17.06 -8.28 -38.32
N THR K 124 -17.77 -8.37 -37.19
CA THR K 124 -19.11 -8.95 -37.21
C THR K 124 -20.05 -8.13 -38.07
N PHE K 125 -19.94 -6.80 -37.99
CA PHE K 125 -20.71 -5.93 -38.87
C PHE K 125 -20.33 -6.14 -40.33
N ARG K 126 -19.03 -6.30 -40.60
CA ARG K 126 -18.58 -6.50 -41.98
C ARG K 126 -19.04 -7.86 -42.51
N ASN K 127 -19.04 -8.88 -41.66
CA ASN K 127 -19.47 -10.22 -42.09
C ASN K 127 -20.92 -10.21 -42.54
N ALA K 128 -21.81 -9.68 -41.70
CA ALA K 128 -23.24 -9.76 -41.99
C ALA K 128 -23.61 -8.99 -43.25
N ILE K 129 -22.89 -7.90 -43.54
CA ILE K 129 -23.15 -7.16 -44.77
C ILE K 129 -22.77 -8.00 -45.99
N GLY K 130 -21.71 -8.80 -45.88
CA GLY K 130 -21.32 -9.64 -47.00
C GLY K 130 -22.36 -10.71 -47.32
N PHE K 131 -22.97 -11.29 -46.29
CA PHE K 131 -23.96 -12.35 -46.51
C PHE K 131 -25.32 -11.76 -46.85
N TYR K 132 -25.79 -10.80 -46.07
CA TYR K 132 -27.06 -10.12 -46.30
C TYR K 132 -26.81 -8.65 -46.61
N GLY K 133 -27.48 -8.13 -47.62
CA GLY K 133 -27.34 -6.73 -47.96
C GLY K 133 -27.84 -5.82 -46.84
N TRP K 134 -27.27 -4.62 -46.79
CA TRP K 134 -27.62 -3.64 -45.77
C TRP K 134 -28.75 -2.78 -46.30
N GLN K 135 -29.94 -2.93 -45.72
CA GLN K 135 -31.12 -2.13 -46.08
C GLN K 135 -31.45 -2.24 -47.57
N SER K 136 -31.34 -3.45 -48.11
CA SER K 136 -31.64 -3.68 -49.51
C SER K 136 -33.12 -3.41 -49.80
N GLY K 137 -34.00 -3.83 -48.89
CA GLY K 137 -35.42 -3.62 -49.10
C GLY K 137 -35.84 -2.16 -49.08
N LEU K 138 -35.19 -1.36 -48.23
CA LEU K 138 -35.55 0.05 -48.13
C LEU K 138 -35.21 0.82 -49.39
N GLY K 139 -34.14 0.45 -50.08
CA GLY K 139 -33.74 1.15 -51.29
C GLY K 139 -32.24 1.30 -51.43
N ASN K 140 -31.51 1.02 -50.36
CA ASN K 140 -30.06 1.09 -50.40
C ASN K 140 -29.50 0.02 -51.33
N ARG K 141 -28.56 0.42 -52.18
CA ARG K 141 -27.96 -0.48 -53.17
C ARG K 141 -26.64 -1.01 -52.63
N THR K 142 -26.75 -1.96 -51.70
CA THR K 142 -25.58 -2.65 -51.15
C THR K 142 -25.55 -4.12 -51.51
N TYR K 143 -26.61 -4.87 -51.18
CA TYR K 143 -26.77 -6.27 -51.56
C TYR K 143 -25.68 -7.15 -50.96
N GLY K 144 -25.81 -8.46 -51.14
CA GLY K 144 -24.87 -9.39 -50.54
C GLY K 144 -24.73 -10.69 -51.31
N PHE K 145 -24.18 -11.70 -50.64
CA PHE K 145 -23.94 -12.99 -51.30
C PHE K 145 -25.24 -13.70 -51.66
N LEU K 146 -26.29 -13.51 -50.87
CA LEU K 146 -27.53 -14.27 -51.05
C LEU K 146 -28.63 -13.49 -51.77
N ASN K 147 -28.50 -12.16 -51.89
CA ASN K 147 -29.57 -11.36 -52.46
C ASN K 147 -29.06 -10.40 -53.54
N ASP K 148 -28.02 -10.80 -54.26
CA ASP K 148 -27.53 -9.97 -55.36
C ASP K 148 -28.57 -9.95 -56.49
N PRO K 149 -28.93 -8.77 -57.01
CA PRO K 149 -29.96 -8.73 -58.05
C PRO K 149 -29.57 -9.45 -59.33
N ASN K 150 -28.30 -9.44 -59.70
CA ASN K 150 -27.85 -10.09 -60.94
C ASN K 150 -27.49 -11.55 -60.69
N LEU K 151 -28.50 -12.33 -60.33
CA LEU K 151 -28.32 -13.75 -60.07
C LEU K 151 -29.44 -14.54 -60.73
N PRO K 152 -29.17 -15.81 -61.09
CA PRO K 152 -30.18 -16.59 -61.82
C PRO K 152 -31.39 -16.99 -60.99
N ALA K 153 -31.52 -16.50 -59.76
CA ALA K 153 -32.67 -16.74 -58.90
C ALA K 153 -32.70 -18.19 -58.40
N PHE K 154 -33.34 -18.40 -57.25
CA PHE K 154 -33.36 -19.72 -56.63
C PHE K 154 -34.25 -20.68 -57.40
N GLN K 155 -34.01 -21.97 -57.21
CA GLN K 155 -34.78 -23.03 -57.85
C GLN K 155 -35.13 -24.11 -56.84
N THR K 156 -36.21 -24.82 -57.12
CA THR K 156 -36.61 -25.95 -56.27
C THR K 156 -35.86 -27.21 -56.71
N PRO K 157 -35.18 -27.90 -55.80
CA PRO K 157 -34.43 -29.09 -56.17
C PRO K 157 -35.36 -30.21 -56.62
N PRO K 158 -34.87 -31.13 -57.45
CA PRO K 158 -35.75 -32.24 -57.90
C PRO K 158 -36.34 -33.04 -56.76
N SER K 159 -35.57 -33.27 -55.71
CA SER K 159 -36.11 -33.85 -54.48
C SER K 159 -36.69 -32.74 -53.62
N GLN K 160 -37.90 -32.97 -53.11
CA GLN K 160 -38.59 -31.93 -52.35
C GLN K 160 -37.84 -31.60 -51.07
N GLY K 161 -37.26 -32.60 -50.42
CA GLY K 161 -36.50 -32.36 -49.21
C GLY K 161 -35.43 -33.40 -48.96
N TRP K 162 -34.23 -32.96 -48.58
CA TRP K 162 -33.19 -33.90 -48.21
C TRP K 162 -33.58 -34.69 -46.97
N SER K 163 -34.29 -34.07 -46.04
CA SER K 163 -34.90 -34.81 -44.95
C SER K 163 -35.95 -35.77 -45.51
N THR K 164 -36.01 -36.96 -44.94
CA THR K 164 -36.86 -38.05 -45.41
C THR K 164 -36.56 -38.46 -46.85
N ALA K 165 -35.32 -38.28 -47.29
CA ALA K 165 -34.88 -38.68 -48.62
C ALA K 165 -33.80 -39.74 -48.51
N ASP K 166 -33.74 -40.61 -49.52
CA ASP K 166 -32.80 -41.71 -49.53
C ASP K 166 -31.45 -41.23 -50.09
N TRP K 167 -30.50 -42.16 -50.20
CA TRP K 167 -29.18 -41.82 -50.72
C TRP K 167 -29.25 -41.41 -52.19
N ALA K 168 -30.09 -42.10 -52.98
CA ALA K 168 -30.18 -41.80 -54.40
C ALA K 168 -30.71 -40.40 -54.66
N GLY K 169 -31.70 -39.97 -53.86
CA GLY K 169 -32.28 -38.66 -54.07
C GLY K 169 -31.31 -37.53 -53.79
N ILE K 170 -30.47 -37.69 -52.77
CA ILE K 170 -29.53 -36.62 -52.39
C ILE K 170 -28.52 -36.38 -53.48
N ILE K 171 -27.92 -37.46 -54.02
CA ILE K 171 -26.93 -37.30 -55.06
C ILE K 171 -27.55 -36.90 -56.39
N GLY K 172 -28.86 -37.08 -56.54
CA GLY K 172 -29.53 -36.63 -57.75
C GLY K 172 -29.54 -35.12 -57.88
N ASP K 173 -29.73 -34.42 -56.76
CA ASP K 173 -29.72 -32.97 -56.78
C ASP K 173 -28.36 -32.42 -57.16
N ILE K 174 -27.29 -33.03 -56.64
CA ILE K 174 -25.94 -32.55 -56.93
C ILE K 174 -25.59 -32.80 -58.40
N ARG K 175 -26.01 -33.94 -58.94
CA ARG K 175 -25.72 -34.24 -60.35
C ARG K 175 -26.39 -33.26 -61.29
N GLU K 176 -27.65 -32.90 -61.00
CA GLU K 176 -28.36 -31.96 -61.86
C GLU K 176 -27.75 -30.57 -61.79
N ALA K 177 -27.31 -30.14 -60.59
CA ALA K 177 -26.68 -28.84 -60.47
C ALA K 177 -25.39 -28.75 -61.27
N VAL K 178 -24.59 -29.81 -61.23
CA VAL K 178 -23.35 -29.84 -62.02
C VAL K 178 -23.68 -29.88 -63.51
N ARG K 179 -24.69 -30.66 -63.90
CA ARG K 179 -25.07 -30.73 -65.30
C ARG K 179 -25.57 -29.38 -65.81
N GLN K 180 -26.37 -28.68 -64.99
CA GLN K 180 -26.87 -27.37 -65.40
C GLN K 180 -25.76 -26.34 -65.50
N LEU K 181 -24.78 -26.41 -64.60
CA LEU K 181 -23.66 -25.47 -64.66
C LEU K 181 -22.85 -25.65 -65.93
N ARG K 182 -22.67 -26.89 -66.38
CA ARG K 182 -21.96 -27.16 -67.61
C ARG K 182 -22.77 -26.80 -68.85
N ILE K 183 -24.05 -26.44 -68.68
CA ILE K 183 -24.86 -25.94 -69.78
C ILE K 183 -24.83 -24.42 -69.86
N GLN K 184 -24.88 -23.75 -68.71
CA GLN K 184 -24.79 -22.29 -68.70
C GLN K 184 -23.45 -21.82 -69.26
N SER K 185 -22.36 -22.36 -68.75
CA SER K 185 -21.05 -22.17 -69.35
C SER K 185 -20.77 -23.35 -70.26
N GLN K 186 -20.34 -23.06 -71.49
CA GLN K 186 -20.29 -24.09 -72.53
C GLN K 186 -19.47 -25.30 -72.09
N ASP K 187 -18.15 -25.12 -71.94
CA ASP K 187 -17.34 -26.17 -71.35
C ASP K 187 -16.27 -25.55 -70.44
N GLN K 188 -16.65 -24.56 -69.64
CA GLN K 188 -15.73 -23.88 -68.76
C GLN K 188 -15.65 -24.52 -67.37
N ILE K 189 -16.14 -25.75 -67.24
CA ILE K 189 -16.18 -26.41 -65.93
C ILE K 189 -14.78 -26.84 -65.51
N ASP K 190 -13.94 -27.25 -66.47
CA ASP K 190 -12.59 -27.79 -66.28
C ASP K 190 -12.70 -29.24 -65.81
N PRO K 191 -11.79 -30.12 -66.23
CA PRO K 191 -11.87 -31.52 -65.79
C PRO K 191 -11.73 -31.64 -64.28
N LYS K 192 -12.17 -32.79 -63.77
CA LYS K 192 -12.34 -33.02 -62.33
C LYS K 192 -13.32 -31.97 -61.84
N ALA K 193 -13.08 -31.31 -60.71
CA ALA K 193 -13.94 -30.24 -60.24
C ALA K 193 -13.11 -29.10 -59.69
N GLU K 194 -12.02 -28.76 -60.39
CA GLU K 194 -11.15 -27.70 -59.93
C GLU K 194 -11.85 -26.35 -59.99
N LYS K 195 -11.54 -25.49 -59.01
CA LYS K 195 -12.11 -24.15 -58.92
C LYS K 195 -13.64 -24.18 -58.84
N ILE K 196 -14.17 -25.17 -58.12
CA ILE K 196 -15.61 -25.32 -57.92
C ILE K 196 -15.86 -25.50 -56.43
N THR K 197 -16.82 -24.73 -55.91
CA THR K 197 -17.13 -24.74 -54.48
C THR K 197 -18.60 -25.05 -54.27
N LEU K 198 -18.89 -25.84 -53.24
CA LEU K 198 -20.25 -26.14 -52.81
C LEU K 198 -20.50 -25.48 -51.46
N ALA K 199 -21.57 -24.70 -51.36
CA ALA K 199 -21.80 -23.87 -50.19
C ALA K 199 -22.50 -24.64 -49.06
N LEU K 200 -23.68 -25.19 -49.33
CA LEU K 200 -24.46 -25.94 -48.35
C LEU K 200 -24.79 -25.10 -47.11
N ALA K 201 -25.42 -25.73 -46.13
CA ALA K 201 -25.79 -25.08 -44.88
C ALA K 201 -25.29 -25.91 -43.71
N THR K 202 -25.11 -25.24 -42.56
CA THR K 202 -24.63 -25.95 -41.38
C THR K 202 -25.61 -27.02 -40.92
N SER K 203 -26.90 -26.82 -41.17
CA SER K 203 -27.88 -27.84 -40.79
C SER K 203 -27.85 -29.03 -41.76
N LYS K 204 -27.62 -28.77 -43.05
CA LYS K 204 -27.68 -29.80 -44.08
C LYS K 204 -26.31 -30.39 -44.41
N VAL K 205 -25.24 -29.93 -43.77
CA VAL K 205 -23.91 -30.43 -44.13
C VAL K 205 -23.75 -31.89 -43.72
N ASP K 206 -24.39 -32.31 -42.65
CA ASP K 206 -24.21 -33.66 -42.12
C ASP K 206 -25.00 -34.71 -42.89
N TYR K 207 -25.88 -34.31 -43.80
CA TYR K 207 -26.54 -35.28 -44.67
C TYR K 207 -25.59 -35.88 -45.70
N LEU K 208 -24.39 -35.32 -45.85
CA LEU K 208 -23.38 -35.91 -46.72
C LEU K 208 -22.85 -37.23 -46.20
N SER K 209 -23.13 -37.58 -44.95
CA SER K 209 -22.73 -38.86 -44.38
C SER K 209 -23.84 -39.90 -44.47
N VAL K 210 -24.97 -39.58 -45.09
CA VAL K 210 -26.02 -40.56 -45.29
C VAL K 210 -25.55 -41.61 -46.27
N THR K 211 -25.70 -42.88 -45.91
CA THR K 211 -25.18 -43.98 -46.70
C THR K 211 -26.32 -44.84 -47.23
N THR K 212 -25.98 -45.67 -48.20
CA THR K 212 -26.83 -46.75 -48.61
C THR K 212 -26.86 -47.82 -47.52
N PRO K 213 -27.84 -48.74 -47.57
CA PRO K 213 -27.80 -49.88 -46.65
C PRO K 213 -26.61 -50.79 -46.93
N TYR K 214 -25.76 -50.37 -47.88
CA TYR K 214 -24.75 -51.23 -48.46
C TYR K 214 -23.34 -50.87 -48.04
N GLY K 215 -23.07 -49.61 -47.73
CA GLY K 215 -21.78 -49.22 -47.21
C GLY K 215 -21.09 -48.08 -47.93
N ILE K 216 -21.85 -47.33 -48.75
CA ILE K 216 -21.31 -46.22 -49.52
C ILE K 216 -22.03 -44.94 -49.11
N SER K 217 -21.25 -43.91 -48.79
CA SER K 217 -21.78 -42.63 -48.35
C SER K 217 -21.82 -41.63 -49.50
N VAL K 218 -22.50 -40.50 -49.25
CA VAL K 218 -22.57 -39.44 -50.26
C VAL K 218 -21.18 -38.82 -50.46
N SER K 219 -20.45 -38.59 -49.37
CA SER K 219 -19.13 -37.96 -49.48
C SER K 219 -18.17 -38.83 -50.28
N ASP K 220 -18.31 -40.15 -50.21
CA ASP K 220 -17.47 -41.03 -51.01
C ASP K 220 -17.84 -40.95 -52.49
N TRP K 221 -19.12 -40.78 -52.79
CA TRP K 221 -19.55 -40.65 -54.18
C TRP K 221 -18.97 -39.39 -54.82
N ILE K 222 -18.92 -38.30 -54.06
CA ILE K 222 -18.34 -37.06 -54.58
C ILE K 222 -16.86 -37.28 -54.92
N GLU K 223 -16.15 -38.01 -54.07
CA GLU K 223 -14.75 -38.30 -54.32
C GLU K 223 -14.56 -39.08 -55.62
N GLN K 224 -15.52 -39.95 -55.95
CA GLN K 224 -15.39 -40.76 -57.16
C GLN K 224 -15.55 -39.92 -58.42
N THR K 225 -16.56 -39.04 -58.45
CA THR K 225 -16.91 -38.32 -59.66
C THR K 225 -16.23 -36.95 -59.75
N TYR K 226 -16.23 -36.19 -58.65
CA TYR K 226 -15.63 -34.85 -58.62
C TYR K 226 -14.66 -34.79 -57.45
N PRO K 227 -13.49 -35.43 -57.59
CA PRO K 227 -12.56 -35.52 -56.46
C PRO K 227 -12.03 -34.19 -55.96
N LYS K 228 -11.93 -33.19 -56.83
CA LYS K 228 -11.29 -31.93 -56.48
C LYS K 228 -12.27 -30.83 -56.13
N MET K 229 -13.55 -31.16 -55.94
CA MET K 229 -14.52 -30.17 -55.50
C MET K 229 -14.27 -29.81 -54.04
N ARG K 230 -14.49 -28.54 -53.72
CA ARG K 230 -14.32 -28.02 -52.36
C ARG K 230 -15.68 -27.83 -51.72
N ILE K 231 -15.82 -28.29 -50.48
CA ILE K 231 -17.09 -28.23 -49.75
C ILE K 231 -16.88 -27.38 -48.50
N VAL K 232 -17.71 -26.35 -48.35
CA VAL K 232 -17.67 -25.48 -47.18
C VAL K 232 -19.04 -25.48 -46.52
N SER K 233 -19.20 -24.69 -45.47
CA SER K 233 -20.49 -24.54 -44.80
C SER K 233 -20.51 -23.19 -44.10
N ALA K 234 -21.72 -22.71 -43.82
CA ALA K 234 -21.88 -21.41 -43.18
C ALA K 234 -23.22 -21.33 -42.45
N PRO K 235 -23.23 -20.86 -41.20
CA PRO K 235 -24.50 -20.72 -40.47
C PRO K 235 -25.45 -19.71 -41.11
N GLU K 236 -24.94 -18.75 -41.89
CA GLU K 236 -25.80 -17.74 -42.49
C GLU K 236 -26.71 -18.31 -43.57
N LEU K 237 -26.42 -19.50 -44.08
CA LEU K 237 -27.22 -20.12 -45.13
C LEU K 237 -28.31 -21.04 -44.58
N SER K 238 -28.47 -21.11 -43.26
CA SER K 238 -29.46 -22.00 -42.66
C SER K 238 -30.86 -21.46 -42.86
N GLY K 239 -31.16 -20.29 -42.31
CA GLY K 239 -32.45 -19.65 -42.46
C GLY K 239 -32.35 -18.54 -43.49
N VAL K 240 -32.95 -18.77 -44.66
CA VAL K 240 -32.80 -17.88 -45.80
C VAL K 240 -34.11 -17.18 -46.15
N GLN K 241 -35.14 -17.95 -46.51
CA GLN K 241 -36.33 -17.36 -47.10
C GLN K 241 -37.63 -17.69 -46.39
N MET K 242 -37.62 -18.54 -45.36
CA MET K 242 -38.81 -18.66 -44.50
C MET K 242 -40.06 -19.15 -45.22
N LYS K 243 -40.15 -20.45 -45.51
CA LYS K 243 -41.36 -21.00 -46.10
C LYS K 243 -42.49 -20.87 -45.07
N ASN K 244 -43.69 -21.40 -45.37
CA ASN K 244 -44.92 -20.99 -44.70
C ASN K 244 -44.76 -20.78 -43.20
N GLN K 245 -44.42 -21.83 -42.47
CA GLN K 245 -44.16 -21.70 -41.05
C GLN K 245 -42.74 -22.10 -40.66
N GLU K 246 -41.94 -22.64 -41.58
CA GLU K 246 -40.62 -23.17 -41.26
C GLU K 246 -39.58 -22.64 -42.24
N PRO K 247 -38.34 -22.51 -41.80
CA PRO K 247 -37.29 -21.95 -42.67
C PRO K 247 -36.83 -22.97 -43.71
N GLU K 248 -36.00 -22.48 -44.64
CA GLU K 248 -35.46 -23.29 -45.71
C GLU K 248 -33.96 -23.08 -45.81
N ASP K 249 -33.20 -24.16 -45.96
CA ASP K 249 -31.76 -24.09 -46.11
C ASP K 249 -31.40 -23.91 -47.58
N ALA K 250 -30.20 -23.38 -47.82
CA ALA K 250 -29.77 -23.00 -49.16
C ALA K 250 -28.54 -23.78 -49.59
N LEU K 251 -28.45 -24.03 -50.89
CA LEU K 251 -27.29 -24.66 -51.51
C LEU K 251 -26.85 -23.80 -52.68
N VAL K 252 -25.55 -23.48 -52.75
CA VAL K 252 -24.99 -22.66 -53.81
C VAL K 252 -23.78 -23.38 -54.39
N LEU K 253 -23.74 -23.48 -55.72
CA LEU K 253 -22.60 -24.05 -56.45
C LEU K 253 -22.10 -23.03 -57.45
N PHE K 254 -20.82 -22.70 -57.38
CA PHE K 254 -20.26 -21.66 -58.23
C PHE K 254 -18.80 -21.92 -58.50
N VAL K 255 -18.28 -21.28 -59.54
CA VAL K 255 -16.87 -21.40 -59.94
C VAL K 255 -16.09 -20.29 -59.26
N GLU K 256 -14.95 -20.66 -58.65
CA GLU K 256 -14.18 -19.68 -57.88
C GLU K 256 -13.63 -18.57 -58.76
N ASP K 257 -13.02 -18.92 -59.89
CA ASP K 257 -12.40 -17.92 -60.75
C ASP K 257 -12.32 -18.45 -62.17
N VAL K 258 -12.01 -17.54 -63.09
CA VAL K 258 -11.90 -17.86 -64.51
C VAL K 258 -10.51 -17.44 -65.00
N ASN K 259 -9.88 -18.31 -65.77
CA ASN K 259 -8.56 -18.00 -66.31
C ASN K 259 -8.63 -16.83 -67.27
N ALA K 260 -7.64 -15.95 -67.19
CA ALA K 260 -7.59 -14.74 -68.01
C ALA K 260 -6.98 -14.97 -69.38
N ALA K 261 -6.56 -16.20 -69.69
CA ALA K 261 -5.99 -16.48 -71.01
C ALA K 261 -7.05 -16.57 -72.09
N VAL K 262 -8.29 -16.94 -71.74
CA VAL K 262 -9.32 -17.15 -72.74
C VAL K 262 -9.69 -15.83 -73.43
N ASP K 263 -9.66 -14.73 -72.68
CA ASP K 263 -9.98 -13.42 -73.23
C ASP K 263 -9.24 -12.36 -72.43
N GLY K 264 -9.05 -11.19 -73.05
CA GLY K 264 -8.31 -10.12 -72.41
C GLY K 264 -9.09 -9.45 -71.30
N SER K 265 -9.34 -10.20 -70.22
CA SER K 265 -10.19 -9.69 -69.14
C SER K 265 -9.57 -8.47 -68.46
N THR K 266 -8.24 -8.37 -68.45
CA THR K 266 -7.53 -7.29 -67.75
C THR K 266 -8.03 -7.15 -66.32
N ASP K 267 -8.32 -8.29 -65.70
CA ASP K 267 -8.92 -8.32 -64.38
C ASP K 267 -8.69 -9.72 -63.80
N GLY K 268 -8.86 -9.82 -62.49
CA GLY K 268 -8.65 -11.10 -61.82
C GLY K 268 -9.77 -12.10 -61.97
N GLY K 269 -10.89 -11.71 -62.55
CA GLY K 269 -12.03 -12.61 -62.67
C GLY K 269 -12.71 -12.83 -61.33
N SER K 270 -12.55 -14.02 -60.77
CA SER K 270 -12.99 -14.42 -59.44
C SER K 270 -14.50 -14.48 -59.28
N VAL K 271 -15.28 -14.12 -60.31
CA VAL K 271 -16.74 -14.21 -60.28
C VAL K 271 -17.31 -13.33 -59.18
N PHE K 272 -17.04 -13.69 -57.92
CA PHE K 272 -17.47 -12.92 -56.77
C PHE K 272 -16.33 -12.05 -56.26
N SER K 273 -16.70 -10.95 -55.60
CA SER K 273 -15.72 -10.05 -55.02
C SER K 273 -16.36 -9.32 -53.84
N GLN K 274 -15.58 -9.12 -52.79
CA GLN K 274 -16.00 -8.36 -51.62
C GLN K 274 -15.27 -7.01 -51.64
N LEU K 275 -16.03 -5.93 -51.65
CA LEU K 275 -15.48 -4.58 -51.74
C LEU K 275 -15.36 -4.01 -50.34
N VAL K 276 -14.14 -3.98 -49.81
CA VAL K 276 -13.86 -3.47 -48.48
C VAL K 276 -12.96 -2.24 -48.62
N GLN K 277 -13.45 -1.10 -48.14
CA GLN K 277 -12.64 0.12 -48.18
C GLN K 277 -11.54 0.10 -47.13
N SER K 278 -11.86 -0.39 -45.92
CA SER K 278 -10.88 -0.48 -44.86
C SER K 278 -11.39 -1.42 -43.78
N LYS K 279 -10.45 -2.09 -43.11
CA LYS K 279 -10.80 -3.01 -42.03
C LYS K 279 -10.89 -2.29 -40.68
N PHE K 280 -9.92 -1.43 -40.37
CA PHE K 280 -9.85 -0.82 -39.05
C PHE K 280 -8.99 0.44 -39.08
N ILE K 281 -9.59 1.60 -38.80
CA ILE K 281 -8.88 2.86 -38.72
C ILE K 281 -9.29 3.60 -37.46
N THR K 282 -8.40 4.47 -36.99
CA THR K 282 -8.65 5.30 -35.83
C THR K 282 -8.96 6.72 -36.27
N LEU K 283 -9.95 7.34 -35.62
CA LEU K 283 -10.39 8.67 -35.98
C LEU K 283 -9.66 9.75 -35.18
N GLY K 284 -9.70 9.67 -33.86
CA GLY K 284 -9.03 10.66 -33.03
C GLY K 284 -9.12 10.26 -31.57
N VAL K 285 -8.36 10.98 -30.76
CA VAL K 285 -8.29 10.75 -29.32
C VAL K 285 -8.65 12.04 -28.61
N GLU K 286 -9.59 11.96 -27.67
CA GLU K 286 -9.96 13.09 -26.83
C GLU K 286 -9.59 12.78 -25.39
N LYS K 287 -8.79 13.65 -24.80
CA LYS K 287 -8.32 13.47 -23.42
C LYS K 287 -9.05 14.45 -22.51
N ARG K 288 -9.57 13.94 -21.41
CA ARG K 288 -10.32 14.72 -20.44
C ARG K 288 -9.57 14.76 -19.12
N ALA K 289 -10.19 15.37 -18.12
CA ALA K 289 -9.53 15.55 -16.83
C ALA K 289 -9.30 14.21 -16.13
N LYS K 290 -10.28 13.31 -16.18
CA LYS K 290 -10.20 12.05 -15.45
C LYS K 290 -10.34 10.83 -16.34
N SER K 291 -10.43 11.01 -17.66
CA SER K 291 -10.60 9.89 -18.56
C SER K 291 -10.23 10.32 -19.97
N TYR K 292 -10.28 9.38 -20.90
CA TYR K 292 -10.03 9.67 -22.30
C TYR K 292 -10.86 8.73 -23.17
N VAL K 293 -11.19 9.18 -24.38
CA VAL K 293 -12.07 8.47 -25.29
C VAL K 293 -11.36 8.30 -26.63
N GLU K 294 -11.46 7.10 -27.20
CA GLU K 294 -10.92 6.81 -28.52
C GLU K 294 -12.02 6.24 -29.40
N ASP K 295 -11.93 6.52 -30.69
CA ASP K 295 -12.95 6.13 -31.65
C ASP K 295 -12.33 5.40 -32.83
N PHE K 296 -13.10 4.49 -33.41
CA PHE K 296 -12.64 3.68 -34.54
C PHE K 296 -13.78 3.53 -35.54
N SER K 297 -13.43 3.15 -36.76
CA SER K 297 -14.42 3.01 -37.83
C SER K 297 -13.87 2.08 -38.91
N ASN K 298 -14.77 1.67 -39.80
CA ASN K 298 -14.42 0.83 -40.93
C ASN K 298 -15.42 1.09 -42.05
N GLY K 299 -15.13 0.55 -43.23
CA GLY K 299 -15.99 0.74 -44.38
C GLY K 299 -16.04 -0.50 -45.25
N THR K 300 -17.19 -0.69 -45.87
CA THR K 300 -17.41 -1.83 -46.76
C THR K 300 -18.52 -1.50 -47.75
N ALA K 301 -18.59 -2.28 -48.82
CA ALA K 301 -19.60 -2.07 -49.86
C ALA K 301 -20.40 -3.32 -50.21
N GLY K 302 -20.15 -4.44 -49.56
CA GLY K 302 -20.90 -5.65 -49.81
C GLY K 302 -20.23 -6.58 -50.80
N ALA K 303 -21.05 -7.44 -51.40
CA ALA K 303 -20.58 -8.43 -52.36
C ALA K 303 -21.10 -8.09 -53.76
N LEU K 304 -20.26 -8.39 -54.76
CA LEU K 304 -20.58 -8.10 -56.16
C LEU K 304 -20.38 -9.35 -56.98
N CYS K 305 -21.38 -9.68 -57.81
CA CYS K 305 -21.32 -10.83 -58.71
C CYS K 305 -21.01 -10.32 -60.11
N LYS K 306 -19.79 -10.61 -60.59
CA LYS K 306 -19.35 -10.09 -61.87
C LYS K 306 -19.65 -11.05 -63.02
N ARG K 307 -19.78 -12.35 -62.74
CA ARG K 307 -20.05 -13.36 -63.76
C ARG K 307 -21.21 -14.23 -63.30
N PRO K 308 -22.44 -13.75 -63.50
CA PRO K 308 -23.61 -14.51 -63.03
C PRO K 308 -23.91 -15.78 -63.80
N TRP K 309 -23.16 -16.09 -64.85
CA TRP K 309 -23.40 -17.29 -65.63
C TRP K 309 -22.77 -18.54 -65.01
N ALA K 310 -22.04 -18.40 -63.91
CA ALA K 310 -21.36 -19.51 -63.27
C ALA K 310 -21.88 -19.81 -61.88
N VAL K 311 -23.15 -19.48 -61.62
CA VAL K 311 -23.77 -19.68 -60.31
C VAL K 311 -25.05 -20.47 -60.48
N VAL K 312 -25.20 -21.53 -59.68
CA VAL K 312 -26.42 -22.31 -59.61
C VAL K 312 -26.77 -22.50 -58.14
N ARG K 313 -27.99 -22.16 -57.75
CA ARG K 313 -28.40 -22.22 -56.36
C ARG K 313 -29.82 -22.76 -56.24
N TYR K 314 -30.11 -23.34 -55.09
CA TYR K 314 -31.40 -23.95 -54.80
C TYR K 314 -32.03 -23.27 -53.59
N LEU K 315 -33.35 -23.05 -53.66
CA LEU K 315 -34.06 -22.39 -52.56
C LEU K 315 -34.24 -23.35 -51.39
N GLY K 316 -34.93 -24.46 -51.62
CA GLY K 316 -34.98 -25.50 -50.62
C GLY K 316 -33.67 -26.25 -50.53
N ILE K 317 -33.38 -26.78 -49.34
CA ILE K 317 -32.17 -27.56 -49.09
C ILE K 317 -30.91 -26.74 -49.40
N ASN L 1 43.52 -105.80 -9.78
CA ASN L 1 44.48 -104.80 -10.25
C ASN L 1 43.89 -103.40 -10.18
N PHE L 2 44.54 -102.47 -10.89
CA PHE L 2 44.12 -101.08 -11.05
C PHE L 2 44.16 -100.27 -9.76
N THR L 3 44.65 -100.86 -8.66
CA THR L 3 44.79 -100.18 -7.37
C THR L 3 43.50 -99.47 -6.97
N ALA L 4 43.64 -98.30 -6.35
CA ALA L 4 42.50 -97.50 -5.93
C ALA L 4 42.69 -96.06 -6.40
N PRO L 5 41.60 -95.37 -6.73
CA PRO L 5 41.73 -94.01 -7.27
C PRO L 5 41.83 -92.92 -6.22
N VAL L 6 41.78 -93.26 -4.93
CA VAL L 6 41.87 -92.31 -3.82
C VAL L 6 40.63 -91.42 -3.80
N THR L 7 40.41 -90.66 -4.87
CA THR L 7 39.22 -89.83 -4.99
C THR L 7 38.12 -90.58 -5.72
N THR L 8 36.88 -90.18 -5.46
CA THR L 8 35.74 -90.79 -6.12
C THR L 8 35.64 -90.29 -7.55
N PRO L 9 35.68 -91.15 -8.56
CA PRO L 9 35.55 -90.68 -9.95
C PRO L 9 34.17 -90.07 -10.19
N SER L 10 34.14 -89.01 -10.99
CA SER L 10 32.91 -88.31 -11.30
C SER L 10 33.16 -87.39 -12.49
N ILE L 11 32.11 -86.70 -12.92
CA ILE L 11 32.24 -85.71 -13.99
C ILE L 11 32.97 -84.49 -13.44
N PRO L 12 34.04 -84.02 -14.09
CA PRO L 12 34.88 -82.99 -13.47
C PRO L 12 34.26 -81.60 -13.43
N THR L 13 33.61 -81.19 -14.51
CA THR L 13 33.18 -79.79 -14.59
C THR L 13 31.77 -79.62 -14.02
N PRO L 14 31.58 -78.75 -13.05
CA PRO L 14 30.23 -78.50 -12.53
C PRO L 14 29.37 -77.78 -13.56
N ILE L 15 28.06 -77.72 -13.24
CA ILE L 15 27.12 -77.08 -14.16
C ILE L 15 27.43 -75.60 -14.32
N GLN L 16 27.78 -74.92 -13.22
CA GLN L 16 28.24 -73.55 -13.32
C GLN L 16 29.59 -73.50 -14.03
N PHE L 17 30.00 -72.28 -14.39
CA PHE L 17 31.15 -72.02 -15.25
C PHE L 17 30.85 -72.41 -16.68
N LEU L 18 29.67 -73.00 -16.91
CA LEU L 18 29.19 -73.36 -18.24
C LEU L 18 27.89 -72.65 -18.57
N GLN L 19 27.52 -71.64 -17.78
CA GLN L 19 26.29 -70.88 -17.97
C GLN L 19 26.64 -69.44 -18.29
N THR L 20 26.00 -68.88 -19.30
CA THR L 20 26.09 -67.46 -19.59
C THR L 20 24.75 -66.80 -19.34
N TRP L 21 24.78 -65.65 -18.69
CA TRP L 21 23.58 -64.95 -18.22
C TRP L 21 23.33 -63.74 -19.09
N LEU L 22 22.08 -63.61 -19.57
CA LEU L 22 21.75 -62.51 -20.46
C LEU L 22 21.86 -61.19 -19.72
N PRO L 23 22.33 -60.13 -20.39
CA PRO L 23 22.59 -58.86 -19.68
C PRO L 23 21.34 -58.20 -19.13
N GLY L 24 20.15 -58.54 -19.62
CA GLY L 24 18.96 -57.82 -19.23
C GLY L 24 17.99 -58.59 -18.36
N PHE L 25 17.24 -57.86 -17.53
CA PHE L 25 16.20 -58.43 -16.68
C PHE L 25 14.86 -57.86 -17.12
N VAL L 26 13.96 -58.75 -17.56
CA VAL L 26 12.64 -58.27 -17.98
C VAL L 26 11.84 -57.81 -16.76
N LYS L 27 10.82 -56.99 -17.02
CA LYS L 27 9.99 -56.42 -15.97
C LYS L 27 8.53 -56.54 -16.35
N VAL L 28 7.66 -56.53 -15.34
CA VAL L 28 6.23 -56.54 -15.57
C VAL L 28 5.74 -55.13 -15.85
N MET L 29 4.70 -55.02 -16.68
CA MET L 29 4.27 -53.72 -17.22
C MET L 29 3.13 -53.10 -16.41
N THR L 30 2.04 -53.85 -16.23
CA THR L 30 0.77 -53.38 -15.68
C THR L 30 0.04 -52.52 -16.71
N ALA L 31 -1.16 -52.04 -16.36
CA ALA L 31 -2.03 -51.38 -17.33
C ALA L 31 -1.36 -50.14 -17.93
N ALA L 32 -1.84 -49.76 -19.11
CA ALA L 32 -1.29 -48.63 -19.82
C ALA L 32 -1.71 -47.32 -19.17
N ARG L 33 -0.91 -46.28 -19.38
CA ARG L 33 -1.17 -44.94 -18.86
C ARG L 33 -1.27 -43.99 -20.04
N LYS L 34 -2.50 -43.62 -20.42
CA LYS L 34 -2.75 -42.89 -21.65
C LYS L 34 -3.43 -41.54 -21.41
N ILE L 35 -3.38 -41.02 -20.17
CA ILE L 35 -3.97 -39.71 -19.91
C ILE L 35 -3.17 -38.61 -20.61
N ASP L 36 -1.84 -38.75 -20.66
CA ASP L 36 -1.00 -37.73 -21.27
C ASP L 36 -1.26 -37.61 -22.76
N GLU L 37 -1.42 -38.75 -23.45
CA GLU L 37 -1.62 -38.71 -24.89
C GLU L 37 -2.94 -38.05 -25.26
N ILE L 38 -4.01 -38.36 -24.52
CA ILE L 38 -5.33 -37.86 -24.87
C ILE L 38 -5.43 -36.36 -24.58
N ILE L 39 -4.94 -35.92 -23.42
CA ILE L 39 -5.15 -34.56 -22.97
C ILE L 39 -3.88 -33.72 -23.10
N GLY L 40 -2.74 -34.25 -22.67
CA GLY L 40 -1.52 -33.47 -22.56
C GLY L 40 -1.22 -33.11 -21.12
N ILE L 41 -0.07 -32.47 -20.93
CA ILE L 41 0.41 -32.10 -19.60
C ILE L 41 0.85 -30.64 -19.62
N ASP L 42 0.42 -29.89 -18.60
CA ASP L 42 0.79 -28.48 -18.43
C ASP L 42 1.43 -28.31 -17.06
N THR L 43 2.67 -27.83 -17.04
CA THR L 43 3.38 -27.56 -15.79
C THR L 43 3.28 -26.06 -15.53
N VAL L 44 2.35 -25.67 -14.67
CA VAL L 44 2.04 -24.27 -14.41
C VAL L 44 2.28 -23.90 -12.95
N GLY L 45 1.89 -24.78 -12.03
CA GLY L 45 1.98 -24.46 -10.61
C GLY L 45 3.33 -24.78 -10.03
N SER L 46 3.41 -24.65 -8.70
CA SER L 46 4.61 -24.97 -7.95
C SER L 46 4.21 -25.79 -6.73
N TRP L 47 5.18 -26.50 -6.16
CA TRP L 47 4.92 -27.31 -4.99
C TRP L 47 4.60 -26.39 -3.81
N GLU L 48 4.27 -27.01 -2.67
CA GLU L 48 3.84 -26.35 -1.43
C GLU L 48 2.72 -25.34 -1.68
N ASP L 49 2.02 -25.46 -2.79
CA ASP L 49 0.88 -24.59 -3.07
C ASP L 49 -0.42 -25.28 -2.69
N GLN L 50 -1.54 -24.59 -2.90
CA GLN L 50 -2.82 -25.14 -2.50
C GLN L 50 -3.87 -25.13 -3.62
N GLU L 51 -3.90 -24.08 -4.45
CA GLU L 51 -4.98 -23.91 -5.40
C GLU L 51 -4.47 -23.37 -6.72
N ILE L 52 -5.28 -23.58 -7.76
CA ILE L 52 -5.02 -23.11 -9.12
C ILE L 52 -6.23 -22.29 -9.57
N VAL L 53 -5.98 -21.13 -10.17
CA VAL L 53 -7.04 -20.20 -10.54
C VAL L 53 -6.98 -19.91 -12.04
N GLN L 54 -8.14 -19.84 -12.68
CA GLN L 54 -8.28 -19.51 -14.09
C GLN L 54 -9.47 -18.59 -14.27
N GLY L 55 -9.40 -17.70 -15.27
CA GLY L 55 -10.42 -16.69 -15.46
C GLY L 55 -10.90 -16.62 -16.90
N ILE L 56 -12.01 -15.90 -17.06
CA ILE L 56 -12.64 -15.64 -18.36
C ILE L 56 -12.94 -14.15 -18.44
N VAL L 57 -13.10 -13.65 -19.68
CA VAL L 57 -13.12 -12.22 -19.95
C VAL L 57 -14.50 -11.70 -20.35
N GLU L 58 -15.16 -12.39 -21.29
CA GLU L 58 -16.51 -11.99 -21.76
C GLU L 58 -16.56 -10.53 -22.21
N PRO L 59 -16.05 -10.21 -23.40
CA PRO L 59 -16.17 -8.85 -23.92
C PRO L 59 -17.59 -8.57 -24.43
N ALA L 60 -17.84 -7.29 -24.71
CA ALA L 60 -19.15 -6.87 -25.19
C ALA L 60 -19.02 -5.58 -26.00
N GLY L 61 -19.94 -5.39 -26.94
CA GLY L 61 -19.96 -4.19 -27.77
C GLY L 61 -20.55 -4.40 -29.15
N THR L 62 -21.11 -3.34 -29.74
CA THR L 62 -21.72 -3.43 -31.06
C THR L 62 -21.64 -2.08 -31.76
N ALA L 63 -21.72 -2.12 -33.09
CA ALA L 63 -21.60 -0.92 -33.92
C ALA L 63 -22.94 -0.18 -33.97
N VAL L 64 -22.88 1.07 -34.45
CA VAL L 64 -24.06 1.93 -34.46
C VAL L 64 -24.20 2.63 -35.81
N GLU L 65 -23.20 2.43 -36.68
CA GLU L 65 -23.06 3.13 -37.97
C GLU L 65 -22.57 4.55 -37.74
N TYR L 66 -21.77 5.07 -38.68
CA TYR L 66 -20.96 6.25 -38.45
C TYR L 66 -21.71 7.54 -38.82
N GLY L 67 -21.36 8.60 -38.10
CA GLY L 67 -21.83 9.93 -38.42
C GLY L 67 -21.22 10.94 -37.49
N ASP L 68 -21.00 12.14 -38.00
CA ASP L 68 -20.48 13.23 -37.20
C ASP L 68 -21.53 13.69 -36.19
N HIS L 69 -21.08 14.06 -35.00
CA HIS L 69 -21.93 14.62 -33.95
C HIS L 69 -23.00 13.65 -33.46
N THR L 70 -22.88 12.36 -33.78
CA THR L 70 -23.93 11.38 -33.51
C THR L 70 -23.51 10.35 -32.48
N ASN L 71 -22.86 10.80 -31.40
CA ASN L 71 -22.53 9.97 -30.25
C ASN L 71 -21.51 8.88 -30.58
N ILE L 72 -20.90 8.30 -29.55
CA ILE L 72 -19.89 7.26 -29.70
C ILE L 72 -20.31 6.07 -28.85
N PRO L 73 -20.57 4.91 -29.44
CA PRO L 73 -20.84 3.71 -28.63
C PRO L 73 -19.58 3.22 -27.94
N LEU L 74 -19.78 2.51 -26.83
CA LEU L 74 -18.68 2.07 -25.99
C LEU L 74 -18.73 0.56 -25.79
N THR L 75 -17.62 0.00 -25.32
CA THR L 75 -17.46 -1.42 -25.06
C THR L 75 -17.10 -1.64 -23.61
N SER L 76 -17.14 -2.90 -23.18
CA SER L 76 -16.87 -3.27 -21.80
C SER L 76 -16.56 -4.76 -21.73
N TRP L 77 -16.44 -5.29 -20.51
CA TRP L 77 -16.15 -6.70 -20.29
C TRP L 77 -16.58 -7.08 -18.89
N ASN L 78 -16.45 -8.37 -18.58
CA ASN L 78 -16.97 -8.91 -17.32
C ASN L 78 -16.27 -10.23 -17.02
N ALA L 79 -15.50 -10.26 -15.92
CA ALA L 79 -14.63 -11.39 -15.63
C ALA L 79 -15.24 -12.34 -14.60
N ASN L 80 -14.79 -13.59 -14.64
CA ASN L 80 -15.18 -14.63 -13.69
C ASN L 80 -13.97 -15.53 -13.43
N PHE L 81 -14.02 -16.26 -12.32
CA PHE L 81 -12.88 -17.06 -11.88
C PHE L 81 -13.32 -18.43 -11.40
N GLU L 82 -12.36 -19.35 -11.36
CA GLU L 82 -12.59 -20.72 -10.92
C GLU L 82 -11.33 -21.24 -10.23
N ARG L 83 -11.52 -22.07 -9.20
CA ARG L 83 -10.41 -22.57 -8.40
C ARG L 83 -10.47 -24.09 -8.30
N ARG L 84 -9.30 -24.71 -8.15
CA ARG L 84 -9.16 -26.15 -7.97
C ARG L 84 -8.07 -26.42 -6.93
N THR L 85 -8.09 -27.63 -6.37
CA THR L 85 -7.22 -27.99 -5.26
C THR L 85 -6.06 -28.87 -5.74
N ILE L 86 -4.94 -28.78 -5.02
CA ILE L 86 -3.71 -29.50 -5.35
C ILE L 86 -3.55 -30.68 -4.40
N VAL L 87 -3.20 -31.83 -4.95
CA VAL L 87 -2.98 -33.07 -4.19
C VAL L 87 -1.57 -33.56 -4.46
N ARG L 88 -0.88 -33.98 -3.40
CA ARG L 88 0.49 -34.47 -3.51
C ARG L 88 0.64 -35.81 -2.79
N GLY L 89 1.53 -36.64 -3.31
CA GLY L 89 1.81 -37.93 -2.73
C GLY L 89 3.29 -38.16 -2.57
N GLU L 90 3.64 -39.20 -1.82
CA GLU L 90 5.03 -39.49 -1.51
C GLU L 90 5.28 -41.00 -1.60
N LEU L 91 6.56 -41.35 -1.77
CA LEU L 91 6.99 -42.73 -1.85
C LEU L 91 8.50 -42.77 -1.60
N GLY L 92 8.94 -43.72 -0.78
CA GLY L 92 10.34 -43.79 -0.40
C GLY L 92 10.99 -45.15 -0.62
N MET L 93 12.19 -45.32 -0.09
CA MET L 93 12.97 -46.54 -0.30
C MET L 93 14.02 -46.67 0.80
N MET L 94 14.34 -47.92 1.14
CA MET L 94 15.33 -48.22 2.17
C MET L 94 16.23 -49.34 1.68
N VAL L 95 17.54 -49.15 1.83
CA VAL L 95 18.55 -50.13 1.40
C VAL L 95 19.54 -50.35 2.52
N GLY L 96 19.82 -51.62 2.83
CA GLY L 96 20.83 -51.98 3.80
C GLY L 96 22.18 -52.27 3.15
N THR L 97 23.20 -52.37 3.99
CA THR L 97 24.56 -52.57 3.49
C THR L 97 24.74 -53.98 2.94
N LEU L 98 24.26 -55.00 3.67
CA LEU L 98 24.46 -56.37 3.23
C LEU L 98 23.67 -56.68 1.97
N GLU L 99 22.42 -56.23 1.91
CA GLU L 99 21.59 -56.50 0.74
C GLU L 99 22.13 -55.79 -0.49
N GLU L 100 22.79 -54.64 -0.30
CA GLU L 100 23.40 -53.95 -1.43
C GLU L 100 24.52 -54.77 -2.05
N GLY L 101 25.36 -55.38 -1.21
CA GLY L 101 26.44 -56.22 -1.73
C GLY L 101 25.91 -57.49 -2.39
N ARG L 102 24.89 -58.10 -1.81
CA ARG L 102 24.32 -59.32 -2.38
C ARG L 102 23.69 -59.05 -3.73
N ALA L 103 22.99 -57.92 -3.87
CA ALA L 103 22.30 -57.61 -5.12
C ALA L 103 23.29 -57.38 -6.26
N SER L 104 24.42 -56.75 -5.98
CA SER L 104 25.40 -56.46 -7.02
C SER L 104 26.05 -57.71 -7.58
N ALA L 105 25.91 -58.86 -6.90
CA ALA L 105 26.49 -60.10 -7.41
C ALA L 105 25.84 -60.52 -8.72
N ILE L 106 24.53 -60.32 -8.85
CA ILE L 106 23.80 -60.72 -10.03
C ILE L 106 23.66 -59.54 -10.97
N ARG L 107 24.53 -58.54 -10.80
CA ARG L 107 24.55 -57.35 -11.64
C ARG L 107 23.21 -56.62 -11.61
N LEU L 108 22.61 -56.53 -10.43
CA LEU L 108 21.35 -55.83 -10.23
C LEU L 108 21.56 -54.76 -9.16
N ASN L 109 21.26 -53.51 -9.51
CA ASN L 109 21.42 -52.39 -8.58
C ASN L 109 20.15 -52.25 -7.75
N SER L 110 20.24 -52.61 -6.47
CA SER L 110 19.07 -52.57 -5.60
C SER L 110 18.57 -51.15 -5.41
N ALA L 111 19.49 -50.19 -5.24
CA ALA L 111 19.08 -48.81 -5.03
C ALA L 111 18.50 -48.18 -6.29
N GLU L 112 18.97 -48.61 -7.46
CA GLU L 112 18.49 -48.01 -8.71
C GLU L 112 17.08 -48.49 -9.04
N THR L 113 16.80 -49.78 -8.85
CA THR L 113 15.48 -50.30 -9.17
C THR L 113 14.43 -49.77 -8.20
N LYS L 114 14.80 -49.63 -6.92
CA LYS L 114 13.86 -49.07 -5.95
C LYS L 114 13.55 -47.60 -6.26
N ARG L 115 14.50 -46.89 -6.87
CA ARG L 115 14.24 -45.51 -7.26
C ARG L 115 13.33 -45.44 -8.48
N GLN L 116 13.54 -46.35 -9.45
CA GLN L 116 12.69 -46.36 -10.64
C GLN L 116 11.25 -46.69 -10.29
N GLN L 117 11.04 -47.64 -9.38
CA GLN L 117 9.68 -48.01 -9.00
C GLN L 117 8.97 -46.85 -8.32
N ALA L 118 9.68 -46.04 -7.53
CA ALA L 118 9.06 -44.90 -6.87
C ALA L 118 8.53 -43.91 -7.89
N ALA L 119 9.32 -43.62 -8.94
CA ALA L 119 8.85 -42.73 -9.98
C ALA L 119 7.68 -43.33 -10.75
N ILE L 120 7.75 -44.62 -11.07
CA ILE L 120 6.66 -45.27 -11.79
C ILE L 120 5.41 -45.33 -10.92
N GLY L 121 5.58 -45.67 -9.63
CA GLY L 121 4.44 -45.73 -8.74
C GLY L 121 3.74 -44.39 -8.57
N LEU L 122 4.51 -43.30 -8.58
CA LEU L 122 3.91 -41.98 -8.51
C LEU L 122 3.17 -41.62 -9.79
N GLU L 123 3.64 -42.12 -10.93
CA GLU L 123 2.94 -41.87 -12.19
C GLU L 123 1.59 -42.57 -12.23
N THR L 124 1.48 -43.75 -11.62
CA THR L 124 0.19 -44.41 -11.51
C THR L 124 -0.77 -43.58 -10.66
N PHE L 125 -0.26 -42.97 -9.59
CA PHE L 125 -1.09 -42.08 -8.77
C PHE L 125 -1.55 -40.88 -9.58
N ARG L 126 -0.66 -40.30 -10.39
CA ARG L 126 -1.02 -39.14 -11.20
C ARG L 126 -2.05 -39.50 -12.26
N ASN L 127 -1.91 -40.68 -12.87
CA ASN L 127 -2.85 -41.10 -13.91
C ASN L 127 -4.27 -41.22 -13.36
N ALA L 128 -4.42 -41.88 -12.20
CA ALA L 128 -5.75 -42.10 -11.64
C ALA L 128 -6.44 -40.78 -11.29
N ILE L 129 -5.67 -39.78 -10.85
CA ILE L 129 -6.26 -38.49 -10.55
C ILE L 129 -6.74 -37.80 -11.82
N GLY L 130 -6.01 -37.95 -12.92
CA GLY L 130 -6.41 -37.33 -14.17
C GLY L 130 -7.73 -37.86 -14.69
N PHE L 131 -7.96 -39.16 -14.57
CA PHE L 131 -9.20 -39.75 -15.05
C PHE L 131 -10.33 -39.61 -14.03
N TYR L 132 -10.06 -39.97 -12.78
CA TYR L 132 -11.04 -39.89 -11.70
C TYR L 132 -10.58 -38.86 -10.68
N GLY L 133 -11.50 -38.01 -10.24
CA GLY L 133 -11.16 -37.04 -9.22
C GLY L 133 -10.79 -37.68 -7.91
N TRP L 134 -9.98 -36.96 -7.14
CA TRP L 134 -9.50 -37.45 -5.84
C TRP L 134 -10.48 -37.01 -4.76
N GLN L 135 -11.23 -37.96 -4.22
CA GLN L 135 -12.19 -37.71 -3.15
C GLN L 135 -13.17 -36.60 -3.52
N SER L 136 -13.68 -36.64 -4.75
CA SER L 136 -14.63 -35.63 -5.18
C SER L 136 -15.94 -35.72 -4.39
N GLY L 137 -16.39 -36.93 -4.10
CA GLY L 137 -17.63 -37.10 -3.36
C GLY L 137 -17.52 -36.57 -1.94
N LEU L 138 -16.36 -36.71 -1.32
CA LEU L 138 -16.18 -36.25 0.06
C LEU L 138 -16.26 -34.73 0.16
N GLY L 139 -15.81 -34.02 -0.87
CA GLY L 139 -15.86 -32.57 -0.86
C GLY L 139 -14.63 -31.92 -1.46
N ASN L 140 -13.60 -32.72 -1.74
CA ASN L 140 -12.38 -32.20 -2.35
C ASN L 140 -12.66 -31.75 -3.79
N ARG L 141 -12.15 -30.58 -4.14
CA ARG L 141 -12.38 -29.99 -5.46
C ARG L 141 -11.17 -30.29 -6.34
N THR L 142 -11.07 -31.53 -6.79
CA THR L 142 -10.03 -31.94 -7.72
C THR L 142 -10.59 -32.34 -9.08
N TYR L 143 -11.53 -33.29 -9.12
CA TYR L 143 -12.22 -33.69 -10.34
C TYR L 143 -11.27 -34.26 -11.38
N GLY L 144 -11.83 -34.79 -12.48
CA GLY L 144 -11.02 -35.42 -13.50
C GLY L 144 -11.63 -35.36 -14.89
N PHE L 145 -11.16 -36.23 -15.77
CA PHE L 145 -11.63 -36.22 -17.15
C PHE L 145 -13.09 -36.65 -17.27
N LEU L 146 -13.58 -37.45 -16.32
CA LEU L 146 -14.91 -38.03 -16.44
C LEU L 146 -15.94 -37.44 -15.49
N ASN L 147 -15.52 -36.65 -14.50
CA ASN L 147 -16.45 -36.13 -13.51
C ASN L 147 -16.26 -34.63 -13.29
N ASP L 148 -15.84 -33.90 -14.31
CA ASP L 148 -15.72 -32.45 -14.19
C ASP L 148 -17.11 -31.84 -14.07
N PRO L 149 -17.34 -30.97 -13.08
CA PRO L 149 -18.70 -30.42 -12.91
C PRO L 149 -19.16 -29.57 -14.08
N ASN L 150 -18.26 -28.87 -14.76
CA ASN L 150 -18.62 -28.00 -15.87
C ASN L 150 -18.58 -28.77 -17.19
N LEU L 151 -19.43 -29.79 -17.28
CA LEU L 151 -19.52 -30.62 -18.48
C LEU L 151 -20.99 -30.87 -18.81
N PRO L 152 -21.29 -31.08 -20.10
CA PRO L 152 -22.71 -31.16 -20.51
C PRO L 152 -23.45 -32.40 -20.02
N ALA L 153 -22.83 -33.24 -19.20
CA ALA L 153 -23.46 -34.41 -18.59
C ALA L 153 -23.73 -35.50 -19.63
N PHE L 154 -23.79 -36.75 -19.17
CA PHE L 154 -23.95 -37.89 -20.08
C PHE L 154 -25.32 -37.88 -20.72
N GLN L 155 -25.41 -38.57 -21.87
CA GLN L 155 -26.65 -38.75 -22.60
C GLN L 155 -26.81 -40.20 -23.01
N THR L 156 -28.05 -40.64 -23.17
CA THR L 156 -28.33 -41.98 -23.66
C THR L 156 -28.21 -42.00 -25.18
N PRO L 157 -27.38 -42.89 -25.74
CA PRO L 157 -27.23 -42.91 -27.20
C PRO L 157 -28.51 -43.32 -27.88
N PRO L 158 -28.73 -42.91 -29.13
CA PRO L 158 -29.96 -43.30 -29.83
C PRO L 158 -30.16 -44.81 -29.91
N SER L 159 -29.08 -45.55 -30.11
CA SER L 159 -29.12 -47.01 -29.99
C SER L 159 -28.87 -47.40 -28.54
N GLN L 160 -29.66 -48.35 -28.05
CA GLN L 160 -29.56 -48.72 -26.64
C GLN L 160 -28.21 -49.32 -26.31
N GLY L 161 -27.66 -50.15 -27.20
CA GLY L 161 -26.35 -50.74 -26.99
C GLY L 161 -25.68 -51.18 -28.27
N TRP L 162 -24.37 -50.99 -28.37
CA TRP L 162 -23.65 -51.47 -29.54
C TRP L 162 -23.69 -52.99 -29.62
N SER L 163 -23.66 -53.66 -28.47
CA SER L 163 -23.92 -55.09 -28.45
C SER L 163 -25.33 -55.37 -28.94
N THR L 164 -25.49 -56.42 -29.72
CA THR L 164 -26.74 -56.81 -30.38
C THR L 164 -27.23 -55.74 -31.35
N ALA L 165 -26.36 -54.85 -31.81
CA ALA L 165 -26.71 -53.82 -32.77
C ALA L 165 -26.02 -54.10 -34.10
N ASP L 166 -26.67 -53.69 -35.18
CA ASP L 166 -26.17 -53.93 -36.52
C ASP L 166 -25.18 -52.83 -36.91
N TRP L 167 -24.69 -52.89 -38.15
CA TRP L 167 -23.75 -51.88 -38.63
C TRP L 167 -24.40 -50.51 -38.72
N ALA L 168 -25.66 -50.45 -39.16
CA ALA L 168 -26.33 -49.16 -39.31
C ALA L 168 -26.51 -48.46 -37.97
N GLY L 169 -26.84 -49.22 -36.91
CA GLY L 169 -27.05 -48.61 -35.61
C GLY L 169 -25.80 -48.00 -35.03
N ILE L 170 -24.65 -48.65 -35.24
CA ILE L 170 -23.40 -48.18 -34.65
C ILE L 170 -23.01 -46.82 -35.25
N ILE L 171 -23.06 -46.70 -36.58
CA ILE L 171 -22.69 -45.45 -37.22
C ILE L 171 -23.72 -44.36 -36.99
N GLY L 172 -24.96 -44.72 -36.64
CA GLY L 172 -25.96 -43.72 -36.33
C GLY L 172 -25.61 -42.92 -35.09
N ASP L 173 -25.06 -43.57 -34.08
CA ASP L 173 -24.65 -42.87 -32.87
C ASP L 173 -23.53 -41.89 -33.15
N ILE L 174 -22.56 -42.28 -33.98
CA ILE L 174 -21.44 -41.40 -34.29
C ILE L 174 -21.92 -40.22 -35.12
N ARG L 175 -22.84 -40.43 -36.05
CA ARG L 175 -23.35 -39.34 -36.88
C ARG L 175 -24.09 -38.31 -36.03
N GLU L 176 -24.90 -38.77 -35.08
CA GLU L 176 -25.63 -37.83 -34.23
C GLU L 176 -24.70 -37.09 -33.28
N ALA L 177 -23.66 -37.77 -32.78
CA ALA L 177 -22.72 -37.11 -31.89
C ALA L 177 -21.99 -35.98 -32.60
N VAL L 178 -21.57 -36.21 -33.85
CA VAL L 178 -20.94 -35.14 -34.63
C VAL L 178 -21.93 -34.03 -34.92
N ARG L 179 -23.19 -34.39 -35.19
CA ARG L 179 -24.20 -33.39 -35.50
C ARG L 179 -24.43 -32.46 -34.33
N GLN L 180 -24.49 -33.01 -33.11
CA GLN L 180 -24.71 -32.16 -31.93
C GLN L 180 -23.50 -31.28 -31.66
N LEU L 181 -22.29 -31.75 -31.96
CA LEU L 181 -21.10 -30.93 -31.77
C LEU L 181 -21.10 -29.72 -32.69
N ARG L 182 -21.54 -29.89 -33.93
CA ARG L 182 -21.62 -28.79 -34.87
C ARG L 182 -22.82 -27.88 -34.61
N ILE L 183 -23.67 -28.23 -33.65
CA ILE L 183 -24.75 -27.36 -33.22
C ILE L 183 -24.37 -26.55 -31.99
N GLN L 184 -23.66 -27.17 -31.04
CA GLN L 184 -23.19 -26.44 -29.87
C GLN L 184 -22.24 -25.31 -30.27
N SER L 185 -21.22 -25.63 -31.05
CA SER L 185 -20.40 -24.63 -31.71
C SER L 185 -20.97 -24.36 -33.09
N GLN L 186 -21.03 -23.09 -33.47
CA GLN L 186 -21.76 -22.71 -34.67
C GLN L 186 -21.18 -23.38 -35.90
N ASP L 187 -19.97 -23.00 -36.29
CA ASP L 187 -19.27 -23.69 -37.38
C ASP L 187 -17.79 -23.82 -37.06
N GLN L 188 -17.47 -24.14 -35.81
CA GLN L 188 -16.09 -24.26 -35.37
C GLN L 188 -15.59 -25.70 -35.42
N ILE L 189 -16.08 -26.50 -36.35
CA ILE L 189 -15.75 -27.92 -36.36
C ILE L 189 -14.54 -28.18 -37.25
N ASP L 190 -14.35 -27.36 -38.30
CA ASP L 190 -13.26 -27.46 -39.28
C ASP L 190 -13.58 -28.61 -40.23
N PRO L 191 -13.56 -28.38 -41.55
CA PRO L 191 -13.80 -29.48 -42.49
C PRO L 191 -12.87 -30.65 -42.26
N LYS L 192 -13.24 -31.78 -42.86
CA LYS L 192 -12.67 -33.10 -42.51
C LYS L 192 -12.96 -33.30 -41.02
N ALA L 193 -12.01 -33.81 -40.24
CA ALA L 193 -12.20 -33.98 -38.80
C ALA L 193 -10.93 -33.57 -38.07
N GLU L 194 -10.34 -32.46 -38.48
CA GLU L 194 -9.11 -31.99 -37.87
C GLU L 194 -9.34 -31.59 -36.41
N LYS L 195 -8.38 -31.93 -35.55
CA LYS L 195 -8.41 -31.58 -34.13
C LYS L 195 -9.66 -32.10 -33.45
N ILE L 196 -10.07 -33.33 -33.81
CA ILE L 196 -11.23 -33.98 -33.21
C ILE L 196 -10.81 -35.38 -32.78
N THR L 197 -11.13 -35.74 -31.54
CA THR L 197 -10.70 -37.01 -30.95
C THR L 197 -11.93 -37.79 -30.48
N LEU L 198 -11.90 -39.10 -30.71
CA LEU L 198 -12.92 -40.01 -30.23
C LEU L 198 -12.32 -40.89 -29.14
N ALA L 199 -12.98 -40.94 -27.99
CA ALA L 199 -12.41 -41.58 -26.81
C ALA L 199 -12.66 -43.09 -26.79
N LEU L 200 -13.93 -43.50 -26.83
CA LEU L 200 -14.31 -44.91 -26.79
C LEU L 200 -13.79 -45.62 -25.55
N ALA L 201 -13.98 -46.93 -25.49
CA ALA L 201 -13.51 -47.75 -24.39
C ALA L 201 -12.78 -48.96 -24.94
N THR L 202 -11.90 -49.53 -24.12
CA THR L 202 -11.12 -50.69 -24.55
C THR L 202 -12.02 -51.87 -24.86
N SER L 203 -13.16 -51.99 -24.18
CA SER L 203 -14.07 -53.09 -24.45
C SER L 203 -14.85 -52.87 -25.75
N LYS L 204 -15.16 -51.62 -26.07
CA LYS L 204 -16.00 -51.29 -27.22
C LYS L 204 -15.20 -50.85 -28.45
N VAL L 205 -13.87 -50.80 -28.36
CA VAL L 205 -13.10 -50.35 -29.50
C VAL L 205 -13.14 -51.37 -30.64
N ASP L 206 -13.24 -52.66 -30.30
CA ASP L 206 -13.24 -53.70 -31.32
C ASP L 206 -14.54 -53.76 -32.11
N TYR L 207 -15.58 -53.06 -31.68
CA TYR L 207 -16.82 -53.01 -32.45
C TYR L 207 -16.69 -52.16 -33.71
N LEU L 208 -15.59 -51.41 -33.85
CA LEU L 208 -15.36 -50.64 -35.06
C LEU L 208 -15.05 -51.51 -36.27
N SER L 209 -14.79 -52.80 -36.05
CA SER L 209 -14.56 -53.74 -37.14
C SER L 209 -15.82 -54.49 -37.54
N VAL L 210 -16.97 -54.17 -36.93
CA VAL L 210 -18.23 -54.79 -37.34
C VAL L 210 -18.59 -54.33 -38.73
N THR L 211 -18.92 -55.28 -39.60
CA THR L 211 -19.15 -55.00 -41.00
C THR L 211 -20.60 -55.29 -41.38
N THR L 212 -21.00 -54.75 -42.52
CA THR L 212 -22.21 -55.18 -43.19
C THR L 212 -22.00 -56.59 -43.74
N PRO L 213 -23.09 -57.30 -44.06
CA PRO L 213 -22.94 -58.58 -44.77
C PRO L 213 -22.29 -58.43 -46.14
N TYR L 214 -21.89 -57.22 -46.51
CA TYR L 214 -21.55 -56.89 -47.88
C TYR L 214 -20.07 -56.58 -48.08
N GLY L 215 -19.37 -56.18 -47.03
CA GLY L 215 -17.92 -56.00 -47.11
C GLY L 215 -17.42 -54.62 -46.71
N ILE L 216 -18.23 -53.86 -45.97
CA ILE L 216 -17.86 -52.52 -45.52
C ILE L 216 -17.90 -52.49 -44.00
N SER L 217 -16.84 -52.00 -43.38
CA SER L 217 -16.71 -51.92 -41.94
C SER L 217 -17.01 -50.51 -41.44
N VAL L 218 -17.16 -50.39 -40.12
CA VAL L 218 -17.39 -49.09 -39.50
C VAL L 218 -16.18 -48.19 -39.68
N SER L 219 -14.98 -48.74 -39.49
CA SER L 219 -13.77 -47.93 -39.62
C SER L 219 -13.61 -47.38 -41.04
N ASP L 220 -14.03 -48.15 -42.05
CA ASP L 220 -13.99 -47.65 -43.42
C ASP L 220 -14.96 -46.49 -43.60
N TRP L 221 -16.13 -46.55 -42.98
CA TRP L 221 -17.10 -45.47 -43.10
C TRP L 221 -16.56 -44.18 -42.48
N ILE L 222 -15.85 -44.29 -41.35
CA ILE L 222 -15.24 -43.10 -40.74
C ILE L 222 -14.23 -42.49 -41.69
N GLU L 223 -13.45 -43.32 -42.39
CA GLU L 223 -12.47 -42.82 -43.34
C GLU L 223 -13.16 -42.05 -44.47
N GLN L 224 -14.31 -42.53 -44.94
CA GLN L 224 -15.00 -41.88 -46.04
C GLN L 224 -15.51 -40.49 -45.65
N THR L 225 -16.11 -40.37 -44.48
CA THR L 225 -16.80 -39.14 -44.10
C THR L 225 -15.92 -38.20 -43.31
N TYR L 226 -15.18 -38.71 -42.32
CA TYR L 226 -14.30 -37.91 -41.48
C TYR L 226 -12.91 -38.54 -41.50
N PRO L 227 -12.17 -38.36 -42.61
CA PRO L 227 -10.89 -39.08 -42.76
C PRO L 227 -9.83 -38.69 -41.74
N LYS L 228 -9.94 -37.52 -41.11
CA LYS L 228 -8.88 -37.00 -40.27
C LYS L 228 -9.21 -37.04 -38.79
N MET L 229 -10.23 -37.78 -38.38
CA MET L 229 -10.49 -37.99 -36.96
C MET L 229 -9.43 -38.91 -36.36
N ARG L 230 -9.12 -38.67 -35.09
CA ARG L 230 -8.19 -39.50 -34.33
C ARG L 230 -8.98 -40.33 -33.33
N ILE L 231 -8.69 -41.64 -33.29
CA ILE L 231 -9.40 -42.58 -32.45
C ILE L 231 -8.41 -43.14 -31.43
N VAL L 232 -8.75 -43.03 -30.15
CA VAL L 232 -7.94 -43.58 -29.08
C VAL L 232 -8.79 -44.52 -28.25
N SER L 233 -8.20 -45.07 -27.19
CA SER L 233 -8.95 -45.92 -26.27
C SER L 233 -8.24 -45.90 -24.91
N ALA L 234 -9.01 -46.22 -23.86
CA ALA L 234 -8.46 -46.19 -22.52
C ALA L 234 -9.20 -47.18 -21.64
N PRO L 235 -8.49 -48.00 -20.87
CA PRO L 235 -9.18 -48.93 -19.95
C PRO L 235 -9.98 -48.23 -18.87
N GLU L 236 -9.66 -46.97 -18.55
CA GLU L 236 -10.39 -46.26 -17.50
C GLU L 236 -11.80 -45.90 -17.91
N LEU L 237 -12.11 -45.92 -19.20
CA LEU L 237 -13.44 -45.60 -19.69
C LEU L 237 -14.34 -46.82 -19.82
N SER L 238 -13.86 -48.00 -19.43
CA SER L 238 -14.66 -49.22 -19.52
C SER L 238 -15.77 -49.22 -18.49
N GLY L 239 -15.42 -49.17 -17.21
CA GLY L 239 -16.40 -49.11 -16.15
C GLY L 239 -16.45 -47.72 -15.56
N VAL L 240 -17.56 -47.02 -15.80
CA VAL L 240 -17.71 -45.61 -15.45
C VAL L 240 -18.73 -45.42 -14.34
N GLN L 241 -19.99 -45.78 -14.59
CA GLN L 241 -21.07 -45.47 -13.66
C GLN L 241 -21.79 -46.69 -13.10
N MET L 242 -21.79 -47.81 -13.82
CA MET L 242 -22.42 -49.06 -13.38
C MET L 242 -23.94 -48.95 -13.36
N LYS L 243 -24.60 -49.82 -14.11
CA LYS L 243 -26.05 -49.89 -14.14
C LYS L 243 -26.51 -50.72 -12.93
N ASN L 244 -27.77 -51.17 -12.92
CA ASN L 244 -28.30 -51.91 -11.78
C ASN L 244 -27.39 -53.06 -11.36
N GLN L 245 -26.94 -53.85 -12.34
CA GLN L 245 -26.02 -54.95 -12.06
C GLN L 245 -24.89 -55.07 -13.08
N GLU L 246 -24.83 -54.21 -14.08
CA GLU L 246 -23.81 -54.31 -15.12
C GLU L 246 -23.12 -52.98 -15.32
N PRO L 247 -21.86 -53.00 -15.75
CA PRO L 247 -21.14 -51.75 -16.02
C PRO L 247 -21.58 -51.13 -17.34
N GLU L 248 -21.14 -49.89 -17.54
CA GLU L 248 -21.44 -49.13 -18.76
C GLU L 248 -20.17 -48.50 -19.30
N ASP L 249 -19.97 -48.62 -20.61
CA ASP L 249 -18.81 -48.06 -21.28
C ASP L 249 -19.13 -46.67 -21.82
N ALA L 250 -18.13 -45.80 -21.82
CA ALA L 250 -18.32 -44.39 -22.13
C ALA L 250 -17.72 -44.03 -23.49
N LEU L 251 -18.32 -43.05 -24.14
CA LEU L 251 -17.83 -42.48 -25.39
C LEU L 251 -17.77 -40.97 -25.23
N VAL L 252 -16.62 -40.38 -25.57
CA VAL L 252 -16.42 -38.94 -25.46
C VAL L 252 -15.87 -38.43 -26.79
N LEU L 253 -16.50 -37.38 -27.32
CA LEU L 253 -16.06 -36.72 -28.54
C LEU L 253 -15.81 -35.25 -28.23
N PHE L 254 -14.61 -34.76 -28.52
CA PHE L 254 -14.23 -33.41 -28.14
C PHE L 254 -13.21 -32.87 -29.13
N VAL L 255 -13.08 -31.54 -29.15
CA VAL L 255 -12.13 -30.85 -30.01
C VAL L 255 -10.83 -30.64 -29.23
N GLU L 256 -9.71 -30.96 -29.86
CA GLU L 256 -8.42 -30.90 -29.17
C GLU L 256 -8.07 -29.47 -28.75
N ASP L 257 -8.21 -28.52 -29.66
CA ASP L 257 -7.83 -27.14 -29.37
C ASP L 257 -8.57 -26.20 -30.29
N VAL L 258 -8.49 -24.91 -29.97
CA VAL L 258 -9.15 -23.85 -30.72
C VAL L 258 -8.11 -22.82 -31.12
N ASN L 259 -8.15 -22.39 -32.38
CA ASN L 259 -7.22 -21.38 -32.85
C ASN L 259 -7.44 -20.06 -32.13
N ALA L 260 -6.34 -19.37 -31.83
CA ALA L 260 -6.38 -18.11 -31.10
C ALA L 260 -6.59 -16.90 -32.00
N ALA L 261 -6.73 -17.10 -33.31
CA ALA L 261 -6.93 -15.99 -34.23
C ALA L 261 -8.36 -15.46 -34.17
N VAL L 262 -9.33 -16.30 -33.80
CA VAL L 262 -10.73 -15.89 -33.82
C VAL L 262 -10.97 -14.79 -32.78
N ASP L 263 -10.37 -14.92 -31.60
CA ASP L 263 -10.49 -13.92 -30.55
C ASP L 263 -9.19 -13.82 -29.79
N GLY L 264 -8.93 -12.65 -29.22
CA GLY L 264 -7.70 -12.41 -28.50
C GLY L 264 -7.65 -13.09 -27.15
N SER L 265 -7.62 -14.42 -27.16
CA SER L 265 -7.68 -15.17 -25.92
C SER L 265 -6.47 -14.91 -25.04
N THR L 266 -5.29 -14.75 -25.65
CA THR L 266 -4.02 -14.69 -24.92
C THR L 266 -3.84 -15.93 -24.06
N ASP L 267 -4.20 -17.08 -24.62
CA ASP L 267 -4.12 -18.36 -23.93
C ASP L 267 -3.99 -19.44 -24.99
N GLY L 268 -3.52 -20.61 -24.57
CA GLY L 268 -3.28 -21.70 -25.49
C GLY L 268 -4.51 -22.46 -25.94
N GLY L 269 -5.67 -22.17 -25.37
CA GLY L 269 -6.87 -22.91 -25.72
C GLY L 269 -6.87 -24.31 -25.18
N SER L 270 -6.80 -25.30 -26.07
CA SER L 270 -6.63 -26.73 -25.77
C SER L 270 -7.84 -27.34 -25.10
N VAL L 271 -8.89 -26.58 -24.80
CA VAL L 271 -10.13 -27.09 -24.21
C VAL L 271 -9.85 -27.75 -22.86
N PHE L 272 -9.14 -28.87 -22.89
CA PHE L 272 -8.76 -29.59 -21.69
C PHE L 272 -7.32 -29.26 -21.31
N SER L 273 -7.00 -29.40 -20.02
CA SER L 273 -5.66 -29.17 -19.52
C SER L 273 -5.43 -30.00 -18.27
N GLN L 274 -4.23 -30.55 -18.15
CA GLN L 274 -3.82 -31.29 -16.97
C GLN L 274 -2.85 -30.42 -16.18
N LEU L 275 -3.20 -30.12 -14.93
CA LEU L 275 -2.41 -29.23 -14.09
C LEU L 275 -1.48 -30.07 -13.22
N VAL L 276 -0.22 -30.12 -13.60
CA VAL L 276 0.80 -30.89 -12.88
C VAL L 276 1.82 -29.90 -12.32
N GLN L 277 1.96 -29.89 -10.99
CA GLN L 277 2.96 -29.03 -10.37
C GLN L 277 4.37 -29.58 -10.56
N SER L 278 4.53 -30.90 -10.43
CA SER L 278 5.83 -31.52 -10.60
C SER L 278 5.63 -33.01 -10.81
N LYS L 279 6.55 -33.61 -11.57
CA LYS L 279 6.52 -35.05 -11.83
C LYS L 279 7.29 -35.84 -10.78
N PHE L 280 8.47 -35.37 -10.40
CA PHE L 280 9.34 -36.14 -9.53
C PHE L 280 10.38 -35.25 -8.86
N ILE L 281 10.32 -35.13 -7.53
CA ILE L 281 11.29 -34.35 -6.77
C ILE L 281 11.76 -35.19 -5.59
N THR L 282 12.95 -34.87 -5.10
CA THR L 282 13.52 -35.54 -3.95
C THR L 282 13.47 -34.61 -2.73
N LEU L 283 13.14 -35.19 -1.58
CA LEU L 283 12.99 -34.43 -0.35
C LEU L 283 14.30 -34.37 0.44
N GLY L 284 14.85 -35.52 0.80
CA GLY L 284 16.09 -35.55 1.54
C GLY L 284 16.56 -36.98 1.73
N VAL L 285 17.79 -37.11 2.20
CA VAL L 285 18.44 -38.39 2.43
C VAL L 285 18.87 -38.45 3.89
N GLU L 286 18.50 -39.53 4.58
CA GLU L 286 18.93 -39.78 5.94
C GLU L 286 19.82 -41.01 5.97
N LYS L 287 21.02 -40.85 6.52
CA LYS L 287 22.01 -41.92 6.57
C LYS L 287 22.13 -42.42 8.01
N ARG L 288 22.03 -43.73 8.18
CA ARG L 288 22.13 -44.36 9.49
C ARG L 288 23.37 -45.26 9.52
N ALA L 289 23.53 -45.99 10.63
CA ALA L 289 24.72 -46.80 10.83
C ALA L 289 24.83 -47.91 9.81
N LYS L 290 23.72 -48.57 9.49
CA LYS L 290 23.75 -49.73 8.61
C LYS L 290 22.81 -49.61 7.42
N SER L 291 22.21 -48.44 7.20
CA SER L 291 21.27 -48.27 6.09
C SER L 291 21.08 -46.78 5.84
N TYR L 292 20.34 -46.47 4.78
CA TYR L 292 19.98 -45.10 4.47
C TYR L 292 18.61 -45.09 3.79
N VAL L 293 17.91 -43.97 3.93
CA VAL L 293 16.53 -43.83 3.46
C VAL L 293 16.45 -42.62 2.54
N GLU L 294 15.69 -42.76 1.46
CA GLU L 294 15.44 -41.66 0.53
C GLU L 294 13.94 -41.47 0.37
N ASP L 295 13.52 -40.23 0.11
CA ASP L 295 12.12 -39.89 -0.02
C ASP L 295 11.89 -39.09 -1.30
N PHE L 296 10.72 -39.31 -1.90
CA PHE L 296 10.36 -38.63 -3.14
C PHE L 296 8.88 -38.23 -3.07
N SER L 297 8.51 -37.29 -3.93
CA SER L 297 7.14 -36.76 -3.91
C SER L 297 6.83 -36.15 -5.27
N ASN L 298 5.54 -35.89 -5.49
CA ASN L 298 5.07 -35.25 -6.70
C ASN L 298 3.78 -34.51 -6.39
N GLY L 299 3.32 -33.71 -7.34
CA GLY L 299 2.11 -32.93 -7.15
C GLY L 299 1.30 -32.83 -8.43
N THR L 300 -0.02 -32.74 -8.25
CA THR L 300 -0.93 -32.62 -9.37
C THR L 300 -2.23 -31.99 -8.88
N ALA L 301 -3.02 -31.49 -9.83
CA ALA L 301 -4.29 -30.83 -9.50
C ALA L 301 -5.48 -31.36 -10.29
N GLY L 302 -5.31 -32.38 -11.11
CA GLY L 302 -6.40 -32.95 -11.86
C GLY L 302 -6.52 -32.38 -13.26
N ALA L 303 -7.72 -32.51 -13.81
CA ALA L 303 -8.03 -32.05 -15.16
C ALA L 303 -9.02 -30.91 -15.11
N LEU L 304 -8.86 -29.95 -16.02
CA LEU L 304 -9.73 -28.78 -16.10
C LEU L 304 -10.26 -28.65 -17.52
N CYS L 305 -11.58 -28.46 -17.63
CA CYS L 305 -12.22 -28.26 -18.93
C CYS L 305 -12.57 -26.78 -19.07
N LYS L 306 -11.83 -26.09 -19.94
CA LYS L 306 -11.98 -24.64 -20.08
C LYS L 306 -13.03 -24.24 -21.10
N ARG L 307 -13.39 -25.14 -22.02
CA ARG L 307 -14.37 -24.85 -23.06
C ARG L 307 -15.38 -26.00 -23.11
N PRO L 308 -16.36 -25.99 -22.20
CA PRO L 308 -17.33 -27.10 -22.16
C PRO L 308 -18.32 -27.13 -23.31
N TRP L 309 -18.21 -26.22 -24.28
CA TRP L 309 -19.14 -26.19 -25.40
C TRP L 309 -18.72 -27.15 -26.52
N ALA L 310 -17.58 -27.81 -26.39
CA ALA L 310 -17.03 -28.66 -27.44
C ALA L 310 -16.90 -30.12 -27.00
N VAL L 311 -17.77 -30.58 -26.11
CA VAL L 311 -17.72 -31.94 -25.60
C VAL L 311 -19.09 -32.58 -25.78
N VAL L 312 -19.10 -33.79 -26.35
CA VAL L 312 -20.29 -34.62 -26.46
C VAL L 312 -19.97 -35.97 -25.87
N ARG L 313 -20.81 -36.44 -24.95
CA ARG L 313 -20.48 -37.62 -24.16
C ARG L 313 -21.70 -38.53 -24.06
N TYR L 314 -21.45 -39.83 -24.04
CA TYR L 314 -22.50 -40.84 -23.91
C TYR L 314 -22.19 -41.74 -22.72
N LEU L 315 -23.23 -42.06 -21.94
CA LEU L 315 -23.06 -42.94 -20.79
C LEU L 315 -23.13 -44.41 -21.20
N GLY L 316 -24.20 -44.80 -21.90
CA GLY L 316 -24.22 -46.10 -22.52
C GLY L 316 -23.29 -46.14 -23.72
N ILE L 317 -22.89 -47.37 -24.07
CA ILE L 317 -22.01 -47.58 -25.22
C ILE L 317 -20.69 -46.82 -25.07
N ASN M 1 38.48 -93.51 -112.48
CA ASN M 1 39.32 -92.35 -112.23
C ASN M 1 39.25 -91.92 -110.77
N PHE M 2 39.72 -90.70 -110.50
CA PHE M 2 39.68 -90.05 -109.20
C PHE M 2 40.55 -90.73 -108.15
N THR M 3 41.33 -91.74 -108.54
CA THR M 3 42.24 -92.43 -107.64
C THR M 3 41.57 -92.86 -106.34
N ALA M 4 42.29 -92.77 -105.23
CA ALA M 4 41.77 -93.11 -103.92
C ALA M 4 42.08 -91.99 -102.94
N PRO M 5 41.18 -91.73 -101.98
CA PRO M 5 41.40 -90.60 -101.07
C PRO M 5 42.28 -90.91 -99.87
N VAL M 6 42.78 -92.14 -99.75
CA VAL M 6 43.65 -92.56 -98.64
C VAL M 6 42.87 -92.55 -97.34
N THR M 7 42.41 -91.38 -96.92
CA THR M 7 41.59 -91.24 -95.72
C THR M 7 40.12 -91.35 -96.07
N THR M 8 39.33 -91.74 -95.07
CA THR M 8 37.89 -91.84 -95.26
C THR M 8 37.26 -90.44 -95.20
N PRO M 9 36.58 -89.99 -96.25
CA PRO M 9 35.95 -88.67 -96.21
C PRO M 9 34.86 -88.61 -95.15
N SER M 10 34.75 -87.46 -94.49
CA SER M 10 33.78 -87.25 -93.44
C SER M 10 33.68 -85.75 -93.15
N ILE M 11 32.77 -85.39 -92.27
CA ILE M 11 32.66 -83.99 -91.83
C ILE M 11 33.85 -83.66 -90.94
N PRO M 12 34.58 -82.58 -91.22
CA PRO M 12 35.86 -82.35 -90.54
C PRO M 12 35.75 -81.94 -89.08
N THR M 13 34.81 -81.05 -88.76
CA THR M 13 34.81 -80.47 -87.41
C THR M 13 33.93 -81.29 -86.47
N PRO M 14 34.47 -81.76 -85.35
CA PRO M 14 33.65 -82.47 -84.36
C PRO M 14 32.64 -81.53 -83.71
N ILE M 15 31.72 -82.13 -82.96
CA ILE M 15 30.68 -81.34 -82.30
C ILE M 15 31.29 -80.43 -81.24
N GLN M 16 32.33 -80.90 -80.54
CA GLN M 16 33.05 -80.02 -79.64
C GLN M 16 33.84 -78.99 -80.45
N PHE M 17 34.35 -77.98 -79.75
CA PHE M 17 34.99 -76.80 -80.32
C PHE M 17 33.94 -75.91 -80.98
N LEU M 18 32.69 -76.37 -81.01
CA LEU M 18 31.56 -75.59 -81.50
C LEU M 18 30.50 -75.40 -80.42
N GLN M 19 30.87 -75.59 -79.17
CA GLN M 19 29.97 -75.45 -78.04
C GLN M 19 30.52 -74.40 -77.07
N THR M 20 29.63 -73.54 -76.59
CA THR M 20 29.96 -72.60 -75.54
C THR M 20 29.15 -72.94 -74.30
N TRP M 21 29.80 -72.92 -73.15
CA TRP M 21 29.22 -73.36 -71.90
C TRP M 21 28.92 -72.16 -71.02
N LEU M 22 27.69 -72.08 -70.51
CA LEU M 22 27.29 -70.95 -69.70
C LEU M 22 28.11 -70.89 -68.41
N PRO M 23 28.51 -69.70 -67.97
CA PRO M 23 29.44 -69.62 -66.82
C PRO M 23 28.85 -70.12 -65.51
N GLY M 24 27.52 -70.21 -65.39
CA GLY M 24 26.92 -70.57 -64.13
C GLY M 24 26.27 -71.94 -64.09
N PHE M 25 26.23 -72.54 -62.90
CA PHE M 25 25.56 -73.81 -62.68
C PHE M 25 24.37 -73.57 -61.76
N VAL M 26 23.17 -73.92 -62.22
CA VAL M 26 22.01 -73.81 -61.35
C VAL M 26 22.08 -74.87 -60.26
N LYS M 27 21.33 -74.64 -59.19
CA LYS M 27 21.32 -75.54 -58.04
C LYS M 27 19.89 -75.84 -57.64
N VAL M 28 19.69 -77.02 -57.04
CA VAL M 28 18.41 -77.32 -56.41
C VAL M 28 18.28 -76.52 -55.12
N MET M 29 17.04 -76.15 -54.79
CA MET M 29 16.81 -75.00 -53.92
C MET M 29 16.31 -75.36 -52.53
N THR M 30 15.46 -76.39 -52.41
CA THR M 30 14.97 -76.88 -51.12
C THR M 30 14.02 -75.87 -50.47
N ALA M 31 13.25 -76.31 -49.48
CA ALA M 31 12.19 -75.51 -48.89
C ALA M 31 12.74 -74.23 -48.26
N ALA M 32 11.82 -73.32 -47.95
CA ALA M 32 12.16 -72.01 -47.41
C ALA M 32 12.57 -72.11 -45.94
N ARG M 33 13.36 -71.12 -45.50
CA ARG M 33 13.79 -71.00 -44.12
C ARG M 33 13.40 -69.60 -43.64
N LYS M 34 12.31 -69.50 -42.90
CA LYS M 34 11.74 -68.20 -42.52
C LYS M 34 11.64 -68.00 -41.01
N ILE M 35 12.40 -68.77 -40.23
CA ILE M 35 12.40 -68.56 -38.79
C ILE M 35 13.06 -67.22 -38.45
N ASP M 36 14.11 -66.85 -39.19
CA ASP M 36 14.81 -65.61 -38.92
C ASP M 36 13.92 -64.39 -39.18
N GLU M 37 13.14 -64.43 -40.26
CA GLU M 37 12.29 -63.29 -40.60
C GLU M 37 11.20 -63.08 -39.56
N ILE M 38 10.57 -64.17 -39.09
CA ILE M 38 9.47 -64.04 -38.15
C ILE M 38 9.96 -63.59 -36.79
N ILE M 39 11.04 -64.20 -36.30
CA ILE M 39 11.47 -64.02 -34.92
C ILE M 39 12.68 -63.11 -34.82
N GLY M 40 13.70 -63.35 -35.64
CA GLY M 40 14.98 -62.69 -35.51
C GLY M 40 16.03 -63.61 -34.90
N ILE M 41 17.26 -63.11 -34.84
CA ILE M 41 18.39 -63.88 -34.35
C ILE M 41 19.17 -63.05 -33.35
N ASP M 42 19.48 -63.65 -32.20
CA ASP M 42 20.28 -63.02 -31.15
C ASP M 42 21.50 -63.90 -30.89
N THR M 43 22.69 -63.32 -31.05
CA THR M 43 23.94 -64.01 -30.75
C THR M 43 24.42 -63.53 -29.38
N VAL M 44 24.14 -64.34 -28.35
CA VAL M 44 24.40 -63.95 -26.97
C VAL M 44 25.40 -64.88 -26.28
N GLY M 45 25.30 -66.19 -26.53
CA GLY M 45 26.14 -67.16 -25.87
C GLY M 45 27.45 -67.40 -26.57
N SER M 46 28.17 -68.41 -26.11
CA SER M 46 29.42 -68.84 -26.70
C SER M 46 29.39 -70.36 -26.88
N TRP M 47 30.29 -70.85 -27.72
CA TRP M 47 30.35 -72.29 -27.97
C TRP M 47 30.82 -72.99 -26.71
N GLU M 48 30.80 -74.33 -26.75
CA GLU M 48 31.19 -75.23 -25.66
C GLU M 48 30.50 -74.88 -24.34
N ASP M 49 29.42 -74.11 -24.39
CA ASP M 49 28.65 -73.79 -23.20
C ASP M 49 27.56 -74.84 -23.01
N GLN M 50 26.72 -74.66 -22.00
CA GLN M 50 25.68 -75.66 -21.74
C GLN M 50 24.29 -75.06 -21.61
N GLU M 51 24.15 -73.89 -20.99
CA GLU M 51 22.83 -73.37 -20.67
C GLU M 51 22.78 -71.86 -20.83
N ILE M 52 21.55 -71.35 -20.96
CA ILE M 52 21.26 -69.92 -21.07
C ILE M 52 20.28 -69.55 -19.97
N VAL M 53 20.50 -68.41 -19.32
CA VAL M 53 19.70 -67.99 -18.18
C VAL M 53 19.13 -66.61 -18.43
N GLN M 54 17.88 -66.40 -18.01
CA GLN M 54 17.19 -65.12 -18.11
C GLN M 54 16.36 -64.89 -16.86
N GLY M 55 16.21 -63.62 -16.47
CA GLY M 55 15.56 -63.28 -15.22
C GLY M 55 14.48 -62.23 -15.38
N ILE M 56 13.66 -62.12 -14.34
CA ILE M 56 12.59 -61.14 -14.24
C ILE M 56 12.69 -60.48 -12.86
N VAL M 57 12.09 -59.29 -12.72
CA VAL M 57 12.30 -58.45 -11.56
C VAL M 57 11.06 -58.34 -10.67
N GLU M 58 9.89 -58.07 -11.26
CA GLU M 58 8.65 -57.90 -10.51
C GLU M 58 8.78 -56.86 -9.40
N PRO M 59 8.79 -55.57 -9.73
CA PRO M 59 8.83 -54.54 -8.70
C PRO M 59 7.49 -54.36 -8.00
N ALA M 60 7.52 -53.62 -6.89
CA ALA M 60 6.32 -53.39 -6.10
C ALA M 60 6.44 -52.07 -5.34
N GLY M 61 5.29 -51.46 -5.07
CA GLY M 61 5.26 -50.20 -4.33
C GLY M 61 4.03 -49.35 -4.64
N THR M 62 3.57 -48.56 -3.68
CA THR M 62 2.39 -47.72 -3.87
C THR M 62 2.52 -46.46 -3.04
N ALA M 63 1.81 -45.41 -3.46
CA ALA M 63 1.84 -44.13 -2.78
C ALA M 63 0.89 -44.11 -1.59
N VAL M 64 1.08 -43.12 -0.71
CA VAL M 64 0.34 -43.07 0.55
C VAL M 64 -0.19 -41.65 0.77
N GLU M 65 0.14 -40.73 -0.13
CA GLU M 65 -0.15 -39.29 -0.03
C GLU M 65 0.77 -38.66 1.01
N TYR M 66 1.14 -37.39 0.78
CA TYR M 66 2.23 -36.75 1.51
C TYR M 66 1.75 -36.06 2.77
N GLY M 67 2.64 -36.03 3.77
CA GLY M 67 2.40 -35.28 4.97
C GLY M 67 3.61 -35.36 5.88
N ASP M 68 3.83 -34.29 6.65
CA ASP M 68 4.92 -34.26 7.61
C ASP M 68 4.58 -35.15 8.80
N HIS M 69 5.59 -35.86 9.30
CA HIS M 69 5.49 -36.73 10.47
C HIS M 69 4.59 -37.94 10.22
N THR M 70 4.34 -38.29 8.97
CA THR M 70 3.36 -39.32 8.61
C THR M 70 3.99 -40.52 7.92
N ASN M 71 5.14 -40.98 8.41
CA ASN M 71 5.77 -42.23 7.97
C ASN M 71 6.22 -42.17 6.51
N ILE M 72 7.02 -43.15 6.09
CA ILE M 72 7.53 -43.23 4.73
C ILE M 72 7.26 -44.61 4.17
N PRO M 73 6.48 -44.75 3.11
CA PRO M 73 6.31 -46.06 2.47
C PRO M 73 7.57 -46.48 1.72
N LEU M 74 7.70 -47.79 1.53
CA LEU M 74 8.90 -48.36 0.94
C LEU M 74 8.53 -49.28 -0.22
N THR M 75 9.51 -49.54 -1.08
CA THR M 75 9.35 -50.39 -2.25
C THR M 75 10.29 -51.59 -2.15
N SER M 76 10.10 -52.55 -3.05
CA SER M 76 10.88 -53.79 -3.03
C SER M 76 10.74 -54.47 -4.39
N TRP M 77 11.26 -55.70 -4.49
CA TRP M 77 11.21 -56.48 -5.72
C TRP M 77 11.45 -57.95 -5.39
N ASN M 78 11.26 -58.80 -6.39
CA ASN M 78 11.36 -60.26 -6.20
C ASN M 78 11.64 -60.91 -7.53
N ALA M 79 12.82 -61.52 -7.67
CA ALA M 79 13.32 -61.99 -8.96
C ALA M 79 13.11 -63.49 -9.14
N ASN M 80 13.05 -63.90 -10.40
CA ASN M 80 12.93 -65.30 -10.79
C ASN M 80 13.85 -65.56 -11.99
N PHE M 81 14.12 -66.83 -12.27
CA PHE M 81 15.07 -67.20 -13.31
C PHE M 81 14.54 -68.37 -14.13
N GLU M 82 15.08 -68.52 -15.33
CA GLU M 82 14.71 -69.57 -16.26
C GLU M 82 15.94 -70.01 -17.05
N ARG M 83 16.01 -71.30 -17.37
CA ARG M 83 17.18 -71.87 -18.03
C ARG M 83 16.76 -72.70 -19.24
N ARG M 84 17.66 -72.77 -20.23
CA ARG M 84 17.46 -73.57 -21.43
C ARG M 84 18.78 -74.23 -21.81
N THR M 85 18.71 -75.27 -22.63
CA THR M 85 19.86 -76.10 -22.97
C THR M 85 20.36 -75.79 -24.38
N ILE M 86 21.67 -75.97 -24.58
CA ILE M 86 22.34 -75.66 -25.84
C ILE M 86 22.61 -76.95 -26.59
N VAL M 87 22.32 -76.94 -27.90
CA VAL M 87 22.53 -78.08 -28.78
C VAL M 87 23.45 -77.66 -29.92
N ARG M 88 24.40 -78.54 -30.27
CA ARG M 88 25.36 -78.26 -31.32
C ARG M 88 25.43 -79.43 -32.28
N GLY M 89 25.72 -79.12 -33.55
CA GLY M 89 25.85 -80.12 -34.58
C GLY M 89 27.11 -79.89 -35.40
N GLU M 90 27.45 -80.89 -36.21
CA GLU M 90 28.67 -80.84 -36.99
C GLU M 90 28.44 -81.40 -38.39
N LEU M 91 29.30 -81.00 -39.32
CA LEU M 91 29.27 -81.45 -40.70
C LEU M 91 30.64 -81.20 -41.31
N GLY M 92 31.14 -82.17 -42.08
CA GLY M 92 32.47 -82.10 -42.64
C GLY M 92 32.49 -82.43 -44.12
N MET M 93 33.70 -82.53 -44.66
CA MET M 93 33.90 -82.80 -46.08
C MET M 93 35.24 -83.49 -46.28
N MET M 94 35.40 -84.13 -47.44
CA MET M 94 36.64 -84.81 -47.79
C MET M 94 36.87 -84.66 -49.30
N VAL M 95 38.08 -84.25 -49.67
CA VAL M 95 38.42 -84.01 -51.07
C VAL M 95 39.69 -84.78 -51.41
N GLY M 96 39.67 -85.47 -52.55
CA GLY M 96 40.84 -86.19 -53.03
C GLY M 96 41.60 -85.40 -54.09
N THR M 97 42.83 -85.85 -54.36
CA THR M 97 43.69 -85.13 -55.29
C THR M 97 43.19 -85.30 -56.73
N LEU M 98 42.88 -86.53 -57.12
CA LEU M 98 42.46 -86.79 -58.51
C LEU M 98 41.12 -86.13 -58.81
N GLU M 99 40.17 -86.23 -57.89
CA GLU M 99 38.85 -85.63 -58.12
C GLU M 99 38.92 -84.11 -58.15
N GLU M 100 39.87 -83.51 -57.42
CA GLU M 100 40.03 -82.07 -57.46
C GLU M 100 40.45 -81.60 -58.84
N GLY M 101 41.39 -82.30 -59.47
CA GLY M 101 41.80 -81.94 -60.82
C GLY M 101 40.70 -82.18 -61.84
N ARG M 102 39.98 -83.29 -61.71
CA ARG M 102 38.89 -83.58 -62.64
C ARG M 102 37.78 -82.54 -62.55
N ALA M 103 37.45 -82.11 -61.33
CA ALA M 103 36.36 -81.16 -61.15
C ALA M 103 36.71 -79.79 -61.74
N SER M 104 37.98 -79.39 -61.64
CA SER M 104 38.39 -78.09 -62.15
C SER M 104 38.32 -78.01 -63.67
N ALA M 105 38.20 -79.15 -64.36
CA ALA M 105 38.11 -79.13 -65.82
C ALA M 105 36.83 -78.45 -66.28
N ILE M 106 35.73 -78.67 -65.56
CA ILE M 106 34.44 -78.12 -65.94
C ILE M 106 34.18 -76.81 -65.18
N ARG M 107 35.26 -76.20 -64.69
CA ARG M 107 35.19 -74.91 -64.00
C ARG M 107 34.32 -75.00 -62.75
N LEU M 108 34.41 -76.12 -62.03
CA LEU M 108 33.66 -76.34 -60.81
C LEU M 108 34.63 -76.64 -59.69
N ASN M 109 34.54 -75.87 -58.61
CA ASN M 109 35.42 -76.03 -57.46
C ASN M 109 34.79 -77.05 -56.51
N SER M 110 35.39 -78.25 -56.45
CA SER M 110 34.84 -79.31 -55.60
C SER M 110 34.89 -78.94 -54.13
N ALA M 111 36.00 -78.33 -53.69
CA ALA M 111 36.16 -78.00 -52.29
C ALA M 111 35.21 -76.88 -51.87
N GLU M 112 34.94 -75.93 -52.77
CA GLU M 112 34.09 -74.80 -52.41
C GLU M 112 32.63 -75.21 -52.30
N THR M 113 32.15 -76.06 -53.21
CA THR M 113 30.76 -76.49 -53.15
C THR M 113 30.49 -77.36 -51.93
N LYS M 114 31.45 -78.22 -51.57
CA LYS M 114 31.29 -79.03 -50.37
C LYS M 114 31.31 -78.17 -49.11
N ARG M 115 32.00 -77.04 -49.15
CA ARG M 115 32.00 -76.13 -48.01
C ARG M 115 30.67 -75.38 -47.91
N GLN M 116 30.12 -74.95 -49.03
CA GLN M 116 28.85 -74.23 -49.01
C GLN M 116 27.72 -75.12 -48.51
N GLN M 117 27.72 -76.39 -48.92
CA GLN M 117 26.68 -77.30 -48.48
C GLN M 117 26.71 -77.52 -46.97
N ALA M 118 27.91 -77.56 -46.39
CA ALA M 118 28.02 -77.71 -44.95
C ALA M 118 27.38 -76.54 -44.22
N ALA M 119 27.60 -75.31 -44.72
CA ALA M 119 26.94 -74.16 -44.14
C ALA M 119 25.43 -74.21 -44.31
N ILE M 120 24.96 -74.61 -45.50
CA ILE M 120 23.53 -74.70 -45.74
C ILE M 120 22.91 -75.82 -44.92
N GLY M 121 23.58 -76.97 -44.84
CA GLY M 121 23.05 -78.07 -44.07
C GLY M 121 22.91 -77.77 -42.59
N LEU M 122 23.83 -76.98 -42.04
CA LEU M 122 23.72 -76.59 -40.63
C LEU M 122 22.60 -75.59 -40.41
N GLU M 123 22.34 -74.72 -41.40
CA GLU M 123 21.24 -73.78 -41.26
C GLU M 123 19.89 -74.48 -41.27
N THR M 124 19.76 -75.53 -42.08
CA THR M 124 18.54 -76.35 -42.05
C THR M 124 18.36 -76.98 -40.68
N PHE M 125 19.45 -77.46 -40.07
CA PHE M 125 19.39 -77.97 -38.71
C PHE M 125 18.98 -76.86 -37.73
N ARG M 126 19.52 -75.65 -37.93
CA ARG M 126 19.17 -74.54 -37.05
C ARG M 126 17.70 -74.15 -37.20
N ASN M 127 17.18 -74.18 -38.43
CA ASN M 127 15.79 -73.80 -38.67
C ASN M 127 14.83 -74.73 -37.93
N ALA M 128 15.05 -76.03 -38.04
CA ALA M 128 14.12 -76.99 -37.45
C ALA M 128 14.07 -76.86 -35.93
N ILE M 129 15.20 -76.53 -35.30
CA ILE M 129 15.21 -76.34 -33.86
C ILE M 129 14.41 -75.11 -33.47
N GLY M 130 14.45 -74.06 -34.29
CA GLY M 130 13.69 -72.86 -33.97
C GLY M 130 12.19 -73.09 -33.97
N PHE M 131 11.69 -73.86 -34.94
CA PHE M 131 10.26 -74.12 -35.02
C PHE M 131 9.84 -75.22 -34.05
N TYR M 132 10.53 -76.37 -34.10
CA TYR M 132 10.23 -77.51 -33.23
C TYR M 132 11.39 -77.72 -32.26
N GLY M 133 11.06 -78.03 -31.02
CA GLY M 133 12.10 -78.29 -30.04
C GLY M 133 12.88 -79.54 -30.38
N TRP M 134 14.10 -79.60 -29.85
CA TRP M 134 15.00 -80.73 -30.09
C TRP M 134 14.84 -81.73 -28.95
N GLN M 135 14.21 -82.87 -29.24
CA GLN M 135 14.02 -83.95 -28.27
C GLN M 135 13.34 -83.45 -27.00
N SER M 136 12.32 -82.60 -27.16
CA SER M 136 11.61 -82.07 -26.01
C SER M 136 10.87 -83.19 -25.27
N GLY M 137 10.30 -84.14 -26.00
CA GLY M 137 9.57 -85.23 -25.36
C GLY M 137 10.47 -86.12 -24.51
N LEU M 138 11.72 -86.33 -24.96
CA LEU M 138 12.62 -87.20 -24.22
C LEU M 138 13.03 -86.58 -22.89
N GLY M 139 13.05 -85.26 -22.78
CA GLY M 139 13.40 -84.60 -21.55
C GLY M 139 14.34 -83.42 -21.73
N ASN M 140 14.85 -83.25 -22.95
CA ASN M 140 15.74 -82.12 -23.24
C ASN M 140 14.97 -80.81 -23.18
N ARG M 141 15.56 -79.80 -22.54
CA ARG M 141 14.93 -78.51 -22.37
C ARG M 141 15.45 -77.54 -23.44
N THR M 142 14.96 -77.73 -24.66
CA THR M 142 15.28 -76.84 -25.76
C THR M 142 14.06 -76.06 -26.24
N TYR M 143 12.98 -76.76 -26.63
CA TYR M 143 11.71 -76.14 -27.02
C TYR M 143 11.85 -75.27 -28.26
N GLY M 144 10.73 -74.81 -28.81
CA GLY M 144 10.74 -74.02 -30.02
C GLY M 144 9.60 -73.04 -30.12
N PHE M 145 9.34 -72.57 -31.33
CA PHE M 145 8.29 -71.56 -31.54
C PHE M 145 6.90 -72.13 -31.29
N LEU M 146 6.70 -73.42 -31.54
CA LEU M 146 5.37 -74.01 -31.47
C LEU M 146 5.12 -74.84 -30.21
N ASN M 147 6.16 -75.12 -29.41
CA ASN M 147 6.00 -76.00 -28.26
C ASN M 147 6.67 -75.43 -27.01
N ASP M 148 6.76 -74.10 -26.91
CA ASP M 148 7.30 -73.49 -25.71
C ASP M 148 6.36 -73.75 -24.54
N PRO M 149 6.89 -74.16 -23.38
CA PRO M 149 6.00 -74.49 -22.25
C PRO M 149 5.30 -73.27 -21.66
N ASN M 150 5.93 -72.10 -21.66
CA ASN M 150 5.32 -70.88 -21.13
C ASN M 150 4.53 -70.18 -22.22
N LEU M 151 3.46 -70.84 -22.65
CA LEU M 151 2.58 -70.31 -23.67
C LEU M 151 1.13 -70.57 -23.28
N PRO M 152 0.20 -69.71 -23.73
CA PRO M 152 -1.20 -69.84 -23.28
C PRO M 152 -1.91 -71.07 -23.82
N ALA M 153 -1.24 -71.94 -24.57
CA ALA M 153 -1.80 -73.17 -25.11
C ALA M 153 -2.81 -72.90 -26.22
N PHE M 154 -2.99 -73.86 -27.11
CA PHE M 154 -3.84 -73.68 -28.28
C PHE M 154 -5.31 -73.61 -27.89
N GLN M 155 -6.10 -72.98 -28.75
CA GLN M 155 -7.53 -72.85 -28.55
C GLN M 155 -8.26 -73.22 -29.83
N THR M 156 -9.48 -73.73 -29.67
CA THR M 156 -10.32 -74.04 -30.81
C THR M 156 -10.96 -72.77 -31.34
N PRO M 157 -10.81 -72.46 -32.63
CA PRO M 157 -11.37 -71.21 -33.18
C PRO M 157 -12.88 -71.24 -33.13
N PRO M 158 -13.52 -70.07 -33.10
CA PRO M 158 -15.00 -70.03 -33.08
C PRO M 158 -15.64 -70.76 -34.25
N SER M 159 -15.05 -70.65 -35.44
CA SER M 159 -15.45 -71.48 -36.57
C SER M 159 -14.65 -72.77 -36.55
N GLN M 160 -15.33 -73.89 -36.84
CA GLN M 160 -14.66 -75.18 -36.74
C GLN M 160 -13.54 -75.32 -37.75
N GLY M 161 -13.75 -74.82 -38.98
CA GLY M 161 -12.72 -74.87 -39.99
C GLY M 161 -12.88 -73.83 -41.06
N TRP M 162 -11.76 -73.27 -41.55
CA TRP M 162 -11.83 -72.33 -42.66
C TRP M 162 -12.34 -73.01 -43.93
N SER M 163 -11.99 -74.28 -44.11
CA SER M 163 -12.61 -75.07 -45.18
C SER M 163 -14.11 -75.19 -44.92
N THR M 164 -14.90 -75.09 -45.99
CA THR M 164 -16.36 -75.07 -45.94
C THR M 164 -16.91 -73.91 -45.14
N ALA M 165 -16.13 -72.85 -44.93
CA ALA M 165 -16.56 -71.66 -44.23
C ALA M 165 -16.73 -70.51 -45.20
N ASP M 166 -17.63 -69.58 -44.87
CA ASP M 166 -17.93 -68.45 -45.72
C ASP M 166 -16.98 -67.29 -45.39
N TRP M 167 -17.20 -66.15 -46.04
CA TRP M 167 -16.37 -64.98 -45.80
C TRP M 167 -16.55 -64.44 -44.37
N ALA M 168 -17.79 -64.43 -43.88
CA ALA M 168 -18.06 -63.89 -42.55
C ALA M 168 -17.39 -64.71 -41.47
N GLY M 169 -17.39 -66.04 -41.61
CA GLY M 169 -16.78 -66.89 -40.59
C GLY M 169 -15.28 -66.70 -40.49
N ILE M 170 -14.62 -66.48 -41.63
CA ILE M 170 -13.15 -66.36 -41.61
C ILE M 170 -12.73 -65.10 -40.86
N ILE M 171 -13.37 -63.96 -41.14
CA ILE M 171 -13.00 -62.73 -40.47
C ILE M 171 -13.45 -62.72 -39.01
N GLY M 172 -14.42 -63.56 -38.65
CA GLY M 172 -14.82 -63.65 -37.25
C GLY M 172 -13.73 -64.19 -36.36
N ASP M 173 -12.96 -65.16 -36.87
CA ASP M 173 -11.85 -65.72 -36.09
C ASP M 173 -10.77 -64.67 -35.85
N ILE M 174 -10.47 -63.86 -36.87
CA ILE M 174 -9.43 -62.85 -36.72
C ILE M 174 -9.88 -61.75 -35.76
N ARG M 175 -11.16 -61.37 -35.82
CA ARG M 175 -11.65 -60.33 -34.93
C ARG M 175 -11.58 -60.76 -33.47
N GLU M 176 -11.94 -62.01 -33.19
CA GLU M 176 -11.90 -62.49 -31.81
C GLU M 176 -10.48 -62.62 -31.31
N ALA M 177 -9.55 -63.02 -32.17
CA ALA M 177 -8.14 -63.12 -31.77
C ALA M 177 -7.60 -61.75 -31.39
N VAL M 178 -7.91 -60.73 -32.18
CA VAL M 178 -7.47 -59.38 -31.84
C VAL M 178 -8.17 -58.89 -30.58
N ARG M 179 -9.46 -59.24 -30.42
CA ARG M 179 -10.19 -58.84 -29.23
C ARG M 179 -9.58 -59.43 -27.97
N GLN M 180 -9.19 -60.71 -28.02
CA GLN M 180 -8.59 -61.34 -26.85
C GLN M 180 -7.20 -60.80 -26.55
N LEU M 181 -6.44 -60.43 -27.59
CA LEU M 181 -5.11 -59.86 -27.37
C LEU M 181 -5.19 -58.53 -26.64
N ARG M 182 -6.18 -57.71 -26.97
CA ARG M 182 -6.38 -56.43 -26.30
C ARG M 182 -6.96 -56.58 -24.90
N ILE M 183 -7.34 -57.79 -24.51
CA ILE M 183 -7.77 -58.07 -23.14
C ILE M 183 -6.62 -58.58 -22.28
N GLN M 184 -5.78 -59.46 -22.85
CA GLN M 184 -4.62 -59.95 -22.11
C GLN M 184 -3.68 -58.79 -21.75
N SER M 185 -3.30 -58.01 -22.76
CA SER M 185 -2.59 -56.74 -22.52
C SER M 185 -3.63 -55.63 -22.49
N GLN M 186 -3.57 -54.78 -21.47
CA GLN M 186 -4.66 -53.86 -21.20
C GLN M 186 -4.95 -52.97 -22.40
N ASP M 187 -4.03 -52.08 -22.74
CA ASP M 187 -4.17 -51.27 -23.95
C ASP M 187 -2.82 -51.12 -24.63
N GLN M 188 -2.05 -52.21 -24.70
CA GLN M 188 -0.72 -52.19 -25.29
C GLN M 188 -0.72 -52.60 -26.75
N ILE M 189 -1.90 -52.61 -27.39
CA ILE M 189 -2.00 -53.08 -28.77
C ILE M 189 -1.37 -52.09 -29.75
N ASP M 190 -1.46 -50.78 -29.43
CA ASP M 190 -1.04 -49.66 -30.28
C ASP M 190 -2.11 -49.47 -31.35
N PRO M 191 -2.54 -48.23 -31.62
CA PRO M 191 -3.51 -48.03 -32.70
C PRO M 191 -2.95 -48.46 -34.05
N LYS M 192 -3.86 -48.63 -35.00
CA LYS M 192 -3.61 -49.38 -36.24
C LYS M 192 -3.23 -50.81 -35.81
N ALA M 193 -2.24 -51.42 -36.44
CA ALA M 193 -1.77 -52.74 -36.02
C ALA M 193 -0.25 -52.79 -36.07
N GLU M 194 0.39 -51.74 -35.57
CA GLU M 194 1.84 -51.68 -35.59
C GLU M 194 2.44 -52.74 -34.67
N LYS M 195 3.56 -53.32 -35.12
CA LYS M 195 4.29 -54.33 -34.35
C LYS M 195 3.41 -55.53 -34.03
N ILE M 196 2.57 -55.93 -34.98
CA ILE M 196 1.70 -57.08 -34.84
C ILE M 196 1.86 -57.95 -36.08
N THR M 197 2.08 -59.25 -35.87
CA THR M 197 2.33 -60.20 -36.95
C THR M 197 1.33 -61.34 -36.89
N LEU M 198 0.85 -61.75 -38.06
CA LEU M 198 -0.02 -62.90 -38.21
C LEU M 198 0.74 -64.03 -38.89
N ALA M 199 0.78 -65.20 -38.25
CA ALA M 199 1.64 -66.29 -38.70
C ALA M 199 1.01 -67.09 -39.83
N LEU M 200 -0.18 -67.66 -39.59
CA LEU M 200 -0.88 -68.48 -40.57
C LEU M 200 -0.06 -69.67 -41.05
N ALA M 201 -0.60 -70.40 -42.03
CA ALA M 201 0.07 -71.56 -42.60
C ALA M 201 0.11 -71.43 -44.10
N THR M 202 1.05 -72.16 -44.73
CA THR M 202 1.20 -72.08 -46.17
C THR M 202 -0.04 -72.61 -46.88
N SER M 203 -0.65 -73.66 -46.35
CA SER M 203 -1.84 -74.23 -46.98
C SER M 203 -3.10 -73.41 -46.71
N LYS M 204 -3.06 -72.49 -45.76
CA LYS M 204 -4.21 -71.68 -45.40
C LYS M 204 -4.07 -70.21 -45.75
N VAL M 205 -2.91 -69.79 -46.27
CA VAL M 205 -2.72 -68.38 -46.58
C VAL M 205 -3.57 -67.98 -47.79
N ASP M 206 -3.87 -68.94 -48.68
CA ASP M 206 -4.65 -68.63 -49.87
C ASP M 206 -6.13 -68.38 -49.56
N TYR M 207 -6.59 -68.71 -48.36
CA TYR M 207 -7.97 -68.42 -47.98
C TYR M 207 -8.20 -66.94 -47.71
N LEU M 208 -7.14 -66.14 -47.64
CA LEU M 208 -7.30 -64.69 -47.47
C LEU M 208 -7.84 -64.02 -48.71
N SER M 209 -7.91 -64.72 -49.84
CA SER M 209 -8.48 -64.19 -51.07
C SER M 209 -9.93 -64.58 -51.26
N VAL M 210 -10.53 -65.29 -50.30
CA VAL M 210 -11.94 -65.65 -50.38
C VAL M 210 -12.77 -64.38 -50.26
N THR M 211 -13.72 -64.21 -51.16
CA THR M 211 -14.52 -62.99 -51.24
C THR M 211 -15.98 -63.27 -50.95
N THR M 212 -16.71 -62.21 -50.66
CA THR M 212 -18.16 -62.24 -50.64
C THR M 212 -18.68 -62.38 -52.06
N PRO M 213 -19.94 -62.77 -52.23
CA PRO M 213 -20.52 -62.75 -53.58
C PRO M 213 -20.65 -61.34 -54.14
N TYR M 214 -20.12 -60.36 -53.42
CA TYR M 214 -20.33 -58.95 -53.74
C TYR M 214 -19.06 -58.25 -54.21
N GLY M 215 -17.89 -58.77 -53.89
CA GLY M 215 -16.65 -58.24 -54.43
C GLY M 215 -15.62 -57.77 -53.42
N ILE M 216 -15.78 -58.14 -52.16
CA ILE M 216 -14.88 -57.74 -51.09
C ILE M 216 -14.17 -58.98 -50.55
N SER M 217 -12.85 -58.93 -50.52
CA SER M 217 -12.03 -60.05 -50.07
C SER M 217 -11.65 -59.89 -48.60
N VAL M 218 -11.11 -60.96 -48.03
CA VAL M 218 -10.66 -60.92 -46.64
C VAL M 218 -9.48 -59.98 -46.48
N SER M 219 -8.55 -60.01 -47.43
CA SER M 219 -7.37 -59.14 -47.35
C SER M 219 -7.76 -57.67 -47.39
N ASP M 220 -8.82 -57.33 -48.14
CA ASP M 220 -9.28 -55.95 -48.16
C ASP M 220 -9.86 -55.54 -46.81
N TRP M 221 -10.56 -56.46 -46.15
CA TRP M 221 -11.12 -56.16 -44.83
C TRP M 221 -10.03 -55.89 -43.81
N ILE M 222 -8.93 -56.65 -43.87
CA ILE M 222 -7.81 -56.42 -42.95
C ILE M 222 -7.23 -55.02 -43.17
N GLU M 223 -7.11 -54.61 -44.44
CA GLU M 223 -6.60 -53.27 -44.74
C GLU M 223 -7.49 -52.19 -44.16
N GLN M 224 -8.82 -52.40 -44.18
CA GLN M 224 -9.73 -51.39 -43.67
C GLN M 224 -9.58 -51.19 -42.17
N THR M 225 -9.49 -52.29 -41.41
CA THR M 225 -9.50 -52.23 -39.96
C THR M 225 -8.11 -52.20 -39.34
N TYR M 226 -7.18 -53.02 -39.81
CA TYR M 226 -5.82 -53.09 -39.28
C TYR M 226 -4.84 -52.95 -40.44
N PRO M 227 -4.71 -51.74 -40.98
CA PRO M 227 -3.92 -51.56 -42.21
C PRO M 227 -2.45 -51.90 -42.05
N LYS M 228 -1.89 -51.78 -40.84
CA LYS M 228 -0.46 -51.91 -40.64
C LYS M 228 -0.05 -53.26 -40.09
N MET M 229 -0.95 -54.24 -40.07
CA MET M 229 -0.59 -55.57 -39.64
C MET M 229 0.25 -56.27 -40.69
N ARG M 230 1.23 -57.04 -40.24
CA ARG M 230 2.13 -57.79 -41.12
C ARG M 230 1.69 -59.25 -41.16
N ILE M 231 1.61 -59.81 -42.37
CA ILE M 231 1.15 -61.18 -42.58
C ILE M 231 2.29 -61.98 -43.19
N VAL M 232 2.63 -63.09 -42.56
CA VAL M 232 3.67 -63.98 -43.05
C VAL M 232 3.09 -65.37 -43.23
N SER M 233 3.92 -66.34 -43.61
CA SER M 233 3.50 -67.72 -43.72
C SER M 233 4.72 -68.61 -43.58
N ALA M 234 4.48 -69.88 -43.24
CA ALA M 234 5.57 -70.81 -43.03
C ALA M 234 5.11 -72.25 -43.23
N PRO M 235 5.87 -73.06 -43.98
CA PRO M 235 5.49 -74.47 -44.15
C PRO M 235 5.51 -75.27 -42.86
N GLU M 236 6.27 -74.83 -41.85
CA GLU M 236 6.36 -75.58 -40.60
C GLU M 236 5.08 -75.53 -39.79
N LEU M 237 4.19 -74.58 -40.09
CA LEU M 237 2.92 -74.45 -39.38
C LEU M 237 1.79 -75.22 -40.02
N SER M 238 2.06 -75.97 -41.09
CA SER M 238 1.01 -76.72 -41.78
C SER M 238 0.56 -77.93 -40.97
N GLY M 239 1.47 -78.87 -40.72
CA GLY M 239 1.18 -80.05 -39.93
C GLY M 239 1.75 -79.91 -38.54
N VAL M 240 0.88 -79.69 -37.56
CA VAL M 240 1.28 -79.37 -36.20
C VAL M 240 0.94 -80.51 -35.24
N GLN M 241 -0.35 -80.82 -35.07
CA GLN M 241 -0.78 -81.70 -33.99
C GLN M 241 -1.53 -82.95 -34.43
N MET M 242 -1.84 -83.11 -35.72
CA MET M 242 -2.26 -84.42 -36.23
C MET M 242 -3.55 -84.93 -35.59
N LYS M 243 -4.70 -84.40 -36.00
CA LYS M 243 -5.98 -84.81 -35.44
C LYS M 243 -6.26 -86.25 -35.86
N ASN M 244 -7.46 -86.77 -35.57
CA ASN M 244 -7.69 -88.22 -35.50
C ASN M 244 -7.10 -88.97 -36.70
N GLN M 245 -7.32 -88.46 -37.91
CA GLN M 245 -6.67 -89.01 -39.09
C GLN M 245 -6.16 -87.96 -40.06
N GLU M 246 -6.27 -86.67 -39.74
CA GLU M 246 -5.85 -85.60 -40.64
C GLU M 246 -5.11 -84.53 -39.87
N PRO M 247 -4.19 -83.81 -40.52
CA PRO M 247 -3.42 -82.78 -39.82
C PRO M 247 -4.24 -81.53 -39.57
N GLU M 248 -3.67 -80.63 -38.78
CA GLU M 248 -4.30 -79.37 -38.42
C GLU M 248 -3.31 -78.23 -38.63
N ASP M 249 -3.79 -77.14 -39.22
CA ASP M 249 -2.97 -75.96 -39.48
C ASP M 249 -3.13 -74.95 -38.35
N ALA M 250 -2.06 -74.24 -38.05
CA ALA M 250 -1.99 -73.38 -36.88
C ALA M 250 -1.99 -71.91 -37.28
N LEU M 251 -2.54 -71.07 -36.40
CA LEU M 251 -2.54 -69.63 -36.54
C LEU M 251 -1.97 -69.03 -35.25
N VAL M 252 -1.02 -68.11 -35.39
CA VAL M 252 -0.38 -67.47 -34.25
C VAL M 252 -0.41 -65.96 -34.46
N LEU M 253 -0.88 -65.24 -33.44
CA LEU M 253 -0.91 -63.78 -33.45
C LEU M 253 -0.14 -63.28 -32.24
N PHE M 254 0.86 -62.43 -32.49
CA PHE M 254 1.72 -61.97 -31.41
C PHE M 254 2.26 -60.58 -31.73
N VAL M 255 2.73 -59.91 -30.68
CA VAL M 255 3.31 -58.57 -30.79
C VAL M 255 4.81 -58.70 -30.97
N GLU M 256 5.36 -57.99 -31.96
CA GLU M 256 6.78 -58.14 -32.29
C GLU M 256 7.68 -57.69 -31.14
N ASP M 257 7.39 -56.53 -30.55
CA ASP M 257 8.25 -55.98 -29.52
C ASP M 257 7.46 -55.02 -28.65
N VAL M 258 8.07 -54.63 -27.53
CA VAL M 258 7.47 -53.73 -26.57
C VAL M 258 8.42 -52.57 -26.32
N ASN M 259 7.88 -51.35 -26.31
CA ASN M 259 8.70 -50.16 -26.05
C ASN M 259 9.21 -50.17 -24.63
N ALA M 260 10.46 -49.72 -24.46
CA ALA M 260 11.13 -49.73 -23.16
C ALA M 260 10.85 -48.48 -22.33
N ALA M 261 10.04 -47.55 -22.83
CA ALA M 261 9.72 -46.36 -22.07
C ALA M 261 8.71 -46.62 -20.96
N VAL M 262 7.86 -47.64 -21.14
CA VAL M 262 6.81 -47.90 -20.16
C VAL M 262 7.40 -48.36 -18.84
N ASP M 263 8.47 -49.14 -18.88
CA ASP M 263 9.15 -49.61 -17.68
C ASP M 263 10.62 -49.79 -17.97
N GLY M 264 11.43 -49.69 -16.91
CA GLY M 264 12.87 -49.78 -17.07
C GLY M 264 13.34 -51.20 -17.33
N SER M 265 12.95 -51.75 -18.48
CA SER M 265 13.23 -53.15 -18.77
C SER M 265 14.73 -53.41 -18.87
N THR M 266 15.52 -52.42 -19.25
CA THR M 266 16.96 -52.59 -19.48
C THR M 266 17.22 -53.77 -20.41
N ASP M 267 16.36 -53.90 -21.42
CA ASP M 267 16.39 -55.04 -22.33
C ASP M 267 15.64 -54.64 -23.60
N GLY M 268 15.88 -55.38 -24.67
CA GLY M 268 15.26 -55.07 -25.93
C GLY M 268 13.82 -55.50 -26.08
N GLY M 269 13.28 -56.22 -25.10
CA GLY M 269 11.92 -56.71 -25.20
C GLY M 269 11.78 -57.82 -26.22
N SER M 270 11.13 -57.52 -27.35
CA SER M 270 11.00 -58.38 -28.52
C SER M 270 10.14 -59.61 -28.28
N VAL M 271 9.63 -59.82 -27.07
CA VAL M 271 8.73 -60.94 -26.74
C VAL M 271 9.42 -62.28 -27.01
N PHE M 272 9.70 -62.55 -28.28
CA PHE M 272 10.39 -63.77 -28.69
C PHE M 272 11.86 -63.48 -28.94
N SER M 273 12.69 -64.52 -28.80
CA SER M 273 14.12 -64.41 -29.05
C SER M 273 14.66 -65.77 -29.47
N GLN M 274 15.60 -65.75 -30.41
CA GLN M 274 16.29 -66.95 -30.86
C GLN M 274 17.73 -66.88 -30.34
N LEU M 275 18.12 -67.87 -29.54
CA LEU M 275 19.43 -67.90 -28.91
C LEU M 275 20.37 -68.74 -29.76
N VAL M 276 21.25 -68.09 -30.50
CA VAL M 276 22.20 -68.76 -31.38
C VAL M 276 23.60 -68.47 -30.87
N GLN M 277 24.30 -69.52 -30.44
CA GLN M 277 25.67 -69.35 -29.97
C GLN M 277 26.62 -69.01 -31.11
N SER M 278 26.44 -69.68 -32.26
CA SER M 278 27.27 -69.42 -33.43
C SER M 278 26.55 -69.95 -34.66
N LYS M 279 26.91 -69.38 -35.81
CA LYS M 279 26.37 -69.80 -37.10
C LYS M 279 27.25 -70.80 -37.82
N PHE M 280 28.56 -70.55 -37.90
CA PHE M 280 29.45 -71.37 -38.70
C PHE M 280 30.88 -71.15 -38.21
N ILE M 281 31.50 -72.20 -37.68
CA ILE M 281 32.88 -72.15 -37.24
C ILE M 281 33.62 -73.37 -37.78
N THR M 282 34.93 -73.24 -37.91
CA THR M 282 35.79 -74.33 -38.36
C THR M 282 36.53 -74.91 -37.16
N LEU M 283 36.66 -76.23 -37.14
CA LEU M 283 37.32 -76.91 -36.03
C LEU M 283 38.81 -77.17 -36.30
N GLY M 284 39.11 -77.85 -37.39
CA GLY M 284 40.49 -78.13 -37.74
C GLY M 284 40.59 -78.77 -39.10
N VAL M 285 41.83 -78.87 -39.58
CA VAL M 285 42.12 -79.44 -40.89
C VAL M 285 43.14 -80.56 -40.70
N GLU M 286 42.85 -81.73 -41.27
CA GLU M 286 43.76 -82.85 -41.25
C GLU M 286 44.20 -83.15 -42.68
N LYS M 287 45.50 -83.17 -42.92
CA LYS M 287 46.07 -83.41 -44.24
C LYS M 287 46.68 -84.81 -44.28
N ARG M 288 46.36 -85.56 -45.33
CA ARG M 288 46.83 -86.93 -45.48
C ARG M 288 47.63 -87.06 -46.77
N ALA M 289 48.02 -88.29 -47.09
CA ALA M 289 48.89 -88.51 -48.24
C ALA M 289 48.21 -88.15 -49.56
N LYS M 290 46.94 -88.52 -49.72
CA LYS M 290 46.24 -88.31 -50.98
C LYS M 290 44.94 -87.54 -50.83
N SER M 291 44.67 -86.98 -49.65
CA SER M 291 43.42 -86.27 -49.42
C SER M 291 43.56 -85.43 -48.16
N TYR M 292 42.52 -84.66 -47.86
CA TYR M 292 42.46 -83.90 -46.62
C TYR M 292 41.00 -83.76 -46.21
N VAL M 293 40.80 -83.53 -44.91
CA VAL M 293 39.47 -83.50 -44.32
C VAL M 293 39.29 -82.22 -43.52
N GLU M 294 38.14 -81.58 -43.69
CA GLU M 294 37.79 -80.38 -42.93
C GLU M 294 36.50 -80.64 -42.16
N ASP M 295 36.36 -79.95 -41.03
CA ASP M 295 35.21 -80.11 -40.15
C ASP M 295 34.65 -78.76 -39.76
N PHE M 296 33.33 -78.72 -39.55
CA PHE M 296 32.63 -77.50 -39.18
C PHE M 296 31.56 -77.83 -38.15
N SER M 297 31.10 -76.80 -37.44
CA SER M 297 30.12 -76.98 -36.38
C SER M 297 29.38 -75.67 -36.14
N ASN M 298 28.26 -75.77 -35.43
CA ASN M 298 27.46 -74.61 -35.06
C ASN M 298 26.70 -74.94 -33.78
N GLY M 299 26.18 -73.90 -33.14
CA GLY M 299 25.46 -74.07 -31.90
C GLY M 299 24.23 -73.19 -31.84
N THR M 300 23.20 -73.70 -31.16
CA THR M 300 21.94 -72.99 -31.01
C THR M 300 21.25 -73.49 -29.75
N ALA M 301 20.28 -72.70 -29.28
CA ALA M 301 19.53 -73.03 -28.08
C ALA M 301 18.02 -73.03 -28.26
N GLY M 302 17.51 -72.66 -29.42
CA GLY M 302 16.08 -72.66 -29.66
C GLY M 302 15.45 -71.29 -29.50
N ALA M 303 14.13 -71.30 -29.32
CA ALA M 303 13.34 -70.09 -29.17
C ALA M 303 12.89 -69.93 -27.73
N LEU M 304 12.85 -68.68 -27.27
CA LEU M 304 12.45 -68.35 -25.90
C LEU M 304 11.36 -67.30 -25.95
N CYS M 305 10.28 -67.54 -25.20
CA CYS M 305 9.16 -66.60 -25.09
C CYS M 305 9.29 -65.86 -23.76
N LYS M 306 9.59 -64.56 -23.83
CA LYS M 306 9.82 -63.78 -22.62
C LYS M 306 8.54 -63.15 -22.09
N ARG M 307 7.58 -62.85 -22.95
CA ARG M 307 6.33 -62.18 -22.56
C ARG M 307 5.16 -62.99 -23.11
N PRO M 308 4.76 -64.05 -22.41
CA PRO M 308 3.68 -64.91 -22.92
C PRO M 308 2.29 -64.29 -22.86
N TRP M 309 2.16 -63.04 -22.40
CA TRP M 309 0.86 -62.41 -22.33
C TRP M 309 0.45 -61.73 -23.63
N ALA M 310 1.31 -61.76 -24.65
CA ALA M 310 1.05 -61.09 -25.93
C ALA M 310 0.94 -62.08 -27.08
N VAL M 311 0.56 -63.32 -26.79
CA VAL M 311 0.46 -64.38 -27.79
C VAL M 311 -0.93 -64.97 -27.76
N VAL M 312 -1.55 -65.08 -28.93
CA VAL M 312 -2.83 -65.75 -29.10
C VAL M 312 -2.67 -66.77 -30.22
N ARG M 313 -3.04 -68.02 -29.95
CA ARG M 313 -2.78 -69.11 -30.86
C ARG M 313 -4.04 -69.96 -31.04
N TYR M 314 -4.17 -70.55 -32.23
CA TYR M 314 -5.28 -71.42 -32.57
C TYR M 314 -4.74 -72.76 -33.07
N LEU M 315 -5.39 -73.85 -32.64
CA LEU M 315 -4.95 -75.18 -33.05
C LEU M 315 -5.53 -75.56 -34.41
N GLY M 316 -6.85 -75.57 -34.54
CA GLY M 316 -7.46 -75.67 -35.85
C GLY M 316 -7.30 -74.39 -36.64
N ILE M 317 -7.47 -74.49 -37.95
CA ILE M 317 -7.36 -73.35 -38.84
C ILE M 317 -6.00 -72.67 -38.73
N ASN N 1 -10.77 -4.40 -131.72
CA ASN N 1 -9.62 -3.81 -131.03
C ASN N 1 -8.88 -4.85 -130.20
N PHE N 2 -8.01 -4.36 -129.31
CA PHE N 2 -7.27 -5.15 -128.32
C PHE N 2 -6.23 -6.08 -128.96
N THR N 3 -6.04 -6.02 -130.27
CA THR N 3 -5.05 -6.82 -130.99
C THR N 3 -5.12 -8.30 -130.61
N ALA N 4 -3.97 -8.94 -130.50
CA ALA N 4 -3.88 -10.35 -130.13
C ALA N 4 -2.86 -10.52 -129.01
N PRO N 5 -3.09 -11.47 -128.11
CA PRO N 5 -2.17 -11.64 -126.97
C PRO N 5 -0.95 -12.49 -127.26
N VAL N 6 -0.80 -13.01 -128.48
CA VAL N 6 0.34 -13.84 -128.89
C VAL N 6 0.31 -15.17 -128.14
N THR N 7 0.40 -15.11 -126.82
CA THR N 7 0.35 -16.29 -125.98
C THR N 7 -1.07 -16.51 -125.48
N THR N 8 -1.39 -17.76 -125.16
CA THR N 8 -2.71 -18.10 -124.63
C THR N 8 -2.81 -17.65 -123.18
N PRO N 9 -3.76 -16.78 -122.82
CA PRO N 9 -3.90 -16.38 -121.43
C PRO N 9 -4.29 -17.56 -120.55
N SER N 10 -3.72 -17.58 -119.33
CA SER N 10 -3.97 -18.67 -118.39
C SER N 10 -3.49 -18.23 -117.02
N ILE N 11 -3.77 -19.07 -116.02
CA ILE N 11 -3.28 -18.81 -114.67
C ILE N 11 -1.77 -18.98 -114.65
N PRO N 12 -1.00 -18.00 -114.13
CA PRO N 12 0.45 -18.04 -114.29
C PRO N 12 1.17 -19.09 -113.44
N THR N 13 0.77 -19.23 -112.19
CA THR N 13 1.56 -20.07 -111.29
C THR N 13 1.06 -21.52 -111.31
N PRO N 14 1.93 -22.48 -111.60
CA PRO N 14 1.52 -23.89 -111.54
C PRO N 14 1.25 -24.32 -110.10
N ILE N 15 0.67 -25.51 -109.97
CA ILE N 15 0.32 -26.03 -108.65
C ILE N 15 1.59 -26.27 -107.82
N GLN N 16 2.64 -26.78 -108.44
CA GLN N 16 3.92 -26.89 -107.76
C GLN N 16 4.48 -25.49 -107.50
N PHE N 17 5.54 -25.45 -106.68
CA PHE N 17 6.14 -24.22 -106.16
C PHE N 17 5.21 -23.59 -105.13
N LEU N 18 4.03 -24.15 -104.96
CA LEU N 18 3.07 -23.71 -103.94
C LEU N 18 2.73 -24.84 -102.97
N GLN N 19 3.54 -25.89 -102.95
CA GLN N 19 3.35 -27.02 -102.07
C GLN N 19 4.56 -27.16 -101.16
N THR N 20 4.31 -27.40 -99.87
CA THR N 20 5.36 -27.72 -98.92
C THR N 20 5.17 -29.15 -98.44
N TRP N 21 6.27 -29.89 -98.38
CA TRP N 21 6.24 -31.31 -98.06
C TRP N 21 6.75 -31.53 -96.65
N LEU N 22 5.99 -32.30 -95.87
CA LEU N 22 6.34 -32.53 -94.48
C LEU N 22 7.66 -33.31 -94.39
N PRO N 23 8.51 -32.98 -93.41
CA PRO N 23 9.86 -33.59 -93.40
C PRO N 23 9.87 -35.09 -93.21
N GLY N 24 8.81 -35.68 -92.65
CA GLY N 24 8.84 -37.10 -92.33
C GLY N 24 7.89 -37.97 -93.12
N PHE N 25 8.22 -39.26 -93.23
CA PHE N 25 7.39 -40.25 -93.88
C PHE N 25 6.89 -41.24 -92.84
N VAL N 26 5.58 -41.42 -92.75
CA VAL N 26 5.05 -42.43 -91.84
C VAL N 26 5.36 -43.82 -92.38
N LYS N 27 5.35 -44.80 -91.47
CA LYS N 27 5.70 -46.17 -91.80
C LYS N 27 4.62 -47.13 -91.31
N VAL N 28 4.56 -48.30 -91.95
CA VAL N 28 3.59 -49.33 -91.58
C VAL N 28 4.04 -50.03 -90.31
N MET N 29 3.08 -50.30 -89.43
CA MET N 29 3.37 -50.61 -88.04
C MET N 29 3.75 -52.08 -87.83
N THR N 30 2.92 -52.99 -88.32
CA THR N 30 2.97 -54.45 -88.20
C THR N 30 2.85 -54.86 -86.74
N ALA N 31 2.71 -56.16 -86.48
CA ALA N 31 2.36 -56.65 -85.16
C ALA N 31 3.46 -56.36 -84.16
N ALA N 32 3.08 -56.36 -82.89
CA ALA N 32 4.01 -56.05 -81.80
C ALA N 32 4.94 -57.23 -81.55
N ARG N 33 6.12 -56.91 -81.02
CA ARG N 33 7.13 -57.90 -80.68
C ARG N 33 7.39 -57.79 -79.18
N LYS N 34 6.87 -58.74 -78.41
CA LYS N 34 6.75 -58.60 -76.96
C LYS N 34 7.50 -59.67 -76.19
N ILE N 35 8.36 -60.45 -76.86
CA ILE N 35 9.09 -61.51 -76.18
C ILE N 35 10.11 -60.93 -75.20
N ASP N 36 10.74 -59.81 -75.57
CA ASP N 36 11.86 -59.29 -74.80
C ASP N 36 11.43 -58.83 -73.41
N GLU N 37 10.29 -58.16 -73.31
CA GLU N 37 9.85 -57.64 -72.02
C GLU N 37 9.50 -58.76 -71.05
N ILE N 38 8.85 -59.83 -71.55
CA ILE N 38 8.37 -60.89 -70.67
C ILE N 38 9.54 -61.68 -70.11
N ILE N 39 10.49 -62.04 -70.96
CA ILE N 39 11.54 -62.98 -70.60
C ILE N 39 12.88 -62.27 -70.40
N GLY N 40 13.24 -61.38 -71.31
CA GLY N 40 14.55 -60.77 -71.33
C GLY N 40 15.43 -61.36 -72.42
N ILE N 41 16.60 -60.76 -72.58
CA ILE N 41 17.56 -61.17 -73.60
C ILE N 41 18.92 -61.36 -72.95
N ASP N 42 19.56 -62.48 -73.26
CA ASP N 42 20.90 -62.79 -72.75
C ASP N 42 21.80 -63.07 -73.94
N THR N 43 22.89 -62.31 -74.04
CA THR N 43 23.89 -62.51 -75.08
C THR N 43 25.05 -63.27 -74.46
N VAL N 44 25.11 -64.58 -74.73
CA VAL N 44 26.06 -65.47 -74.10
C VAL N 44 26.95 -66.17 -75.13
N GLY N 45 26.36 -66.64 -76.23
CA GLY N 45 27.09 -67.39 -77.22
C GLY N 45 27.79 -66.51 -78.23
N SER N 46 28.32 -67.15 -79.27
CA SER N 46 28.97 -66.47 -80.37
C SER N 46 28.45 -67.04 -81.68
N TRP N 47 28.67 -66.29 -82.75
CA TRP N 47 28.23 -66.73 -84.07
C TRP N 47 29.03 -67.98 -84.48
N GLU N 48 28.62 -68.57 -85.61
CA GLU N 48 29.20 -69.79 -86.18
C GLU N 48 29.38 -70.91 -85.16
N ASP N 49 28.62 -70.87 -84.06
CA ASP N 49 28.63 -71.96 -83.10
C ASP N 49 27.50 -72.95 -83.43
N GLN N 50 27.36 -73.95 -82.58
CA GLN N 50 26.34 -74.96 -82.84
C GLN N 50 25.40 -75.21 -81.66
N GLU N 51 25.92 -75.19 -80.43
CA GLU N 51 25.11 -75.63 -79.30
C GLU N 51 25.42 -74.79 -78.07
N ILE N 52 24.46 -74.81 -77.13
CA ILE N 52 24.57 -74.12 -75.85
C ILE N 52 24.36 -75.16 -74.75
N VAL N 53 25.16 -75.06 -73.68
CA VAL N 53 25.14 -76.06 -72.61
C VAL N 53 24.93 -75.36 -71.27
N GLN N 54 24.13 -76.00 -70.40
CA GLN N 54 23.87 -75.51 -69.05
C GLN N 54 23.82 -76.70 -68.10
N GLY N 55 24.20 -76.48 -66.84
CA GLY N 55 24.34 -77.56 -65.89
C GLY N 55 23.66 -77.27 -64.56
N ILE N 56 23.50 -78.35 -63.77
CA ILE N 56 22.93 -78.30 -62.44
C ILE N 56 23.86 -79.09 -61.52
N VAL N 57 23.75 -78.85 -60.21
CA VAL N 57 24.73 -79.33 -59.24
C VAL N 57 24.16 -80.39 -58.31
N GLU N 58 22.98 -80.16 -57.72
CA GLU N 58 22.37 -81.09 -56.76
C GLU N 58 23.32 -81.42 -55.61
N PRO N 59 23.50 -80.51 -54.65
CA PRO N 59 24.31 -80.83 -53.47
C PRO N 59 23.55 -81.75 -52.51
N ALA N 60 24.31 -82.32 -51.57
CA ALA N 60 23.75 -83.25 -50.59
C ALA N 60 24.56 -83.20 -49.31
N GLY N 61 23.91 -83.53 -48.19
CA GLY N 61 24.56 -83.56 -46.89
C GLY N 61 23.64 -83.25 -45.73
N THR N 62 23.93 -83.79 -44.55
CA THR N 62 23.11 -83.56 -43.37
C THR N 62 23.96 -83.65 -42.11
N ALA N 63 23.48 -83.02 -41.04
CA ALA N 63 24.20 -82.98 -39.78
C ALA N 63 23.96 -84.26 -38.96
N VAL N 64 24.82 -84.47 -37.97
CA VAL N 64 24.79 -85.72 -37.20
C VAL N 64 24.87 -85.42 -35.71
N GLU N 65 25.01 -84.13 -35.35
CA GLU N 65 25.21 -83.64 -33.99
C GLU N 65 26.65 -83.91 -33.54
N TYR N 66 27.19 -83.02 -32.72
CA TYR N 66 28.63 -82.98 -32.45
C TYR N 66 29.02 -83.80 -31.24
N GLY N 67 30.26 -84.28 -31.26
CA GLY N 67 30.89 -84.95 -30.13
C GLY N 67 32.35 -85.24 -30.43
N ASP N 68 33.10 -85.69 -29.43
CA ASP N 68 34.48 -86.09 -29.68
C ASP N 68 34.55 -87.58 -29.99
N HIS N 69 35.44 -87.94 -30.91
CA HIS N 69 35.68 -89.32 -31.33
C HIS N 69 34.43 -90.00 -31.89
N THR N 70 33.53 -89.24 -32.52
CA THR N 70 32.23 -89.77 -32.96
C THR N 70 32.04 -89.65 -34.47
N ASN N 71 33.12 -89.79 -35.23
CA ASN N 71 33.07 -89.82 -36.70
C ASN N 71 32.67 -88.48 -37.29
N ILE N 72 32.93 -88.29 -38.58
CA ILE N 72 32.65 -87.03 -39.26
C ILE N 72 31.78 -87.30 -40.48
N PRO N 73 30.61 -86.69 -40.60
CA PRO N 73 29.80 -86.83 -41.81
C PRO N 73 30.42 -86.04 -42.97
N LEU N 74 30.03 -86.44 -44.18
CA LEU N 74 30.59 -85.86 -45.39
C LEU N 74 29.47 -85.42 -46.34
N THR N 75 29.85 -84.60 -47.32
CA THR N 75 28.94 -84.07 -48.31
C THR N 75 29.43 -84.43 -49.71
N SER N 76 28.57 -84.20 -50.71
CA SER N 76 28.88 -84.55 -52.10
C SER N 76 27.91 -83.80 -53.02
N TRP N 77 27.97 -84.13 -54.31
CA TRP N 77 27.13 -83.51 -55.31
C TRP N 77 27.08 -84.41 -56.54
N ASN N 78 26.20 -84.05 -57.49
CA ASN N 78 25.99 -84.86 -58.69
C ASN N 78 25.40 -83.97 -59.78
N ALA N 79 26.14 -83.79 -60.87
CA ALA N 79 25.83 -82.81 -61.89
C ALA N 79 25.13 -83.43 -63.10
N ASN N 80 24.38 -82.59 -63.81
CA ASN N 80 23.70 -82.96 -65.04
C ASN N 80 23.83 -81.82 -66.04
N PHE N 81 23.56 -82.10 -67.31
CA PHE N 81 23.75 -81.12 -68.37
C PHE N 81 22.59 -81.17 -69.36
N GLU N 82 22.45 -80.08 -70.13
CA GLU N 82 21.41 -79.92 -71.12
C GLU N 82 21.95 -79.10 -72.29
N ARG N 83 21.51 -79.43 -73.50
CA ARG N 83 22.01 -78.80 -74.72
C ARG N 83 20.86 -78.33 -75.61
N ARG N 84 21.13 -77.27 -76.37
CA ARG N 84 20.18 -76.71 -77.32
C ARG N 84 20.94 -76.27 -78.57
N THR N 85 20.19 -76.09 -79.67
CA THR N 85 20.76 -75.84 -80.98
C THR N 85 20.58 -74.37 -81.38
N ILE N 86 21.53 -73.88 -82.19
CA ILE N 86 21.57 -72.49 -82.63
C ILE N 86 21.08 -72.40 -84.07
N VAL N 87 20.23 -71.41 -84.34
CA VAL N 87 19.67 -71.17 -85.66
C VAL N 87 20.02 -69.74 -86.07
N ARG N 88 20.41 -69.56 -87.34
CA ARG N 88 20.78 -68.26 -87.87
C ARG N 88 20.07 -68.00 -89.19
N GLY N 89 19.79 -66.72 -89.44
CA GLY N 89 19.14 -66.30 -90.67
C GLY N 89 19.85 -65.11 -91.28
N GLU N 90 19.52 -64.84 -92.55
CA GLU N 90 20.19 -63.79 -93.30
C GLU N 90 19.18 -62.97 -94.11
N LEU N 91 19.58 -61.75 -94.44
CA LEU N 91 18.77 -60.83 -95.23
C LEU N 91 19.67 -59.75 -95.81
N GLY N 92 19.45 -59.41 -97.08
CA GLY N 92 20.29 -58.44 -97.76
C GLY N 92 19.54 -57.41 -98.57
N MET N 93 20.25 -56.65 -99.40
CA MET N 93 19.64 -55.63 -100.23
C MET N 93 20.50 -55.37 -101.45
N MET N 94 19.92 -54.69 -102.43
CA MET N 94 20.61 -54.35 -103.67
C MET N 94 20.14 -52.99 -104.14
N VAL N 95 21.09 -52.09 -104.43
CA VAL N 95 20.79 -50.71 -104.80
C VAL N 95 21.49 -50.38 -106.12
N GLY N 96 20.76 -49.77 -107.05
CA GLY N 96 21.31 -49.34 -108.30
C GLY N 96 21.68 -47.87 -108.31
N THR N 97 22.49 -47.49 -109.30
CA THR N 97 22.97 -46.11 -109.38
C THR N 97 21.84 -45.14 -109.72
N LEU N 98 21.05 -45.46 -110.75
CA LEU N 98 19.94 -44.59 -111.12
C LEU N 98 18.84 -44.61 -110.08
N GLU N 99 18.61 -45.76 -109.45
CA GLU N 99 17.62 -45.84 -108.38
C GLU N 99 17.99 -44.94 -107.22
N GLU N 100 19.27 -44.91 -106.85
CA GLU N 100 19.71 -44.09 -105.73
C GLU N 100 19.52 -42.60 -106.02
N GLY N 101 19.83 -42.17 -107.23
CA GLY N 101 19.65 -40.76 -107.58
C GLY N 101 18.19 -40.34 -107.58
N ARG N 102 17.32 -41.20 -108.10
CA ARG N 102 15.89 -40.88 -108.13
C ARG N 102 15.31 -40.79 -106.73
N ALA N 103 15.73 -41.68 -105.82
CA ALA N 103 15.17 -41.71 -104.48
C ALA N 103 15.52 -40.44 -103.70
N SER N 104 16.74 -39.93 -103.88
CA SER N 104 17.18 -38.74 -103.14
C SER N 104 16.42 -37.49 -103.54
N ALA N 105 15.67 -37.51 -104.65
CA ALA N 105 14.90 -36.34 -105.04
C ALA N 105 13.80 -36.03 -104.04
N ILE N 106 13.17 -37.06 -103.48
CA ILE N 106 12.08 -36.88 -102.52
C ILE N 106 12.63 -36.97 -101.11
N ARG N 107 13.94 -36.77 -100.96
CA ARG N 107 14.61 -36.76 -99.65
C ARG N 107 14.42 -38.09 -98.93
N LEU N 108 14.47 -39.19 -99.68
CA LEU N 108 14.38 -40.53 -99.11
C LEU N 108 15.63 -41.30 -99.49
N ASN N 109 16.30 -41.89 -98.49
CA ASN N 109 17.53 -42.63 -98.72
C ASN N 109 17.16 -44.09 -98.98
N SER N 110 17.38 -44.54 -100.22
CA SER N 110 17.02 -45.91 -100.59
C SER N 110 17.84 -46.93 -99.82
N ALA N 111 19.14 -46.68 -99.68
CA ALA N 111 20.01 -47.64 -99.00
C ALA N 111 19.75 -47.67 -97.49
N GLU N 112 19.34 -46.53 -96.91
CA GLU N 112 19.13 -46.49 -95.46
C GLU N 112 17.84 -47.21 -95.06
N THR N 113 16.77 -47.05 -95.85
CA THR N 113 15.51 -47.70 -95.50
C THR N 113 15.58 -49.20 -95.72
N LYS N 114 16.27 -49.64 -96.78
CA LYS N 114 16.45 -51.06 -97.01
C LYS N 114 17.29 -51.71 -95.92
N ARG N 115 18.30 -51.00 -95.42
CA ARG N 115 19.08 -51.50 -94.29
C ARG N 115 18.23 -51.59 -93.03
N GLN N 116 17.36 -50.60 -92.81
CA GLN N 116 16.50 -50.61 -91.63
C GLN N 116 15.53 -51.78 -91.67
N GLN N 117 14.97 -52.08 -92.85
CA GLN N 117 14.04 -53.20 -92.96
C GLN N 117 14.73 -54.53 -92.68
N ALA N 118 15.98 -54.67 -93.09
CA ALA N 118 16.72 -55.92 -92.83
C ALA N 118 16.86 -56.17 -91.33
N ALA N 119 17.15 -55.12 -90.56
CA ALA N 119 17.23 -55.28 -89.11
C ALA N 119 15.86 -55.63 -88.52
N ILE N 120 14.80 -54.96 -88.99
CA ILE N 120 13.45 -55.25 -88.50
C ILE N 120 13.03 -56.65 -88.91
N GLY N 121 13.31 -57.04 -90.16
CA GLY N 121 12.92 -58.36 -90.62
C GLY N 121 13.58 -59.48 -89.85
N LEU N 122 14.82 -59.27 -89.40
CA LEU N 122 15.50 -60.29 -88.60
C LEU N 122 14.93 -60.36 -87.18
N GLU N 123 14.46 -59.23 -86.65
CA GLU N 123 13.85 -59.24 -85.32
C GLU N 123 12.53 -60.01 -85.33
N THR N 124 11.77 -59.89 -86.42
CA THR N 124 10.55 -60.69 -86.55
C THR N 124 10.89 -62.18 -86.57
N PHE N 125 11.97 -62.55 -87.27
CA PHE N 125 12.43 -63.94 -87.24
C PHE N 125 12.85 -64.34 -85.84
N ARG N 126 13.54 -63.45 -85.12
CA ARG N 126 13.98 -63.76 -83.76
C ARG N 126 12.81 -63.90 -82.81
N ASN N 127 11.78 -63.07 -82.97
CA ASN N 127 10.63 -63.12 -82.08
C ASN N 127 9.91 -64.46 -82.19
N ALA N 128 9.65 -64.91 -83.42
CA ALA N 128 8.89 -66.14 -83.62
C ALA N 128 9.61 -67.35 -83.02
N ILE N 129 10.94 -67.36 -83.06
CA ILE N 129 11.69 -68.45 -82.45
C ILE N 129 11.54 -68.44 -80.94
N GLY N 130 11.46 -67.25 -80.33
CA GLY N 130 11.31 -67.17 -78.89
C GLY N 130 10.00 -67.75 -78.41
N PHE N 131 8.91 -67.48 -79.14
CA PHE N 131 7.61 -67.99 -78.74
C PHE N 131 7.40 -69.44 -79.20
N TYR N 132 7.69 -69.73 -80.46
CA TYR N 132 7.54 -71.07 -81.01
C TYR N 132 8.90 -71.61 -81.39
N GLY N 133 9.12 -72.90 -81.11
CA GLY N 133 10.37 -73.52 -81.50
C GLY N 133 10.52 -73.60 -83.01
N TRP N 134 11.77 -73.66 -83.45
CA TRP N 134 12.08 -73.72 -84.88
C TRP N 134 12.19 -75.18 -85.30
N GLN N 135 11.19 -75.67 -86.03
CA GLN N 135 11.17 -77.04 -86.54
C GLN N 135 11.35 -78.06 -85.42
N SER N 136 10.66 -77.82 -84.29
CA SER N 136 10.75 -78.75 -83.16
C SER N 136 10.18 -80.11 -83.52
N GLY N 137 9.09 -80.14 -84.27
CA GLY N 137 8.49 -81.41 -84.63
C GLY N 137 9.37 -82.23 -85.55
N LEU N 138 10.12 -81.57 -86.43
CA LEU N 138 10.98 -82.29 -87.36
C LEU N 138 12.14 -82.99 -86.65
N GLY N 139 12.56 -82.45 -85.51
CA GLY N 139 13.65 -83.06 -84.76
C GLY N 139 14.67 -82.06 -84.26
N ASN N 140 14.58 -80.82 -84.73
CA ASN N 140 15.49 -79.78 -84.28
C ASN N 140 15.25 -79.45 -82.82
N ARG N 141 16.33 -79.31 -82.06
CA ARG N 141 16.24 -79.05 -80.62
C ARG N 141 16.45 -77.55 -80.38
N THR N 142 15.41 -76.78 -80.68
CA THR N 142 15.41 -75.34 -80.43
C THR N 142 14.39 -74.95 -79.37
N TYR N 143 13.12 -75.29 -79.58
CA TYR N 143 12.04 -75.07 -78.62
C TYR N 143 11.83 -73.59 -78.31
N GLY N 144 10.76 -73.28 -77.57
CA GLY N 144 10.43 -71.91 -77.28
C GLY N 144 9.71 -71.71 -75.96
N PHE N 145 9.04 -70.57 -75.82
CA PHE N 145 8.33 -70.25 -74.58
C PHE N 145 7.16 -71.19 -74.34
N LEU N 146 6.46 -71.60 -75.40
CA LEU N 146 5.22 -72.35 -75.25
C LEU N 146 5.38 -73.86 -75.45
N ASN N 147 6.54 -74.33 -75.89
CA ASN N 147 6.72 -75.75 -76.17
C ASN N 147 8.05 -76.28 -75.62
N ASP N 148 8.50 -75.74 -74.50
CA ASP N 148 9.71 -76.26 -73.88
C ASP N 148 9.45 -77.66 -73.32
N PRO N 149 10.29 -78.63 -73.62
CA PRO N 149 10.03 -80.01 -73.14
C PRO N 149 10.03 -80.13 -71.62
N ASN N 150 10.84 -79.33 -70.93
CA ASN N 150 10.91 -79.40 -69.47
C ASN N 150 9.92 -78.42 -68.84
N LEU N 151 8.63 -78.69 -69.06
CA LEU N 151 7.57 -77.87 -68.52
C LEU N 151 6.49 -78.76 -67.93
N PRO N 152 5.74 -78.25 -66.93
CA PRO N 152 4.74 -79.09 -66.25
C PRO N 152 3.53 -79.44 -67.10
N ALA N 153 3.51 -79.08 -68.39
CA ALA N 153 2.44 -79.41 -69.32
C ALA N 153 1.16 -78.64 -69.00
N PHE N 154 0.33 -78.42 -70.02
CA PHE N 154 -0.87 -77.62 -69.85
C PHE N 154 -1.91 -78.36 -69.03
N GLN N 155 -2.80 -77.60 -68.38
CA GLN N 155 -3.87 -78.15 -67.57
C GLN N 155 -5.19 -77.51 -67.98
N THR N 156 -6.28 -78.21 -67.69
CA THR N 156 -7.61 -77.66 -67.94
C THR N 156 -8.05 -76.82 -66.75
N PRO N 157 -8.44 -75.56 -66.98
CA PRO N 157 -8.83 -74.71 -65.86
C PRO N 157 -10.09 -75.22 -65.20
N PRO N 158 -10.31 -74.91 -63.92
CA PRO N 158 -11.53 -75.39 -63.24
C PRO N 158 -12.81 -74.93 -63.93
N SER N 159 -12.83 -73.71 -64.46
CA SER N 159 -13.91 -73.27 -65.32
C SER N 159 -13.59 -73.65 -66.75
N GLN N 160 -14.60 -74.17 -67.47
CA GLN N 160 -14.37 -74.67 -68.81
C GLN N 160 -13.94 -73.55 -69.75
N GLY N 161 -14.55 -72.38 -69.63
CA GLY N 161 -14.19 -71.25 -70.47
C GLY N 161 -14.54 -69.92 -69.86
N TRP N 162 -13.70 -68.90 -70.06
CA TRP N 162 -14.01 -67.57 -69.57
C TRP N 162 -15.22 -67.00 -70.29
N SER N 163 -15.39 -67.33 -71.57
CA SER N 163 -16.63 -67.02 -72.26
C SER N 163 -17.79 -67.75 -71.59
N THR N 164 -18.92 -67.06 -71.46
CA THR N 164 -20.12 -67.53 -70.76
C THR N 164 -19.87 -67.81 -69.29
N ALA N 165 -18.78 -67.30 -68.72
CA ALA N 165 -18.48 -67.46 -67.31
C ALA N 165 -18.75 -66.16 -66.56
N ASP N 166 -19.11 -66.30 -65.29
CA ASP N 166 -19.45 -65.16 -64.46
C ASP N 166 -18.19 -64.59 -63.82
N TRP N 167 -18.36 -63.56 -62.97
CA TRP N 167 -17.22 -62.95 -62.30
C TRP N 167 -16.56 -63.92 -61.34
N ALA N 168 -17.35 -64.70 -60.60
CA ALA N 168 -16.79 -65.63 -59.62
C ALA N 168 -15.95 -66.71 -60.28
N GLY N 169 -16.38 -67.21 -61.43
CA GLY N 169 -15.64 -68.26 -62.11
C GLY N 169 -14.29 -67.79 -62.61
N ILE N 170 -14.21 -66.54 -63.08
CA ILE N 170 -12.96 -66.04 -63.64
C ILE N 170 -11.88 -65.95 -62.56
N ILE N 171 -12.24 -65.42 -61.40
CA ILE N 171 -11.26 -65.29 -60.32
C ILE N 171 -10.96 -66.62 -59.66
N GLY N 172 -11.81 -67.63 -59.86
CA GLY N 172 -11.53 -68.94 -59.31
C GLY N 172 -10.32 -69.59 -59.95
N ASP N 173 -10.17 -69.42 -61.27
CA ASP N 173 -9.02 -69.98 -61.96
C ASP N 173 -7.72 -69.32 -61.49
N ILE N 174 -7.75 -68.01 -61.28
CA ILE N 174 -6.54 -67.30 -60.85
C ILE N 174 -6.16 -67.70 -59.44
N ARG N 175 -7.15 -67.86 -58.55
CA ARG N 175 -6.87 -68.25 -57.18
C ARG N 175 -6.23 -69.64 -57.12
N GLU N 176 -6.74 -70.58 -57.92
CA GLU N 176 -6.17 -71.92 -57.93
C GLU N 176 -4.77 -71.94 -58.52
N ALA N 177 -4.53 -71.12 -59.55
CA ALA N 177 -3.19 -71.07 -60.14
C ALA N 177 -2.17 -70.56 -59.14
N VAL N 178 -2.52 -69.53 -58.37
CA VAL N 178 -1.61 -69.02 -57.35
C VAL N 178 -1.43 -70.04 -56.23
N ARG N 179 -2.53 -70.71 -55.84
CA ARG N 179 -2.45 -71.72 -54.78
C ARG N 179 -1.55 -72.87 -55.18
N GLN N 180 -1.65 -73.33 -56.44
CA GLN N 180 -0.80 -74.42 -56.90
C GLN N 180 0.65 -74.02 -56.98
N LEU N 181 0.93 -72.75 -57.34
CA LEU N 181 2.31 -72.28 -57.40
C LEU N 181 2.97 -72.30 -56.03
N ARG N 182 2.21 -71.98 -54.99
CA ARG N 182 2.72 -72.01 -53.62
C ARG N 182 2.86 -73.43 -53.09
N ILE N 183 2.41 -74.44 -53.82
CA ILE N 183 2.62 -75.82 -53.45
C ILE N 183 3.85 -76.41 -54.14
N GLN N 184 4.05 -76.08 -55.42
CA GLN N 184 5.25 -76.53 -56.13
C GLN N 184 6.50 -75.97 -55.48
N SER N 185 6.54 -74.65 -55.30
CA SER N 185 7.56 -74.02 -54.48
C SER N 185 7.00 -73.80 -53.08
N GLN N 186 7.77 -74.20 -52.07
CA GLN N 186 7.22 -74.33 -50.73
C GLN N 186 6.65 -73.00 -50.22
N ASP N 187 7.50 -72.01 -50.01
CA ASP N 187 7.02 -70.69 -49.57
C ASP N 187 7.80 -69.59 -50.28
N GLN N 188 8.03 -69.75 -51.57
CA GLN N 188 8.84 -68.81 -52.35
C GLN N 188 8.00 -67.83 -53.14
N ILE N 189 6.69 -67.74 -52.88
CA ILE N 189 5.84 -66.85 -53.65
C ILE N 189 6.17 -65.40 -53.38
N ASP N 190 6.72 -65.10 -52.18
CA ASP N 190 7.06 -63.75 -51.70
C ASP N 190 5.75 -63.08 -51.32
N PRO N 191 5.67 -62.40 -50.16
CA PRO N 191 4.45 -61.66 -49.84
C PRO N 191 4.15 -60.59 -50.88
N LYS N 192 2.88 -60.23 -50.94
CA LYS N 192 2.28 -59.49 -52.07
C LYS N 192 2.42 -60.41 -53.29
N ALA N 193 2.79 -59.89 -54.45
CA ALA N 193 3.01 -60.72 -55.63
C ALA N 193 4.24 -60.25 -56.39
N GLU N 194 5.31 -59.96 -55.65
CA GLU N 194 6.54 -59.46 -56.28
C GLU N 194 7.17 -60.53 -57.16
N LYS N 195 7.74 -60.09 -58.29
CA LYS N 195 8.42 -60.98 -59.23
C LYS N 195 7.49 -62.08 -59.74
N ILE N 196 6.24 -61.73 -59.98
CA ILE N 196 5.25 -62.66 -60.51
C ILE N 196 4.57 -62.01 -61.71
N THR N 197 4.49 -62.74 -62.82
CA THR N 197 3.94 -62.23 -64.07
C THR N 197 2.80 -63.12 -64.54
N LEU N 198 1.74 -62.50 -65.04
CA LEU N 198 0.61 -63.19 -65.65
C LEU N 198 0.64 -62.92 -67.14
N ALA N 199 0.65 -63.99 -67.94
CA ALA N 199 0.83 -63.88 -69.38
C ALA N 199 -0.46 -63.55 -70.12
N LEU N 200 -1.49 -64.38 -69.97
CA LEU N 200 -2.77 -64.19 -70.62
C LEU N 200 -2.66 -64.11 -72.14
N ALA N 201 -3.77 -63.80 -72.80
CA ALA N 201 -3.81 -63.68 -74.26
C ALA N 201 -4.45 -62.35 -74.62
N THR N 202 -4.14 -61.88 -75.84
CA THR N 202 -4.67 -60.60 -76.29
C THR N 202 -6.19 -60.65 -76.40
N SER N 203 -6.74 -61.76 -76.85
CA SER N 203 -8.18 -61.88 -76.99
C SER N 203 -8.89 -62.10 -75.65
N LYS N 204 -8.15 -62.48 -74.61
CA LYS N 204 -8.74 -62.73 -73.30
C LYS N 204 -8.38 -61.69 -72.25
N VAL N 205 -7.51 -60.74 -72.57
CA VAL N 205 -7.11 -59.74 -71.59
C VAL N 205 -8.27 -58.81 -71.25
N ASP N 206 -9.20 -58.60 -72.18
CA ASP N 206 -10.31 -57.70 -71.94
C ASP N 206 -11.36 -58.27 -71.00
N TYR N 207 -11.29 -59.57 -70.68
CA TYR N 207 -12.19 -60.15 -69.70
C TYR N 207 -11.85 -59.73 -68.28
N LEU N 208 -10.70 -59.10 -68.05
CA LEU N 208 -10.34 -58.62 -66.73
C LEU N 208 -11.20 -57.45 -66.28
N SER N 209 -12.00 -56.86 -67.16
CA SER N 209 -12.91 -55.79 -66.82
C SER N 209 -14.33 -56.27 -66.56
N VAL N 210 -14.56 -57.58 -66.60
CA VAL N 210 -15.87 -58.13 -66.28
C VAL N 210 -16.17 -57.87 -64.81
N THR N 211 -17.35 -57.34 -64.53
CA THR N 211 -17.71 -56.94 -63.18
C THR N 211 -18.90 -57.74 -62.68
N THR N 212 -19.08 -57.71 -61.37
CA THR N 212 -20.30 -58.18 -60.75
C THR N 212 -21.42 -57.19 -61.05
N PRO N 213 -22.69 -57.59 -60.86
CA PRO N 213 -23.78 -56.61 -60.95
C PRO N 213 -23.70 -55.54 -59.87
N TYR N 214 -22.62 -55.56 -59.08
CA TYR N 214 -22.51 -54.78 -57.87
C TYR N 214 -21.51 -53.63 -57.97
N GLY N 215 -20.51 -53.74 -58.86
CA GLY N 215 -19.61 -52.63 -59.11
C GLY N 215 -18.13 -52.94 -58.91
N ILE N 216 -17.79 -54.23 -58.79
CA ILE N 216 -16.43 -54.67 -58.55
C ILE N 216 -15.95 -55.48 -59.74
N SER N 217 -14.79 -55.12 -60.28
CA SER N 217 -14.22 -55.78 -61.44
C SER N 217 -13.16 -56.80 -61.03
N VAL N 218 -12.74 -57.60 -62.02
CA VAL N 218 -11.69 -58.59 -61.76
C VAL N 218 -10.36 -57.90 -61.46
N SER N 219 -10.05 -56.83 -62.20
CA SER N 219 -8.80 -56.13 -61.99
C SER N 219 -8.72 -55.53 -60.59
N ASP N 220 -9.85 -55.04 -60.07
CA ASP N 220 -9.87 -54.52 -58.71
C ASP N 220 -9.61 -55.61 -57.69
N TRP N 221 -10.14 -56.81 -57.92
CA TRP N 221 -9.91 -57.92 -57.00
C TRP N 221 -8.43 -58.30 -56.95
N ILE N 222 -7.77 -58.28 -58.10
CA ILE N 222 -6.33 -58.58 -58.13
C ILE N 222 -5.57 -57.55 -57.30
N GLU N 223 -5.96 -56.28 -57.39
CA GLU N 223 -5.31 -55.24 -56.61
C GLU N 223 -5.46 -55.49 -55.12
N GLN N 224 -6.63 -55.97 -54.70
CA GLN N 224 -6.87 -56.23 -53.28
C GLN N 224 -5.98 -57.34 -52.75
N THR N 225 -5.84 -58.42 -53.52
CA THR N 225 -5.15 -59.62 -53.05
C THR N 225 -3.68 -59.66 -53.44
N TYR N 226 -3.36 -59.36 -54.70
CA TYR N 226 -1.99 -59.40 -55.20
C TYR N 226 -1.66 -58.07 -55.86
N PRO N 227 -1.47 -57.02 -55.07
CA PRO N 227 -1.30 -55.68 -55.64
C PRO N 227 -0.08 -55.52 -56.53
N LYS N 228 0.97 -56.29 -56.29
CA LYS N 228 2.23 -56.11 -57.00
C LYS N 228 2.42 -57.09 -58.15
N MET N 229 1.39 -57.84 -58.52
CA MET N 229 1.47 -58.71 -59.68
C MET N 229 1.53 -57.88 -60.97
N ARG N 230 2.27 -58.38 -61.94
CA ARG N 230 2.42 -57.74 -63.24
C ARG N 230 1.63 -58.52 -64.28
N ILE N 231 0.85 -57.81 -65.09
CA ILE N 231 -0.01 -58.41 -66.10
C ILE N 231 0.42 -57.91 -67.46
N VAL N 232 0.71 -58.85 -68.37
CA VAL N 232 1.08 -58.52 -69.73
C VAL N 232 0.15 -59.24 -70.70
N SER N 233 0.40 -59.09 -71.99
CA SER N 233 -0.37 -59.80 -73.01
C SER N 233 0.49 -59.94 -74.26
N ALA N 234 0.13 -60.91 -75.10
CA ALA N 234 0.88 -61.17 -76.30
C ALA N 234 -0.01 -61.85 -77.34
N PRO N 235 0.00 -61.38 -78.60
CA PRO N 235 -0.82 -62.05 -79.62
C PRO N 235 -0.42 -63.48 -79.90
N GLU N 236 0.83 -63.86 -79.62
CA GLU N 236 1.29 -65.21 -79.91
C GLU N 236 0.62 -66.26 -79.02
N LEU N 237 0.02 -65.85 -77.92
CA LEU N 237 -0.65 -66.77 -77.01
C LEU N 237 -2.12 -66.95 -77.31
N SER N 238 -2.62 -66.35 -78.40
CA SER N 238 -4.03 -66.44 -78.74
C SER N 238 -4.38 -67.82 -79.29
N GLY N 239 -3.78 -68.19 -80.42
CA GLY N 239 -4.01 -69.49 -81.01
C GLY N 239 -2.84 -70.41 -80.74
N VAL N 240 -3.06 -71.40 -79.88
CA VAL N 240 -1.99 -72.25 -79.36
C VAL N 240 -2.12 -73.68 -79.87
N GLN N 241 -3.21 -74.36 -79.52
CA GLN N 241 -3.29 -75.79 -79.76
C GLN N 241 -4.44 -76.24 -80.65
N MET N 242 -5.33 -75.33 -81.07
CA MET N 242 -6.29 -75.66 -82.11
C MET N 242 -7.20 -76.82 -81.74
N LYS N 243 -8.15 -76.60 -80.83
CA LYS N 243 -9.07 -77.64 -80.42
C LYS N 243 -9.96 -78.01 -81.62
N ASN N 244 -10.92 -78.91 -81.42
CA ASN N 244 -11.55 -79.65 -82.52
C ASN N 244 -11.74 -78.80 -83.77
N GLN N 245 -12.45 -77.68 -83.66
CA GLN N 245 -12.65 -76.76 -84.77
C GLN N 245 -12.32 -75.32 -84.41
N GLU N 246 -11.99 -75.01 -83.16
CA GLU N 246 -11.75 -73.65 -82.71
C GLU N 246 -10.48 -73.59 -81.89
N PRO N 247 -9.78 -72.45 -81.91
CA PRO N 247 -8.52 -72.34 -81.16
C PRO N 247 -8.75 -72.20 -79.67
N GLU N 248 -7.64 -72.25 -78.93
CA GLU N 248 -7.66 -72.11 -77.48
C GLU N 248 -6.61 -71.09 -77.05
N ASP N 249 -7.00 -70.21 -76.13
CA ASP N 249 -6.12 -69.19 -75.61
C ASP N 249 -5.40 -69.70 -74.36
N ALA N 250 -4.17 -69.25 -74.16
CA ALA N 250 -3.30 -69.77 -73.12
C ALA N 250 -3.08 -68.75 -72.01
N LEU N 251 -2.92 -69.26 -70.80
CA LEU N 251 -2.58 -68.45 -69.63
C LEU N 251 -1.35 -69.07 -68.97
N VAL N 252 -0.35 -68.24 -68.68
CA VAL N 252 0.88 -68.69 -68.05
C VAL N 252 1.18 -67.81 -66.85
N LEU N 253 1.44 -68.45 -65.71
CA LEU N 253 1.83 -67.76 -64.49
C LEU N 253 3.19 -68.29 -64.04
N PHE N 254 4.15 -67.39 -63.82
CA PHE N 254 5.50 -67.81 -63.49
C PHE N 254 6.19 -66.73 -62.67
N VAL N 255 7.29 -67.11 -62.05
CA VAL N 255 8.09 -66.21 -61.23
C VAL N 255 9.23 -65.66 -62.08
N GLU N 256 9.42 -64.34 -62.03
CA GLU N 256 10.41 -63.70 -62.90
C GLU N 256 11.82 -64.15 -62.58
N ASP N 257 12.19 -64.21 -61.30
CA ASP N 257 13.55 -64.55 -60.92
C ASP N 257 13.57 -65.04 -59.48
N VAL N 258 14.71 -65.59 -59.08
CA VAL N 258 14.92 -66.14 -57.76
C VAL N 258 16.14 -65.48 -57.12
N ASN N 259 16.01 -65.08 -55.87
CA ASN N 259 17.13 -64.47 -55.15
C ASN N 259 18.24 -65.50 -54.96
N ALA N 260 19.49 -65.03 -55.12
CA ALA N 260 20.65 -65.91 -55.10
C ALA N 260 21.20 -66.15 -53.70
N ALA N 261 20.59 -65.56 -52.66
CA ALA N 261 21.10 -65.76 -51.31
C ALA N 261 20.63 -67.09 -50.72
N VAL N 262 19.55 -67.66 -51.23
CA VAL N 262 19.02 -68.90 -50.66
C VAL N 262 19.98 -70.06 -50.90
N ASP N 263 20.63 -70.09 -52.06
CA ASP N 263 21.60 -71.13 -52.38
C ASP N 263 22.70 -70.53 -53.26
N GLY N 264 23.86 -71.16 -53.23
CA GLY N 264 25.00 -70.66 -53.96
C GLY N 264 24.88 -70.89 -55.46
N SER N 265 23.90 -70.23 -56.09
CA SER N 265 23.61 -70.49 -57.49
C SER N 265 24.78 -70.10 -58.38
N THR N 266 25.47 -69.00 -58.06
CA THR N 266 26.50 -68.44 -58.93
C THR N 266 25.94 -68.19 -60.33
N ASP N 267 24.69 -67.73 -60.37
CA ASP N 267 23.97 -67.52 -61.62
C ASP N 267 22.86 -66.53 -61.34
N GLY N 268 22.34 -65.92 -62.41
CA GLY N 268 21.31 -64.92 -62.26
C GLY N 268 19.91 -65.44 -62.00
N GLY N 269 19.71 -66.75 -62.06
CA GLY N 269 18.39 -67.31 -61.88
C GLY N 269 17.49 -67.04 -63.07
N SER N 270 16.50 -66.17 -62.88
CA SER N 270 15.59 -65.65 -63.90
C SER N 270 14.65 -66.71 -64.46
N VAL N 271 14.75 -67.96 -64.03
CA VAL N 271 13.85 -69.03 -64.46
C VAL N 271 13.94 -69.24 -65.97
N PHE N 272 13.48 -68.25 -66.73
CA PHE N 272 13.54 -68.27 -68.19
C PHE N 272 14.71 -67.44 -68.67
N SER N 273 15.23 -67.80 -69.85
CA SER N 273 16.31 -67.07 -70.47
C SER N 273 16.21 -67.21 -71.99
N GLN N 274 16.50 -66.12 -72.69
CA GLN N 274 16.56 -66.12 -74.15
C GLN N 274 18.02 -66.08 -74.57
N LEU N 275 18.43 -67.06 -75.38
CA LEU N 275 19.82 -67.20 -75.80
C LEU N 275 19.96 -66.58 -77.20
N VAL N 276 20.55 -65.39 -77.26
CA VAL N 276 20.76 -64.67 -78.51
C VAL N 276 22.26 -64.53 -78.71
N GLN N 277 22.77 -65.07 -79.81
CA GLN N 277 24.19 -64.94 -80.12
C GLN N 277 24.51 -63.53 -80.60
N SER N 278 23.66 -62.98 -81.47
CA SER N 278 23.85 -61.63 -81.96
C SER N 278 22.54 -61.10 -82.53
N LYS N 279 22.34 -59.79 -82.44
CA LYS N 279 21.16 -59.15 -82.99
C LYS N 279 21.33 -58.78 -84.46
N PHE N 280 22.48 -58.23 -84.83
CA PHE N 280 22.67 -57.70 -86.17
C PHE N 280 24.16 -57.57 -86.51
N ILE N 281 24.62 -58.31 -87.50
CA ILE N 281 26.00 -58.22 -87.97
C ILE N 281 26.00 -58.14 -89.49
N THR N 282 27.07 -57.58 -90.03
CA THR N 282 27.27 -57.48 -91.47
C THR N 282 28.29 -58.52 -91.93
N LEU N 283 28.05 -59.11 -93.09
CA LEU N 283 28.93 -60.15 -93.62
C LEU N 283 30.00 -59.56 -94.53
N GLY N 284 29.57 -58.87 -95.58
CA GLY N 284 30.52 -58.28 -96.52
C GLY N 284 29.80 -57.43 -97.52
N VAL N 285 30.59 -56.73 -98.33
CA VAL N 285 30.08 -55.81 -99.34
C VAL N 285 30.67 -56.22 -100.69
N GLU N 286 29.82 -56.38 -101.69
CA GLU N 286 30.23 -56.65 -103.05
C GLU N 286 29.82 -55.48 -103.93
N LYS N 287 30.80 -54.90 -104.64
CA LYS N 287 30.57 -53.76 -105.50
C LYS N 287 30.70 -54.18 -106.95
N ARG N 288 29.71 -53.79 -107.76
CA ARG N 288 29.65 -54.16 -109.16
C ARG N 288 29.73 -52.92 -110.03
N ALA N 289 29.57 -53.12 -111.35
CA ALA N 289 29.70 -52.01 -112.29
C ALA N 289 28.62 -50.95 -112.08
N LYS N 290 27.38 -51.38 -111.84
CA LYS N 290 26.26 -50.45 -111.74
C LYS N 290 25.44 -50.62 -110.47
N SER N 291 25.92 -51.43 -109.51
CA SER N 291 25.17 -51.66 -108.28
C SER N 291 26.12 -52.25 -107.24
N TYR N 292 25.61 -52.37 -106.02
CA TYR N 292 26.34 -53.04 -104.95
C TYR N 292 25.35 -53.78 -104.05
N VAL N 293 25.84 -54.85 -103.44
CA VAL N 293 25.01 -55.73 -102.62
C VAL N 293 25.67 -55.88 -101.26
N GLU N 294 24.86 -55.82 -100.20
CA GLU N 294 25.32 -56.05 -98.84
C GLU N 294 24.46 -57.12 -98.18
N ASP N 295 25.06 -57.85 -97.25
CA ASP N 295 24.41 -58.96 -96.59
C ASP N 295 24.48 -58.79 -95.08
N PHE N 296 23.46 -59.30 -94.38
CA PHE N 296 23.38 -59.19 -92.93
C PHE N 296 22.86 -60.52 -92.39
N SER N 297 23.10 -60.75 -91.10
CA SER N 297 22.72 -62.02 -90.47
C SER N 297 22.59 -61.81 -88.97
N ASN N 298 21.97 -62.79 -88.32
CA ASN N 298 21.81 -62.81 -86.88
C ASN N 298 21.71 -64.26 -86.41
N GLY N 299 21.82 -64.46 -85.11
CA GLY N 299 21.78 -65.80 -84.55
C GLY N 299 21.03 -65.82 -83.24
N THR N 300 20.36 -66.96 -82.99
CA THR N 300 19.60 -67.15 -81.77
C THR N 300 19.48 -68.65 -81.50
N ALA N 301 19.12 -68.99 -80.26
CA ALA N 301 18.97 -70.37 -79.86
C ALA N 301 17.61 -70.69 -79.24
N GLY N 302 16.76 -69.71 -79.01
CA GLY N 302 15.45 -69.94 -78.45
C GLY N 302 15.36 -69.56 -76.98
N ALA N 303 14.39 -70.17 -76.32
CA ALA N 303 14.12 -69.95 -74.91
C ALA N 303 14.45 -71.20 -74.11
N LEU N 304 14.99 -71.01 -72.90
CA LEU N 304 15.38 -72.09 -72.02
C LEU N 304 14.72 -71.91 -70.67
N CYS N 305 14.08 -72.97 -70.18
CA CYS N 305 13.46 -72.97 -68.85
C CYS N 305 14.40 -73.69 -67.90
N LYS N 306 14.98 -72.95 -66.96
CA LYS N 306 15.96 -73.50 -66.05
C LYS N 306 15.35 -73.98 -64.73
N ARG N 307 14.20 -73.42 -64.34
CA ARG N 307 13.52 -73.79 -63.09
C ARG N 307 12.06 -74.09 -63.41
N PRO N 308 11.76 -75.32 -63.85
CA PRO N 308 10.37 -75.63 -64.24
C PRO N 308 9.40 -75.74 -63.07
N TRP N 309 9.87 -75.67 -61.83
CA TRP N 309 8.97 -75.79 -60.68
C TRP N 309 8.23 -74.49 -60.38
N ALA N 310 8.54 -73.39 -61.09
CA ALA N 310 7.92 -72.10 -60.82
C ALA N 310 6.99 -71.67 -61.96
N VAL N 311 6.48 -72.61 -62.74
CA VAL N 311 5.61 -72.30 -63.88
C VAL N 311 4.31 -73.07 -63.73
N VAL N 312 3.19 -72.35 -63.89
CA VAL N 312 1.86 -72.95 -63.94
C VAL N 312 1.13 -72.36 -65.14
N ARG N 313 0.60 -73.22 -66.00
CA ARG N 313 -0.04 -72.76 -67.22
C ARG N 313 -1.31 -73.55 -67.49
N TYR N 314 -2.25 -72.91 -68.19
CA TYR N 314 -3.54 -73.50 -68.52
C TYR N 314 -3.71 -73.55 -70.03
N LEU N 315 -4.29 -74.64 -70.52
CA LEU N 315 -4.50 -74.79 -71.95
C LEU N 315 -5.74 -74.03 -72.41
N GLY N 316 -6.90 -74.34 -71.86
CA GLY N 316 -8.07 -73.52 -72.08
C GLY N 316 -7.95 -72.19 -71.38
N ILE N 317 -8.73 -71.22 -71.85
CA ILE N 317 -8.75 -69.88 -71.27
C ILE N 317 -7.36 -69.24 -71.31
#